data_4ATU
#
_entry.id   4ATU
#
_cell.length_a   1.000
_cell.length_b   1.000
_cell.length_c   1.000
_cell.angle_alpha   90.00
_cell.angle_beta   90.00
_cell.angle_gamma   90.00
#
_symmetry.space_group_name_H-M   'P 1'
#
loop_
_entity.id
_entity.type
_entity.pdbx_description
1 polymer 'TUBULIN BETA-2B CHAIN'
2 polymer 'TUBULIN ALPHA-1D CHAIN'
3 polymer 'NEURONAL MIGRATION PROTEIN DOUBLECORTIN'
4 non-polymer "GUANOSINE-5'-DIPHOSPHATE"
5 non-polymer "GUANOSINE-5'-TRIPHOSPHATE"
#
loop_
_entity_poly.entity_id
_entity_poly.type
_entity_poly.pdbx_seq_one_letter_code
_entity_poly.pdbx_strand_id
1 'polypeptide(L)'
;MREIVHIQAGQCGNQIGAKFWEVISDEHGIDPTGSYHGDSDLQLERINVYYNEAAGNKYVPRAILVDLEPGTMDSVRSGP
FGQIFRPDNFVFGQSGAGNNWAKGHYTEGAELVDSVLDVVRKESESCDCLQGFQLTHSLGGGTGSGMGTLLISKIREEYP
DRIMNTFSVVPSPKVSDTVVEPYNATLSVHQLVENTDETYCIDNEALYDICFRTLKLTTPTYGDLNHLVSATMSGVTTCL
RFPGQLNADLRKLAVNMVPFPRLHFFMPGFAPLTSRGSQQYRALTVPELTQQMFDAKNMMAACDPRHGRYLTVAAVFRGR
MSMKEVDEQMLNVQNKNSSYFVEWIPNNVKTAVCDIPPRGLKMSATFIGNSTAIQELFKRISEQFTAMFRRKAFLHWYTG
EGMDEMEFTEAESNMNDLVSEYQQYQDATADEQGEFEEEEGEDEA
;
A,C,E,G
2 'polypeptide(L)'
;MRECISIHVGQAGVQIGNACWELYCLEHGIQPDGQMPSDKTIGGGDDSFNTFFSETGAGKHVPRAVFVDLEPTVIDEVRT
GTYRQLFHPEQLITGKEDAANNYARGHYTIGKEIIDLVLDRIRKLADQCTGLQGFSVFHSFGGGTGSGFTSLLMERLSVD
YGKKSKLEFSIYPAPQVSTAVVEPYNSILTTHTTLEHSDCAFMVDNEAIYDICRRNLDIERPTYTNLNRLIGQIVSSITA
SLRFDGALNVDLTEFQTNLVPYPRGHFPLATYAPVISAEKAYHEQLSVAEITNACFEPANQMVKCDPRHGKYMACCLLYR
GDVVPKDVNAAIATIKTKRTIQFVDWCPTGFKVGINYEPPTVVPGGDLAKVQRAVCMLSNTTAIAEAWARLDHKFDLMYA
KRAFVHWYVGEGMEEGEFSEAREDMAALEKDYEEVGVDSVEGEGEEEEGEEY
;
B,D,F,H
3 'polypeptide(L)'
;GAMDYKDDDDKICRELDFGHFDERDKTSRNMRGSRMNGLPSPTHSAHCSFYRTRTLQALSNEKKAKKVRFYRNGDRYFKG
IVYAVSSDRFRSFDALLADLTRSLSDNINLPQGVRYIYTIDGSRKIGSMDELEEGESYVCSSDNFFKKVEYTKNVNPNWS
VNVKTSANMKAPQSLASSNSAQARENKDFVRPKLVTIIRSGVKPRKAVRVLLNKKTAHSFEQVLTDITEAIKLETGVVKK
LYTLDGKQVTCLHDFFGDDDVFIACGPEKFRYAQDDFSLDENECRVMKGNPSATAGPKASPTPQKTSAKSPGPMRRSKSP
ADSANGTSSSQLSTPKSKQSPISTPTSPGSLRKHKDLYLPLSLDDSDSLGDSM
;
I
#
# COMPACT_ATOMS: atom_id res chain seq x y z
N ARG A 2 39.02 21.25 -0.05
CA ARG A 2 39.37 22.67 0.29
C ARG A 2 40.74 23.00 -0.26
N GLU A 3 41.15 24.27 -0.14
CA GLU A 3 42.46 24.73 -0.64
C GLU A 3 42.99 26.01 0.01
N ILE A 4 44.22 26.37 -0.36
CA ILE A 4 44.91 27.58 0.12
C ILE A 4 46.00 27.93 -0.90
N VAL A 5 46.47 29.17 -0.89
CA VAL A 5 47.56 29.56 -1.78
C VAL A 5 48.59 30.43 -1.06
N HIS A 6 49.70 29.79 -0.71
CA HIS A 6 50.79 30.42 0.01
C HIS A 6 51.27 31.67 -0.69
N ILE A 7 51.86 32.58 0.08
CA ILE A 7 52.38 33.83 -0.45
C ILE A 7 53.72 34.23 0.21
N GLN A 8 54.82 34.12 -0.55
CA GLN A 8 56.18 34.44 -0.09
C GLN A 8 56.60 35.89 -0.31
N ALA A 9 56.02 36.81 0.46
CA ALA A 9 56.33 38.24 0.32
C ALA A 9 57.70 38.64 0.87
N GLY A 10 58.47 39.37 0.07
CA GLY A 10 59.78 39.81 0.51
C GLY A 10 60.82 38.71 0.47
N GLN A 11 62.00 38.98 1.03
CA GLN A 11 63.07 37.99 1.05
C GLN A 11 62.78 37.02 2.17
N CYS A 12 62.70 37.54 3.39
CA CYS A 12 62.42 36.68 4.53
C CYS A 12 61.28 35.77 4.19
N GLY A 13 60.10 36.35 4.08
CA GLY A 13 58.92 35.57 3.76
C GLY A 13 59.25 34.58 2.68
N ASN A 14 60.21 34.95 1.84
CA ASN A 14 60.64 34.08 0.76
C ASN A 14 61.57 33.00 1.29
N GLN A 15 62.67 33.42 1.92
CA GLN A 15 63.64 32.49 2.48
C GLN A 15 62.89 31.37 3.19
N ILE A 16 61.92 31.78 4.01
CA ILE A 16 61.07 30.86 4.75
C ILE A 16 60.23 29.98 3.82
N GLY A 17 59.81 30.55 2.70
CA GLY A 17 59.04 29.78 1.75
C GLY A 17 59.82 28.52 1.48
N ALA A 18 61.10 28.68 1.18
CA ALA A 18 61.95 27.55 0.89
C ALA A 18 61.94 26.54 2.01
N LYS A 19 61.81 27.00 3.25
CA LYS A 19 61.80 26.07 4.37
C LYS A 19 60.41 25.53 4.61
N PHE A 20 59.39 26.35 4.41
CA PHE A 20 58.04 25.87 4.60
C PHE A 20 57.71 24.83 3.55
N TRP A 21 58.28 24.98 2.36
CA TRP A 21 58.02 24.03 1.32
C TRP A 21 58.99 22.89 1.38
N GLU A 22 60.17 23.15 1.94
CA GLU A 22 61.17 22.11 2.11
C GLU A 22 60.44 21.05 2.91
N VAL A 23 59.93 21.47 4.06
CA VAL A 23 59.20 20.60 4.98
C VAL A 23 57.98 19.99 4.31
N ILE A 24 56.89 20.74 4.39
CA ILE A 24 55.61 20.37 3.83
C ILE A 24 55.67 19.30 2.74
N SER A 25 56.58 19.47 1.80
CA SER A 25 56.72 18.51 0.71
C SER A 25 56.98 17.12 1.25
N ASP A 26 58.04 16.99 2.05
CA ASP A 26 58.43 15.72 2.69
C ASP A 26 57.25 15.19 3.51
N GLU A 27 56.45 16.12 4.03
CA GLU A 27 55.26 15.79 4.82
C GLU A 27 54.14 15.54 3.81
N HIS A 28 54.54 15.25 2.58
CA HIS A 28 53.60 15.00 1.51
C HIS A 28 54.32 14.27 0.37
N GLY A 29 55.49 13.71 0.66
CA GLY A 29 56.27 12.95 -0.31
C GLY A 29 56.45 13.51 -1.72
N ILE A 30 56.68 14.82 -1.81
CA ILE A 30 56.89 15.45 -3.10
C ILE A 30 58.34 15.87 -3.26
N ASP A 31 59.06 15.12 -4.10
CA ASP A 31 60.46 15.39 -4.38
C ASP A 31 60.57 16.59 -5.29
N PRO A 32 61.73 17.28 -5.30
CA PRO A 32 61.93 18.46 -6.14
C PRO A 32 60.86 18.63 -7.21
N THR A 33 61.03 17.97 -8.34
CA THR A 33 60.04 18.05 -9.42
C THR A 33 59.28 16.73 -9.42
N GLY A 34 59.81 15.75 -8.71
CA GLY A 34 59.18 14.44 -8.62
C GLY A 34 57.71 14.53 -8.21
N SER A 35 57.12 13.38 -7.94
CA SER A 35 55.72 13.34 -7.53
C SER A 35 55.53 12.93 -6.10
N TYR A 36 54.56 12.07 -5.89
CA TYR A 36 54.22 11.57 -4.57
C TYR A 36 54.89 10.22 -4.28
N HIS A 37 56.03 10.26 -3.58
CA HIS A 37 56.75 9.05 -3.19
C HIS A 37 56.18 8.58 -1.86
N GLY A 38 55.31 9.43 -1.30
CA GLY A 38 54.65 9.18 -0.03
C GLY A 38 54.78 7.80 0.56
N ASP A 39 55.44 7.73 1.71
CA ASP A 39 55.63 6.46 2.40
C ASP A 39 54.25 5.83 2.60
N SER A 40 53.23 6.67 2.69
CA SER A 40 51.87 6.19 2.88
C SER A 40 50.99 6.51 1.66
N ASP A 41 49.68 6.49 1.88
CA ASP A 41 48.71 6.76 0.83
C ASP A 41 47.77 7.89 1.27
N LEU A 42 47.89 8.26 2.54
CA LEU A 42 47.07 9.32 3.13
C LEU A 42 47.62 10.72 2.88
N GLN A 43 48.92 10.82 2.63
CA GLN A 43 49.57 12.10 2.38
C GLN A 43 49.27 12.59 0.97
N LEU A 44 48.16 12.12 0.41
CA LEU A 44 47.80 12.46 -0.96
C LEU A 44 46.34 12.82 -1.20
N GLU A 45 45.45 12.20 -0.46
CA GLU A 45 44.02 12.45 -0.62
C GLU A 45 43.62 13.90 -0.33
N ARG A 46 44.52 14.66 0.27
CA ARG A 46 44.20 16.03 0.62
C ARG A 46 45.26 17.05 0.15
N ILE A 47 46.30 16.58 -0.53
CA ILE A 47 47.35 17.50 -0.99
C ILE A 47 46.82 18.75 -1.64
N ASN A 48 45.92 18.58 -2.61
CA ASN A 48 45.33 19.69 -3.35
C ASN A 48 45.47 21.01 -2.61
N VAL A 49 45.17 21.01 -1.32
CA VAL A 49 45.29 22.21 -0.50
C VAL A 49 46.51 23.09 -0.84
N TYR A 50 47.58 22.46 -1.34
CA TYR A 50 48.81 23.19 -1.66
C TYR A 50 49.41 22.96 -3.05
N TYR A 51 48.80 22.14 -3.88
CA TYR A 51 49.37 21.87 -5.20
C TYR A 51 48.38 21.91 -6.36
N ASN A 52 48.85 21.52 -7.53
CA ASN A 52 48.01 21.48 -8.73
C ASN A 52 48.40 20.33 -9.66
N GLU A 53 47.39 19.75 -10.30
CA GLU A 53 47.60 18.63 -11.21
C GLU A 53 47.80 19.09 -12.67
N ALA A 54 48.97 18.76 -13.22
CA ALA A 54 49.29 19.11 -14.61
C ALA A 54 49.81 17.87 -15.33
N ALA A 55 51.03 17.49 -15.02
CA ALA A 55 51.64 16.32 -15.65
C ALA A 55 51.02 15.04 -15.09
N GLY A 56 51.52 14.58 -13.95
CA GLY A 56 51.02 13.37 -13.32
C GLY A 56 52.02 12.90 -12.31
N ASN A 57 53.11 13.67 -12.20
CA ASN A 57 54.21 13.42 -11.29
C ASN A 57 54.67 14.79 -10.81
N LYS A 58 54.06 15.81 -11.40
CA LYS A 58 54.43 17.17 -11.06
C LYS A 58 53.29 17.95 -10.39
N TYR A 59 53.23 17.83 -9.07
CA TYR A 59 52.25 18.54 -8.28
C TYR A 59 53.03 19.78 -7.86
N VAL A 60 52.73 20.91 -8.47
CA VAL A 60 53.46 22.14 -8.17
C VAL A 60 52.88 22.99 -7.06
N PRO A 61 53.72 23.39 -6.11
CA PRO A 61 53.27 24.23 -5.01
C PRO A 61 52.54 25.44 -5.54
N ARG A 62 51.37 25.71 -4.96
CA ARG A 62 50.55 26.82 -5.37
C ARG A 62 50.75 28.01 -4.44
N ALA A 63 51.92 28.63 -4.56
CA ALA A 63 52.28 29.79 -3.76
C ALA A 63 52.67 30.93 -4.67
N ILE A 64 52.98 32.07 -4.08
CA ILE A 64 53.41 33.21 -4.87
C ILE A 64 54.73 33.69 -4.30
N LEU A 65 55.66 34.08 -5.17
CA LEU A 65 56.96 34.58 -4.73
C LEU A 65 57.11 36.03 -5.18
N VAL A 66 56.82 36.92 -4.25
CA VAL A 66 56.86 38.35 -4.48
C VAL A 66 58.11 38.98 -3.85
N ASP A 67 58.88 39.70 -4.67
CA ASP A 67 60.11 40.34 -4.21
C ASP A 67 60.72 41.29 -5.23
N LEU A 68 61.22 42.41 -4.76
CA LEU A 68 61.83 43.44 -5.61
C LEU A 68 63.35 43.33 -5.71
N GLU A 69 63.88 42.23 -5.20
CA GLU A 69 65.31 41.98 -5.21
C GLU A 69 65.53 40.66 -5.94
N PRO A 70 66.05 40.72 -7.15
CA PRO A 70 66.26 39.47 -7.87
C PRO A 70 67.08 38.43 -7.08
N GLY A 71 68.36 38.73 -6.86
CA GLY A 71 69.24 37.82 -6.13
C GLY A 71 68.57 36.84 -5.17
N THR A 72 67.59 37.34 -4.40
CA THR A 72 66.87 36.49 -3.45
C THR A 72 66.20 35.31 -4.13
N MET A 73 65.07 35.57 -4.80
CA MET A 73 64.33 34.52 -5.48
C MET A 73 65.26 33.73 -6.40
N ASP A 74 66.37 34.34 -6.79
CA ASP A 74 67.37 33.71 -7.65
C ASP A 74 68.36 32.89 -6.84
N SER A 75 68.06 32.72 -5.57
CA SER A 75 68.88 31.93 -4.65
C SER A 75 67.98 30.78 -4.23
N VAL A 76 66.69 31.10 -4.14
CA VAL A 76 65.68 30.14 -3.77
C VAL A 76 65.35 29.30 -4.98
N ARG A 77 65.50 29.90 -6.17
CA ARG A 77 65.20 29.18 -7.39
C ARG A 77 66.45 28.48 -7.95
N SER A 78 67.62 28.78 -7.38
CA SER A 78 68.86 28.16 -7.85
C SER A 78 69.46 27.16 -6.86
N GLY A 79 68.69 26.80 -5.85
CA GLY A 79 69.17 25.85 -4.86
C GLY A 79 68.46 24.51 -4.87
N PRO A 80 68.08 23.99 -3.68
CA PRO A 80 67.39 22.70 -3.59
C PRO A 80 66.03 22.68 -4.30
N PHE A 81 64.97 22.54 -3.51
CA PHE A 81 63.61 22.48 -4.05
C PHE A 81 63.25 23.68 -4.94
N GLY A 82 64.19 24.59 -5.11
CA GLY A 82 63.94 25.77 -5.91
C GLY A 82 63.36 25.55 -7.30
N GLN A 83 63.54 24.36 -7.87
CA GLN A 83 63.04 24.10 -9.22
C GLN A 83 61.71 23.35 -9.28
N ILE A 84 60.80 23.64 -8.36
CA ILE A 84 59.49 23.00 -8.33
C ILE A 84 58.40 24.03 -8.60
N PHE A 85 58.70 25.29 -8.32
CA PHE A 85 57.75 26.37 -8.55
C PHE A 85 57.67 26.62 -10.05
N ARG A 86 56.47 26.77 -10.59
CA ARG A 86 56.33 27.07 -12.00
C ARG A 86 56.84 28.51 -12.07
N PRO A 87 57.67 28.84 -13.07
CA PRO A 87 58.22 30.20 -13.22
C PRO A 87 57.16 31.30 -13.13
N ASP A 88 55.95 30.95 -13.54
CA ASP A 88 54.84 31.89 -13.52
C ASP A 88 54.66 32.44 -12.09
N ASN A 89 55.05 31.64 -11.11
CA ASN A 89 54.94 31.99 -9.68
C ASN A 89 55.83 33.14 -9.27
N PHE A 90 57.00 33.23 -9.89
CA PHE A 90 57.96 34.29 -9.57
C PHE A 90 57.54 35.69 -10.00
N VAL A 91 56.99 36.47 -9.10
CA VAL A 91 56.62 37.83 -9.46
C VAL A 91 57.70 38.73 -8.88
N PHE A 92 58.76 38.90 -9.64
CA PHE A 92 59.90 39.72 -9.25
C PHE A 92 59.75 41.19 -9.59
N GLY A 93 60.61 42.01 -9.01
CA GLY A 93 60.60 43.44 -9.28
C GLY A 93 62.05 43.84 -9.30
N GLN A 94 62.72 43.64 -10.43
CA GLN A 94 64.14 43.95 -10.54
C GLN A 94 64.53 45.37 -10.12
N SER A 95 63.52 46.18 -9.79
CA SER A 95 63.73 47.55 -9.34
C SER A 95 64.71 47.56 -8.15
N GLY A 96 64.81 48.70 -7.48
CA GLY A 96 65.67 48.78 -6.31
C GLY A 96 64.80 48.40 -5.13
N ALA A 97 64.94 47.17 -4.64
CA ALA A 97 64.12 46.71 -3.52
C ALA A 97 64.40 47.44 -2.21
N GLY A 98 64.63 48.75 -2.29
CA GLY A 98 64.92 49.57 -1.13
C GLY A 98 64.23 49.11 0.14
N ASN A 99 64.92 49.26 1.26
CA ASN A 99 64.40 48.83 2.55
C ASN A 99 63.29 49.73 3.12
N ASN A 100 62.58 50.39 2.22
CA ASN A 100 61.53 51.30 2.65
C ASN A 100 60.12 50.76 2.45
N TRP A 101 59.36 50.77 3.54
CA TRP A 101 57.97 50.30 3.52
C TRP A 101 57.24 51.06 2.42
N ALA A 102 57.58 52.33 2.32
CA ALA A 102 56.98 53.20 1.35
C ALA A 102 57.45 52.86 -0.03
N LYS A 103 58.66 52.34 -0.16
CA LYS A 103 59.17 52.02 -1.49
C LYS A 103 58.60 50.73 -2.06
N GLY A 104 58.03 49.89 -1.19
CA GLY A 104 57.46 48.65 -1.67
C GLY A 104 55.95 48.60 -1.50
N HIS A 105 55.36 49.72 -1.10
CA HIS A 105 53.92 49.75 -0.90
C HIS A 105 53.27 50.84 -1.73
N TYR A 106 53.98 51.93 -2.00
CA TYR A 106 53.41 53.02 -2.79
C TYR A 106 54.08 53.32 -4.12
N THR A 107 55.40 53.22 -4.14
CA THR A 107 56.10 53.57 -5.34
C THR A 107 56.62 52.46 -6.19
N GLU A 108 57.40 51.57 -5.59
CA GLU A 108 57.95 50.50 -6.39
C GLU A 108 57.03 49.30 -6.42
N GLY A 109 56.57 48.86 -5.26
CA GLY A 109 55.69 47.70 -5.22
C GLY A 109 54.35 47.88 -5.90
N ALA A 110 53.78 49.07 -5.76
CA ALA A 110 52.48 49.35 -6.34
C ALA A 110 52.40 49.01 -7.82
N GLU A 111 53.55 48.99 -8.50
CA GLU A 111 53.55 48.69 -9.91
C GLU A 111 53.47 47.18 -10.10
N LEU A 112 54.38 46.48 -9.44
CA LEU A 112 54.47 45.04 -9.51
C LEU A 112 53.24 44.31 -8.99
N VAL A 113 52.37 45.04 -8.30
CA VAL A 113 51.16 44.46 -7.71
C VAL A 113 50.21 43.82 -8.71
N ASP A 114 49.78 44.60 -9.71
CA ASP A 114 48.85 44.10 -10.71
C ASP A 114 49.36 42.82 -11.35
N SER A 115 50.67 42.74 -11.60
CA SER A 115 51.26 41.54 -12.19
C SER A 115 51.33 40.41 -11.17
N VAL A 116 50.88 40.68 -9.95
CA VAL A 116 50.86 39.68 -8.90
C VAL A 116 49.42 39.24 -8.83
N LEU A 117 48.54 40.17 -8.45
CA LEU A 117 47.12 39.87 -8.33
C LEU A 117 46.66 38.98 -9.49
N ASP A 118 47.25 39.25 -10.64
CA ASP A 118 46.99 38.51 -11.86
C ASP A 118 47.11 37.03 -11.55
N VAL A 119 48.27 36.66 -11.04
CA VAL A 119 48.53 35.27 -10.70
C VAL A 119 47.73 34.81 -9.48
N VAL A 120 47.68 35.62 -8.43
CA VAL A 120 46.92 35.23 -7.24
C VAL A 120 45.49 34.85 -7.63
N ARG A 121 45.08 35.24 -8.83
CA ARG A 121 43.74 34.93 -9.36
C ARG A 121 43.84 33.67 -10.20
N LYS A 122 44.95 33.52 -10.91
CA LYS A 122 45.15 32.34 -11.72
C LYS A 122 45.18 31.12 -10.80
N GLU A 123 45.72 31.32 -9.60
CA GLU A 123 45.85 30.24 -8.62
C GLU A 123 44.57 30.03 -7.84
N SER A 124 43.86 31.12 -7.55
CA SER A 124 42.62 31.04 -6.79
C SER A 124 41.56 30.33 -7.62
N GLU A 125 41.47 30.72 -8.89
CA GLU A 125 40.51 30.16 -9.81
C GLU A 125 41.02 28.82 -10.35
N SER A 126 41.97 28.24 -9.63
CA SER A 126 42.54 26.96 -9.99
C SER A 126 41.36 26.03 -10.12
N CYS A 127 40.98 25.41 -8.99
CA CYS A 127 39.84 24.51 -8.98
C CYS A 127 39.22 24.37 -7.59
N ASP A 128 38.27 23.43 -7.51
CA ASP A 128 37.52 23.13 -6.31
C ASP A 128 37.12 24.40 -5.56
N CYS A 129 37.25 24.38 -4.24
CA CYS A 129 36.89 25.52 -3.42
C CYS A 129 38.05 26.06 -2.60
N LEU A 130 38.27 27.36 -2.69
CA LEU A 130 39.34 28.04 -1.98
C LEU A 130 38.93 28.30 -0.52
N GLN A 131 39.91 28.12 0.35
CA GLN A 131 39.73 28.34 1.80
C GLN A 131 40.31 29.69 2.20
N GLY A 132 41.59 29.87 1.91
CA GLY A 132 42.32 31.10 2.24
C GLY A 132 43.75 31.05 1.68
N PHE A 133 44.51 32.08 2.05
CA PHE A 133 45.91 32.23 1.62
C PHE A 133 46.86 32.38 2.82
N GLN A 134 47.99 31.70 2.69
CA GLN A 134 49.08 31.76 3.68
C GLN A 134 50.02 32.88 3.25
N LEU A 135 50.44 33.67 4.22
CA LEU A 135 51.31 34.82 3.94
C LEU A 135 52.50 34.87 4.91
N THR A 136 53.67 34.79 4.30
CA THR A 136 54.95 34.85 5.01
C THR A 136 55.68 36.13 4.62
N HIS A 137 56.33 36.71 5.61
CA HIS A 137 57.09 37.94 5.42
C HIS A 137 57.58 38.46 6.77
N SER A 138 58.35 39.52 6.67
CA SER A 138 58.93 40.21 7.82
C SER A 138 58.46 41.65 7.82
N LEU A 139 58.08 42.13 8.99
CA LEU A 139 57.59 43.49 9.14
C LEU A 139 58.73 44.47 9.36
N GLY A 140 59.91 44.12 8.86
CA GLY A 140 61.05 44.99 9.01
C GLY A 140 61.83 45.24 7.73
N GLY A 141 61.11 45.56 6.67
CA GLY A 141 61.73 45.81 5.37
C GLY A 141 60.74 46.27 4.30
N GLY A 142 61.22 46.46 3.09
CA GLY A 142 60.36 46.91 2.01
C GLY A 142 59.47 45.81 1.47
N THR A 143 60.03 44.98 0.61
CA THR A 143 59.27 43.88 0.01
C THR A 143 58.48 43.04 0.98
N GLY A 144 58.75 43.20 2.27
CA GLY A 144 58.05 42.41 3.25
C GLY A 144 56.82 43.10 3.79
N SER A 145 57.05 44.11 4.61
CA SER A 145 55.97 44.85 5.25
C SER A 145 55.15 45.68 4.29
N GLY A 146 55.81 46.42 3.42
CA GLY A 146 55.09 47.27 2.48
C GLY A 146 54.39 46.51 1.38
N MET A 147 55.16 45.97 0.45
CA MET A 147 54.57 45.25 -0.68
C MET A 147 53.74 44.01 -0.34
N GLY A 148 54.07 43.32 0.73
CA GLY A 148 53.31 42.15 1.12
C GLY A 148 52.05 42.57 1.84
N THR A 149 52.14 43.70 2.53
CA THR A 149 51.01 44.22 3.26
C THR A 149 50.03 44.82 2.28
N LEU A 150 50.49 45.03 1.05
CA LEU A 150 49.61 45.56 0.03
C LEU A 150 48.93 44.35 -0.62
N LEU A 151 49.73 43.35 -0.93
CA LEU A 151 49.23 42.15 -1.55
C LEU A 151 47.99 41.68 -0.85
N ILE A 152 47.95 41.81 0.47
CA ILE A 152 46.78 41.36 1.20
C ILE A 152 45.63 42.34 1.11
N SER A 153 45.91 43.62 1.29
CA SER A 153 44.87 44.64 1.23
C SER A 153 44.07 44.50 -0.06
N LYS A 154 44.72 43.93 -1.08
CA LYS A 154 44.10 43.69 -2.38
C LYS A 154 43.40 42.34 -2.35
N ILE A 155 44.06 41.34 -1.80
CA ILE A 155 43.48 40.01 -1.68
C ILE A 155 42.13 40.13 -0.94
N ARG A 156 42.14 40.80 0.22
CA ARG A 156 40.96 40.98 1.05
C ARG A 156 39.86 41.86 0.47
N GLU A 157 39.99 42.23 -0.79
CA GLU A 157 39.01 43.07 -1.45
C GLU A 157 38.46 42.20 -2.55
N GLU A 158 39.26 41.21 -2.91
CA GLU A 158 38.94 40.27 -3.97
C GLU A 158 38.18 39.04 -3.47
N TYR A 159 38.39 38.68 -2.22
CA TYR A 159 37.68 37.53 -1.67
C TYR A 159 37.50 37.69 -0.17
N PRO A 160 36.72 38.69 0.25
CA PRO A 160 36.49 38.92 1.69
C PRO A 160 35.79 37.72 2.36
N ASP A 161 35.77 36.62 1.64
CA ASP A 161 35.19 35.37 2.10
C ASP A 161 36.28 34.41 2.55
N ARG A 162 37.21 34.10 1.64
CA ARG A 162 38.29 33.20 1.98
C ARG A 162 39.13 33.84 3.08
N ILE A 163 39.71 33.01 3.95
CA ILE A 163 40.52 33.48 5.07
C ILE A 163 41.91 33.98 4.69
N MET A 164 42.60 34.53 5.69
CA MET A 164 43.94 35.09 5.52
C MET A 164 44.86 34.92 6.74
N ASN A 165 45.63 33.86 6.72
CA ASN A 165 46.55 33.62 7.81
C ASN A 165 47.79 34.40 7.46
N THR A 166 48.36 35.04 8.46
CA THR A 166 49.56 35.81 8.21
C THR A 166 50.65 35.37 9.18
N PHE A 167 51.79 35.03 8.62
CA PHE A 167 52.96 34.64 9.39
C PHE A 167 53.96 35.80 9.32
N SER A 168 53.96 36.61 10.37
CA SER A 168 54.83 37.77 10.45
C SER A 168 56.03 37.58 11.39
N VAL A 169 57.17 38.09 10.95
CA VAL A 169 58.37 38.01 11.73
C VAL A 169 58.57 39.36 12.41
N VAL A 170 57.67 39.67 13.33
CA VAL A 170 57.72 40.91 14.09
C VAL A 170 59.16 41.17 14.54
N PRO A 171 59.60 42.43 14.46
CA PRO A 171 60.93 42.90 14.85
C PRO A 171 61.35 42.46 16.23
N SER A 172 62.33 41.56 16.29
CA SER A 172 62.84 41.05 17.54
C SER A 172 63.32 42.19 18.42
N PRO A 173 63.18 42.05 19.74
CA PRO A 173 63.62 43.10 20.66
C PRO A 173 65.14 43.33 20.75
N LYS A 174 65.77 42.75 21.77
CA LYS A 174 67.21 42.88 22.01
C LYS A 174 67.99 43.59 20.89
N VAL A 175 68.01 43.01 19.69
CA VAL A 175 68.73 43.61 18.56
C VAL A 175 67.90 43.61 17.30
N SER A 176 67.86 44.75 16.61
CA SER A 176 67.10 44.87 15.37
C SER A 176 67.98 44.68 14.15
N ASP A 177 67.62 43.70 13.33
CA ASP A 177 68.39 43.36 12.15
C ASP A 177 68.25 44.37 11.04
N THR A 178 67.73 45.54 11.40
CA THR A 178 67.55 46.67 10.49
C THR A 178 67.48 47.93 11.36
N VAL A 179 67.39 49.11 10.74
CA VAL A 179 67.37 50.33 11.52
C VAL A 179 66.05 51.06 11.61
N VAL A 180 65.33 51.11 10.51
CA VAL A 180 64.05 51.79 10.50
C VAL A 180 62.98 50.84 11.01
N GLU A 181 63.34 49.57 11.08
CA GLU A 181 62.49 48.50 11.56
C GLU A 181 61.10 48.92 12.05
N PRO A 182 61.01 49.71 13.14
CA PRO A 182 59.70 50.14 13.65
C PRO A 182 58.87 50.92 12.64
N TYR A 183 59.55 51.48 11.65
CA TYR A 183 58.88 52.22 10.58
C TYR A 183 58.24 51.19 9.67
N ASN A 184 59.05 50.32 9.08
CA ASN A 184 58.52 49.28 8.22
C ASN A 184 57.51 48.41 8.97
N ALA A 185 57.69 48.28 10.29
CA ALA A 185 56.80 47.44 11.10
C ALA A 185 55.47 48.10 11.40
N THR A 186 55.51 49.12 12.25
CA THR A 186 54.30 49.81 12.62
C THR A 186 53.38 49.98 11.41
N LEU A 187 54.00 50.26 10.27
CA LEU A 187 53.24 50.45 9.05
C LEU A 187 52.58 49.20 8.48
N SER A 188 53.20 48.05 8.71
CA SER A 188 52.63 46.81 8.20
C SER A 188 51.62 46.21 9.15
N VAL A 189 51.87 46.30 10.46
CA VAL A 189 50.94 45.74 11.45
C VAL A 189 49.57 46.41 11.25
N HIS A 190 49.64 47.71 10.98
CA HIS A 190 48.51 48.57 10.69
C HIS A 190 47.62 47.83 9.66
N GLN A 191 48.23 47.54 8.50
CA GLN A 191 47.57 46.85 7.36
C GLN A 191 47.05 45.47 7.77
N LEU A 192 47.76 44.81 8.67
CA LEU A 192 47.39 43.49 9.15
C LEU A 192 46.12 43.50 10.00
N VAL A 193 46.11 44.33 11.04
CA VAL A 193 44.98 44.49 11.97
C VAL A 193 43.71 44.81 11.21
N GLU A 194 43.83 44.94 9.90
CA GLU A 194 42.68 45.33 9.12
C GLU A 194 42.45 44.64 7.80
N ASN A 195 43.01 43.44 7.66
CA ASN A 195 42.82 42.66 6.45
C ASN A 195 42.92 41.18 6.80
N THR A 196 44.11 40.64 7.02
CA THR A 196 44.23 39.22 7.41
C THR A 196 43.43 38.96 8.69
N ASP A 197 42.96 37.74 8.92
CA ASP A 197 42.18 37.46 10.13
C ASP A 197 42.75 36.40 11.06
N GLU A 198 44.04 36.11 10.86
CA GLU A 198 44.80 35.13 11.66
C GLU A 198 46.28 35.42 11.38
N THR A 199 46.99 35.89 12.40
CA THR A 199 48.40 36.20 12.26
C THR A 199 49.25 35.45 13.26
N TYR A 200 50.30 34.81 12.78
CA TYR A 200 51.20 34.08 13.66
C TYR A 200 52.58 34.76 13.67
N CYS A 201 52.80 35.58 14.70
CA CYS A 201 54.03 36.35 14.91
C CYS A 201 55.19 35.59 15.51
N ILE A 202 56.28 35.52 14.75
CA ILE A 202 57.47 34.81 15.14
C ILE A 202 58.62 35.81 15.36
N ASP A 203 59.50 35.51 16.31
CA ASP A 203 60.63 36.39 16.64
C ASP A 203 61.99 35.72 16.53
N ASN A 204 62.78 36.15 15.56
CA ASN A 204 64.08 35.57 15.34
C ASN A 204 64.87 35.28 16.62
N GLU A 205 64.64 36.05 17.68
CA GLU A 205 65.36 35.83 18.94
C GLU A 205 64.58 34.97 19.95
N ALA A 206 63.29 34.84 19.74
CA ALA A 206 62.49 34.00 20.62
C ALA A 206 62.85 32.60 20.14
N LEU A 207 63.21 32.51 18.87
CA LEU A 207 63.60 31.26 18.23
C LEU A 207 64.98 30.86 18.69
N TYR A 208 65.95 31.74 18.49
CA TYR A 208 67.29 31.46 18.93
C TYR A 208 67.16 30.80 20.26
N ASP A 209 66.71 31.56 21.26
CA ASP A 209 66.53 31.05 22.61
C ASP A 209 65.97 29.64 22.52
N ILE A 210 64.71 29.54 22.13
CA ILE A 210 64.04 28.27 22.01
C ILE A 210 64.80 27.25 21.16
N CYS A 211 65.79 27.73 20.43
CA CYS A 211 66.58 26.88 19.54
C CYS A 211 67.98 26.61 20.04
N PHE A 212 68.43 27.38 21.02
CA PHE A 212 69.76 27.21 21.58
C PHE A 212 69.72 26.65 23.00
N ARG A 213 68.54 26.62 23.60
CA ARG A 213 68.42 26.06 24.95
C ARG A 213 67.41 24.91 24.99
N THR A 214 66.50 24.87 24.03
CA THR A 214 65.50 23.81 23.96
C THR A 214 65.93 22.80 22.91
N LEU A 215 67.05 23.12 22.28
CA LEU A 215 67.73 22.32 21.28
C LEU A 215 69.13 22.80 21.60
N LYS A 216 69.90 21.99 22.30
CA LYS A 216 71.25 22.39 22.67
C LYS A 216 72.03 22.94 21.47
N LEU A 217 71.33 23.08 20.34
CA LEU A 217 71.91 23.60 19.10
C LEU A 217 72.77 24.84 19.35
N THR A 218 74.08 24.71 19.09
CA THR A 218 75.04 25.79 19.31
C THR A 218 75.19 26.79 18.13
N THR A 219 74.98 26.31 16.90
CA THR A 219 75.08 27.19 15.74
C THR A 219 73.76 27.23 14.98
N PRO A 220 72.76 27.90 15.55
CA PRO A 220 71.45 28.01 14.91
C PRO A 220 71.44 28.93 13.71
N THR A 221 71.74 28.37 12.56
CA THR A 221 71.74 29.14 11.33
C THR A 221 70.32 29.61 11.05
N TYR A 222 70.13 30.53 10.11
CA TYR A 222 68.80 30.98 9.78
C TYR A 222 67.99 29.77 9.33
N GLY A 223 68.54 29.04 8.36
CA GLY A 223 67.86 27.86 7.85
C GLY A 223 67.11 27.16 8.95
N ASP A 224 67.75 27.06 10.11
CA ASP A 224 67.15 26.41 11.26
C ASP A 224 65.91 27.16 11.69
N LEU A 225 66.10 28.35 12.25
CA LEU A 225 64.98 29.16 12.70
C LEU A 225 63.83 28.92 11.74
N ASN A 226 64.07 29.24 10.48
CA ASN A 226 63.08 29.08 9.43
C ASN A 226 62.46 27.69 9.55
N HIS A 227 63.32 26.70 9.57
CA HIS A 227 62.90 25.32 9.68
C HIS A 227 61.95 25.08 10.85
N LEU A 228 62.28 25.62 12.02
CA LEU A 228 61.45 25.46 13.19
C LEU A 228 60.07 26.08 12.95
N VAL A 229 60.08 27.29 12.44
CA VAL A 229 58.85 28.04 12.15
C VAL A 229 57.96 27.20 11.23
N SER A 230 58.54 26.87 10.07
CA SER A 230 57.85 26.09 9.02
C SER A 230 57.25 24.81 9.61
N ALA A 231 57.81 24.40 10.72
CA ALA A 231 57.36 23.19 11.42
C ALA A 231 55.98 23.41 12.05
N THR A 232 55.78 24.64 12.49
CA THR A 232 54.53 25.05 13.16
C THR A 232 53.41 25.31 12.15
N MET A 233 53.75 25.99 11.07
CA MET A 233 52.77 26.35 10.04
C MET A 233 52.29 25.10 9.30
N SER A 234 53.00 24.00 9.49
CA SER A 234 52.64 22.71 8.88
C SER A 234 51.63 21.98 9.77
N GLY A 235 51.82 22.18 11.06
CA GLY A 235 50.95 21.59 12.09
C GLY A 235 49.58 22.24 12.02
N VAL A 236 49.62 23.54 11.77
CA VAL A 236 48.42 24.38 11.65
C VAL A 236 47.55 23.89 10.49
N THR A 237 47.86 24.44 9.33
CA THR A 237 47.14 24.16 8.08
C THR A 237 47.22 22.66 7.75
N THR A 238 47.96 22.41 6.68
CA THR A 238 48.18 21.06 6.12
C THR A 238 47.71 19.95 7.04
N CYS A 239 48.20 20.00 8.26
CA CYS A 239 47.84 19.03 9.28
C CYS A 239 46.35 18.81 9.33
N LEU A 240 45.62 19.82 9.78
CA LEU A 240 44.17 19.71 9.90
C LEU A 240 43.47 19.26 8.65
N ARG A 241 44.18 19.29 7.53
CA ARG A 241 43.61 18.85 6.29
C ARG A 241 43.88 17.37 6.18
N PHE A 242 43.97 16.76 7.36
CA PHE A 242 44.18 15.33 7.53
C PHE A 242 43.02 14.88 8.37
N PRO A 243 42.82 13.56 8.49
CA PRO A 243 41.71 13.05 9.29
C PRO A 243 41.99 13.31 10.76
N GLY A 244 41.05 12.93 11.62
CA GLY A 244 41.25 13.13 13.05
C GLY A 244 39.97 12.80 13.81
N GLN A 245 40.11 12.39 15.06
CA GLN A 245 38.94 12.07 15.85
C GLN A 245 38.14 13.36 15.90
N LEU A 246 38.86 14.46 16.12
CA LEU A 246 38.26 15.77 16.18
C LEU A 246 39.10 16.73 15.37
N ASN A 247 38.78 16.88 14.09
CA ASN A 247 39.56 17.77 13.26
C ASN A 247 38.91 19.12 13.09
N ALA A 248 39.76 20.10 12.82
CA ALA A 248 39.32 21.46 12.60
C ALA A 248 39.97 21.88 11.28
N ASP A 249 39.84 23.17 10.94
CA ASP A 249 40.41 23.71 9.71
C ASP A 249 40.36 25.22 9.81
N LEU A 250 41.38 25.87 9.29
CA LEU A 250 41.51 27.33 9.33
C LEU A 250 40.34 28.04 9.97
N ARG A 251 39.14 27.84 9.45
CA ARG A 251 38.01 28.50 10.06
C ARG A 251 37.84 28.10 11.52
N LYS A 252 37.58 26.81 11.80
CA LYS A 252 37.42 26.39 13.19
C LYS A 252 38.44 27.19 13.97
N LEU A 253 39.70 27.05 13.56
CA LEU A 253 40.81 27.76 14.19
C LEU A 253 40.49 29.23 14.31
N ALA A 254 39.94 29.78 13.23
CA ALA A 254 39.60 31.19 13.26
C ALA A 254 38.36 31.43 14.10
N VAL A 255 37.29 30.68 13.82
CA VAL A 255 36.06 30.85 14.55
C VAL A 255 36.06 30.40 16.00
N ASN A 256 37.22 30.02 16.52
CA ASN A 256 37.32 29.59 17.91
C ASN A 256 38.37 30.42 18.59
N MET A 257 39.13 31.15 17.78
CA MET A 257 40.23 31.91 18.32
C MET A 257 40.11 33.41 18.30
N VAL A 258 39.19 33.93 17.52
CA VAL A 258 39.08 35.37 17.46
C VAL A 258 37.80 35.87 18.09
N PRO A 259 37.87 36.31 19.35
CA PRO A 259 36.65 36.79 20.00
C PRO A 259 36.27 38.14 19.40
N PHE A 260 37.25 38.96 19.10
CA PHE A 260 36.92 40.28 18.56
C PHE A 260 37.69 40.68 17.30
N PRO A 261 36.96 40.87 16.20
CA PRO A 261 37.33 41.26 14.83
C PRO A 261 38.66 41.90 14.52
N ARG A 262 39.38 42.42 15.51
CA ARG A 262 40.67 43.05 15.20
C ARG A 262 41.41 42.16 14.20
N LEU A 263 41.41 40.87 14.51
CA LEU A 263 42.05 39.82 13.73
C LEU A 263 42.89 39.10 14.75
N HIS A 264 43.46 39.88 15.64
CA HIS A 264 44.27 39.32 16.68
C HIS A 264 45.38 38.43 16.17
N PHE A 265 46.49 38.49 16.88
CA PHE A 265 47.66 37.77 16.51
C PHE A 265 47.91 36.72 17.56
N PHE A 266 48.44 35.61 17.11
CA PHE A 266 48.71 34.47 17.97
C PHE A 266 50.19 34.29 18.17
N MET A 267 50.56 33.17 18.76
CA MET A 267 51.95 32.87 19.02
C MET A 267 52.01 31.38 18.95
N PRO A 268 52.58 30.84 17.87
CA PRO A 268 52.70 29.39 17.68
C PRO A 268 53.78 28.70 18.52
N GLY A 269 53.51 27.44 18.89
CA GLY A 269 54.43 26.66 19.68
C GLY A 269 54.34 25.21 19.26
N PHE A 270 55.49 24.58 19.02
CA PHE A 270 55.51 23.18 18.61
C PHE A 270 55.60 22.29 19.85
N ALA A 271 55.28 21.00 19.67
CA ALA A 271 55.33 20.08 20.81
C ALA A 271 56.66 19.41 21.08
N PRO A 272 56.91 18.25 20.45
CA PRO A 272 58.20 17.64 20.79
C PRO A 272 59.34 18.51 20.34
N LEU A 273 59.95 19.23 21.26
CA LEU A 273 61.07 20.06 20.90
C LEU A 273 62.25 19.65 21.75
N THR A 274 62.75 18.44 21.49
CA THR A 274 63.86 17.89 22.25
C THR A 274 65.13 17.79 21.39
N SER A 275 66.29 18.00 22.00
CA SER A 275 67.57 17.92 21.31
C SER A 275 67.73 16.54 20.69
N ARG A 276 68.48 16.43 19.60
CA ARG A 276 68.63 15.14 18.93
C ARG A 276 68.88 13.88 19.76
N GLY A 277 70.11 13.35 19.71
CA GLY A 277 70.43 12.15 20.46
C GLY A 277 69.82 11.98 21.84
N SER A 278 70.60 12.30 22.87
CA SER A 278 70.20 12.22 24.27
C SER A 278 68.73 12.46 24.55
N GLN A 279 68.38 13.73 24.76
CA GLN A 279 67.03 14.16 25.06
C GLN A 279 65.91 13.24 24.60
N GLN A 280 66.08 12.59 23.43
CA GLN A 280 65.14 11.65 22.80
C GLN A 280 64.61 10.75 23.91
N TYR A 281 63.95 11.44 24.83
CA TYR A 281 63.37 10.88 26.02
C TYR A 281 62.07 10.22 25.76
N ARG A 282 61.39 10.61 24.69
CA ARG A 282 60.12 10.02 24.35
C ARG A 282 59.09 10.38 25.38
N ALA A 283 59.44 11.17 26.39
CA ALA A 283 58.44 11.57 27.37
C ALA A 283 57.50 12.39 26.50
N LEU A 284 56.60 11.70 25.82
CA LEU A 284 55.66 12.34 24.94
C LEU A 284 54.30 11.67 25.15
N THR A 285 54.09 11.05 26.31
CA THR A 285 52.81 10.37 26.54
C THR A 285 51.68 11.36 26.20
N VAL A 286 51.83 12.62 26.61
CA VAL A 286 50.89 13.72 26.35
C VAL A 286 51.08 14.80 27.41
N PRO A 287 51.05 14.42 28.70
CA PRO A 287 51.25 15.49 29.68
C PRO A 287 52.54 16.16 29.36
N GLU A 288 53.39 15.48 28.61
CA GLU A 288 54.68 16.04 28.28
C GLU A 288 54.56 17.06 27.19
N LEU A 289 53.59 16.89 26.29
CA LEU A 289 53.38 17.87 25.23
C LEU A 289 52.72 19.13 25.77
N THR A 290 51.73 18.98 26.64
CA THR A 290 51.10 20.15 27.20
C THR A 290 52.11 20.79 28.14
N GLN A 291 52.95 19.97 28.75
CA GLN A 291 53.96 20.55 29.62
C GLN A 291 54.68 21.53 28.72
N GLN A 292 55.20 21.00 27.62
CA GLN A 292 55.93 21.79 26.63
C GLN A 292 55.09 23.01 26.27
N MET A 293 54.35 22.89 25.17
CA MET A 293 53.48 23.93 24.63
C MET A 293 53.09 25.07 25.56
N PHE A 294 52.61 24.75 26.75
CA PHE A 294 52.18 25.79 27.67
C PHE A 294 53.19 26.47 28.57
N ASP A 295 54.47 26.22 28.38
CA ASP A 295 55.47 26.89 29.22
C ASP A 295 55.77 28.25 28.57
N ALA A 296 56.48 29.10 29.29
CA ALA A 296 56.85 30.40 28.75
C ALA A 296 57.73 30.07 27.55
N LYS A 297 59.02 29.90 27.81
CA LYS A 297 59.91 29.56 26.72
C LYS A 297 59.20 28.50 25.94
N ASN A 298 59.40 28.51 24.62
CA ASN A 298 58.78 27.58 23.69
C ASN A 298 57.68 28.28 22.93
N MET A 299 57.48 29.56 23.22
CA MET A 299 56.48 30.34 22.51
C MET A 299 57.25 31.17 21.48
N MET A 300 57.16 30.79 20.21
CA MET A 300 57.89 31.49 19.16
C MET A 300 57.82 32.99 19.26
N ALA A 301 56.84 33.49 20.02
CA ALA A 301 56.68 34.92 20.23
C ALA A 301 57.81 35.40 21.13
N ALA A 302 57.92 36.71 21.30
CA ALA A 302 58.97 37.25 22.15
C ALA A 302 58.42 37.31 23.55
N CYS A 303 57.22 37.86 23.66
CA CYS A 303 56.61 38.00 24.95
C CYS A 303 56.35 36.65 25.59
N ASP A 304 56.15 36.70 26.90
CA ASP A 304 55.89 35.51 27.69
C ASP A 304 54.45 35.48 28.19
N PRO A 305 53.72 34.42 27.82
CA PRO A 305 52.32 34.23 28.20
C PRO A 305 52.09 34.57 29.66
N ARG A 306 53.00 34.09 30.50
CA ARG A 306 52.91 34.31 31.92
C ARG A 306 52.72 35.78 32.25
N HIS A 307 52.85 36.63 31.23
CA HIS A 307 52.71 38.08 31.41
C HIS A 307 51.36 38.63 30.93
N GLY A 308 50.38 37.75 30.78
CA GLY A 308 49.07 38.19 30.32
C GLY A 308 48.15 37.04 29.94
N ARG A 309 46.90 37.12 30.41
CA ARG A 309 45.88 36.10 30.15
C ARG A 309 45.84 35.66 28.69
N TYR A 310 45.03 34.63 28.46
CA TYR A 310 44.81 34.12 27.13
C TYR A 310 43.34 34.34 26.81
N LEU A 311 42.99 34.37 25.55
CA LEU A 311 41.61 34.53 25.16
C LEU A 311 41.24 33.19 24.60
N THR A 312 42.12 32.65 23.80
CA THR A 312 41.88 31.38 23.18
C THR A 312 43.18 30.64 23.02
N VAL A 313 43.05 29.33 22.88
CA VAL A 313 44.20 28.47 22.71
C VAL A 313 43.73 27.34 21.83
N ALA A 314 44.62 26.83 21.00
CA ALA A 314 44.26 25.76 20.08
C ALA A 314 45.36 24.76 20.02
N ALA A 315 45.26 23.70 20.80
CA ALA A 315 46.28 22.68 20.76
C ALA A 315 45.90 21.80 19.61
N VAL A 316 46.54 22.02 18.47
CA VAL A 316 46.25 21.21 17.31
C VAL A 316 47.21 20.00 17.33
N PHE A 317 46.85 18.95 18.06
CA PHE A 317 47.67 17.75 18.15
C PHE A 317 47.53 16.96 16.87
N ARG A 318 48.53 16.12 16.57
CA ARG A 318 48.51 15.29 15.37
C ARG A 318 49.33 14.01 15.58
N GLY A 319 48.72 13.03 16.23
CA GLY A 319 49.37 11.77 16.53
C GLY A 319 48.41 11.00 17.42
N ARG A 320 48.15 9.73 17.12
CA ARG A 320 47.20 8.91 17.89
C ARG A 320 47.29 9.03 19.43
N MET A 321 46.20 9.52 20.02
CA MET A 321 46.08 9.73 21.47
C MET A 321 44.63 9.63 21.93
N SER A 322 44.46 9.50 23.24
CA SER A 322 43.15 9.38 23.86
C SER A 322 42.41 10.69 24.01
N MET A 323 41.26 10.78 23.35
CA MET A 323 40.43 11.96 23.41
C MET A 323 40.10 12.22 24.86
N LYS A 324 40.57 11.33 25.73
CA LYS A 324 40.36 11.45 27.15
C LYS A 324 41.60 12.08 27.76
N GLU A 325 42.78 11.52 27.50
CA GLU A 325 44.00 12.08 28.08
C GLU A 325 44.35 13.42 27.44
N VAL A 326 43.60 13.77 26.40
CA VAL A 326 43.80 15.04 25.71
C VAL A 326 42.80 15.99 26.33
N ASP A 327 41.54 15.67 26.13
CA ASP A 327 40.48 16.51 26.67
C ASP A 327 40.68 16.74 28.16
N GLU A 328 41.23 15.76 28.85
CA GLU A 328 41.46 15.88 30.29
C GLU A 328 42.57 16.86 30.64
N GLN A 329 43.79 16.52 30.23
CA GLN A 329 44.95 17.36 30.50
C GLN A 329 44.58 18.83 30.37
N MET A 330 44.11 19.19 29.18
CA MET A 330 43.70 20.56 28.86
C MET A 330 43.00 21.24 30.03
N LEU A 331 42.21 20.45 30.76
CA LEU A 331 41.47 20.96 31.90
C LEU A 331 42.36 21.39 33.06
N ASN A 332 43.06 20.43 33.66
CA ASN A 332 43.94 20.74 34.77
C ASN A 332 44.71 21.98 34.38
N VAL A 333 45.24 21.95 33.16
CA VAL A 333 45.98 23.09 32.67
C VAL A 333 45.17 24.35 32.83
N GLN A 334 43.88 24.27 32.51
CA GLN A 334 42.98 25.42 32.63
C GLN A 334 42.67 25.79 34.05
N ASN A 335 42.97 24.89 34.99
CA ASN A 335 42.70 25.16 36.39
C ASN A 335 43.95 25.50 37.20
N LYS A 336 45.08 24.92 36.83
CA LYS A 336 46.33 25.21 37.53
C LYS A 336 46.71 26.66 37.23
N ASN A 337 46.24 27.16 36.10
CA ASN A 337 46.56 28.52 35.69
C ASN A 337 45.34 29.39 35.48
N SER A 338 44.28 29.13 36.24
CA SER A 338 43.04 29.92 36.14
C SER A 338 43.42 31.39 36.13
N SER A 339 44.46 31.71 36.89
CA SER A 339 44.98 33.06 37.01
C SER A 339 45.02 33.68 35.62
N TYR A 340 45.92 33.17 34.78
CA TYR A 340 46.02 33.69 33.42
C TYR A 340 45.45 32.75 32.39
N PHE A 341 44.23 33.07 31.99
CA PHE A 341 43.49 32.30 31.01
C PHE A 341 42.16 32.95 30.75
N VAL A 342 41.98 34.16 31.27
CA VAL A 342 40.75 34.94 31.12
C VAL A 342 39.55 34.11 31.57
N GLU A 343 38.53 34.75 32.13
CA GLU A 343 37.40 33.99 32.64
C GLU A 343 36.13 33.99 31.81
N TRP A 344 35.78 35.13 31.22
CA TRP A 344 34.55 35.19 30.43
C TRP A 344 34.45 34.22 29.27
N ILE A 345 35.31 33.21 29.28
CA ILE A 345 35.31 32.15 28.29
C ILE A 345 35.46 30.89 29.12
N PRO A 346 34.37 30.21 29.38
CA PRO A 346 34.44 28.98 30.18
C PRO A 346 35.50 27.97 29.71
N ASN A 347 35.63 27.80 28.39
CA ASN A 347 36.62 26.86 27.87
C ASN A 347 37.46 27.53 26.79
N ASN A 348 38.47 28.28 27.22
CA ASN A 348 39.35 28.99 26.30
C ASN A 348 39.94 28.05 25.28
N VAL A 349 40.45 26.95 25.77
CA VAL A 349 41.09 25.97 24.93
C VAL A 349 40.22 25.34 23.86
N LYS A 350 40.81 25.17 22.68
CA LYS A 350 40.16 24.54 21.54
C LYS A 350 41.01 23.33 21.23
N THR A 351 40.61 22.18 21.74
CA THR A 351 41.33 20.96 21.50
C THR A 351 41.03 20.50 20.09
N ALA A 352 42.09 20.17 19.37
CA ALA A 352 41.99 19.70 18.00
C ALA A 352 42.80 18.45 17.97
N VAL A 353 42.38 17.47 17.16
CA VAL A 353 43.13 16.22 17.11
C VAL A 353 43.17 15.49 15.79
N CYS A 354 44.31 15.58 15.13
CA CYS A 354 44.55 14.91 13.87
C CYS A 354 44.85 13.46 14.22
N ASP A 355 45.36 12.72 13.26
CA ASP A 355 45.72 11.33 13.49
C ASP A 355 47.18 11.16 13.13
N ILE A 356 47.48 11.12 11.83
CA ILE A 356 48.86 10.97 11.39
C ILE A 356 49.70 12.11 11.96
N PRO A 357 50.88 11.78 12.52
CA PRO A 357 51.79 12.76 13.10
C PRO A 357 52.88 13.23 12.13
N PRO A 358 53.79 14.09 12.61
CA PRO A 358 54.86 14.58 11.74
C PRO A 358 55.69 13.40 11.29
N ARG A 359 55.62 13.10 10.00
CA ARG A 359 56.33 12.00 9.37
C ARG A 359 57.14 11.11 10.32
N GLY A 360 58.32 11.58 10.74
CA GLY A 360 59.16 10.77 11.61
C GLY A 360 58.90 10.70 13.11
N LEU A 361 57.92 11.44 13.59
CA LEU A 361 57.64 11.48 15.01
C LEU A 361 56.41 10.66 15.41
N LYS A 362 56.31 10.34 16.70
CA LYS A 362 55.19 9.56 17.22
C LYS A 362 54.00 10.43 17.64
N MET A 363 54.29 11.58 18.24
CA MET A 363 53.23 12.45 18.70
C MET A 363 53.70 13.89 18.86
N SER A 364 52.95 14.80 18.24
CA SER A 364 53.22 16.24 18.28
C SER A 364 51.91 17.00 18.50
N ALA A 365 52.01 18.32 18.63
CA ALA A 365 50.84 19.18 18.86
C ALA A 365 51.17 20.66 18.72
N THR A 366 50.68 21.25 17.65
CA THR A 366 50.91 22.66 17.39
C THR A 366 50.06 23.47 18.35
N PHE A 367 50.62 24.58 18.82
CA PHE A 367 49.94 25.45 19.75
C PHE A 367 49.76 26.81 19.11
N ILE A 368 48.53 27.30 19.15
CA ILE A 368 48.24 28.59 18.57
C ILE A 368 47.57 29.39 19.65
N GLY A 369 48.36 30.20 20.35
CA GLY A 369 47.80 30.98 21.43
C GLY A 369 47.42 32.42 21.14
N ASN A 370 46.25 32.81 21.60
CA ASN A 370 45.77 34.17 21.41
C ASN A 370 45.86 34.91 22.72
N SER A 371 47.05 35.00 23.29
CA SER A 371 47.15 35.67 24.57
C SER A 371 47.31 37.18 24.50
N THR A 372 46.82 37.81 25.56
CA THR A 372 46.82 39.24 25.74
C THR A 372 48.23 39.71 26.00
N ALA A 373 49.12 38.75 26.14
CA ALA A 373 50.52 39.07 26.38
C ALA A 373 51.14 39.80 25.22
N ILE A 374 50.70 39.48 24.01
CA ILE A 374 51.28 40.10 22.85
C ILE A 374 51.05 41.58 22.84
N GLN A 375 50.47 42.08 23.92
CA GLN A 375 50.26 43.51 24.07
C GLN A 375 51.68 44.07 24.21
N GLU A 376 52.42 43.47 25.11
CA GLU A 376 53.80 43.86 25.38
C GLU A 376 54.76 43.62 24.23
N LEU A 377 54.31 43.80 23.00
CA LEU A 377 55.22 43.66 21.87
C LEU A 377 54.92 44.78 20.92
N PHE A 378 53.64 45.00 20.69
CA PHE A 378 53.21 46.07 19.83
C PHE A 378 53.55 47.33 20.61
N LYS A 379 53.64 47.18 21.93
CA LYS A 379 54.02 48.30 22.77
C LYS A 379 55.43 48.62 22.32
N ARG A 380 56.29 47.63 22.47
CA ARG A 380 57.68 47.74 22.08
C ARG A 380 57.76 48.48 20.76
N ILE A 381 57.35 47.80 19.70
CA ILE A 381 57.35 48.37 18.38
C ILE A 381 56.90 49.82 18.43
N SER A 382 55.66 50.03 18.88
CA SER A 382 55.09 51.37 18.96
C SER A 382 56.02 52.34 19.67
N GLU A 383 56.71 51.89 20.71
CA GLU A 383 57.64 52.78 21.40
C GLU A 383 58.73 53.22 20.42
N GLN A 384 59.53 52.26 19.95
CA GLN A 384 60.61 52.52 19.01
C GLN A 384 60.23 53.56 17.97
N PHE A 385 59.00 53.48 17.50
CA PHE A 385 58.51 54.42 16.50
C PHE A 385 58.64 55.82 17.06
N THR A 386 57.70 56.18 17.94
CA THR A 386 57.69 57.48 18.58
C THR A 386 59.08 58.05 18.94
N ALA A 387 59.91 57.25 19.62
CA ALA A 387 61.24 57.71 20.02
C ALA A 387 62.03 58.21 18.82
N MET A 388 61.72 57.67 17.65
CA MET A 388 62.41 58.09 16.43
C MET A 388 61.54 58.91 15.51
N PHE A 389 60.25 58.68 15.59
CA PHE A 389 59.37 59.46 14.77
C PHE A 389 59.56 60.86 15.26
N ARG A 390 59.40 61.05 16.56
CA ARG A 390 59.55 62.37 17.14
C ARG A 390 60.59 63.22 16.40
N ARG A 391 61.71 62.61 16.00
CA ARG A 391 62.75 63.36 15.30
C ARG A 391 62.75 63.11 13.80
N LYS A 392 61.72 62.42 13.32
CA LYS A 392 61.56 62.11 11.89
C LYS A 392 62.78 61.44 11.29
N ALA A 393 63.53 60.76 12.17
CA ALA A 393 64.77 60.05 11.83
C ALA A 393 64.94 59.79 10.36
N PHE A 394 64.80 58.54 9.92
CA PHE A 394 64.99 58.26 8.50
C PHE A 394 63.66 58.39 7.79
N LEU A 395 63.02 59.54 7.97
CA LEU A 395 61.73 59.73 7.36
C LEU A 395 61.84 60.20 5.91
N HIS A 396 62.90 60.94 5.58
CA HIS A 396 63.02 61.42 4.21
C HIS A 396 63.04 60.30 3.16
N TRP A 397 63.41 59.10 3.57
CA TRP A 397 63.45 57.96 2.66
C TRP A 397 62.05 57.46 2.39
N TYR A 398 61.09 57.90 3.20
CA TYR A 398 59.71 57.49 3.02
C TYR A 398 59.03 58.58 2.22
N THR A 399 58.91 59.76 2.81
CA THR A 399 58.27 60.89 2.15
C THR A 399 58.85 61.08 0.74
N GLY A 400 60.17 61.16 0.64
CA GLY A 400 60.82 61.32 -0.65
C GLY A 400 60.40 60.27 -1.65
N GLU A 401 59.65 59.28 -1.17
CA GLU A 401 59.15 58.22 -2.00
C GLU A 401 57.65 58.38 -2.17
N GLY A 402 57.17 59.57 -1.91
CA GLY A 402 55.75 59.81 -2.05
C GLY A 402 55.04 59.10 -0.91
N MET A 403 55.09 59.72 0.27
CA MET A 403 54.45 59.20 1.45
C MET A 403 53.75 60.38 2.09
N ASP A 404 53.32 60.22 3.34
CA ASP A 404 52.62 61.29 4.03
C ASP A 404 53.04 61.34 5.50
N GLU A 405 53.07 62.55 6.07
CA GLU A 405 53.45 62.74 7.46
C GLU A 405 52.29 62.31 8.33
N MET A 406 51.13 62.15 7.70
CA MET A 406 49.92 61.72 8.39
C MET A 406 49.76 60.20 8.27
N GLU A 407 50.50 59.60 7.33
CA GLU A 407 50.47 58.15 7.14
C GLU A 407 51.09 57.44 8.34
N PHE A 408 52.26 57.90 8.73
CA PHE A 408 52.95 57.34 9.87
C PHE A 408 52.12 57.56 11.11
N THR A 409 51.54 58.75 11.22
CA THR A 409 50.72 59.07 12.37
C THR A 409 49.64 58.00 12.47
N GLU A 410 48.93 57.86 11.38
CA GLU A 410 47.85 56.89 11.25
C GLU A 410 48.23 55.52 11.83
N ALA A 411 49.14 54.85 11.17
CA ALA A 411 49.59 53.53 11.59
C ALA A 411 49.89 53.44 13.08
N GLU A 412 50.85 54.21 13.55
CA GLU A 412 51.18 54.15 14.95
C GLU A 412 49.93 54.15 15.79
N SER A 413 49.15 55.22 15.68
CA SER A 413 47.91 55.33 16.43
C SER A 413 47.18 54.01 16.34
N ASN A 414 46.68 53.70 15.14
CA ASN A 414 45.96 52.46 14.89
C ASN A 414 46.59 51.33 15.68
N MET A 415 47.76 50.89 15.23
CA MET A 415 48.45 49.80 15.91
C MET A 415 48.64 50.09 17.39
N ASN A 416 48.75 51.37 17.73
CA ASN A 416 48.93 51.79 19.12
C ASN A 416 47.65 51.56 19.92
N ASP A 417 46.51 51.84 19.29
CA ASP A 417 45.21 51.62 19.90
C ASP A 417 45.05 50.12 20.09
N LEU A 418 45.51 49.39 19.07
CA LEU A 418 45.45 47.94 19.05
C LEU A 418 46.02 47.34 20.35
N VAL A 419 46.99 48.05 20.93
CA VAL A 419 47.62 47.65 22.18
C VAL A 419 46.59 47.85 23.28
N SER A 420 46.01 49.04 23.27
CA SER A 420 44.99 49.42 24.20
C SER A 420 43.96 48.29 24.38
N GLU A 421 43.18 48.13 23.34
CA GLU A 421 42.10 47.13 23.27
C GLU A 421 42.48 45.81 23.96
N TYR A 422 43.57 45.23 23.46
CA TYR A 422 44.06 43.93 23.94
C TYR A 422 44.14 43.86 25.46
N GLN A 423 44.27 45.02 26.09
CA GLN A 423 44.35 45.11 27.55
C GLN A 423 42.96 45.02 28.17
N GLN A 424 41.99 45.43 27.37
CA GLN A 424 40.57 45.45 27.75
C GLN A 424 40.08 44.07 28.20
N TYR A 425 40.91 43.07 27.97
CA TYR A 425 40.55 41.68 28.28
C TYR A 425 41.49 41.12 29.35
N GLN A 426 42.71 41.61 29.34
CA GLN A 426 43.70 41.22 30.37
C GLN A 426 43.09 41.65 31.71
N ASP A 427 42.06 42.48 31.64
CA ASP A 427 41.35 43.00 32.81
C ASP A 427 39.84 42.70 32.72
N ARG B 2 5.93 1.35 11.12
CA ARG B 2 6.75 0.21 11.61
C ARG B 2 8.24 0.55 11.73
N GLU B 3 8.80 1.17 10.69
CA GLU B 3 10.21 1.51 10.72
C GLU B 3 10.48 2.86 11.36
N CYS B 4 11.76 3.25 11.35
CA CYS B 4 12.21 4.51 11.92
C CYS B 4 13.50 4.93 11.24
N ILE B 5 13.42 5.86 10.30
CA ILE B 5 14.63 6.32 9.61
C ILE B 5 15.54 6.98 10.62
N SER B 6 16.77 7.25 10.22
CA SER B 6 17.73 7.91 11.09
C SER B 6 18.64 8.82 10.30
N ILE B 7 18.84 10.02 10.82
CA ILE B 7 19.68 11.01 10.17
C ILE B 7 20.82 11.40 11.10
N HIS B 8 21.99 10.87 10.82
CA HIS B 8 23.17 11.14 11.62
C HIS B 8 23.81 12.43 11.12
N VAL B 9 23.65 13.50 11.89
CA VAL B 9 24.19 14.80 11.49
C VAL B 9 25.37 15.29 12.34
N GLY B 10 26.38 15.80 11.64
CA GLY B 10 27.59 16.31 12.29
C GLY B 10 28.64 15.22 12.37
N GLN B 11 29.90 15.57 12.24
CA GLN B 11 30.94 14.54 12.32
C GLN B 11 30.61 13.59 13.43
N ALA B 12 30.46 14.11 14.64
CA ALA B 12 30.15 13.27 15.79
C ALA B 12 28.97 12.36 15.53
N GLY B 13 27.81 12.95 15.26
CA GLY B 13 26.61 12.18 15.01
C GLY B 13 26.84 11.11 13.97
N VAL B 14 27.93 11.28 13.22
CA VAL B 14 28.32 10.36 12.17
C VAL B 14 29.26 9.28 12.72
N GLN B 15 30.12 9.67 13.65
CA GLN B 15 31.07 8.74 14.28
C GLN B 15 30.24 7.79 15.14
N ILE B 16 29.36 8.38 15.93
CA ILE B 16 28.45 7.66 16.78
C ILE B 16 27.59 6.81 15.85
N GLY B 17 27.26 7.39 14.70
CA GLY B 17 26.45 6.70 13.72
C GLY B 17 27.14 5.45 13.24
N ASN B 18 28.37 5.60 12.78
CA ASN B 18 29.12 4.46 12.29
C ASN B 18 29.14 3.37 13.36
N ALA B 19 29.18 3.81 14.62
CA ALA B 19 29.22 2.90 15.78
C ALA B 19 27.91 2.16 16.00
N CYS B 20 26.85 2.94 16.22
CA CYS B 20 25.52 2.38 16.43
C CYS B 20 25.20 1.54 15.22
N TRP B 21 25.66 1.99 14.06
CA TRP B 21 25.39 1.24 12.86
C TRP B 21 26.19 -0.05 12.82
N GLU B 22 27.31 -0.06 13.51
CA GLU B 22 28.14 -1.25 13.57
C GLU B 22 27.43 -2.27 14.43
N LEU B 23 27.27 -1.95 15.71
CA LEU B 23 26.61 -2.85 16.63
C LEU B 23 25.46 -3.54 15.94
N TYR B 24 24.74 -2.82 15.10
CA TYR B 24 23.59 -3.39 14.41
C TYR B 24 23.85 -4.70 13.68
N CYS B 25 24.42 -4.62 12.48
CA CYS B 25 24.69 -5.80 11.70
C CYS B 25 25.29 -6.88 12.58
N LEU B 26 26.15 -6.45 13.50
CA LEU B 26 26.84 -7.35 14.43
C LEU B 26 25.91 -8.30 15.17
N GLU B 27 24.70 -7.84 15.46
CA GLU B 27 23.72 -8.64 16.18
C GLU B 27 22.56 -9.02 15.29
N HIS B 28 22.79 -8.96 13.98
CA HIS B 28 21.77 -9.32 13.00
C HIS B 28 22.36 -10.21 11.90
N GLY B 29 23.60 -10.64 12.12
CA GLY B 29 24.28 -11.53 11.18
C GLY B 29 24.42 -11.04 9.75
N ILE B 30 24.57 -9.73 9.59
CA ILE B 30 24.75 -9.14 8.27
C ILE B 30 26.15 -8.54 8.14
N GLN B 31 27.07 -9.31 7.56
CA GLN B 31 28.43 -8.86 7.37
C GLN B 31 28.49 -7.48 6.74
N PRO B 32 29.65 -6.84 6.82
CA PRO B 32 29.83 -5.50 6.26
C PRO B 32 29.47 -5.46 4.78
N ASP B 33 29.31 -6.62 4.16
CA ASP B 33 28.97 -6.70 2.74
C ASP B 33 27.46 -6.56 2.49
N GLY B 34 26.71 -6.25 3.54
CA GLY B 34 25.27 -6.09 3.45
C GLY B 34 24.51 -7.40 3.59
N GLN B 35 25.09 -8.52 3.14
CA GLN B 35 24.42 -9.82 3.11
C GLN B 35 24.45 -10.48 4.47
N MET B 36 23.32 -11.06 4.87
CA MET B 36 23.23 -11.97 6.02
C MET B 36 22.85 -13.35 5.49
N PRO B 37 23.26 -14.43 6.16
CA PRO B 37 22.73 -15.77 5.88
C PRO B 37 21.75 -16.33 6.91
N ASP B 47 9.38 -9.83 8.36
CA ASP B 47 10.04 -8.54 8.63
C ASP B 47 11.07 -8.54 9.81
N SER B 48 10.58 -8.65 11.06
CA SER B 48 11.38 -8.53 12.31
C SER B 48 12.08 -7.17 12.50
N PHE B 49 13.18 -7.00 11.76
CA PHE B 49 14.14 -5.89 11.88
C PHE B 49 14.11 -4.96 10.70
N ASN B 50 13.18 -5.23 9.81
CA ASN B 50 12.93 -4.42 8.63
C ASN B 50 12.63 -2.95 8.92
N THR B 51 12.39 -2.64 10.19
CA THR B 51 12.10 -1.27 10.60
C THR B 51 13.38 -0.45 10.72
N PHE B 52 14.46 -0.95 10.13
CA PHE B 52 15.74 -0.27 10.17
C PHE B 52 16.63 -0.69 9.01
N PHE B 53 16.13 -1.62 8.20
CA PHE B 53 16.88 -2.11 7.05
C PHE B 53 15.96 -2.50 5.90
N SER B 54 16.26 -2.02 4.71
CA SER B 54 15.45 -2.33 3.51
C SER B 54 16.10 -3.41 2.68
N GLU B 55 15.32 -4.44 2.30
CA GLU B 55 15.87 -5.62 1.64
C GLU B 55 16.14 -5.41 0.12
N THR B 56 16.79 -4.29 -0.20
CA THR B 56 17.11 -3.96 -1.58
C THR B 56 17.33 -5.22 -2.41
N GLY B 57 16.24 -5.92 -2.69
CA GLY B 57 16.29 -7.15 -3.47
C GLY B 57 16.26 -8.39 -2.61
N ALA B 58 17.27 -9.25 -2.76
CA ALA B 58 18.34 -9.01 -3.72
C ALA B 58 19.65 -9.62 -3.23
N GLY B 59 19.76 -9.82 -1.93
CA GLY B 59 20.95 -10.38 -1.33
C GLY B 59 21.63 -9.42 -0.38
N LYS B 60 21.28 -8.14 -0.50
CA LYS B 60 21.89 -7.11 0.35
C LYS B 60 20.91 -6.57 1.38
N HIS B 61 21.36 -5.58 2.14
CA HIS B 61 20.52 -4.97 3.18
C HIS B 61 20.54 -3.45 3.08
N VAL B 62 21.73 -2.88 3.05
CA VAL B 62 21.88 -1.43 2.97
C VAL B 62 21.48 -0.75 4.28
N PRO B 63 21.57 0.58 4.30
CA PRO B 63 21.21 1.34 5.49
C PRO B 63 19.87 2.04 5.34
N ARG B 64 19.13 2.16 6.43
CA ARG B 64 17.83 2.81 6.42
C ARG B 64 18.01 4.17 7.06
N ALA B 65 19.09 4.85 6.68
CA ALA B 65 19.40 6.15 7.24
C ALA B 65 20.23 7.01 6.30
N VAL B 66 20.66 8.16 6.79
CA VAL B 66 21.49 9.03 5.98
C VAL B 66 22.59 9.67 6.81
N PHE B 67 23.56 10.28 6.12
CA PHE B 67 24.69 10.92 6.78
C PHE B 67 24.96 12.32 6.25
N VAL B 68 24.85 13.32 7.14
CA VAL B 68 25.06 14.72 6.76
C VAL B 68 26.24 15.41 7.46
N ASP B 69 27.66 15.75 6.65
CA ASP B 69 28.71 16.53 7.29
C ASP B 69 29.20 17.52 6.26
N LEU B 70 29.57 18.70 6.71
CA LEU B 70 30.01 19.72 5.76
C LEU B 70 31.52 19.63 5.35
N GLU B 71 32.35 18.99 6.18
CA GLU B 71 33.69 18.54 5.80
C GLU B 71 33.65 17.06 5.39
N PRO B 72 34.35 16.69 4.33
CA PRO B 72 34.33 15.31 3.84
C PRO B 72 35.02 14.33 4.76
N THR B 73 36.17 14.72 5.34
CA THR B 73 37.00 13.90 6.25
C THR B 73 36.33 12.70 6.90
N VAL B 74 35.21 12.94 7.58
CA VAL B 74 34.59 11.97 8.47
C VAL B 74 33.67 10.96 7.81
N ILE B 75 32.88 11.43 6.85
CA ILE B 75 32.06 10.57 6.02
C ILE B 75 32.95 9.81 5.05
N ASP B 76 34.05 10.43 4.66
CA ASP B 76 35.03 9.78 3.83
C ASP B 76 35.54 8.48 4.45
N GLU B 77 35.96 8.55 5.71
CA GLU B 77 36.48 7.39 6.42
C GLU B 77 35.49 6.19 6.42
N VAL B 78 34.17 6.46 6.47
CA VAL B 78 33.13 5.43 6.34
C VAL B 78 33.25 4.68 5.04
N ARG B 79 33.42 5.42 3.94
CA ARG B 79 33.62 4.81 2.63
C ARG B 79 35.05 4.40 2.36
N THR B 80 35.80 4.08 3.42
CA THR B 80 37.10 3.40 3.32
C THR B 80 37.08 2.03 4.06
N GLY B 81 36.61 2.07 5.32
CA GLY B 81 36.66 0.93 6.21
C GLY B 81 35.43 0.07 6.14
N THR B 82 35.64 -1.24 5.97
CA THR B 82 34.57 -2.24 5.79
C THR B 82 33.35 -1.78 6.54
N TYR B 83 32.22 -1.86 5.82
CA TYR B 83 31.01 -1.08 6.07
C TYR B 83 30.92 -0.17 4.86
N ARG B 84 32.08 0.09 4.27
CA ARG B 84 32.16 0.76 3.00
C ARG B 84 31.12 0.15 2.07
N GLN B 85 30.93 -1.15 2.20
CA GLN B 85 30.01 -1.89 1.37
C GLN B 85 28.55 -1.77 1.83
N LEU B 86 28.34 -1.25 3.04
CA LEU B 86 27.05 -1.35 3.72
C LEU B 86 26.02 -0.36 3.27
N PHE B 87 26.39 0.90 3.24
CA PHE B 87 25.46 1.94 2.81
C PHE B 87 25.46 2.06 1.30
N HIS B 88 24.51 2.83 0.77
CA HIS B 88 24.51 3.18 -0.65
C HIS B 88 25.39 4.40 -0.92
N PRO B 89 26.18 4.34 -1.98
CA PRO B 89 27.12 5.42 -2.25
C PRO B 89 26.35 6.70 -2.10
N GLU B 90 25.06 6.67 -2.41
CA GLU B 90 24.29 7.89 -2.32
C GLU B 90 24.08 8.41 -0.92
N GLN B 91 23.64 7.57 -0.01
CA GLN B 91 23.10 8.09 1.26
C GLN B 91 24.05 8.87 2.17
N LEU B 92 25.33 8.94 1.82
CA LEU B 92 26.33 9.70 2.60
C LEU B 92 26.72 11.02 1.95
N ILE B 93 25.39 12.39 2.46
CA ILE B 93 25.41 13.79 2.01
C ILE B 93 26.61 14.54 2.59
N THR B 94 27.26 15.32 1.74
CA THR B 94 28.41 16.12 2.11
C THR B 94 28.42 17.46 1.41
N GLY B 95 29.01 18.46 2.07
CA GLY B 95 29.11 19.78 1.50
C GLY B 95 30.57 20.18 1.55
N LYS B 96 31.35 19.69 0.58
CA LYS B 96 32.79 19.95 0.47
C LYS B 96 33.23 21.26 1.11
N GLU B 97 32.30 22.20 1.15
CA GLU B 97 32.53 23.52 1.69
C GLU B 97 33.14 23.53 3.07
N ASP B 98 32.56 24.33 3.96
CA ASP B 98 33.12 24.45 5.29
C ASP B 98 32.15 24.13 6.43
N ALA B 99 32.66 23.44 7.43
CA ALA B 99 31.87 23.06 8.59
C ALA B 99 31.52 24.27 9.47
N ALA B 100 32.55 24.84 10.11
CA ALA B 100 32.43 26.02 10.95
C ALA B 100 31.78 25.70 12.27
N ASN B 101 32.54 25.79 13.34
CA ASN B 101 31.97 25.45 14.63
C ASN B 101 31.00 26.49 15.13
N ASN B 102 30.17 26.97 14.23
CA ASN B 102 29.19 27.95 14.60
C ASN B 102 27.82 27.69 13.99
N TYR B 103 26.85 27.63 14.90
CA TYR B 103 25.46 27.43 14.60
C TYR B 103 25.08 28.18 13.32
N ALA B 104 24.86 29.48 13.46
CA ALA B 104 24.51 30.36 12.35
C ALA B 104 24.90 29.85 10.97
N ARG B 105 26.19 29.83 10.72
CA ARG B 105 26.72 29.37 9.46
C ARG B 105 26.15 28.02 9.07
N GLY B 106 26.17 27.08 10.00
CA GLY B 106 25.64 25.77 9.68
C GLY B 106 24.14 25.72 9.47
N HIS B 107 23.41 26.51 10.22
CA HIS B 107 21.95 26.54 10.09
C HIS B 107 21.60 27.38 8.88
N TYR B 108 21.81 28.69 9.00
CA TYR B 108 21.52 29.65 7.94
C TYR B 108 22.49 29.51 6.78
N THR B 109 23.27 30.57 6.53
CA THR B 109 24.26 30.62 5.46
C THR B 109 24.60 29.31 4.75
N ILE B 110 25.64 28.62 5.18
CA ILE B 110 26.01 27.41 4.48
C ILE B 110 25.02 26.26 4.60
N GLY B 111 24.92 25.67 5.78
CA GLY B 111 24.00 24.56 5.98
C GLY B 111 22.75 24.57 5.12
N LYS B 112 22.26 25.76 4.80
CA LYS B 112 21.04 25.89 3.99
C LYS B 112 21.15 25.18 2.66
N GLU B 113 22.15 25.57 1.88
CA GLU B 113 22.39 24.99 0.56
C GLU B 113 22.17 23.47 0.44
N ILE B 114 22.58 22.74 1.46
CA ILE B 114 22.48 21.29 1.45
C ILE B 114 21.11 20.72 1.84
N ILE B 115 20.49 21.33 2.84
CA ILE B 115 19.21 20.88 3.37
C ILE B 115 18.26 20.27 2.35
N ASP B 116 17.89 21.02 1.31
CA ASP B 116 17.00 20.50 0.28
C ASP B 116 17.43 19.06 0.03
N LEU B 117 18.57 18.93 -0.63
CA LEU B 117 19.17 17.67 -0.96
C LEU B 117 19.04 16.70 0.21
N VAL B 118 19.41 17.14 1.40
CA VAL B 118 19.32 16.30 2.58
C VAL B 118 17.90 15.76 2.66
N LEU B 119 16.95 16.67 2.83
CA LEU B 119 15.55 16.31 2.90
C LEU B 119 15.21 15.27 1.86
N ASP B 120 15.47 15.61 0.60
CA ASP B 120 15.19 14.71 -0.51
C ASP B 120 15.40 13.25 -0.16
N ARG B 121 16.49 12.93 0.53
CA ARG B 121 16.73 11.53 0.90
C ARG B 121 15.76 11.06 1.97
N ILE B 122 15.50 11.91 2.95
CA ILE B 122 14.59 11.53 4.03
C ILE B 122 13.15 11.62 3.57
N ARG B 123 12.97 11.80 2.27
CA ARG B 123 11.66 11.87 1.62
C ARG B 123 11.67 10.78 0.53
N LYS B 124 12.87 10.42 0.11
CA LYS B 124 13.08 9.39 -0.90
C LYS B 124 13.22 8.07 -0.17
N LEU B 125 13.79 8.11 1.04
CA LEU B 125 14.00 6.93 1.87
C LEU B 125 12.74 6.72 2.72
N ALA B 126 11.98 7.80 2.91
CA ALA B 126 10.76 7.76 3.70
C ALA B 126 9.58 7.21 2.90
N ASP B 127 9.73 7.25 1.58
CA ASP B 127 8.69 6.79 0.67
C ASP B 127 8.82 5.30 0.45
N GLN B 128 10.01 4.88 0.01
CA GLN B 128 10.31 3.49 -0.26
C GLN B 128 9.77 2.48 0.74
N CYS B 129 9.77 2.86 2.02
CA CYS B 129 9.30 1.98 3.11
C CYS B 129 7.80 1.63 3.13
N THR B 130 7.33 1.12 4.27
CA THR B 130 5.93 0.74 4.47
C THR B 130 5.46 1.26 5.83
N GLY B 131 4.58 2.26 5.82
CA GLY B 131 4.09 2.82 7.06
C GLY B 131 5.18 2.91 8.12
N LEU B 132 5.94 3.99 8.09
CA LEU B 132 7.03 4.20 9.05
C LEU B 132 6.51 4.80 10.36
N GLN B 133 7.42 5.05 11.30
CA GLN B 133 7.03 5.59 12.59
C GLN B 133 7.77 6.90 12.92
N GLY B 134 8.93 7.10 12.30
CA GLY B 134 9.68 8.30 12.56
C GLY B 134 11.15 8.24 12.18
N PHE B 135 11.88 9.29 12.54
CA PHE B 135 13.31 9.40 12.23
C PHE B 135 14.19 9.56 13.47
N SER B 136 15.01 8.56 13.75
CA SER B 136 15.91 8.66 14.88
C SER B 136 17.05 9.54 14.38
N VAL B 137 17.10 10.77 14.86
CA VAL B 137 18.11 11.75 14.48
C VAL B 137 19.36 11.68 15.38
N PHE B 138 20.56 11.74 14.82
CA PHE B 138 21.77 11.68 15.64
C PHE B 138 22.65 12.90 15.46
N HIS B 139 22.66 13.79 16.46
CA HIS B 139 23.47 15.01 16.36
C HIS B 139 24.22 15.32 17.65
N SER B 140 25.21 16.20 17.53
CA SER B 140 26.04 16.60 18.67
C SER B 140 25.89 18.03 19.15
N PHE B 141 24.71 18.33 19.67
CA PHE B 141 24.39 19.64 20.22
C PHE B 141 25.35 20.79 19.97
N GLY B 142 26.55 20.72 20.55
CA GLY B 142 27.50 21.81 20.40
C GLY B 142 28.49 21.77 19.24
N GLY B 143 27.97 21.74 18.02
CA GLY B 143 28.84 21.71 16.87
C GLY B 143 28.35 22.72 15.86
N GLY B 144 28.86 22.66 14.65
CA GLY B 144 28.42 23.58 13.62
C GLY B 144 27.39 22.86 12.76
N THR B 145 27.81 21.75 12.17
CA THR B 145 26.93 20.96 11.33
C THR B 145 25.94 20.21 12.19
N GLY B 146 26.29 19.97 13.43
CA GLY B 146 25.39 19.23 14.30
C GLY B 146 24.29 20.03 14.99
N SER B 147 24.63 21.23 15.41
CA SER B 147 23.67 22.09 16.09
C SER B 147 22.83 22.78 15.03
N GLY B 148 23.46 23.70 14.31
CA GLY B 148 22.79 24.47 13.28
C GLY B 148 21.99 23.62 12.33
N PHE B 149 22.65 23.09 11.31
CA PHE B 149 21.98 22.26 10.31
C PHE B 149 20.73 21.55 10.82
N THR B 150 20.92 20.50 11.61
CA THR B 150 19.80 19.74 12.15
C THR B 150 18.70 20.68 12.52
N SER B 151 19.05 21.68 13.30
CA SER B 151 18.07 22.65 13.74
C SER B 151 17.03 22.85 12.65
N LEU B 152 17.48 23.10 11.43
CA LEU B 152 16.51 23.28 10.36
C LEU B 152 16.08 21.97 9.69
N LEU B 153 16.85 20.91 9.89
CA LEU B 153 16.49 19.61 9.32
C LEU B 153 15.27 19.13 10.09
N MET B 154 15.40 19.04 11.40
CA MET B 154 14.29 18.62 12.25
C MET B 154 13.20 19.63 12.01
N GLU B 155 13.61 20.86 11.76
CA GLU B 155 12.69 21.96 11.54
C GLU B 155 11.83 21.62 10.35
N ARG B 156 12.46 21.39 9.20
CA ARG B 156 11.73 21.04 7.98
C ARG B 156 10.96 19.70 8.05
N LEU B 157 11.26 18.87 9.05
CA LEU B 157 10.58 17.58 9.25
C LEU B 157 9.26 17.77 9.97
N SER B 158 9.30 18.46 11.10
CA SER B 158 8.12 18.72 11.89
C SER B 158 6.97 19.26 11.05
N VAL B 159 7.30 19.77 9.87
CA VAL B 159 6.26 20.32 9.00
C VAL B 159 5.89 19.34 7.89
N ASP B 160 6.89 18.63 7.39
CA ASP B 160 6.65 17.68 6.32
C ASP B 160 6.09 16.35 6.79
N TYR B 161 6.24 16.06 8.08
CA TYR B 161 5.70 14.82 8.63
C TYR B 161 5.27 15.05 10.07
N GLY B 162 4.59 16.15 10.35
CA GLY B 162 4.17 16.39 11.72
C GLY B 162 3.54 15.15 12.33
N LYS B 163 2.98 14.31 11.45
CA LYS B 163 2.30 13.09 11.82
C LYS B 163 3.19 11.89 12.09
N LYS B 164 4.28 12.09 12.82
CA LYS B 164 5.19 10.99 13.14
C LYS B 164 5.99 11.25 14.40
N SER B 165 6.99 10.42 14.64
CA SER B 165 7.84 10.56 15.79
C SER B 165 9.16 11.20 15.41
N LYS B 166 9.60 12.12 16.26
CA LYS B 166 10.85 12.82 16.07
C LYS B 166 11.69 12.69 17.34
N LEU B 167 12.33 11.54 17.48
CA LEU B 167 13.16 11.30 18.63
C LEU B 167 14.59 11.60 18.21
N GLU B 168 15.14 12.67 18.76
CA GLU B 168 16.50 13.02 18.42
C GLU B 168 17.44 12.61 19.52
N PHE B 169 18.42 11.81 19.15
CA PHE B 169 19.41 11.32 20.08
C PHE B 169 20.63 12.23 20.11
N SER B 170 20.70 13.08 21.13
CA SER B 170 21.80 14.04 21.25
C SER B 170 22.94 13.68 22.21
N ILE B 171 24.07 14.37 22.03
CA ILE B 171 25.27 14.21 22.84
C ILE B 171 25.56 15.61 23.29
N TYR B 172 24.82 16.06 24.29
CA TYR B 172 24.93 17.41 24.79
C TYR B 172 26.20 17.66 25.61
N PRO B 173 26.78 18.88 25.48
CA PRO B 173 27.97 19.49 26.07
C PRO B 173 28.48 18.96 27.40
N ALA B 174 29.73 18.48 27.40
CA ALA B 174 30.35 17.96 28.62
C ALA B 174 30.30 19.08 29.64
N PRO B 175 29.81 18.80 30.84
CA PRO B 175 29.68 19.75 31.94
C PRO B 175 30.89 20.64 32.28
N GLN B 176 32.10 20.16 32.02
CA GLN B 176 33.30 20.93 32.31
C GLN B 176 34.36 20.69 31.26
N VAL B 177 34.21 19.56 30.58
CA VAL B 177 35.15 19.17 29.55
C VAL B 177 34.58 19.39 28.16
N SER B 178 34.22 20.63 27.85
CA SER B 178 33.68 20.92 26.54
C SER B 178 34.88 21.01 25.61
N THR B 179 34.61 21.17 24.32
CA THR B 179 35.69 21.26 23.36
C THR B 179 35.68 22.65 22.72
N ALA B 180 34.76 22.85 21.79
CA ALA B 180 34.62 24.13 21.11
C ALA B 180 34.62 25.23 22.15
N VAL B 181 35.11 26.39 21.76
CA VAL B 181 35.16 27.52 22.67
C VAL B 181 33.80 28.13 22.83
N VAL B 182 33.01 28.02 21.78
CA VAL B 182 31.66 28.57 21.75
C VAL B 182 30.56 27.63 22.19
N GLU B 183 30.78 26.31 22.05
CA GLU B 183 29.82 25.26 22.42
C GLU B 183 28.44 25.73 22.86
N PRO B 184 28.33 26.48 23.98
CA PRO B 184 27.01 26.95 24.41
C PRO B 184 26.24 27.73 23.35
N TYR B 185 26.91 28.64 22.66
CA TYR B 185 26.24 29.38 21.61
C TYR B 185 25.55 28.37 20.72
N ASN B 186 26.30 27.36 20.32
CA ASN B 186 25.77 26.31 19.44
C ASN B 186 24.74 25.39 20.05
N SER B 187 24.69 25.31 21.38
CA SER B 187 23.75 24.39 22.04
C SER B 187 22.55 25.07 22.64
N ILE B 188 22.60 26.37 22.81
CA ILE B 188 21.43 27.04 23.34
C ILE B 188 20.59 27.30 22.10
N LEU B 189 21.27 27.23 20.95
CA LEU B 189 20.62 27.48 19.67
C LEU B 189 20.05 26.26 19.00
N THR B 190 20.59 25.09 19.30
CA THR B 190 20.03 23.88 18.71
C THR B 190 18.86 23.41 19.56
N THR B 191 18.84 23.85 20.81
CA THR B 191 17.78 23.47 21.72
C THR B 191 16.50 24.24 21.43
N HIS B 192 16.63 25.56 21.26
CA HIS B 192 15.48 26.42 21.03
C HIS B 192 14.81 26.25 19.69
N THR B 193 15.61 25.89 18.70
CA THR B 193 15.10 25.69 17.35
C THR B 193 14.52 24.30 17.15
N THR B 194 15.04 23.33 17.90
CA THR B 194 14.56 21.96 17.77
C THR B 194 13.43 21.68 18.76
N LEU B 195 13.45 22.39 19.88
CA LEU B 195 12.46 22.22 20.95
C LEU B 195 11.03 22.11 20.49
N GLU B 196 10.65 22.99 19.58
CA GLU B 196 9.30 23.04 19.06
C GLU B 196 9.15 22.13 17.84
N HIS B 197 10.01 21.11 17.76
CA HIS B 197 9.98 20.18 16.64
C HIS B 197 10.22 18.70 16.94
N SER B 198 10.89 18.42 18.05
CA SER B 198 11.16 17.03 18.42
C SER B 198 10.03 16.41 19.22
N ASP B 199 10.06 15.10 19.29
CA ASP B 199 9.06 14.34 20.01
C ASP B 199 9.62 13.97 21.38
N CYS B 200 10.82 13.39 21.34
CA CYS B 200 11.53 12.97 22.54
C CYS B 200 13.01 13.08 22.19
N ALA B 201 13.75 13.83 23.00
CA ALA B 201 15.16 13.99 22.74
C ALA B 201 15.98 13.21 23.76
N PHE B 202 16.64 12.15 23.31
CA PHE B 202 17.47 11.36 24.20
C PHE B 202 18.79 12.10 24.39
N MET B 203 19.36 11.98 25.59
CA MET B 203 20.59 12.66 25.86
C MET B 203 21.63 11.76 26.48
N VAL B 204 22.85 11.86 25.95
CA VAL B 204 23.99 11.07 26.41
C VAL B 204 25.17 12.06 26.54
N ASP B 205 25.59 12.26 27.78
CA ASP B 205 26.67 13.20 28.09
C ASP B 205 28.03 12.60 27.84
N ASN B 206 28.78 13.22 26.93
CA ASN B 206 30.12 12.74 26.59
C ASN B 206 31.03 12.52 27.80
N GLU B 207 31.14 13.50 28.69
CA GLU B 207 31.99 13.35 29.88
C GLU B 207 31.50 12.29 30.84
N ALA B 208 30.26 12.44 31.30
CA ALA B 208 29.67 11.49 32.23
C ALA B 208 29.71 10.05 31.73
N ILE B 209 30.17 9.85 30.49
CA ILE B 209 30.30 8.52 29.93
C ILE B 209 31.74 8.08 30.20
N TYR B 210 32.64 9.05 30.25
CA TYR B 210 34.03 8.75 30.52
C TYR B 210 34.13 8.16 31.91
N ASP B 211 33.42 8.77 32.85
CA ASP B 211 33.44 8.28 34.21
C ASP B 211 33.16 6.81 34.14
N ILE B 212 32.12 6.44 33.43
CA ILE B 212 31.77 5.04 33.31
C ILE B 212 32.94 4.23 32.77
N CYS B 213 33.76 4.84 31.92
CA CYS B 213 34.91 4.15 31.34
C CYS B 213 36.09 4.08 32.30
N ARG B 214 36.05 4.96 33.29
CA ARG B 214 37.10 5.01 34.29
C ARG B 214 36.66 4.17 35.50
N ARG B 215 35.47 4.46 36.00
CA ARG B 215 34.91 3.80 37.17
C ARG B 215 34.21 2.47 36.98
N ASN B 216 33.56 2.27 35.84
CA ASN B 216 32.85 1.03 35.61
C ASN B 216 33.35 0.22 34.44
N LEU B 217 34.66 0.11 34.30
CA LEU B 217 35.19 -0.63 33.17
C LEU B 217 36.71 -0.50 33.23
N ASP B 218 37.15 0.56 33.89
CA ASP B 218 38.57 0.83 34.09
C ASP B 218 39.37 0.91 32.79
N ILE B 219 39.70 2.14 32.39
CA ILE B 219 40.50 2.42 31.21
C ILE B 219 40.67 3.92 31.07
N GLU B 220 41.91 4.40 31.11
CA GLU B 220 42.16 5.83 30.97
C GLU B 220 42.49 6.07 29.50
N ARG B 221 42.29 5.04 28.71
CA ARG B 221 42.53 5.04 27.27
C ARG B 221 41.19 4.91 26.51
N PRO B 222 40.23 5.81 26.79
CA PRO B 222 38.97 5.68 26.07
C PRO B 222 38.97 6.50 24.78
N THR B 223 39.03 5.82 23.65
CA THR B 223 39.01 6.50 22.37
C THR B 223 37.57 6.87 22.10
N TYR B 224 37.35 7.90 21.30
CA TYR B 224 36.00 8.32 20.95
C TYR B 224 35.31 7.05 20.48
N THR B 225 36.06 6.23 19.75
CA THR B 225 35.54 4.98 19.23
C THR B 225 34.91 4.10 20.31
N ASN B 226 35.08 4.46 21.57
CA ASN B 226 34.50 3.67 22.63
C ASN B 226 33.18 4.25 23.05
N LEU B 227 33.18 5.52 23.44
CA LEU B 227 31.96 6.18 23.85
C LEU B 227 30.93 5.82 22.81
N ASN B 228 31.36 5.76 21.57
CA ASN B 228 30.46 5.43 20.49
C ASN B 228 29.92 4.01 20.61
N ARG B 229 30.78 3.09 21.04
CA ARG B 229 30.39 1.69 21.21
C ARG B 229 29.35 1.61 22.30
N LEU B 230 29.48 2.52 23.24
CA LEU B 230 28.56 2.56 24.35
C LEU B 230 27.22 3.07 23.90
N ILE B 231 27.13 4.32 23.49
CA ILE B 231 25.84 4.81 23.04
C ILE B 231 25.40 3.79 22.00
N GLY B 232 26.39 3.33 21.23
CA GLY B 232 26.16 2.34 20.19
C GLY B 232 25.45 1.15 20.79
N GLN B 233 25.46 1.06 22.12
CA GLN B 233 24.80 -0.02 22.84
C GLN B 233 23.44 0.44 23.31
N ILE B 234 23.44 1.45 24.17
CA ILE B 234 22.20 2.00 24.70
C ILE B 234 21.20 2.25 23.58
N VAL B 235 21.70 2.68 22.43
CA VAL B 235 20.83 2.93 21.28
C VAL B 235 20.28 1.65 20.73
N SER B 236 21.10 0.61 20.72
CA SER B 236 20.66 -0.68 20.19
C SER B 236 19.48 -1.18 20.97
N SER B 237 19.40 -0.77 22.22
CA SER B 237 18.33 -1.15 23.12
C SER B 237 17.04 -0.39 22.82
N ILE B 238 17.20 0.79 22.24
CA ILE B 238 16.08 1.61 21.89
C ILE B 238 15.42 0.98 20.67
N THR B 239 15.89 1.34 19.49
CA THR B 239 15.33 0.85 18.24
C THR B 239 15.56 -0.64 18.02
N ALA B 240 16.71 -0.97 17.45
CA ALA B 240 17.06 -2.35 17.15
C ALA B 240 16.13 -3.40 17.78
N SER B 241 16.49 -3.82 18.99
CA SER B 241 15.78 -4.83 19.75
C SER B 241 14.32 -4.56 20.06
N LEU B 242 13.97 -3.31 20.32
CA LEU B 242 12.59 -2.99 20.65
C LEU B 242 11.67 -3.18 19.45
N ARG B 243 12.07 -2.65 18.31
CA ARG B 243 11.30 -2.80 17.08
C ARG B 243 11.30 -4.28 16.74
N PHE B 244 12.02 -5.04 17.58
CA PHE B 244 12.18 -6.48 17.47
C PHE B 244 11.23 -7.14 18.49
N ASP B 245 10.48 -8.15 18.02
CA ASP B 245 9.52 -8.90 18.84
C ASP B 245 10.02 -9.18 20.25
N GLY B 246 9.09 -9.42 21.17
CA GLY B 246 9.49 -9.68 22.54
C GLY B 246 8.30 -9.95 23.42
N ALA B 247 8.54 -10.15 24.72
CA ALA B 247 7.46 -10.45 25.67
C ALA B 247 6.72 -9.22 26.15
N LEU B 248 7.21 -8.04 25.80
CA LEU B 248 6.56 -6.77 26.20
C LEU B 248 6.88 -5.59 25.29
N ASN B 249 6.85 -5.83 23.98
CA ASN B 249 7.14 -4.81 22.97
C ASN B 249 6.81 -3.38 23.35
N VAL B 250 7.60 -2.46 22.81
CA VAL B 250 7.45 -1.04 23.04
C VAL B 250 7.77 -0.27 21.75
N ASP B 251 6.74 0.24 21.11
CA ASP B 251 6.84 0.99 19.86
C ASP B 251 7.54 2.36 20.10
N LEU B 252 7.98 3.02 19.04
CA LEU B 252 8.63 4.31 19.21
C LEU B 252 7.63 5.27 19.79
N THR B 253 6.45 5.32 19.20
CA THR B 253 5.42 6.21 19.70
C THR B 253 5.41 5.98 21.21
N GLU B 254 5.20 4.72 21.60
CA GLU B 254 5.17 4.32 23.01
C GLU B 254 6.02 5.26 23.86
N PHE B 255 7.26 5.42 23.47
CA PHE B 255 8.17 6.29 24.20
C PHE B 255 7.52 7.61 24.48
N GLN B 256 7.67 8.53 23.53
CA GLN B 256 7.12 9.85 23.68
C GLN B 256 5.84 9.86 24.50
N THR B 257 4.96 8.88 24.29
CA THR B 257 3.72 8.82 25.06
C THR B 257 4.02 8.56 26.52
N ASN B 258 4.62 7.41 26.80
CA ASN B 258 4.93 7.03 28.17
C ASN B 258 6.13 7.81 28.75
N LEU B 259 6.79 8.58 27.89
CA LEU B 259 7.98 9.35 28.32
C LEU B 259 7.95 10.88 28.41
N VAL B 260 7.05 11.53 27.67
CA VAL B 260 7.01 12.98 27.78
C VAL B 260 5.71 13.43 28.42
N PRO B 261 5.80 14.17 29.51
CA PRO B 261 4.59 14.63 30.17
C PRO B 261 4.14 15.88 29.50
N TYR B 262 5.08 16.60 28.87
CA TYR B 262 4.72 17.85 28.22
C TYR B 262 5.43 18.19 26.91
N PRO B 263 4.67 18.76 25.96
CA PRO B 263 5.10 19.14 24.62
C PRO B 263 6.55 19.58 24.43
N ARG B 264 7.17 20.17 25.45
CA ARG B 264 8.57 20.53 25.26
C ARG B 264 9.19 19.21 24.84
N GLY B 265 9.90 19.21 23.70
CA GLY B 265 10.53 17.99 23.17
C GLY B 265 11.34 17.24 24.19
N HIS B 266 10.87 17.33 25.43
CA HIS B 266 11.49 16.74 26.60
C HIS B 266 12.59 15.75 26.33
N PHE B 267 13.63 15.92 27.13
CA PHE B 267 14.83 15.16 27.01
C PHE B 267 15.12 14.16 28.10
N PRO B 268 14.83 12.88 27.86
CA PRO B 268 15.15 11.93 28.92
C PRO B 268 16.66 11.63 28.86
N LEU B 269 17.15 10.79 29.77
CA LEU B 269 18.57 10.43 29.82
C LEU B 269 18.75 8.94 29.56
N ALA B 270 19.81 8.55 28.87
CA ALA B 270 20.03 7.13 28.61
C ALA B 270 20.93 6.52 29.66
N THR B 271 20.62 5.28 30.04
CA THR B 271 21.40 4.58 31.07
C THR B 271 21.47 3.11 30.70
N TYR B 272 22.58 2.46 31.01
CA TYR B 272 22.66 1.05 30.69
C TYR B 272 23.04 0.32 31.96
N ALA B 273 22.66 -0.95 32.11
CA ALA B 273 23.01 -1.61 33.35
C ALA B 273 24.30 -2.44 33.38
N PRO B 274 24.32 -3.60 32.71
CA PRO B 274 25.57 -4.37 32.78
C PRO B 274 26.71 -3.72 32.03
N VAL B 275 27.77 -2.16 32.93
CA VAL B 275 28.86 -1.79 32.07
C VAL B 275 30.03 -2.37 32.77
N ILE B 276 30.46 -3.54 32.30
CA ILE B 276 31.61 -4.20 32.88
C ILE B 276 32.60 -4.74 31.85
N SER B 277 33.88 -4.49 32.12
CA SER B 277 34.97 -4.69 31.17
C SER B 277 35.30 -6.14 30.88
N ALA B 278 35.59 -6.46 29.62
CA ALA B 278 36.03 -7.81 29.25
C ALA B 278 37.34 -8.03 29.96
N GLU B 279 37.65 -9.26 30.29
CA GLU B 279 38.70 -9.51 31.27
C GLU B 279 38.02 -9.70 32.62
N LYS B 280 36.92 -8.99 32.83
CA LYS B 280 36.03 -9.33 33.92
C LYS B 280 35.14 -10.44 33.40
N ALA B 281 35.14 -10.59 32.08
CA ALA B 281 34.18 -11.40 31.34
C ALA B 281 33.75 -12.74 31.95
N TYR B 282 34.58 -13.29 32.82
CA TYR B 282 34.29 -14.60 33.42
C TYR B 282 33.53 -14.52 34.74
N HIS B 283 33.74 -13.45 35.50
CA HIS B 283 33.13 -13.31 36.83
C HIS B 283 31.65 -13.71 36.83
N GLU B 284 31.16 -14.32 37.93
CA GLU B 284 29.74 -14.73 38.04
C GLU B 284 28.85 -13.53 37.68
N GLN B 285 27.84 -13.74 36.84
CA GLN B 285 27.01 -12.64 36.31
C GLN B 285 26.21 -11.89 37.41
N LEU B 286 25.68 -10.71 37.11
CA LEU B 286 24.90 -9.96 38.10
C LEU B 286 23.41 -10.32 38.07
N SER B 287 22.80 -10.22 39.25
CA SER B 287 21.41 -10.57 39.47
C SER B 287 20.47 -9.52 38.90
N VAL B 288 19.26 -9.98 38.58
CA VAL B 288 18.20 -9.12 38.05
C VAL B 288 17.99 -7.94 38.98
N ALA B 289 18.23 -8.17 40.27
CA ALA B 289 18.04 -7.14 41.29
C ALA B 289 19.14 -6.09 41.27
N GLU B 290 20.37 -6.54 41.06
CA GLU B 290 21.55 -5.67 41.06
C GLU B 290 21.53 -4.67 39.93
N ILE B 291 21.26 -5.18 38.72
CA ILE B 291 21.23 -4.34 37.53
C ILE B 291 20.12 -3.35 37.67
N THR B 292 18.95 -3.84 38.05
CA THR B 292 17.84 -2.97 38.37
C THR B 292 18.30 -1.85 39.29
N ASN B 293 19.05 -2.21 40.33
CA ASN B 293 19.49 -1.22 41.30
C ASN B 293 20.55 -0.26 40.79
N ALA B 294 21.46 -0.81 40.02
CA ALA B 294 22.45 -0.02 39.32
C ALA B 294 21.83 1.11 38.54
N CYS B 295 20.53 1.02 38.27
CA CYS B 295 19.84 2.00 37.42
C CYS B 295 19.51 3.23 38.22
N PHE B 296 19.55 3.08 39.53
CA PHE B 296 19.23 4.21 40.35
C PHE B 296 20.47 4.84 40.96
N GLU B 297 21.61 4.51 40.39
CA GLU B 297 22.84 5.11 40.80
C GLU B 297 23.27 6.23 39.85
N PRO B 298 23.34 7.45 40.36
CA PRO B 298 23.78 8.59 39.57
C PRO B 298 25.17 8.39 38.96
N ALA B 299 26.18 6.99 39.19
CA ALA B 299 27.45 6.75 38.53
C ALA B 299 27.31 5.75 37.41
N ASN B 300 26.28 5.87 36.60
CA ASN B 300 26.14 4.90 35.52
C ASN B 300 25.08 5.35 34.55
N GLN B 301 25.01 6.64 34.30
CA GLN B 301 23.96 7.11 33.44
C GLN B 301 24.24 7.92 32.19
N MET B 302 25.45 7.84 31.69
CA MET B 302 25.76 8.57 30.47
C MET B 302 25.23 9.99 30.50
N VAL B 303 25.36 10.67 31.62
CA VAL B 303 24.92 12.06 31.76
C VAL B 303 25.28 12.64 33.12
N LYS B 304 26.00 13.75 33.09
CA LYS B 304 26.47 14.43 34.30
C LYS B 304 25.31 15.20 34.93
N CYS B 305 24.19 14.52 35.08
CA CYS B 305 23.01 15.14 35.67
C CYS B 305 22.62 14.37 36.91
N ASP B 306 23.62 13.89 37.64
CA ASP B 306 23.45 13.15 38.88
C ASP B 306 22.11 13.58 39.51
N PRO B 307 21.22 12.60 39.85
CA PRO B 307 19.93 12.96 40.45
C PRO B 307 20.09 13.76 41.74
N ARG B 308 20.75 14.91 41.58
CA ARG B 308 21.05 15.86 42.63
C ARG B 308 19.80 16.37 43.33
N HIS B 309 18.64 16.05 42.74
CA HIS B 309 17.35 16.46 43.29
C HIS B 309 16.26 16.14 42.28
N GLY B 310 16.65 16.13 41.02
CA GLY B 310 15.72 15.84 39.94
C GLY B 310 14.87 14.60 40.16
N LYS B 311 13.59 14.83 40.38
CA LYS B 311 12.65 13.74 40.59
C LYS B 311 12.33 13.13 39.26
N TYR B 312 12.43 11.81 39.17
CA TYR B 312 12.09 11.15 37.93
C TYR B 312 10.62 11.45 37.73
N MET B 313 10.14 11.36 36.49
CA MET B 313 8.75 11.60 36.22
C MET B 313 8.24 10.59 35.21
N ALA B 314 9.10 9.65 34.85
CA ALA B 314 8.76 8.62 33.90
C ALA B 314 10.02 7.92 33.41
N CYS B 315 10.06 6.61 33.57
CA CYS B 315 11.21 5.84 33.15
C CYS B 315 10.72 4.69 32.28
N CYS B 316 11.49 4.38 31.24
CA CYS B 316 11.14 3.32 30.32
C CYS B 316 12.17 2.24 30.44
N LEU B 317 11.98 1.34 31.38
CA LEU B 317 12.95 0.29 31.58
C LEU B 317 12.94 -0.76 30.51
N LEU B 318 13.82 -0.59 29.52
CA LEU B 318 13.91 -1.57 28.45
C LEU B 318 14.90 -2.66 28.84
N TYR B 319 14.37 -3.86 29.00
CA TYR B 319 15.18 -5.01 29.36
C TYR B 319 15.34 -5.85 28.12
N ARG B 320 16.35 -6.69 28.11
CA ARG B 320 16.62 -7.55 26.97
C ARG B 320 17.36 -8.77 27.51
N GLY B 321 17.08 -9.94 26.95
CA GLY B 321 17.74 -11.14 27.41
C GLY B 321 16.80 -11.97 28.26
N ASP B 322 17.35 -12.86 29.08
CA ASP B 322 16.51 -13.72 29.92
C ASP B 322 16.00 -13.02 31.17
N VAL B 323 14.75 -12.56 31.10
CA VAL B 323 14.11 -11.85 32.19
C VAL B 323 12.65 -12.28 32.45
N VAL B 324 12.38 -12.69 33.68
CA VAL B 324 11.04 -13.11 34.09
C VAL B 324 10.25 -11.90 34.52
N PRO B 325 9.14 -11.63 33.84
CA PRO B 325 8.27 -10.50 34.13
C PRO B 325 8.00 -10.25 35.61
N LYS B 326 8.00 -11.30 36.42
CA LYS B 326 7.77 -11.14 37.85
C LYS B 326 9.03 -10.55 38.43
N ASP B 327 10.18 -11.05 37.98
CA ASP B 327 11.45 -10.56 38.44
C ASP B 327 11.44 -9.05 38.32
N VAL B 328 10.90 -8.56 37.22
CA VAL B 328 10.81 -7.13 36.97
C VAL B 328 9.70 -6.54 37.82
N ASN B 329 8.50 -7.08 37.65
CA ASN B 329 7.32 -6.63 38.39
C ASN B 329 7.54 -7.05 39.85
N ALA B 330 8.70 -6.68 40.37
CA ALA B 330 9.13 -6.96 41.74
C ALA B 330 10.38 -6.14 42.00
N ALA B 331 11.34 -6.27 41.09
CA ALA B 331 12.58 -5.54 41.19
C ALA B 331 12.24 -4.06 41.11
N ILE B 332 11.19 -3.75 40.35
CA ILE B 332 10.73 -2.39 40.20
C ILE B 332 9.90 -2.01 41.42
N ALA B 333 9.13 -2.97 41.93
CA ALA B 333 8.31 -2.75 43.11
C ALA B 333 9.20 -2.34 44.25
N THR B 334 10.27 -3.10 44.45
CA THR B 334 11.23 -2.80 45.50
C THR B 334 11.70 -1.35 45.37
N ILE B 335 11.97 -0.94 44.13
CA ILE B 335 12.42 0.41 43.85
C ILE B 335 11.32 1.41 44.20
N LYS B 336 10.14 1.24 43.63
CA LYS B 336 9.03 2.15 43.88
C LYS B 336 8.90 2.50 45.36
N THR B 337 9.51 1.69 46.22
CA THR B 337 9.41 1.93 47.65
C THR B 337 10.74 2.20 48.35
N LYS B 338 11.69 2.78 47.61
CA LYS B 338 12.99 3.12 48.16
C LYS B 338 12.96 4.58 48.59
N ARG B 339 11.91 5.27 48.13
CA ARG B 339 11.65 6.68 48.43
C ARG B 339 12.80 7.65 48.17
N THR B 340 14.01 7.26 48.53
CA THR B 340 15.17 8.11 48.31
C THR B 340 15.33 8.28 46.80
N ILE B 341 14.43 7.64 46.06
CA ILE B 341 14.42 7.69 44.59
C ILE B 341 13.23 8.55 44.14
N GLN B 342 12.65 9.25 45.10
CA GLN B 342 11.51 10.15 44.92
C GLN B 342 11.07 10.47 43.47
N PHE B 343 9.88 9.98 43.10
CA PHE B 343 9.29 10.22 41.79
C PHE B 343 8.37 11.42 41.91
N VAL B 344 8.04 12.05 40.79
CA VAL B 344 7.18 13.20 40.88
C VAL B 344 5.89 12.89 41.61
N ASP B 345 5.20 13.95 42.01
CA ASP B 345 3.93 13.84 42.73
C ASP B 345 2.83 13.40 41.79
N TRP B 346 2.50 14.30 40.88
CA TRP B 346 1.44 14.08 39.91
C TRP B 346 1.63 12.80 39.11
N CYS B 347 2.54 11.96 39.55
CA CYS B 347 2.76 10.74 38.84
C CYS B 347 2.74 9.55 39.78
N PRO B 348 1.65 8.78 39.74
CA PRO B 348 1.49 7.59 40.58
C PRO B 348 2.56 6.60 40.24
N THR B 349 2.40 6.06 39.05
CA THR B 349 3.32 5.06 38.49
C THR B 349 3.86 5.57 37.15
N GLY B 350 5.16 5.62 37.08
CA GLY B 350 5.89 6.05 35.88
C GLY B 350 7.03 5.08 35.58
N PHE B 351 6.62 3.87 35.22
CA PHE B 351 7.54 2.79 34.91
C PHE B 351 7.05 1.93 33.76
N LYS B 352 7.54 2.26 32.58
CA LYS B 352 7.22 1.53 31.36
C LYS B 352 8.22 0.38 31.21
N VAL B 353 7.75 -0.80 31.53
CA VAL B 353 8.56 -2.02 31.47
C VAL B 353 8.53 -2.62 30.07
N GLY B 354 9.67 -2.49 29.42
CA GLY B 354 9.89 -3.01 28.06
C GLY B 354 10.81 -4.24 28.12
N ILE B 355 10.23 -5.36 27.74
CA ILE B 355 10.95 -6.64 27.75
C ILE B 355 11.13 -7.18 26.33
N ASN B 356 12.38 -7.44 26.04
CA ASN B 356 12.80 -8.02 24.76
C ASN B 356 13.35 -9.41 25.07
N TYR B 357 13.60 -10.18 24.03
CA TYR B 357 14.10 -11.55 24.22
C TYR B 357 15.62 -11.63 24.08
N GLU B 358 16.06 -11.56 22.83
CA GLU B 358 17.49 -11.66 22.49
C GLU B 358 18.36 -10.83 23.44
N PRO B 359 19.31 -11.45 24.16
CA PRO B 359 20.19 -10.74 25.06
C PRO B 359 21.01 -9.72 24.29
N PRO B 360 21.78 -8.84 24.95
CA PRO B 360 22.60 -7.83 24.25
C PRO B 360 23.61 -8.51 23.33
N THR B 361 24.41 -7.71 22.63
CA THR B 361 25.42 -8.25 21.74
C THR B 361 26.63 -7.34 21.74
N VAL B 362 27.62 -7.75 22.49
CA VAL B 362 28.86 -7.01 22.66
C VAL B 362 29.86 -7.21 21.54
N VAL B 363 30.60 -6.15 21.24
CA VAL B 363 31.63 -6.18 20.23
C VAL B 363 32.51 -7.39 20.54
N PRO B 364 32.88 -8.16 19.52
CA PRO B 364 33.72 -9.37 19.64
C PRO B 364 34.86 -9.23 20.64
N GLY B 365 35.54 -8.09 20.61
CA GLY B 365 36.66 -7.89 21.49
C GLY B 365 36.97 -6.46 21.86
N GLY B 366 35.94 -5.68 22.17
CA GLY B 366 36.16 -4.31 22.57
C GLY B 366 36.58 -4.29 24.03
N ASP B 367 35.63 -3.98 24.91
CA ASP B 367 35.88 -3.96 26.35
C ASP B 367 34.58 -4.10 27.13
N LEU B 368 33.50 -4.40 26.43
CA LEU B 368 32.19 -4.58 27.06
C LEU B 368 32.07 -6.02 27.54
N ALA B 369 31.75 -6.19 28.81
CA ALA B 369 31.60 -7.50 29.44
C ALA B 369 31.03 -8.59 28.53
N LYS B 370 29.70 -8.53 28.36
CA LYS B 370 28.90 -9.46 27.56
C LYS B 370 28.11 -10.36 28.51
N VAL B 371 27.01 -9.79 29.00
CA VAL B 371 26.13 -10.45 29.94
C VAL B 371 24.98 -11.10 29.14
N GLN B 372 24.06 -11.73 29.85
CA GLN B 372 22.90 -12.35 29.22
C GLN B 372 21.63 -11.66 29.67
N ARG B 373 21.72 -10.34 29.78
CA ARG B 373 20.59 -9.52 30.18
C ARG B 373 21.11 -8.13 30.54
N ALA B 374 20.34 -7.11 30.17
CA ALA B 374 20.73 -5.72 30.42
C ALA B 374 19.51 -4.85 30.58
N VAL B 375 19.73 -3.65 31.12
CA VAL B 375 18.66 -2.67 31.36
C VAL B 375 19.03 -1.29 30.85
N CYS B 376 18.48 -0.93 29.70
CA CYS B 376 18.70 0.38 29.09
C CYS B 376 17.52 1.23 29.50
N MET B 377 17.62 1.83 30.67
CA MET B 377 16.57 2.64 31.19
C MET B 377 16.84 4.08 30.87
N LEU B 378 15.83 4.74 30.32
CA LEU B 378 15.93 6.14 29.98
C LEU B 378 14.81 6.81 30.72
N SER B 379 14.93 8.11 30.93
CA SER B 379 13.90 8.81 31.70
C SER B 379 13.99 10.32 31.68
N ASN B 380 12.89 10.94 32.07
CA ASN B 380 12.81 12.39 32.18
C ASN B 380 12.99 12.61 33.67
N THR B 381 13.98 13.42 34.02
CA THR B 381 14.26 13.70 35.42
C THR B 381 14.34 15.20 35.61
N THR B 382 13.68 15.69 36.64
CA THR B 382 13.69 17.10 36.96
C THR B 382 15.15 17.51 37.18
N ALA B 383 16.03 16.53 37.00
CA ALA B 383 17.44 16.74 37.19
C ALA B 383 18.03 17.66 36.18
N ILE B 384 17.71 17.47 34.91
CA ILE B 384 18.27 18.33 33.89
C ILE B 384 18.04 19.80 34.19
N ALA B 385 17.18 20.10 35.16
CA ALA B 385 16.95 21.49 35.57
C ALA B 385 18.34 22.04 35.74
N GLU B 386 19.23 21.17 36.22
CA GLU B 386 20.62 21.51 36.40
C GLU B 386 21.23 21.67 35.02
N ALA B 387 21.76 20.56 34.48
CA ALA B 387 22.40 20.51 33.18
C ALA B 387 22.05 21.65 32.21
N TRP B 388 20.78 22.02 32.13
CA TRP B 388 20.37 23.12 31.25
C TRP B 388 20.87 24.40 31.88
N ALA B 389 20.58 24.56 33.16
CA ALA B 389 21.01 25.72 33.91
C ALA B 389 22.48 25.98 33.63
N ARG B 390 23.33 25.10 34.14
CA ARG B 390 24.77 25.17 33.96
C ARG B 390 25.24 25.44 32.53
N LEU B 391 24.41 25.15 31.55
CA LEU B 391 24.79 25.33 30.16
C LEU B 391 24.30 26.64 29.66
N ASP B 392 23.25 27.13 30.30
CA ASP B 392 22.65 28.41 29.94
C ASP B 392 23.56 29.49 30.44
N HIS B 393 23.89 29.40 31.73
CA HIS B 393 24.77 30.34 32.40
C HIS B 393 25.98 30.56 31.51
N LYS B 394 26.64 29.48 31.13
CA LYS B 394 27.80 29.54 30.22
C LYS B 394 27.56 30.62 29.19
N PHE B 395 26.57 30.35 28.36
CA PHE B 395 26.12 31.22 27.27
C PHE B 395 26.19 32.70 27.64
N ASP B 396 25.42 33.08 28.66
CA ASP B 396 25.38 34.45 29.11
C ASP B 396 26.76 35.05 29.24
N LEU B 397 27.58 34.44 30.08
CA LEU B 397 28.91 34.94 30.29
C LEU B 397 29.52 35.48 29.01
N MET B 398 29.47 34.68 27.95
CA MET B 398 30.04 35.10 26.67
C MET B 398 29.20 36.13 25.95
N TYR B 399 27.91 35.85 25.84
CA TYR B 399 27.01 36.77 25.18
C TYR B 399 27.15 38.12 25.88
N ALA B 400 27.26 38.06 27.20
CA ALA B 400 27.39 39.26 28.00
C ALA B 400 28.49 40.16 27.45
N LYS B 401 29.37 39.59 26.62
CA LYS B 401 30.47 40.34 26.02
C LYS B 401 30.51 40.17 24.52
N ARG B 402 29.48 39.52 24.01
CA ARG B 402 29.35 39.28 22.59
C ARG B 402 30.37 38.28 22.07
N ALA B 403 31.38 38.01 22.88
CA ALA B 403 32.44 37.10 22.48
C ALA B 403 32.38 36.82 21.00
N PHE B 404 32.31 35.56 20.61
CA PHE B 404 32.31 35.20 19.19
C PHE B 404 31.01 35.49 18.49
N VAL B 405 30.41 36.64 18.77
CA VAL B 405 29.15 36.95 18.13
C VAL B 405 29.36 37.33 16.67
N HIS B 406 30.35 38.16 16.41
CA HIS B 406 30.56 38.58 15.03
C HIS B 406 30.68 37.43 14.07
N TRP B 407 30.86 36.23 14.60
CA TRP B 407 31.01 35.07 13.74
C TRP B 407 29.71 34.57 13.24
N TYR B 408 28.63 34.88 13.94
CA TYR B 408 27.31 34.42 13.52
C TYR B 408 26.62 35.50 12.74
N VAL B 409 26.63 36.71 13.30
CA VAL B 409 25.98 37.83 12.66
C VAL B 409 26.39 37.84 11.20
N GLY B 410 27.69 37.82 10.99
CA GLY B 410 28.23 37.82 9.65
C GLY B 410 27.84 36.56 8.91
N GLU B 411 26.92 35.80 9.50
CA GLU B 411 26.48 34.57 8.88
C GLU B 411 24.97 34.48 8.84
N GLY B 412 24.31 35.61 8.73
CA GLY B 412 22.86 35.61 8.65
C GLY B 412 22.11 35.22 9.90
N MET B 413 22.36 35.98 10.96
CA MET B 413 21.73 35.80 12.26
C MET B 413 21.62 37.21 12.79
N GLU B 414 21.14 37.37 14.01
CA GLU B 414 21.01 38.72 14.54
C GLU B 414 21.01 38.71 16.04
N GLU B 415 21.02 39.90 16.64
CA GLU B 415 20.98 40.00 18.10
C GLU B 415 19.69 39.32 18.52
N GLY B 416 18.77 39.20 17.56
CA GLY B 416 17.51 38.57 17.83
C GLY B 416 17.72 37.11 18.19
N GLU B 417 17.98 36.29 17.18
CA GLU B 417 18.15 34.87 17.40
C GLU B 417 18.88 34.47 18.68
N PHE B 418 19.88 35.23 19.08
CA PHE B 418 20.58 34.88 20.32
C PHE B 418 19.68 35.24 21.49
N SER B 419 19.55 36.53 21.75
CA SER B 419 18.72 37.01 22.85
C SER B 419 17.36 36.36 22.90
N GLU B 420 16.78 36.08 21.73
CA GLU B 420 15.46 35.49 21.70
C GLU B 420 15.45 33.98 21.84
N ALA B 421 16.62 33.36 21.88
CA ALA B 421 16.74 31.91 22.04
C ALA B 421 17.23 31.66 23.46
N ARG B 422 17.65 32.74 24.08
CA ARG B 422 18.11 32.70 25.44
C ARG B 422 16.83 32.73 26.24
N GLU B 423 15.99 33.73 25.96
CA GLU B 423 14.69 33.85 26.63
C GLU B 423 14.00 32.50 26.49
N ASP B 424 14.19 31.88 25.33
CA ASP B 424 13.58 30.57 25.04
C ASP B 424 13.90 29.60 26.15
N MET B 425 15.16 29.21 26.24
CA MET B 425 15.57 28.27 27.26
C MET B 425 15.20 28.74 28.66
N ALA B 426 15.21 30.05 28.88
CA ALA B 426 14.85 30.57 30.20
C ALA B 426 13.59 29.84 30.69
N ALA B 427 12.57 29.79 29.83
CA ALA B 427 11.31 29.12 30.15
C ALA B 427 11.42 27.61 30.04
N LEU B 428 12.66 27.12 30.03
CA LEU B 428 12.92 25.69 29.97
C LEU B 428 13.54 25.38 31.33
N GLU B 429 14.00 26.44 31.98
CA GLU B 429 14.60 26.36 33.31
C GLU B 429 13.44 26.50 34.30
N LYS B 430 12.38 27.17 33.86
CA LYS B 430 11.20 27.36 34.69
C LYS B 430 10.30 26.16 34.49
N ASP B 431 10.25 25.69 33.25
CA ASP B 431 9.43 24.54 32.90
C ASP B 431 9.87 23.33 33.71
N TYR B 432 11.12 22.92 33.53
CA TYR B 432 11.69 21.77 34.23
C TYR B 432 11.70 21.96 35.74
N GLU B 433 11.32 23.16 36.17
CA GLU B 433 11.26 23.52 37.59
C GLU B 433 9.82 23.35 38.07
N GLU B 434 8.88 23.90 37.31
CA GLU B 434 7.47 23.83 37.67
C GLU B 434 6.91 22.41 37.62
N VAL B 435 7.20 21.68 36.55
CA VAL B 435 6.68 20.32 36.41
C VAL B 435 7.17 19.43 37.54
N GLY B 436 7.94 20.01 38.45
CA GLY B 436 8.45 19.27 39.58
C GLY B 436 8.72 20.19 40.75
N VAL B 437 9.41 19.69 41.77
CA VAL B 437 9.74 20.48 42.96
C VAL B 437 8.48 21.01 43.65
N ASP B 438 7.34 20.90 42.99
CA ASP B 438 6.08 21.40 43.53
C ASP B 438 4.97 20.35 43.51
N SER B 439 4.03 20.45 44.45
CA SER B 439 2.93 19.50 44.52
C SER B 439 1.56 20.17 44.53
N ARG C 2 -26.31 -23.34 22.04
CA ARG C 2 -25.93 -21.92 22.37
C ARG C 2 -24.54 -21.62 21.83
N GLU C 3 -24.10 -20.38 21.94
CA GLU C 3 -22.79 -19.95 21.44
C GLU C 3 -22.22 -18.68 22.09
N ILE C 4 -20.99 -18.35 21.72
CA ILE C 4 -20.28 -17.15 22.20
C ILE C 4 -19.16 -16.84 21.19
N VAL C 5 -18.67 -15.61 21.19
CA VAL C 5 -17.57 -15.24 20.29
C VAL C 5 -16.52 -14.40 21.02
N HIS C 6 -15.43 -15.06 21.37
CA HIS C 6 -14.32 -14.46 22.10
C HIS C 6 -13.82 -13.22 21.40
N ILE C 7 -13.21 -12.33 22.17
CA ILE C 7 -12.64 -11.08 21.62
C ILE C 7 -11.30 -10.72 22.28
N GLN C 8 -10.21 -10.86 21.52
CA GLN C 8 -8.84 -10.57 22.00
C GLN C 8 -8.39 -9.13 21.77
N ALA C 9 -8.95 -8.19 22.52
CA ALA C 9 -8.58 -6.78 22.38
C ALA C 9 -7.21 -6.40 22.93
N GLY C 10 -6.43 -5.70 22.13
CA GLY C 10 -5.11 -5.28 22.58
C GLY C 10 -4.09 -6.41 22.55
N GLN C 11 -2.91 -6.17 23.11
CA GLN C 11 -1.85 -7.18 23.15
C GLN C 11 -2.18 -8.14 24.26
N CYS C 12 -2.25 -7.62 25.48
CA CYS C 12 -2.55 -8.45 26.61
C CYS C 12 -3.71 -9.35 26.29
N GLY C 13 -4.88 -8.73 26.17
CA GLY C 13 -6.08 -9.49 25.85
C GLY C 13 -5.77 -10.50 24.77
N ASN C 14 -4.79 -10.16 23.94
CA ASN C 14 -4.39 -11.03 22.85
C ASN C 14 -3.48 -12.14 23.39
N GLN C 15 -2.38 -11.75 24.02
CA GLN C 15 -1.43 -12.69 24.60
C GLN C 15 -2.21 -13.79 25.31
N ILE C 16 -3.18 -13.35 26.12
CA ILE C 16 -4.05 -14.25 26.87
C ILE C 16 -4.90 -15.11 25.93
N GLY C 17 -5.31 -14.53 24.81
CA GLY C 17 -6.10 -15.29 23.87
C GLY C 17 -5.34 -16.58 23.60
N ALA C 18 -4.05 -16.44 23.30
CA ALA C 18 -3.23 -17.60 23.02
C ALA C 18 -3.27 -18.60 24.15
N LYS C 19 -3.40 -18.12 25.38
CA LYS C 19 -3.44 -19.05 26.51
C LYS C 19 -4.83 -19.57 26.75
N PHE C 20 -5.83 -18.72 26.53
CA PHE C 20 -7.20 -19.16 26.72
C PHE C 20 -7.55 -20.21 25.68
N TRP C 21 -6.97 -20.06 24.50
CA TRP C 21 -7.26 -21.02 23.45
C TRP C 21 -6.30 -22.18 23.52
N GLU C 22 -5.13 -21.94 24.09
CA GLU C 22 -4.15 -23.00 24.26
C GLU C 22 -4.90 -24.05 25.06
N VAL C 23 -5.41 -23.61 26.22
CA VAL C 23 -6.17 -24.46 27.13
C VAL C 23 -7.40 -25.04 26.46
N ILE C 24 -8.47 -24.27 26.53
CA ILE C 24 -9.76 -24.61 25.98
C ILE C 24 -9.72 -25.68 24.89
N SER C 25 -8.80 -25.55 23.94
CA SER C 25 -8.69 -26.51 22.86
C SER C 25 -8.47 -27.91 23.41
N ASP C 26 -7.40 -28.05 24.21
CA ASP C 26 -7.06 -29.33 24.85
C ASP C 26 -8.24 -29.82 25.68
N GLU C 27 -9.03 -28.87 26.19
CA GLU C 27 -10.23 -29.17 26.98
C GLU C 27 -11.35 -29.39 25.97
N HIS C 28 -10.94 -29.69 24.74
CA HIS C 28 -11.89 -29.95 23.67
C HIS C 28 -11.19 -30.69 22.52
N GLY C 29 -10.03 -31.28 22.83
CA GLY C 29 -9.27 -32.06 21.86
C GLY C 29 -9.07 -31.51 20.46
N ILE C 30 -8.81 -30.20 20.36
CA ILE C 30 -8.59 -29.59 19.06
C ILE C 30 -7.13 -29.20 18.90
N ASP C 31 -6.42 -29.97 18.08
CA ASP C 31 -5.00 -29.74 17.80
C ASP C 31 -4.86 -28.54 16.88
N PRO C 32 -3.69 -27.88 16.88
CA PRO C 32 -3.46 -26.71 16.03
C PRO C 32 -4.52 -26.51 14.95
N THR C 33 -4.36 -27.19 13.82
CA THR C 33 -5.35 -27.09 12.75
C THR C 33 -6.15 -28.39 12.74
N GLY C 34 -5.64 -29.38 13.47
CA GLY C 34 -6.30 -30.67 13.56
C GLY C 34 -7.76 -30.54 13.97
N SER C 35 -8.39 -31.68 14.25
CA SER C 35 -9.78 -31.69 14.63
C SER C 35 -9.98 -32.09 16.08
N TYR C 36 -10.99 -32.92 16.28
CA TYR C 36 -11.33 -33.40 17.60
C TYR C 36 -10.70 -34.77 17.91
N HIS C 37 -9.57 -34.75 18.60
CA HIS C 37 -8.88 -35.97 19.00
C HIS C 37 -9.46 -36.43 20.34
N GLY C 38 -10.31 -35.55 20.89
CA GLY C 38 -10.97 -35.79 22.16
C GLY C 38 -10.89 -37.17 22.75
N ASP C 39 -10.24 -37.26 23.91
CA ASP C 39 -10.08 -38.51 24.61
C ASP C 39 -11.46 -39.12 24.79
N SER C 40 -12.47 -38.25 24.88
CA SER C 40 -13.85 -38.70 25.07
C SER C 40 -14.71 -38.36 23.85
N ASP C 41 -16.02 -38.34 24.07
CA ASP C 41 -16.99 -38.06 23.01
C ASP C 41 -17.89 -36.91 23.45
N LEU C 42 -17.77 -36.52 24.71
CA LEU C 42 -18.57 -35.44 25.29
C LEU C 42 -17.98 -34.06 25.04
N GLN C 43 -16.68 -34.00 24.79
CA GLN C 43 -15.99 -32.73 24.54
C GLN C 43 -16.28 -32.25 23.13
N LEU C 44 -17.40 -32.69 22.56
CA LEU C 44 -17.74 -32.34 21.19
C LEU C 44 -19.19 -31.94 20.94
N GLU C 45 -20.11 -32.54 21.69
CA GLU C 45 -21.52 -32.26 21.52
C GLU C 45 -21.89 -30.79 21.80
N ARG C 46 -20.98 -30.07 22.41
CA ARG C 46 -21.26 -28.68 22.75
C ARG C 46 -20.18 -27.70 22.28
N ILE C 47 -19.15 -28.18 21.59
CA ILE C 47 -18.07 -27.30 21.14
C ILE C 47 -18.57 -26.02 20.48
N ASN C 48 -19.46 -26.18 19.52
CA ASN C 48 -20.03 -25.07 18.77
C ASN C 48 -19.86 -23.75 19.50
N VAL C 49 -20.16 -23.74 20.79
CA VAL C 49 -20.02 -22.53 21.60
C VAL C 49 -18.77 -21.69 21.27
N TYR C 50 -17.72 -22.34 20.78
CA TYR C 50 -16.47 -21.64 20.44
C TYR C 50 -15.86 -21.89 19.06
N TYR C 51 -16.50 -22.71 18.24
CA TYR C 51 -15.93 -22.99 16.92
C TYR C 51 -16.91 -22.93 15.76
N ASN C 52 -16.46 -23.35 14.59
CA ASN C 52 -17.29 -23.37 13.39
C ASN C 52 -16.94 -24.53 12.47
N GLU C 53 -17.95 -25.10 11.82
CA GLU C 53 -17.75 -26.22 10.91
C GLU C 53 -17.54 -25.78 9.47
N ALA C 54 -16.38 -26.13 8.90
CA ALA C 54 -16.06 -25.79 7.52
C ALA C 54 -15.57 -27.04 6.80
N ALA C 55 -14.35 -27.46 7.11
CA ALA C 55 -13.77 -28.64 6.50
C ALA C 55 -14.42 -29.91 7.05
N GLY C 56 -13.93 -30.37 8.20
CA GLY C 56 -14.47 -31.57 8.83
C GLY C 56 -13.48 -32.06 9.86
N ASN C 57 -12.38 -31.32 9.96
CA ASN C 57 -11.28 -31.60 10.88
C ASN C 57 -10.80 -30.23 11.35
N LYS C 58 -11.37 -29.19 10.76
CA LYS C 58 -10.98 -27.83 11.09
C LYS C 58 -12.10 -27.04 11.76
N TYR C 59 -12.16 -27.14 13.08
CA TYR C 59 -13.13 -26.41 13.87
C TYR C 59 -12.32 -25.19 14.28
N VAL C 60 -12.58 -24.04 13.65
CA VAL C 60 -11.83 -22.83 13.95
C VAL C 60 -12.40 -21.97 15.05
N PRO C 61 -11.55 -21.58 16.01
CA PRO C 61 -11.99 -20.73 17.11
C PRO C 61 -12.68 -19.49 16.57
N ARG C 62 -13.84 -19.21 17.14
CA ARG C 62 -14.64 -18.07 16.73
C ARG C 62 -14.41 -16.89 17.66
N ALA C 63 -13.23 -16.29 17.53
CA ALA C 63 -12.83 -15.14 18.34
C ALA C 63 -12.41 -14.01 17.42
N ILE C 64 -12.08 -12.87 18.01
CA ILE C 64 -11.61 -11.75 17.20
C ILE C 64 -10.29 -11.30 17.78
N LEU C 65 -9.35 -10.93 16.91
CA LEU C 65 -8.03 -10.47 17.35
C LEU C 65 -7.85 -9.03 16.89
N VAL C 66 -8.12 -8.13 17.83
CA VAL C 66 -8.04 -6.70 17.59
C VAL C 66 -6.79 -6.09 18.22
N ASP C 67 -6.00 -5.41 17.39
CA ASP C 67 -4.75 -4.79 17.87
C ASP C 67 -4.11 -3.87 16.83
N LEU C 68 -3.58 -2.74 17.31
CA LEU C 68 -2.95 -1.73 16.45
C LEU C 68 -1.44 -1.89 16.36
N GLU C 69 -0.92 -3.00 16.87
CA GLU C 69 0.50 -3.28 16.88
C GLU C 69 0.68 -4.61 16.15
N PRO C 70 1.21 -4.57 14.92
CA PRO C 70 1.38 -5.83 14.21
C PRO C 70 2.18 -6.87 15.02
N GLY C 71 3.47 -6.62 15.23
CA GLY C 71 4.32 -7.54 15.99
C GLY C 71 3.62 -8.49 16.94
N THR C 72 2.65 -7.98 17.70
CA THR C 72 1.91 -8.80 18.66
C THR C 72 1.22 -9.96 17.97
N MET C 73 0.10 -9.68 17.31
CA MET C 73 -0.66 -10.72 16.62
C MET C 73 0.24 -11.54 15.70
N ASP C 74 1.37 -10.95 15.32
CA ASP C 74 2.35 -11.61 14.47
C ASP C 74 3.33 -12.45 15.28
N SER C 75 3.02 -12.61 16.56
CA SER C 75 3.82 -13.41 17.48
C SER C 75 2.88 -14.54 17.90
N VAL C 76 1.61 -14.18 17.99
CA VAL C 76 0.57 -15.11 18.37
C VAL C 76 0.22 -15.95 17.15
N ARG C 77 0.39 -15.37 15.97
CA ARG C 77 0.09 -16.08 14.74
C ARG C 77 1.30 -16.81 14.19
N SER C 78 2.49 -16.55 14.76
CA SER C 78 3.71 -17.19 14.30
C SER C 78 4.28 -18.20 15.29
N GLY C 79 3.49 -18.54 16.30
CA GLY C 79 3.96 -19.50 17.30
C GLY C 79 3.21 -20.82 17.29
N PRO C 80 2.83 -21.33 18.48
CA PRO C 80 2.09 -22.61 18.58
C PRO C 80 0.73 -22.59 17.87
N PHE C 81 -0.33 -22.71 18.65
CA PHE C 81 -1.69 -22.72 18.11
C PHE C 81 -2.01 -21.52 17.20
N GLY C 82 -1.05 -20.64 17.04
CA GLY C 82 -1.27 -19.46 16.23
C GLY C 82 -1.86 -19.67 14.85
N GLN C 83 -1.70 -20.86 14.28
CA GLN C 83 -2.20 -21.12 12.93
C GLN C 83 -3.55 -21.83 12.86
N ILE C 84 -4.44 -21.51 13.78
CA ILE C 84 -5.78 -22.12 13.81
C ILE C 84 -6.83 -21.06 13.48
N PHE C 85 -6.51 -19.81 13.79
CA PHE C 85 -7.44 -18.72 13.57
C PHE C 85 -7.50 -18.47 12.07
N ARG C 86 -8.70 -18.30 11.53
CA ARG C 86 -8.82 -18.00 10.11
C ARG C 86 -8.29 -16.56 10.04
N PRO C 87 -7.43 -16.26 9.04
CA PRO C 87 -6.86 -14.92 8.89
C PRO C 87 -7.89 -13.79 8.97
N ASP C 88 -9.11 -14.11 8.56
CA ASP C 88 -10.20 -13.15 8.58
C ASP C 88 -10.36 -12.59 10.00
N ASN C 89 -10.00 -13.41 10.99
CA ASN C 89 -10.12 -13.03 12.40
C ASN C 89 -9.18 -11.90 12.82
N PHE C 90 -8.01 -11.84 12.19
CA PHE C 90 -7.03 -10.81 12.52
C PHE C 90 -7.40 -9.40 12.07
N VAL C 91 -7.95 -8.59 12.97
CA VAL C 91 -8.28 -7.23 12.61
C VAL C 91 -7.19 -6.36 13.19
N PHE C 92 -6.11 -6.21 12.42
CA PHE C 92 -4.96 -5.43 12.82
C PHE C 92 -5.08 -3.95 12.48
N GLY C 93 -4.19 -3.15 13.05
CA GLY C 93 -4.17 -1.73 12.78
C GLY C 93 -2.71 -1.36 12.76
N GLN C 94 -2.04 -1.58 11.63
CA GLN C 94 -0.61 -1.30 11.52
C GLN C 94 -0.19 0.11 11.94
N SER C 95 -1.18 0.94 12.26
CA SER C 95 -0.93 2.31 12.71
C SER C 95 0.04 2.30 13.90
N GLY C 96 0.16 3.44 14.57
CA GLY C 96 1.03 3.50 15.74
C GLY C 96 0.15 3.15 16.92
N ALA C 97 0.24 1.92 17.41
CA ALA C 97 -0.59 1.48 18.53
C ALA C 97 -0.29 2.22 19.85
N GLY C 98 -0.03 3.52 19.75
CA GLY C 98 0.28 4.33 20.92
C GLY C 98 -0.42 3.90 22.18
N ASN C 99 0.26 4.03 23.30
CA ASN C 99 -0.28 3.63 24.60
C ASN C 99 -1.35 4.55 25.15
N ASN C 100 -2.06 5.23 24.26
CA ASN C 100 -3.08 6.17 24.67
C ASN C 100 -4.50 5.66 24.47
N TRP C 101 -5.27 5.68 25.55
CA TRP C 101 -6.67 5.26 25.54
C TRP C 101 -7.37 6.02 24.44
N ALA C 102 -7.01 7.29 24.33
CA ALA C 102 -7.59 8.17 23.35
C ALA C 102 -7.12 7.81 21.97
N LYS C 103 -5.92 7.26 21.85
CA LYS C 103 -5.41 6.92 20.53
C LYS C 103 -6.01 5.65 19.96
N GLY C 104 -6.60 4.83 20.83
CA GLY C 104 -7.20 3.60 20.35
C GLY C 104 -8.71 3.59 20.51
N HIS C 105 -9.28 4.72 20.91
CA HIS C 105 -10.71 4.79 21.11
C HIS C 105 -11.34 5.88 20.27
N TYR C 106 -10.60 6.96 19.99
CA TYR C 106 -11.14 8.06 19.20
C TYR C 106 -10.46 8.33 17.87
N THR C 107 -9.14 8.21 17.86
CA THR C 107 -8.44 8.53 16.66
C THR C 107 -7.93 7.41 15.82
N GLU C 108 -7.18 6.50 16.41
CA GLU C 108 -6.66 5.42 15.63
C GLU C 108 -7.60 4.24 15.60
N GLY C 109 -8.09 3.80 16.76
CA GLY C 109 -8.98 2.67 16.80
C GLY C 109 -10.32 2.88 16.12
N ALA C 110 -10.87 4.09 16.25
CA ALA C 110 -12.15 4.40 15.66
C ALA C 110 -12.22 4.06 14.19
N GLU C 111 -11.08 4.00 13.52
CA GLU C 111 -11.09 3.69 12.11
C GLU C 111 -11.20 2.19 11.91
N LEU C 112 -10.31 1.47 12.59
CA LEU C 112 -10.26 0.02 12.52
C LEU C 112 -11.51 -0.68 13.04
N VAL C 113 -12.36 0.08 13.73
CA VAL C 113 -13.58 -0.46 14.31
C VAL C 113 -14.55 -1.08 13.31
N ASP C 114 -14.96 -0.30 12.31
CA ASP C 114 -15.90 -0.78 11.30
C ASP C 114 -15.41 -2.08 10.67
N SER C 115 -14.11 -2.20 10.43
CA SER C 115 -13.55 -3.41 9.84
C SER C 115 -13.50 -4.54 10.87
N VAL C 116 -13.94 -4.24 12.09
CA VAL C 116 -14.00 -5.24 13.15
C VAL C 116 -15.45 -5.65 13.22
N LEU C 117 -16.32 -4.69 13.57
CA LEU C 117 -17.74 -4.95 13.69
C LEU C 117 -18.21 -5.84 12.55
N ASP C 118 -17.61 -5.59 11.40
CA ASP C 118 -17.89 -6.33 10.17
C ASP C 118 -17.80 -7.82 10.49
N VAL C 119 -16.65 -8.21 11.02
CA VAL C 119 -16.42 -9.59 11.36
C VAL C 119 -17.24 -10.03 12.57
N VAL C 120 -17.28 -9.23 13.62
CA VAL C 120 -18.05 -9.59 14.80
C VAL C 120 -19.49 -9.94 14.42
N ARG C 121 -19.88 -9.54 13.20
CA ARG C 121 -21.23 -9.81 12.69
C ARG C 121 -21.15 -11.07 11.85
N LYS C 122 -20.05 -11.26 11.14
CA LYS C 122 -19.88 -12.46 10.34
C LYS C 122 -19.88 -13.67 11.27
N GLU C 123 -19.33 -13.48 12.46
CA GLU C 123 -19.24 -14.56 13.45
C GLU C 123 -20.52 -14.73 14.23
N SER C 124 -21.21 -13.62 14.51
CA SER C 124 -22.44 -13.68 15.26
C SER C 124 -23.53 -14.35 14.44
N GLU C 125 -23.60 -13.97 13.18
CA GLU C 125 -24.58 -14.51 12.23
C GLU C 125 -24.10 -15.87 11.72
N SER C 126 -23.16 -16.45 12.44
CA SER C 126 -22.63 -17.76 12.08
C SER C 126 -23.82 -18.67 11.96
N CYS C 127 -24.22 -19.26 13.08
CA CYS C 127 -25.38 -20.14 13.10
C CYS C 127 -26.01 -20.26 14.47
N ASP C 128 -26.98 -21.17 14.56
CA ASP C 128 -27.75 -21.45 15.77
C ASP C 128 -28.12 -20.16 16.51
N CYS C 129 -27.99 -20.18 17.83
CA CYS C 129 -28.34 -19.03 18.65
C CYS C 129 -27.14 -18.52 19.46
N LEU C 130 -26.91 -17.21 19.37
CA LEU C 130 -25.82 -16.57 20.08
C LEU C 130 -26.23 -16.28 21.53
N GLN C 131 -25.26 -16.49 22.41
CA GLN C 131 -25.43 -16.27 23.85
C GLN C 131 -24.82 -14.92 24.26
N GLY C 132 -23.53 -14.78 23.98
CA GLY C 132 -22.78 -13.56 24.30
C GLY C 132 -21.35 -13.65 23.74
N PHE C 133 -20.57 -12.64 24.10
CA PHE C 133 -19.16 -12.52 23.69
C PHE C 133 -18.21 -12.40 24.88
N GLN C 134 -17.10 -13.10 24.76
CA GLN C 134 -16.01 -13.07 25.74
C GLN C 134 -15.03 -11.97 25.32
N LEU C 135 -14.61 -11.18 26.28
CA LEU C 135 -13.70 -10.06 26.01
C LEU C 135 -12.52 -10.04 26.97
N THR C 136 -11.35 -10.15 26.37
CA THR C 136 -10.07 -10.11 27.09
C THR C 136 -9.31 -8.85 26.69
N HIS C 137 -8.65 -8.28 27.68
CA HIS C 137 -7.86 -7.06 27.49
C HIS C 137 -7.35 -6.55 28.84
N SER C 138 -6.55 -5.51 28.73
CA SER C 138 -5.97 -4.83 29.88
C SER C 138 -6.41 -3.39 29.88
N LEU C 139 -6.78 -2.89 31.04
CA LEU C 139 -7.23 -1.52 31.18
C LEU C 139 -6.07 -0.58 31.41
N GLY C 140 -4.90 -0.95 30.91
CA GLY C 140 -3.73 -0.11 31.07
C GLY C 140 -2.94 0.11 29.79
N GLY C 141 -3.65 0.45 28.71
CA GLY C 141 -3.02 0.68 27.42
C GLY C 141 -4.00 1.16 26.35
N GLY C 142 -3.50 1.33 25.13
CA GLY C 142 -4.35 1.80 24.05
C GLY C 142 -5.26 0.73 23.51
N THR C 143 -4.73 -0.13 22.66
CA THR C 143 -5.51 -1.21 22.05
C THR C 143 -6.33 -2.03 23.03
N GLY C 144 -6.06 -1.87 24.31
CA GLY C 144 -6.78 -2.63 25.30
C GLY C 144 -7.99 -1.91 25.84
N SER C 145 -7.74 -0.90 26.65
CA SER C 145 -8.81 -0.14 27.29
C SER C 145 -9.61 0.71 26.32
N GLY C 146 -8.92 1.42 25.45
CA GLY C 146 -9.62 2.28 24.50
C GLY C 146 -10.34 1.55 23.41
N MET C 147 -9.58 0.98 22.48
CA MET C 147 -10.18 0.27 21.35
C MET C 147 -11.05 -0.94 21.69
N GLY C 148 -10.73 -1.64 22.78
CA GLY C 148 -11.52 -2.79 23.16
C GLY C 148 -12.77 -2.33 23.88
N THR C 149 -12.65 -1.20 24.56
CA THR C 149 -13.77 -0.66 25.28
C THR C 149 -14.73 -0.04 24.30
N LEU C 150 -14.27 0.15 23.07
CA LEU C 150 -15.13 0.70 22.04
C LEU C 150 -15.84 -0.48 21.39
N LEU C 151 -15.07 -1.51 21.09
CA LEU C 151 -15.59 -2.71 20.48
C LEU C 151 -16.84 -3.14 21.18
N ILE C 152 -16.88 -3.00 22.49
CA ILE C 152 -18.06 -3.42 23.22
C ILE C 152 -19.19 -2.41 23.12
N SER C 153 -18.88 -1.13 23.30
CA SER C 153 -19.90 -0.09 23.23
C SER C 153 -20.69 -0.21 21.94
N LYS C 154 -20.06 -0.82 20.93
CA LYS C 154 -20.67 -1.04 19.62
C LYS C 154 -21.41 -2.38 19.65
N ILE C 155 -20.77 -3.38 20.21
CA ILE C 155 -21.39 -4.69 20.33
C ILE C 155 -22.74 -4.55 21.07
N ARG C 156 -22.71 -3.88 22.22
CA ARG C 156 -23.90 -3.65 23.06
C ARG C 156 -24.97 -2.75 22.48
N GLU C 157 -24.83 -2.40 21.21
CA GLU C 157 -25.78 -1.53 20.54
C GLU C 157 -26.36 -2.39 19.45
N GLU C 158 -25.57 -3.41 19.09
CA GLU C 158 -25.93 -4.33 18.04
C GLU C 158 -26.70 -5.54 18.54
N TYR C 159 -26.51 -5.91 19.80
CA TYR C 159 -27.25 -7.03 20.34
C TYR C 159 -27.43 -6.87 21.84
N PRO C 160 -28.18 -5.84 22.26
CA PRO C 160 -28.42 -5.60 23.69
C PRO C 160 -29.14 -6.77 24.36
N ASP C 161 -29.19 -7.89 23.65
CA ASP C 161 -29.81 -9.12 24.10
C ASP C 161 -28.74 -10.10 24.56
N ARG C 162 -27.82 -10.44 23.67
CA ARG C 162 -26.76 -11.37 24.01
C ARG C 162 -25.91 -10.74 25.11
N ILE C 163 -25.35 -11.58 25.98
CA ILE C 163 -24.53 -11.12 27.10
C ILE C 163 -23.12 -10.66 26.73
N MET C 164 -22.43 -10.13 27.73
CA MET C 164 -21.08 -9.59 27.55
C MET C 164 -20.16 -9.78 28.77
N ASN C 165 -19.42 -10.86 28.78
CA ASN C 165 -18.51 -11.12 29.87
C ASN C 165 -17.25 -10.38 29.51
N THR C 166 -16.66 -9.74 30.51
CA THR C 166 -15.45 -9.00 30.27
C THR C 166 -14.38 -9.46 31.24
N PHE C 167 -13.23 -9.83 30.68
CA PHE C 167 -12.08 -10.25 31.46
C PHE C 167 -11.06 -9.11 31.38
N SER C 168 -11.03 -8.30 32.43
CA SER C 168 -10.13 -7.16 32.51
C SER C 168 -8.94 -7.37 33.46
N VAL C 169 -7.79 -6.90 33.02
CA VAL C 169 -6.59 -7.01 33.81
C VAL C 169 -6.36 -5.65 34.48
N VAL C 170 -7.26 -5.33 35.40
CA VAL C 170 -7.18 -4.08 36.15
C VAL C 170 -5.73 -3.85 36.61
N PRO C 171 -5.26 -2.60 36.52
CA PRO C 171 -3.92 -2.16 36.91
C PRO C 171 -3.52 -2.60 38.31
N SER C 172 -2.56 -3.53 38.36
CA SER C 172 -2.07 -4.05 39.62
C SER C 172 -1.56 -2.91 40.48
N PRO C 173 -1.71 -3.04 41.81
CA PRO C 173 -1.25 -2.00 42.73
C PRO C 173 0.28 -1.82 42.81
N LYS C 174 0.89 -2.40 43.84
CA LYS C 174 2.33 -2.31 44.09
C LYS C 174 3.13 -1.62 42.97
N VAL C 175 3.15 -2.20 41.77
CA VAL C 175 3.88 -1.62 40.65
C VAL C 175 3.05 -1.61 39.37
N SER C 176 3.05 -0.47 38.69
CA SER C 176 2.29 -0.34 37.44
C SER C 176 3.18 -0.56 36.23
N ASP C 177 2.79 -1.53 35.40
CA ASP C 177 3.55 -1.89 34.22
C ASP C 177 3.44 -0.89 33.11
N THR C 178 2.95 0.30 33.47
CA THR C 178 2.80 1.44 32.56
C THR C 178 2.75 2.69 33.42
N VAL C 179 2.70 3.86 32.80
CA VAL C 179 2.71 5.10 33.56
C VAL C 179 1.41 5.86 33.64
N VAL C 180 0.69 5.92 32.54
CA VAL C 180 -0.58 6.63 32.53
C VAL C 180 -1.66 5.71 33.04
N GLU C 181 -1.33 4.43 33.11
CA GLU C 181 -2.22 3.38 33.60
C GLU C 181 -3.59 3.84 34.08
N PRO C 182 -3.67 4.64 35.17
CA PRO C 182 -4.98 5.10 35.68
C PRO C 182 -5.79 5.89 34.66
N TYR C 183 -5.09 6.44 33.67
CA TYR C 183 -5.72 7.18 32.60
C TYR C 183 -6.40 6.17 31.68
N ASN C 184 -5.61 5.28 31.10
CA ASN C 184 -6.16 4.25 30.24
C ASN C 184 -7.20 3.40 31.00
N ALA C 185 -7.02 3.27 32.31
CA ALA C 185 -7.93 2.46 33.12
C ALA C 185 -9.24 3.15 33.42
N THR C 186 -9.19 4.17 34.26
CA THR C 186 -10.38 4.89 34.63
C THR C 186 -11.28 5.08 33.41
N LEU C 187 -10.67 5.35 32.27
CA LEU C 187 -11.41 5.55 31.05
C LEU C 187 -12.10 4.30 30.49
N SER C 188 -11.51 3.15 30.73
CA SER C 188 -12.10 1.93 30.21
C SER C 188 -13.13 1.34 31.17
N VAL C 189 -12.88 1.44 32.48
CA VAL C 189 -13.83 0.92 33.47
C VAL C 189 -15.19 1.62 33.26
N HIS C 190 -15.08 2.91 32.98
CA HIS C 190 -16.19 3.78 32.69
C HIS C 190 -17.08 3.06 31.66
N GLN C 191 -16.48 2.75 30.50
CA GLN C 191 -17.15 2.07 29.36
C GLN C 191 -17.72 0.71 29.76
N LEU C 192 -17.03 0.04 30.69
CA LEU C 192 -17.42 -1.27 31.17
C LEU C 192 -18.70 -1.22 32.01
N VAL C 193 -18.69 -0.38 33.05
CA VAL C 193 -19.81 -0.19 33.97
C VAL C 193 -21.08 0.14 33.21
N GLU C 194 -20.95 0.27 31.90
CA GLU C 194 -22.09 0.69 31.12
C GLU C 194 -22.35 -0.01 29.80
N ASN C 195 -21.80 -1.21 29.65
CA ASN C 195 -22.00 -2.00 28.46
C ASN C 195 -21.95 -3.48 28.81
N THR C 196 -20.77 -4.05 29.04
CA THR C 196 -20.68 -5.47 29.42
C THR C 196 -21.49 -5.70 30.72
N ASP C 197 -22.00 -6.91 30.95
CA ASP C 197 -22.78 -7.16 32.16
C ASP C 197 -22.24 -8.24 33.08
N GLU C 198 -20.96 -8.56 32.90
CA GLU C 198 -20.22 -9.55 33.70
C GLU C 198 -18.74 -9.30 33.43
N THR C 199 -18.02 -8.85 34.45
CA THR C 199 -16.60 -8.56 34.31
C THR C 199 -15.78 -9.33 35.31
N TYR C 200 -14.75 -10.00 34.84
CA TYR C 200 -13.86 -10.75 35.73
C TYR C 200 -12.45 -10.11 35.74
N CYS C 201 -12.23 -9.29 36.77
CA CYS C 201 -10.98 -8.54 36.98
C CYS C 201 -9.84 -9.33 37.58
N ILE C 202 -8.76 -9.43 36.82
CA ILE C 202 -7.58 -10.16 37.23
C ILE C 202 -6.41 -9.20 37.44
N ASP C 203 -5.53 -9.51 38.40
CA ASP C 203 -4.39 -8.65 38.73
C ASP C 203 -3.05 -9.37 38.62
N ASN C 204 -2.25 -8.95 37.65
CA ASN C 204 -0.95 -9.56 37.44
C ASN C 204 -0.17 -9.86 38.71
N GLU C 205 -0.39 -9.09 39.79
CA GLU C 205 0.33 -9.32 41.05
C GLU C 205 -0.48 -10.16 42.05
N ALA C 206 -1.78 -10.25 41.84
CA ALA C 206 -2.59 -11.07 42.71
C ALA C 206 -2.27 -12.49 42.26
N LEU C 207 -1.91 -12.59 40.99
CA LEU C 207 -1.55 -13.85 40.35
C LEU C 207 -0.18 -14.28 40.81
N TYR C 208 0.81 -13.42 40.62
CA TYR C 208 2.14 -13.74 41.05
C TYR C 208 2.00 -14.39 42.40
N ASP C 209 1.56 -13.61 43.38
CA ASP C 209 1.36 -14.11 44.73
C ASP C 209 0.78 -15.51 44.65
N ILE C 210 -0.49 -15.58 44.26
CA ILE C 210 -1.20 -16.84 44.15
C ILE C 210 -0.46 -17.87 43.30
N CYS C 211 0.56 -17.42 42.57
CA CYS C 211 1.32 -18.29 41.68
C CYS C 211 2.71 -18.60 42.19
N PHE C 212 3.18 -17.83 43.17
CA PHE C 212 4.50 -18.03 43.73
C PHE C 212 4.44 -18.60 45.16
N ARG C 213 3.26 -18.58 45.77
CA ARG C 213 3.13 -19.13 47.10
C ARG C 213 2.08 -20.26 47.15
N THR C 214 1.18 -20.28 46.18
CA THR C 214 0.15 -21.31 46.12
C THR C 214 0.56 -22.35 45.08
N LEU C 215 1.68 -22.05 44.44
CA LEU C 215 2.35 -22.89 43.45
C LEU C 215 3.76 -22.43 43.77
N LYS C 216 4.51 -23.26 44.48
CA LYS C 216 5.87 -22.89 44.86
C LYS C 216 6.66 -22.37 43.64
N LEU C 217 5.98 -22.20 42.52
CA LEU C 217 6.56 -21.71 41.27
C LEU C 217 7.47 -20.49 41.52
N THR C 218 8.76 -20.66 41.27
CA THR C 218 9.75 -19.59 41.48
C THR C 218 9.93 -18.60 40.31
N THR C 219 9.72 -19.07 39.08
CA THR C 219 9.84 -18.21 37.91
C THR C 219 8.52 -18.14 37.15
N PRO C 220 7.53 -17.44 37.71
CA PRO C 220 6.23 -17.31 37.07
C PRO C 220 6.25 -16.39 35.86
N THR C 221 6.54 -16.97 34.71
CA THR C 221 6.56 -16.19 33.49
C THR C 221 5.15 -15.70 33.20
N TYR C 222 4.99 -14.78 32.26
CA TYR C 222 3.66 -14.29 31.91
C TYR C 222 2.84 -15.48 31.47
N GLY C 223 3.37 -16.24 30.51
CA GLY C 223 2.67 -17.40 30.00
C GLY C 223 1.89 -18.08 31.10
N ASP C 224 2.52 -18.19 32.26
CA ASP C 224 1.91 -18.82 33.41
C ASP C 224 0.68 -18.03 33.82
N LEU C 225 0.90 -16.84 34.39
CA LEU C 225 -0.21 -16.01 34.83
C LEU C 225 -1.36 -16.22 33.87
N ASN C 226 -1.10 -15.91 32.61
CA ASN C 226 -2.10 -16.06 31.56
C ASN C 226 -2.75 -17.42 31.68
N HIS C 227 -1.92 -18.45 31.71
CA HIS C 227 -2.36 -19.81 31.82
C HIS C 227 -3.33 -20.02 32.99
N LEU C 228 -2.98 -19.48 34.15
CA LEU C 228 -3.83 -19.61 35.33
C LEU C 228 -5.18 -18.96 35.08
N VAL C 229 -5.15 -17.75 34.57
CA VAL C 229 -6.37 -16.98 34.26
C VAL C 229 -7.27 -17.80 33.34
N SER C 230 -6.70 -18.15 32.19
CA SER C 230 -7.39 -18.91 31.15
C SER C 230 -8.03 -20.18 31.73
N ALA C 231 -7.49 -20.60 32.85
CA ALA C 231 -7.97 -21.80 33.56
C ALA C 231 -9.35 -21.54 34.18
N THR C 232 -9.52 -20.30 34.61
CA THR C 232 -10.75 -19.86 35.28
C THR C 232 -11.86 -19.58 34.26
N MET C 233 -11.50 -18.91 33.19
CA MET C 233 -12.47 -18.53 32.14
C MET C 233 -12.98 -19.77 31.41
N SER C 234 -12.30 -20.89 31.61
CA SER C 234 -12.69 -22.17 31.00
C SER C 234 -13.72 -22.86 31.89
N GLY C 235 -13.52 -22.68 33.18
CA GLY C 235 -14.41 -23.23 34.22
C GLY C 235 -15.77 -22.55 34.14
N VAL C 236 -15.69 -21.25 33.88
CA VAL C 236 -16.87 -20.39 33.75
C VAL C 236 -17.75 -20.86 32.59
N THR C 237 -17.43 -20.31 31.43
CA THR C 237 -18.15 -20.59 30.18
C THR C 237 -18.09 -22.09 29.84
N THR C 238 -17.36 -22.37 28.79
CA THR C 238 -17.17 -23.72 28.23
C THR C 238 -17.68 -24.81 29.16
N CYS C 239 -17.19 -24.77 30.39
CA CYS C 239 -17.57 -25.74 31.41
C CYS C 239 -19.08 -25.92 31.45
N LEU C 240 -19.78 -24.88 31.89
CA LEU C 240 -21.22 -24.96 32.02
C LEU C 240 -21.94 -25.39 30.76
N ARG C 241 -21.21 -25.39 29.64
CA ARG C 241 -21.80 -25.82 28.40
C ARG C 241 -21.56 -27.31 28.30
N PHE C 242 -21.49 -27.91 29.48
CA PHE C 242 -21.31 -29.34 29.65
C PHE C 242 -22.51 -29.76 30.49
N PRO C 243 -22.73 -31.08 30.62
CA PRO C 243 -23.85 -31.56 31.42
C PRO C 243 -23.57 -31.30 32.88
N GLY C 244 -24.52 -31.66 33.75
CA GLY C 244 -24.32 -31.46 35.18
C GLY C 244 -25.61 -31.74 35.93
N GLN C 245 -25.47 -32.16 37.19
CA GLN C 245 -26.66 -32.44 37.97
C GLN C 245 -27.43 -31.14 38.01
N LEU C 246 -26.69 -30.06 38.23
CA LEU C 246 -27.26 -28.72 38.29
C LEU C 246 -26.39 -27.78 37.48
N ASN C 247 -26.70 -27.64 36.20
CA ASN C 247 -25.89 -26.77 35.37
C ASN C 247 -26.51 -25.41 35.19
N ALA C 248 -25.65 -24.45 34.91
CA ALA C 248 -26.04 -23.08 34.68
C ALA C 248 -25.38 -22.68 33.37
N ASP C 249 -25.48 -21.39 33.02
CA ASP C 249 -24.89 -20.87 31.79
C ASP C 249 -24.91 -19.36 31.88
N LEU C 250 -23.86 -18.73 31.37
CA LEU C 250 -23.70 -17.28 31.40
C LEU C 250 -24.85 -16.54 32.03
N ARG C 251 -26.06 -16.71 31.51
CA ARG C 251 -27.17 -16.01 32.12
C ARG C 251 -27.36 -16.41 33.58
N LYS C 252 -27.65 -17.68 33.85
CA LYS C 252 -27.82 -18.10 35.26
C LYS C 252 -26.79 -17.33 36.03
N LEU C 253 -25.53 -17.49 35.62
CA LEU C 253 -24.40 -16.82 36.26
C LEU C 253 -24.68 -15.32 36.36
N ALA C 254 -25.22 -14.76 35.28
CA ALA C 254 -25.52 -13.35 35.30
C ALA C 254 -26.77 -13.09 36.15
N VAL C 255 -27.85 -13.81 35.86
CA VAL C 255 -29.08 -13.60 36.59
C VAL C 255 -29.09 -14.05 38.04
N ASN C 256 -27.94 -14.45 38.57
CA ASN C 256 -27.87 -14.88 39.97
C ASN C 256 -26.79 -14.07 40.63
N MET C 257 -26.02 -13.36 39.82
CA MET C 257 -24.90 -12.63 40.36
C MET C 257 -24.98 -11.13 40.34
N VAL C 258 -25.88 -10.59 39.55
CA VAL C 258 -25.96 -9.14 39.50
C VAL C 258 -27.24 -8.62 40.11
N PRO C 259 -27.16 -8.17 41.37
CA PRO C 259 -28.35 -7.65 42.00
C PRO C 259 -28.71 -6.31 41.40
N PHE C 260 -27.70 -5.50 41.10
CA PHE C 260 -28.01 -4.18 40.55
C PHE C 260 -27.22 -3.80 39.30
N PRO C 261 -27.94 -3.60 38.19
CA PRO C 261 -27.56 -3.22 36.82
C PRO C 261 -26.21 -2.62 36.51
N ARG C 262 -25.48 -2.10 37.50
CA ARG C 262 -24.17 -1.52 37.20
C ARG C 262 -23.46 -2.43 36.21
N LEU C 263 -23.48 -3.72 36.52
CA LEU C 263 -22.87 -4.78 35.74
C LEU C 263 -22.05 -5.52 36.77
N HIS C 264 -21.47 -4.75 37.66
CA HIS C 264 -20.67 -5.32 38.71
C HIS C 264 -19.58 -6.24 38.20
N PHE C 265 -18.47 -6.21 38.92
CA PHE C 265 -17.32 -6.96 38.55
C PHE C 265 -17.10 -8.01 39.61
N PHE C 266 -16.59 -9.14 39.17
CA PHE C 266 -16.36 -10.28 40.02
C PHE C 266 -14.88 -10.49 40.23
N MET C 267 -14.53 -11.63 40.83
CA MET C 267 -13.16 -11.95 41.09
C MET C 267 -13.13 -13.45 41.03
N PRO C 268 -12.58 -14.00 39.95
CA PRO C 268 -12.49 -15.45 39.78
C PRO C 268 -11.43 -16.17 40.62
N GLY C 269 -11.73 -17.41 40.99
CA GLY C 269 -10.83 -18.22 41.79
C GLY C 269 -10.96 -19.67 41.38
N PHE C 270 -9.83 -20.32 41.15
CA PHE C 270 -9.83 -21.73 40.74
C PHE C 270 -9.78 -22.61 41.98
N ALA C 271 -10.12 -23.89 41.82
CA ALA C 271 -10.10 -24.81 42.95
C ALA C 271 -8.79 -25.51 43.22
N PRO C 272 -8.56 -26.69 42.61
CA PRO C 272 -7.29 -27.32 42.95
C PRO C 272 -6.12 -26.48 42.49
N LEU C 273 -5.50 -25.77 43.42
CA LEU C 273 -4.36 -24.97 43.05
C LEU C 273 -3.19 -25.42 43.92
N THR C 274 -2.73 -26.63 43.66
CA THR C 274 -1.63 -27.21 44.43
C THR C 274 -0.36 -27.34 43.57
N SER C 275 0.81 -27.16 44.19
CA SER C 275 2.08 -27.26 43.49
C SER C 275 2.22 -28.66 42.89
N ARG C 276 2.97 -28.79 41.81
CA ARG C 276 3.08 -30.10 41.13
C ARG C 276 3.31 -31.35 41.97
N GLY C 277 4.51 -31.91 41.93
CA GLY C 277 4.82 -33.11 42.68
C GLY C 277 4.19 -33.25 44.06
N SER C 278 4.96 -32.96 45.09
CA SER C 278 4.55 -33.01 46.49
C SER C 278 3.10 -32.73 46.77
N GLN C 279 2.78 -31.47 46.96
CA GLN C 279 1.44 -31.00 47.27
C GLN C 279 0.30 -31.90 46.80
N GLN C 280 0.47 -32.56 45.64
CA GLN C 280 -0.50 -33.47 45.01
C GLN C 280 -1.05 -34.36 46.12
N TYR C 281 -1.70 -33.64 47.05
CA TYR C 281 -2.30 -34.18 48.22
C TYR C 281 -3.62 -34.82 47.98
N ARG C 282 -4.27 -34.41 46.90
CA ARG C 282 -5.56 -34.97 46.55
C ARG C 282 -6.59 -34.58 47.57
N ALA C 283 -6.22 -33.79 48.58
CA ALA C 283 -7.22 -33.37 49.56
C ALA C 283 -8.14 -32.52 48.69
N LEU C 284 -9.05 -33.20 48.00
CA LEU C 284 -9.97 -32.53 47.12
C LEU C 284 -11.33 -33.18 47.33
N THR C 285 -11.57 -33.78 48.50
CA THR C 285 -12.87 -34.43 48.72
C THR C 285 -13.97 -33.42 48.36
N VAL C 286 -13.80 -32.16 48.78
CA VAL C 286 -14.70 -31.04 48.52
C VAL C 286 -14.50 -29.95 49.56
N PRO C 287 -14.53 -30.33 50.84
CA PRO C 287 -14.32 -29.27 51.83
C PRO C 287 -13.00 -28.62 51.52
N GLU C 288 -12.17 -29.32 50.77
CA GLU C 288 -10.87 -28.81 50.44
C GLU C 288 -10.96 -27.78 49.35
N LEU C 289 -11.93 -27.94 48.44
CA LEU C 289 -12.11 -26.96 47.37
C LEU C 289 -12.74 -25.67 47.90
N THR C 290 -13.74 -25.80 48.77
CA THR C 290 -14.35 -24.61 49.34
C THR C 290 -13.32 -23.99 50.26
N GLN C 291 -12.50 -24.82 50.89
CA GLN C 291 -11.49 -24.28 51.75
C GLN C 291 -10.74 -23.32 50.85
N GLN C 292 -10.23 -23.86 49.75
CA GLN C 292 -9.47 -23.09 48.77
C GLN C 292 -10.29 -21.85 48.40
N MET C 293 -11.03 -21.96 47.29
CA MET C 293 -11.86 -20.90 46.74
C MET C 293 -12.22 -19.74 47.68
N PHE C 294 -12.72 -20.05 48.86
CA PHE C 294 -13.13 -19.00 49.78
C PHE C 294 -12.11 -18.34 50.68
N ASP C 295 -10.83 -18.62 50.49
CA ASP C 295 -9.83 -17.97 51.33
C ASP C 295 -9.49 -16.62 50.68
N ALA C 296 -8.75 -15.79 51.40
CA ALA C 296 -8.35 -14.50 50.85
C ALA C 296 -7.47 -14.85 49.67
N LYS C 297 -6.18 -15.06 49.92
CA LYS C 297 -5.30 -15.42 48.83
C LYS C 297 -6.04 -16.47 48.05
N ASN C 298 -5.84 -16.46 46.74
CA ASN C 298 -6.47 -17.38 45.81
C ASN C 298 -7.56 -16.67 45.05
N MET C 299 -7.73 -15.38 45.33
CA MET C 299 -8.71 -14.57 44.61
C MET C 299 -7.90 -13.77 43.58
N MET C 300 -8.00 -14.16 42.31
CA MET C 300 -7.26 -13.48 41.26
C MET C 300 -7.29 -11.97 41.35
N ALA C 301 -8.25 -11.45 42.12
CA ALA C 301 -8.38 -10.01 42.30
C ALA C 301 -7.24 -9.55 43.21
N ALA C 302 -7.10 -8.25 43.37
CA ALA C 302 -6.04 -7.73 44.23
C ALA C 302 -6.59 -7.65 45.63
N CYS C 303 -7.77 -7.07 45.73
CA CYS C 303 -8.40 -6.91 47.02
C CYS C 303 -8.69 -8.25 47.67
N ASP C 304 -8.88 -8.19 48.98
CA ASP C 304 -9.17 -9.38 49.76
C ASP C 304 -10.62 -9.36 50.26
N PRO C 305 -11.38 -10.40 49.89
CA PRO C 305 -12.78 -10.56 50.27
C PRO C 305 -13.01 -10.21 51.72
N ARG C 306 -12.12 -10.71 52.57
CA ARG C 306 -12.20 -10.49 54.00
C ARG C 306 -12.36 -9.00 54.32
N HIS C 307 -12.20 -8.16 53.29
CA HIS C 307 -12.31 -6.70 53.47
C HIS C 307 -13.64 -6.13 52.97
N GLY C 308 -14.65 -6.98 52.83
CA GLY C 308 -15.93 -6.52 52.36
C GLY C 308 -16.89 -7.64 52.00
N ARG C 309 -18.14 -7.52 52.45
CA ARG C 309 -19.18 -8.52 52.20
C ARG C 309 -19.24 -8.97 50.74
N TYR C 310 -20.06 -9.97 50.51
CA TYR C 310 -20.28 -10.50 49.17
C TYR C 310 -21.74 -10.24 48.87
N LEU C 311 -22.09 -10.21 47.59
CA LEU C 311 -23.47 -10.02 47.20
C LEU C 311 -23.88 -11.35 46.65
N THR C 312 -23.00 -11.91 45.85
CA THR C 312 -23.27 -13.18 45.23
C THR C 312 -22.00 -13.95 45.07
N VAL C 313 -22.15 -15.25 44.94
CA VAL C 313 -21.03 -16.14 44.78
C VAL C 313 -21.51 -17.27 43.91
N ALA C 314 -20.64 -17.80 43.07
CA ALA C 314 -21.02 -18.86 42.18
C ALA C 314 -19.94 -19.89 42.11
N ALA C 315 -20.08 -20.95 42.89
CA ALA C 315 -19.09 -21.99 42.86
C ALA C 315 -19.48 -22.86 41.71
N VAL C 316 -18.83 -22.67 40.58
CA VAL C 316 -19.14 -23.48 39.42
C VAL C 316 -18.21 -24.70 39.45
N PHE C 317 -18.60 -25.75 40.18
CA PHE C 317 -17.80 -26.97 40.28
C PHE C 317 -17.96 -27.77 39.00
N ARG C 318 -16.98 -28.62 38.71
CA ARG C 318 -17.02 -29.46 37.52
C ARG C 318 -16.22 -30.75 37.73
N GLY C 319 -16.86 -31.71 38.39
CA GLY C 319 -16.25 -33.00 38.69
C GLY C 319 -17.23 -33.74 39.58
N ARG C 320 -17.52 -35.00 39.28
CA ARG C 320 -18.48 -35.79 40.06
C ARG C 320 -18.40 -35.67 41.59
N MET C 321 -19.48 -35.14 42.18
CA MET C 321 -19.60 -34.94 43.63
C MET C 321 -21.06 -34.99 44.07
N SER C 322 -21.23 -35.11 45.39
CA SER C 322 -22.55 -35.20 46.01
C SER C 322 -23.25 -33.88 46.15
N MET C 323 -24.39 -33.75 45.49
CA MET C 323 -25.20 -32.56 45.55
C MET C 323 -25.53 -32.28 46.99
N LYS C 324 -25.08 -33.18 47.86
CA LYS C 324 -25.29 -33.04 49.28
C LYS C 324 -24.03 -32.44 49.90
N GLU C 325 -22.87 -33.04 49.64
CA GLU C 325 -21.64 -32.50 50.21
C GLU C 325 -21.26 -31.18 49.58
N VAL C 326 -21.99 -30.81 48.53
CA VAL C 326 -21.76 -29.55 47.84
C VAL C 326 -22.73 -28.57 48.44
N ASP C 327 -24.01 -28.86 48.26
CA ASP C 327 -25.05 -28.00 48.79
C ASP C 327 -24.86 -27.76 50.27
N GLU C 328 -24.32 -28.76 50.97
CA GLU C 328 -24.10 -28.64 52.40
C GLU C 328 -22.96 -27.68 52.76
N GLN C 329 -21.75 -28.04 52.36
CA GLN C 329 -20.57 -27.24 52.62
C GLN C 329 -20.90 -25.76 52.49
N MET C 330 -21.36 -25.39 51.29
CA MET C 330 -21.74 -24.02 50.97
C MET C 330 -22.42 -23.32 52.13
N LEU C 331 -23.23 -24.08 52.85
CA LEU C 331 -23.96 -23.55 54.00
C LEU C 331 -23.07 -23.14 55.16
N ASN C 332 -22.40 -24.11 55.76
CA ASN C 332 -21.51 -23.81 56.88
C ASN C 332 -20.71 -22.60 56.48
N VAL C 333 -20.18 -22.63 55.27
CA VAL C 333 -19.40 -21.52 54.76
C VAL C 333 -20.19 -20.24 54.92
N GLN C 334 -21.48 -20.29 54.60
CA GLN C 334 -22.34 -19.13 54.70
C GLN C 334 -22.65 -18.74 56.13
N ASN C 335 -22.38 -19.64 57.06
CA ASN C 335 -22.65 -19.35 58.47
C ASN C 335 -21.39 -19.04 59.29
N LYS C 336 -20.27 -19.65 58.92
CA LYS C 336 -19.02 -19.39 59.62
C LYS C 336 -18.60 -17.95 59.32
N ASN C 337 -19.06 -17.44 58.19
CA ASN C 337 -18.71 -16.09 57.76
C ASN C 337 -19.90 -15.19 57.54
N SER C 338 -20.97 -15.43 58.31
CA SER C 338 -22.18 -14.61 58.20
C SER C 338 -21.77 -13.14 58.19
N SER C 339 -20.72 -12.85 58.95
CA SER C 339 -20.17 -11.51 59.06
C SER C 339 -20.11 -10.91 57.66
N TYR C 340 -19.22 -11.44 56.83
CA TYR C 340 -19.10 -10.93 55.48
C TYR C 340 -19.70 -11.85 54.44
N PHE C 341 -20.91 -11.49 54.03
CA PHE C 341 -21.66 -12.27 53.06
C PHE C 341 -22.98 -11.59 52.80
N VAL C 342 -23.12 -10.36 53.30
CA VAL C 342 -24.34 -9.55 53.16
C VAL C 342 -25.56 -10.35 53.60
N GLU C 343 -26.57 -9.69 54.16
CA GLU C 343 -27.72 -10.41 54.66
C GLU C 343 -28.98 -10.39 53.83
N TRP C 344 -29.30 -9.25 53.22
CA TRP C 344 -30.53 -9.16 52.45
C TRP C 344 -30.65 -10.14 51.28
N ILE C 345 -29.81 -11.16 51.30
CA ILE C 345 -29.84 -12.22 50.32
C ILE C 345 -29.71 -13.48 51.16
N PRO C 346 -30.83 -14.14 51.41
CA PRO C 346 -30.80 -15.36 52.21
C PRO C 346 -29.76 -16.40 51.75
N ASN C 347 -29.63 -16.59 50.44
CA ASN C 347 -28.66 -17.54 49.92
C ASN C 347 -27.79 -16.91 48.84
N ASN C 348 -26.77 -16.17 49.27
CA ASN C 348 -25.87 -15.48 48.36
C ASN C 348 -25.31 -16.45 47.34
N VAL C 349 -24.82 -17.56 47.84
CA VAL C 349 -24.20 -18.55 47.00
C VAL C 349 -25.08 -19.17 45.93
N LYS C 350 -24.49 -19.36 44.76
CA LYS C 350 -25.15 -19.98 43.61
C LYS C 350 -24.33 -21.21 43.31
N THR C 351 -24.76 -22.34 43.84
CA THR C 351 -24.07 -23.59 43.60
C THR C 351 -24.38 -24.04 42.20
N ALA C 352 -23.32 -24.41 41.47
CA ALA C 352 -23.43 -24.87 40.11
C ALA C 352 -22.66 -26.15 40.08
N VAL C 353 -23.09 -27.12 39.28
CA VAL C 353 -22.37 -28.39 39.24
C VAL C 353 -22.35 -29.13 37.91
N CYS C 354 -21.21 -29.06 37.26
CA CYS C 354 -20.99 -29.74 36.00
C CYS C 354 -20.71 -31.20 36.36
N ASP C 355 -20.22 -31.97 35.40
CA ASP C 355 -19.90 -33.36 35.64
C ASP C 355 -18.44 -33.57 35.29
N ILE C 356 -18.14 -33.61 33.99
CA ILE C 356 -16.76 -33.81 33.56
C ILE C 356 -15.89 -32.69 34.12
N PRO C 357 -14.73 -33.04 34.68
CA PRO C 357 -13.78 -32.07 35.26
C PRO C 357 -12.69 -31.63 34.30
N PRO C 358 -11.77 -30.80 34.77
CA PRO C 358 -10.68 -30.34 33.91
C PRO C 358 -9.87 -31.55 33.46
N ARG C 359 -9.94 -31.84 32.17
CA ARG C 359 -9.26 -32.97 31.56
C ARG C 359 -8.47 -33.86 32.51
N GLY C 360 -7.29 -33.43 32.93
CA GLY C 360 -6.48 -34.26 33.80
C GLY C 360 -6.72 -34.31 35.30
N LEU C 361 -7.70 -33.54 35.77
CA LEU C 361 -7.99 -33.49 37.20
C LEU C 361 -9.24 -34.28 37.59
N LYS C 362 -9.34 -34.59 38.89
CA LYS C 362 -10.49 -35.33 39.40
C LYS C 362 -11.65 -34.45 39.82
N MET C 363 -11.34 -33.31 40.41
CA MET C 363 -12.37 -32.40 40.87
C MET C 363 -11.87 -30.97 41.02
N SER C 364 -12.60 -30.04 40.40
CA SER C 364 -12.29 -28.60 40.43
C SER C 364 -13.58 -27.82 40.64
N ALA C 365 -13.45 -26.50 40.78
CA ALA C 365 -14.59 -25.61 40.99
C ALA C 365 -14.23 -24.15 40.85
N THR C 366 -14.70 -23.54 39.77
CA THR C 366 -14.44 -22.15 39.51
C THR C 366 -15.28 -21.31 40.47
N PHE C 367 -14.69 -20.21 40.92
CA PHE C 367 -15.35 -19.32 41.85
C PHE C 367 -15.50 -17.96 41.21
N ILE C 368 -16.71 -17.44 41.23
CA ILE C 368 -16.97 -16.14 40.65
C ILE C 368 -17.62 -15.31 41.72
N GLY C 369 -16.82 -14.53 42.43
CA GLY C 369 -17.36 -13.73 43.51
C GLY C 369 -17.70 -12.28 43.20
N ASN C 370 -18.87 -11.87 43.66
CA ASN C 370 -19.31 -10.49 43.46
C ASN C 370 -19.20 -9.75 44.77
N SER C 371 -18.02 -9.68 45.34
CA SER C 371 -17.90 -9.00 46.62
C SER C 371 -17.71 -7.52 46.54
N THR C 372 -18.19 -6.87 47.60
CA THR C 372 -18.15 -5.42 47.77
C THR C 372 -16.73 -4.99 48.03
N ALA C 373 -15.86 -5.97 48.17
CA ALA C 373 -14.46 -5.69 48.43
C ALA C 373 -13.81 -4.99 47.27
N ILE C 374 -14.27 -5.29 46.06
CA ILE C 374 -13.66 -4.68 44.89
C ILE C 374 -13.85 -3.20 44.88
N GLN C 375 -14.42 -2.69 45.95
CA GLN C 375 -14.60 -1.25 46.09
C GLN C 375 -13.18 -0.73 46.23
N GLU C 376 -12.44 -1.35 47.14
CA GLU C 376 -11.06 -0.99 47.41
C GLU C 376 -10.10 -1.24 46.27
N LEU C 377 -10.54 -1.07 45.04
CA LEU C 377 -9.64 -1.23 43.90
C LEU C 377 -9.91 -0.11 42.95
N PHE C 378 -11.19 0.15 42.72
CA PHE C 378 -11.58 1.22 41.86
C PHE C 378 -11.20 2.47 42.62
N LYS C 379 -11.13 2.33 43.94
CA LYS C 379 -10.72 3.44 44.79
C LYS C 379 -9.30 3.72 44.34
N ARG C 380 -8.47 2.71 44.49
CA ARG C 380 -7.07 2.78 44.11
C ARG C 380 -6.97 3.52 42.79
N ILE C 381 -7.41 2.85 41.73
CA ILE C 381 -7.38 3.42 40.40
C ILE C 381 -7.80 4.87 40.46
N SER C 382 -9.02 5.11 40.89
CA SER C 382 -9.56 6.46 40.96
C SER C 382 -8.62 7.42 41.67
N GLU C 383 -7.94 6.95 42.71
CA GLU C 383 -6.99 7.82 43.40
C GLU C 383 -5.88 8.23 42.42
N GLN C 384 -5.11 7.25 41.96
CA GLN C 384 -4.02 7.48 41.03
C GLN C 384 -4.37 8.52 39.98
N PHE C 385 -5.61 8.47 39.50
CA PHE C 385 -6.07 9.42 38.50
C PHE C 385 -5.90 10.82 39.06
N THR C 386 -6.83 11.20 39.93
CA THR C 386 -6.82 12.50 40.57
C THR C 386 -5.42 13.04 40.92
N ALA C 387 -4.61 12.23 41.61
CA ALA C 387 -3.26 12.65 42.01
C ALA C 387 -2.46 13.13 40.82
N MET C 388 -2.78 12.60 39.64
CA MET C 388 -2.08 12.99 38.43
C MET C 388 -2.92 13.83 37.50
N PHE C 389 -4.22 13.64 37.58
CA PHE C 389 -5.08 14.42 36.75
C PHE C 389 -4.85 15.83 37.24
N ARG C 390 -5.01 16.03 38.54
CA ARG C 390 -4.83 17.35 39.11
C ARG C 390 -3.77 18.16 38.37
N ARG C 391 -2.67 17.53 37.98
CA ARG C 391 -1.60 18.24 37.27
C ARG C 391 -1.61 17.99 35.77
N LYS C 392 -2.64 17.32 35.28
CA LYS C 392 -2.81 17.02 33.85
C LYS C 392 -1.62 16.30 33.28
N ALA C 393 -0.88 15.61 34.16
CA ALA C 393 0.33 14.88 33.83
C ALA C 393 0.52 14.60 32.36
N PHE C 394 0.35 13.36 31.93
CA PHE C 394 0.53 13.07 30.51
C PHE C 394 -0.80 13.23 29.79
N LEU C 395 -1.41 14.39 29.97
CA LEU C 395 -2.68 14.61 29.35
C LEU C 395 -2.56 15.06 27.90
N HIS C 396 -1.49 15.78 27.57
CA HIS C 396 -1.35 16.25 26.20
C HIS C 396 -1.35 15.13 25.15
N TRP C 397 -1.02 13.92 25.57
CA TRP C 397 -1.01 12.78 24.67
C TRP C 397 -2.41 12.30 24.40
N TYR C 398 -3.36 12.78 25.19
CA TYR C 398 -4.75 12.41 25.01
C TYR C 398 -5.41 13.51 24.20
N THR C 399 -5.49 14.70 24.78
CA THR C 399 -6.10 15.83 24.11
C THR C 399 -5.53 16.00 22.71
N GLY C 400 -4.20 16.04 22.62
CA GLY C 400 -3.53 16.19 21.34
C GLY C 400 -3.98 15.14 20.33
N GLU C 401 -4.75 14.18 20.82
CA GLU C 401 -5.28 13.11 19.99
C GLU C 401 -6.76 13.32 19.81
N GLY C 402 -7.23 14.53 20.06
CA GLY C 402 -8.64 14.79 19.92
C GLY C 402 -9.37 14.11 21.06
N MET C 403 -9.30 14.74 22.24
CA MET C 403 -9.96 14.22 23.42
C MET C 403 -10.63 15.43 24.05
N ASP C 404 -11.08 15.29 25.30
CA ASP C 404 -11.75 16.39 25.98
C ASP C 404 -11.33 16.44 27.45
N GLU C 405 -11.28 17.63 28.01
CA GLU C 405 -10.89 17.83 29.41
C GLU C 405 -12.07 17.42 30.28
N MET C 406 -13.22 17.28 29.64
CA MET C 406 -14.45 16.90 30.33
C MET C 406 -14.65 15.37 30.21
N GLU C 407 -13.92 14.75 29.29
CA GLU C 407 -13.99 13.30 29.10
C GLU C 407 -13.39 12.58 30.31
N PHE C 408 -12.20 13.02 30.70
CA PHE C 408 -11.53 12.44 31.85
C PHE C 408 -12.36 12.70 33.08
N THR C 409 -12.92 13.89 33.18
CA THR C 409 -13.74 14.25 34.32
C THR C 409 -14.84 13.21 34.43
N GLU C 410 -15.55 13.06 33.33
CA GLU C 410 -16.64 12.12 33.20
C GLU C 410 -16.32 10.75 33.79
N ALA C 411 -15.41 10.05 33.14
CA ALA C 411 -15.00 8.73 33.57
C ALA C 411 -14.70 8.64 35.06
N GLU C 412 -13.71 9.39 35.53
CA GLU C 412 -13.40 9.32 36.93
C GLU C 412 -14.65 9.35 37.77
N SER C 413 -15.40 10.44 37.64
CA SER C 413 -16.63 10.58 38.39
C SER C 413 -17.40 9.29 38.30
N ASN C 414 -17.91 8.98 37.11
CA ASN C 414 -18.65 7.75 36.87
C ASN C 414 -18.06 6.62 37.66
N MET C 415 -16.89 6.14 37.21
CA MET C 415 -16.23 5.04 37.90
C MET C 415 -16.04 5.34 39.38
N ASN C 416 -15.90 6.62 39.71
CA ASN C 416 -15.71 7.04 41.10
C ASN C 416 -17.01 6.83 41.90
N ASP C 417 -18.13 7.15 41.27
CA ASP C 417 -19.44 6.96 41.88
C ASP C 417 -19.64 5.46 42.07
N LEU C 418 -19.20 4.72 41.05
CA LEU C 418 -19.28 3.27 41.04
C LEU C 418 -18.74 2.67 42.34
N VAL C 419 -17.75 3.36 42.92
CA VAL C 419 -17.13 2.95 44.18
C VAL C 419 -18.16 3.17 45.27
N SER C 420 -18.71 4.38 45.25
CA SER C 420 -19.73 4.79 46.19
C SER C 420 -20.78 3.69 46.37
N GLU C 421 -21.56 3.53 45.32
CA GLU C 421 -22.66 2.56 45.25
C GLU C 421 -22.31 1.24 45.94
N TYR C 422 -21.26 0.63 45.46
CA TYR C 422 -20.79 -0.68 45.94
C TYR C 422 -20.72 -0.74 47.47
N GLN C 423 -20.57 0.42 48.08
CA GLN C 423 -20.48 0.50 49.55
C GLN C 423 -21.88 0.47 50.17
N GLN C 424 -22.83 0.88 49.36
CA GLN C 424 -24.25 0.94 49.74
C GLN C 424 -24.78 -0.42 50.19
N TYR C 425 -23.97 -1.44 49.97
CA TYR C 425 -24.37 -2.82 50.28
C TYR C 425 -23.45 -3.41 51.35
N GLN C 426 -22.21 -2.95 51.35
CA GLN C 426 -21.24 -3.36 52.38
C GLN C 426 -21.83 -2.91 53.73
N ASP C 427 -22.85 -2.04 53.64
CA ASP C 427 -23.55 -1.51 54.80
C ASP C 427 -25.06 -1.78 54.71
N ARG D 2 -58.86 -44.36 33.16
CA ARG D 2 -58.02 -45.49 33.62
C ARG D 2 -56.54 -45.14 33.72
N GLU D 3 -56.00 -44.48 32.70
CA GLU D 3 -54.59 -44.11 32.71
C GLU D 3 -54.34 -42.77 33.37
N CYS D 4 -53.07 -42.36 33.34
CA CYS D 4 -52.63 -41.09 33.92
C CYS D 4 -51.36 -40.64 33.23
N ILE D 5 -51.48 -39.70 32.30
CA ILE D 5 -50.29 -39.21 31.60
C ILE D 5 -49.37 -38.54 32.62
N SER D 6 -48.15 -38.23 32.21
CA SER D 6 -47.20 -37.57 33.07
C SER D 6 -46.32 -36.63 32.27
N ILE D 7 -46.13 -35.43 32.82
CA ILE D 7 -45.32 -34.42 32.16
C ILE D 7 -44.19 -34.01 33.09
N HIS D 8 -43.00 -34.52 32.79
CA HIS D 8 -41.82 -34.23 33.57
C HIS D 8 -41.20 -32.93 33.09
N VAL D 9 -41.38 -31.87 33.87
CA VAL D 9 -40.88 -30.56 33.48
C VAL D 9 -39.69 -30.06 34.33
N GLY D 10 -38.70 -29.51 33.62
CA GLY D 10 -37.50 -29.00 34.26
C GLY D 10 -36.43 -30.06 34.31
N GLN D 11 -35.16 -29.69 34.16
CA GLN D 11 -34.11 -30.69 34.21
C GLN D 11 -34.40 -31.68 35.31
N ALA D 12 -34.55 -31.17 36.53
CA ALA D 12 -34.82 -32.03 37.67
C ALA D 12 -35.99 -32.97 37.43
N GLY D 13 -37.17 -32.40 37.18
CA GLY D 13 -38.36 -33.18 36.93
C GLY D 13 -38.11 -34.23 35.87
N VAL D 14 -37.05 -34.03 35.11
CA VAL D 14 -36.66 -34.93 34.04
C VAL D 14 -35.68 -36.00 34.56
N GLN D 15 -34.80 -35.61 35.49
CA GLN D 15 -33.84 -36.52 36.08
C GLN D 15 -34.63 -37.50 36.94
N ILE D 16 -35.52 -36.93 37.75
CA ILE D 16 -36.40 -37.69 38.61
C ILE D 16 -37.25 -38.54 37.67
N GLY D 17 -37.61 -37.95 36.54
CA GLY D 17 -38.43 -38.64 35.56
C GLY D 17 -37.73 -39.87 35.05
N ASN D 18 -36.49 -39.69 34.58
CA ASN D 18 -35.72 -40.81 34.06
C ASN D 18 -35.68 -41.92 35.12
N ALA D 19 -35.62 -41.50 36.38
CA ALA D 19 -35.55 -42.42 37.52
C ALA D 19 -36.84 -43.18 37.76
N CYS D 20 -37.91 -42.43 38.00
CA CYS D 20 -39.22 -43.02 38.22
C CYS D 20 -39.54 -43.85 37.00
N TRP D 21 -39.11 -43.37 35.84
CA TRP D 21 -39.37 -44.11 34.63
C TRP D 21 -38.57 -45.38 34.57
N GLU D 22 -37.43 -45.38 35.24
CA GLU D 22 -36.58 -46.56 35.26
C GLU D 22 -37.25 -47.61 36.13
N LEU D 23 -37.41 -47.31 37.40
CA LEU D 23 -38.03 -48.23 38.32
C LEU D 23 -39.18 -48.94 37.64
N TYR D 24 -39.92 -48.22 36.82
CA TYR D 24 -41.07 -48.80 36.14
C TYR D 24 -40.80 -50.09 35.38
N CYS D 25 -40.24 -49.98 34.19
CA CYS D 25 -39.96 -51.15 33.38
C CYS D 25 -39.33 -52.23 34.24
N LEU D 26 -38.46 -51.80 35.16
CA LEU D 26 -37.75 -52.69 36.05
C LEU D 26 -38.64 -53.67 36.80
N GLU D 27 -39.86 -53.24 37.11
CA GLU D 27 -40.80 -54.07 37.84
C GLU D 27 -41.98 -54.47 36.95
N HIS D 28 -41.77 -54.38 35.63
CA HIS D 28 -42.79 -54.74 34.66
C HIS D 28 -42.20 -55.60 33.55
N GLY D 29 -40.95 -56.01 33.75
CA GLY D 29 -40.26 -56.87 32.78
C GLY D 29 -40.16 -56.36 31.36
N ILE D 30 -40.04 -55.05 31.20
CA ILE D 30 -39.89 -54.43 29.89
C ILE D 30 -38.50 -53.80 29.76
N GLN D 31 -37.58 -54.55 29.15
CA GLN D 31 -36.21 -54.07 28.96
C GLN D 31 -36.20 -52.67 28.35
N PRO D 32 -35.05 -52.02 28.42
CA PRO D 32 -34.90 -50.66 27.87
C PRO D 32 -35.28 -50.60 26.40
N ASP D 33 -35.43 -51.77 25.77
CA ASP D 33 -35.79 -51.84 24.36
C ASP D 33 -37.30 -51.71 24.12
N GLY D 34 -38.04 -51.44 25.18
CA GLY D 34 -39.49 -51.31 25.12
C GLY D 34 -40.23 -52.63 25.25
N GLN D 35 -39.61 -53.73 24.79
CA GLN D 35 -40.27 -55.04 24.73
C GLN D 35 -40.21 -55.72 26.09
N MET D 36 -41.31 -56.33 26.50
CA MET D 36 -41.37 -57.26 27.64
C MET D 36 -41.73 -58.63 27.08
N PRO D 37 -41.29 -59.71 27.73
CA PRO D 37 -41.80 -61.08 27.44
C PRO D 37 -42.76 -61.66 28.48
N ASP D 47 -55.23 -55.44 30.18
CA ASP D 47 -54.59 -54.14 30.47
C ASP D 47 -53.54 -54.13 31.64
N SER D 48 -54.02 -54.27 32.89
CA SER D 48 -53.21 -54.16 34.14
C SER D 48 -52.53 -52.78 34.34
N PHE D 49 -51.44 -52.58 33.59
CA PHE D 49 -50.50 -51.44 33.70
C PHE D 49 -50.57 -50.50 32.53
N ASN D 50 -51.50 -50.79 31.65
CA ASN D 50 -51.80 -49.96 30.49
C ASN D 50 -52.11 -48.51 30.82
N THR D 51 -52.35 -48.21 32.08
CA THR D 51 -52.65 -46.85 32.51
C THR D 51 -51.39 -46.01 32.63
N PHE D 52 -50.33 -46.46 31.98
CA PHE D 52 -49.05 -45.75 32.02
C PHE D 52 -48.17 -46.14 30.84
N PHE D 53 -48.63 -47.10 30.05
CA PHE D 53 -47.88 -47.57 28.89
C PHE D 53 -48.83 -47.96 27.75
N SER D 54 -48.55 -47.44 26.56
CA SER D 54 -49.38 -47.74 25.37
C SER D 54 -48.71 -48.80 24.51
N GLU D 55 -49.47 -49.84 24.13
CA GLU D 55 -48.91 -51.00 23.44
C GLU D 55 -48.67 -50.76 21.93
N THR D 56 -48.04 -49.62 21.62
CA THR D 56 -47.75 -49.27 20.23
C THR D 56 -47.49 -50.50 19.39
N GLY D 57 -48.56 -51.19 18.99
CA GLY D 57 -48.45 -52.39 18.18
C GLY D 57 -48.46 -53.65 19.02
N ALA D 58 -47.43 -54.48 18.86
CA ALA D 58 -46.35 -54.19 17.93
C ALA D 58 -45.03 -54.77 18.42
N GLY D 59 -44.95 -55.04 19.72
CA GLY D 59 -43.75 -55.61 20.31
C GLY D 59 -43.08 -54.64 21.27
N LYS D 60 -43.50 -53.38 21.20
CA LYS D 60 -42.92 -52.33 22.08
C LYS D 60 -43.87 -51.82 23.18
N HIS D 61 -43.44 -50.84 23.96
CA HIS D 61 -44.25 -50.28 25.04
C HIS D 61 -43.96 -48.80 25.23
N VAL D 62 -44.01 -48.03 24.14
CA VAL D 62 -43.75 -46.60 24.20
C VAL D 62 -44.31 -45.98 25.47
N PRO D 63 -43.51 -45.16 26.13
CA PRO D 63 -43.91 -44.50 27.38
C PRO D 63 -45.31 -43.90 27.26
N ARG D 64 -45.76 -43.22 28.31
CA ARG D 64 -47.06 -42.60 28.31
C ARG D 64 -46.90 -41.25 28.97
N ALA D 65 -45.84 -40.54 28.60
CA ALA D 65 -45.55 -39.24 29.16
C ALA D 65 -44.75 -38.36 28.23
N VAL D 66 -44.34 -37.20 28.74
CA VAL D 66 -43.54 -36.30 27.93
C VAL D 66 -42.44 -35.65 28.75
N PHE D 67 -41.49 -35.01 28.06
CA PHE D 67 -40.37 -34.35 28.70
C PHE D 67 -40.13 -32.94 28.20
N VAL D 68 -40.25 -31.96 29.10
CA VAL D 68 -40.07 -30.56 28.73
C VAL D 68 -38.89 -29.86 29.43
N ASP D 69 -37.49 -29.47 28.61
CA ASP D 69 -36.46 -28.67 29.25
C ASP D 69 -36.00 -27.66 28.23
N LEU D 70 -35.64 -26.47 28.69
CA LEU D 70 -35.24 -25.44 27.74
C LEU D 70 -33.73 -25.50 27.32
N GLU D 71 -32.88 -26.13 28.13
CA GLU D 71 -31.52 -26.55 27.71
C GLU D 71 -31.55 -28.03 27.29
N PRO D 72 -30.86 -28.37 26.22
CA PRO D 72 -30.87 -29.73 25.70
C PRO D 72 -30.13 -30.72 26.60
N THR D 73 -28.99 -30.31 27.16
CA THR D 73 -28.13 -31.11 28.05
C THR D 73 -28.75 -32.35 28.70
N VAL D 74 -29.87 -32.14 29.39
CA VAL D 74 -30.46 -33.13 30.28
C VAL D 74 -31.37 -34.16 29.61
N ILE D 75 -32.19 -33.68 28.69
CA ILE D 75 -33.00 -34.56 27.84
C ILE D 75 -32.11 -35.28 26.86
N ASP D 76 -31.03 -34.63 26.46
CA ASP D 76 -30.04 -35.25 25.61
C ASP D 76 -29.50 -36.55 26.19
N GLU D 77 -29.06 -36.48 27.45
CA GLU D 77 -28.52 -37.64 28.15
C GLU D 77 -29.47 -38.86 28.13
N VAL D 78 -30.80 -38.62 28.20
CA VAL D 78 -31.82 -39.68 28.07
C VAL D 78 -31.70 -40.40 26.76
N ARG D 79 -31.56 -39.64 25.67
CA ARG D 79 -31.38 -40.22 24.34
C ARG D 79 -29.93 -40.61 24.05
N THR D 80 -29.16 -40.92 25.10
CA THR D 80 -27.85 -41.58 24.98
C THR D 80 -27.83 -42.95 25.69
N GLY D 81 -28.29 -42.94 26.95
CA GLY D 81 -28.20 -44.10 27.83
C GLY D 81 -29.42 -44.98 27.77
N THR D 82 -29.18 -46.28 27.56
CA THR D 82 -30.23 -47.30 27.40
C THR D 82 -31.46 -46.89 28.16
N TYR D 83 -32.58 -46.96 27.46
CA TYR D 83 -33.82 -46.22 27.73
C TYR D 83 -33.93 -45.29 26.55
N ARG D 84 -32.79 -45.01 25.94
CA ARG D 84 -32.75 -44.31 24.68
C ARG D 84 -33.79 -44.92 23.76
N GLN D 85 -33.94 -46.23 23.87
CA GLN D 85 -34.86 -46.97 23.04
C GLN D 85 -36.32 -46.90 23.52
N LEU D 86 -36.52 -46.39 24.74
CA LEU D 86 -37.80 -46.54 25.44
C LEU D 86 -38.85 -45.56 25.00
N PHE D 87 -38.52 -44.29 24.99
CA PHE D 87 -39.46 -43.27 24.60
C PHE D 87 -39.49 -43.12 23.09
N HIS D 88 -40.46 -42.36 22.58
CA HIS D 88 -40.50 -41.99 21.16
C HIS D 88 -39.64 -40.76 20.90
N PRO D 89 -38.85 -40.78 19.83
CA PRO D 89 -37.94 -39.68 19.57
C PRO D 89 -38.74 -38.42 19.75
N GLU D 90 -40.04 -38.46 19.45
CA GLU D 90 -40.83 -37.26 19.57
C GLU D 90 -41.02 -36.77 20.97
N GLN D 91 -41.44 -37.63 21.90
CA GLN D 91 -41.97 -37.14 23.17
C GLN D 91 -41.02 -36.35 24.09
N LEU D 92 -39.75 -36.24 23.71
CA LEU D 92 -38.76 -35.48 24.49
C LEU D 92 -38.40 -34.15 23.86
N ILE D 93 -39.75 -32.81 24.40
CA ILE D 93 -39.76 -31.41 23.97
C ILE D 93 -38.57 -30.64 24.54
N THR D 94 -37.95 -29.83 23.70
CA THR D 94 -36.79 -29.02 24.07
C THR D 94 -36.84 -27.66 23.39
N GLY D 95 -36.26 -26.67 24.05
CA GLY D 95 -36.19 -25.33 23.49
C GLY D 95 -34.74 -24.91 23.54
N LYS D 96 -33.97 -25.36 22.55
CA LYS D 96 -32.53 -25.08 22.43
C LYS D 96 -32.11 -23.77 23.07
N GLU D 97 -33.06 -22.85 23.14
CA GLU D 97 -32.84 -21.53 23.70
C GLU D 97 -32.22 -21.53 25.07
N ASP D 98 -32.80 -20.76 25.98
CA ASP D 98 -32.22 -20.64 27.31
C ASP D 98 -33.17 -21.01 28.45
N ALA D 99 -32.63 -21.70 29.44
CA ALA D 99 -33.39 -22.11 30.60
C ALA D 99 -33.76 -20.91 31.50
N ALA D 100 -32.73 -20.33 32.13
CA ALA D 100 -32.88 -19.17 33.00
C ALA D 100 -33.49 -19.53 34.33
N ASN D 101 -32.72 -19.43 35.39
CA ASN D 101 -33.26 -19.80 36.68
C ASN D 101 -34.25 -18.78 37.20
N ASN D 102 -35.11 -18.32 36.32
CA ASN D 102 -36.10 -17.35 36.71
C ASN D 102 -37.46 -17.64 36.13
N TYR D 103 -38.42 -17.72 37.05
CA TYR D 103 -39.81 -17.96 36.76
C TYR D 103 -40.22 -17.19 35.49
N ALA D 104 -40.47 -15.90 35.66
CA ALA D 104 -40.85 -15.01 34.57
C ALA D 104 -40.48 -15.49 33.18
N ARG D 105 -39.19 -15.48 32.91
CA ARG D 105 -38.67 -15.91 31.62
C ARG D 105 -39.21 -17.27 31.23
N GLY D 106 -39.16 -18.22 32.14
CA GLY D 106 -39.66 -19.54 31.81
C GLY D 106 -41.16 -19.62 31.62
N HIS D 107 -41.91 -18.84 32.39
CA HIS D 107 -43.35 -18.85 32.28
C HIS D 107 -43.76 -17.99 31.10
N TYR D 108 -43.56 -16.69 31.23
CA TYR D 108 -43.88 -15.71 30.19
C TYR D 108 -42.92 -15.81 29.01
N THR D 109 -42.18 -14.74 28.77
CA THR D 109 -41.21 -14.66 27.68
C THR D 109 -40.85 -15.94 26.96
N ILE D 110 -39.79 -16.62 27.35
CA ILE D 110 -39.40 -17.82 26.64
C ILE D 110 -40.37 -18.99 26.76
N GLY D 111 -40.44 -19.59 27.93
CA GLY D 111 -41.33 -20.73 28.12
C GLY D 111 -42.59 -20.73 27.28
N LYS D 112 -43.13 -19.55 26.98
CA LYS D 112 -44.34 -19.43 26.19
C LYS D 112 -44.24 -20.11 24.84
N GLU D 113 -43.26 -19.70 24.06
CA GLU D 113 -43.03 -20.25 22.73
C GLU D 113 -43.22 -21.76 22.59
N ILE D 114 -42.78 -22.51 23.60
CA ILE D 114 -42.85 -23.96 23.57
C ILE D 114 -44.20 -24.56 23.96
N ILE D 115 -44.82 -23.98 24.98
CA ILE D 115 -46.08 -24.46 25.52
C ILE D 115 -47.04 -25.07 24.50
N ASP D 116 -47.43 -24.32 23.48
CA ASP D 116 -48.33 -24.84 22.45
C ASP D 116 -47.87 -26.27 22.18
N LEU D 117 -46.73 -26.36 21.50
CA LEU D 117 -46.11 -27.61 21.15
C LEU D 117 -46.22 -28.60 22.30
N VAL D 118 -45.83 -28.17 23.50
CA VAL D 118 -45.90 -29.03 24.67
C VAL D 118 -47.30 -29.60 24.75
N LEU D 119 -48.27 -28.71 24.95
CA LEU D 119 -49.67 -29.10 25.05
C LEU D 119 -50.00 -30.13 23.98
N ASP D 120 -49.76 -29.77 22.72
CA ASP D 120 -50.04 -30.65 21.61
C ASP D 120 -49.80 -32.12 21.93
N ARG D 121 -48.69 -32.43 22.60
CA ARG D 121 -48.42 -33.82 22.94
C ARG D 121 -49.36 -34.34 24.02
N ILE D 122 -49.63 -33.50 25.03
CA ILE D 122 -50.51 -33.91 26.11
C ILE D 122 -51.96 -33.84 25.66
N ARG D 123 -52.15 -33.64 24.36
CA ARG D 123 -53.48 -33.60 23.73
C ARG D 123 -53.46 -34.66 22.64
N LYS D 124 -52.26 -35.00 22.19
CA LYS D 124 -52.04 -36.01 21.17
C LYS D 124 -51.87 -37.35 21.87
N LEU D 125 -51.27 -37.30 23.07
CA LEU D 125 -51.04 -38.50 23.89
C LEU D 125 -52.29 -38.74 24.75
N ALA D 126 -53.06 -37.68 24.97
CA ALA D 126 -54.28 -37.76 25.78
C ALA D 126 -55.45 -38.32 24.97
N ASP D 127 -55.32 -38.25 23.66
CA ASP D 127 -56.36 -38.72 22.76
C ASP D 127 -56.21 -40.22 22.51
N GLN D 128 -55.02 -40.59 22.04
CA GLN D 128 -54.68 -41.97 21.74
C GLN D 128 -55.19 -43.01 22.75
N CYS D 129 -55.19 -42.65 24.04
CA CYS D 129 -55.62 -43.55 25.11
C CYS D 129 -57.12 -43.92 25.15
N THR D 130 -57.55 -44.48 26.29
CA THR D 130 -58.95 -44.88 26.50
C THR D 130 -59.41 -44.39 27.87
N GLY D 131 -60.31 -43.42 27.89
CA GLY D 131 -60.79 -42.88 29.15
C GLY D 131 -59.69 -42.78 30.19
N LEU D 132 -58.94 -41.68 30.17
CA LEU D 132 -57.84 -41.46 31.12
C LEU D 132 -58.37 -40.90 32.44
N GLN D 133 -57.46 -40.65 33.37
CA GLN D 133 -57.83 -40.11 34.68
C GLN D 133 -57.11 -38.81 35.00
N GLY D 134 -55.96 -38.58 34.38
CA GLY D 134 -55.23 -37.36 34.66
C GLY D 134 -53.77 -37.39 34.24
N PHE D 135 -53.05 -36.33 34.62
CA PHE D 135 -51.63 -36.19 34.29
C PHE D 135 -50.74 -36.02 35.52
N SER D 136 -49.89 -37.01 35.77
CA SER D 136 -48.97 -36.92 36.89
C SER D 136 -47.86 -36.00 36.39
N VAL D 137 -47.83 -34.78 36.89
CA VAL D 137 -46.84 -33.77 36.51
C VAL D 137 -45.58 -33.83 37.40
N PHE D 138 -44.39 -33.75 36.82
CA PHE D 138 -43.17 -33.79 37.62
C PHE D 138 -42.32 -32.53 37.45
N HIS D 139 -42.32 -31.67 38.45
CA HIS D 139 -41.53 -30.43 38.37
C HIS D 139 -40.77 -30.13 39.65
N SER D 140 -39.81 -29.23 39.53
CA SER D 140 -38.96 -28.83 40.65
C SER D 140 -39.13 -27.41 41.16
N PHE D 141 -40.31 -27.14 41.70
CA PHE D 141 -40.65 -25.85 42.27
C PHE D 141 -39.72 -24.67 42.02
N GLY D 142 -38.51 -24.72 42.59
CA GLY D 142 -37.58 -23.61 42.45
C GLY D 142 -36.61 -23.61 41.28
N GLY D 143 -37.13 -23.65 40.07
CA GLY D 143 -36.28 -23.64 38.90
C GLY D 143 -36.83 -22.62 37.91
N GLY D 144 -36.31 -22.64 36.69
CA GLY D 144 -36.79 -21.73 35.68
C GLY D 144 -37.82 -22.45 34.84
N THR D 145 -37.39 -23.55 34.21
CA THR D 145 -38.26 -24.35 33.37
C THR D 145 -39.23 -25.13 34.23
N GLY D 146 -38.85 -25.38 35.48
CA GLY D 146 -39.72 -26.15 36.35
C GLY D 146 -40.82 -25.39 37.06
N SER D 147 -40.51 -24.18 37.49
CA SER D 147 -41.47 -23.35 38.19
C SER D 147 -42.35 -22.66 37.16
N GLY D 148 -41.74 -21.72 36.45
CA GLY D 148 -42.44 -20.95 35.44
C GLY D 148 -43.24 -21.80 34.48
N PHE D 149 -42.58 -22.31 33.45
CA PHE D 149 -43.25 -23.12 32.45
C PHE D 149 -44.48 -23.87 32.96
N THR D 150 -44.25 -24.92 33.73
CA THR D 150 -45.35 -25.72 34.27
C THR D 150 -46.46 -24.80 34.67
N SER D 151 -46.12 -23.81 35.47
CA SER D 151 -47.12 -22.87 35.93
C SER D 151 -48.18 -22.68 34.86
N LEU D 152 -47.75 -22.39 33.63
CA LEU D 152 -48.73 -22.22 32.58
C LEU D 152 -49.15 -23.53 31.90
N LEU D 153 -48.36 -24.57 32.07
CA LEU D 153 -48.70 -25.87 31.49
C LEU D 153 -49.90 -26.39 32.27
N MET D 154 -49.75 -26.50 33.57
CA MET D 154 -50.83 -26.95 34.42
C MET D 154 -51.95 -25.95 34.22
N GLU D 155 -51.56 -24.71 33.99
CA GLU D 155 -52.51 -23.63 33.79
C GLU D 155 -53.38 -23.98 32.61
N ARG D 156 -52.76 -24.17 31.44
CA ARG D 156 -53.50 -24.52 30.23
C ARG D 156 -54.24 -25.87 30.29
N LEU D 157 -53.91 -26.71 31.28
CA LEU D 157 -54.56 -28.02 31.46
C LEU D 157 -55.89 -27.87 32.21
N SER D 158 -55.83 -27.19 33.35
CA SER D 158 -57.01 -26.98 34.16
C SER D 158 -58.18 -26.44 33.35
N VAL D 159 -57.89 -25.91 32.17
CA VAL D 159 -58.95 -25.38 31.31
C VAL D 159 -59.30 -26.34 30.20
N ASP D 160 -58.31 -27.03 29.67
CA ASP D 160 -58.53 -27.96 28.59
C ASP D 160 -59.06 -29.30 29.05
N TYR D 161 -58.89 -29.60 30.33
CA TYR D 161 -59.40 -30.86 30.88
C TYR D 161 -59.81 -30.68 32.31
N GLY D 162 -60.51 -29.59 32.62
CA GLY D 162 -60.92 -29.38 34.01
C GLY D 162 -61.52 -30.64 34.60
N LYS D 163 -62.07 -31.47 33.73
CA LYS D 163 -62.73 -32.71 34.09
C LYS D 163 -61.80 -33.90 34.32
N LYS D 164 -60.71 -33.69 35.04
CA LYS D 164 -59.77 -34.77 35.33
C LYS D 164 -58.96 -34.50 36.59
N SER D 165 -57.95 -35.33 36.79
CA SER D 165 -57.06 -35.19 37.94
C SER D 165 -55.77 -34.51 37.55
N LYS D 166 -55.34 -33.60 38.41
CA LYS D 166 -54.10 -32.87 38.21
C LYS D 166 -53.25 -33.00 39.46
N LEU D 167 -52.58 -34.14 39.58
CA LEU D 167 -51.74 -34.38 40.71
C LEU D 167 -50.32 -34.04 40.28
N GLU D 168 -49.78 -32.98 40.85
CA GLU D 168 -48.43 -32.59 40.49
C GLU D 168 -47.48 -33.00 41.57
N PHE D 169 -46.48 -33.77 41.18
CA PHE D 169 -45.47 -34.26 42.09
C PHE D 169 -44.26 -33.32 42.11
N SER D 170 -44.19 -32.48 43.14
CA SER D 170 -43.12 -31.51 43.27
C SER D 170 -41.96 -31.85 44.20
N ILE D 171 -40.84 -31.15 44.02
CA ILE D 171 -39.62 -31.30 44.80
C ILE D 171 -39.35 -29.88 45.28
N TYR D 172 -40.11 -29.47 46.29
CA TYR D 172 -40.00 -28.13 46.80
C TYR D 172 -38.73 -27.86 47.61
N PRO D 173 -38.17 -26.63 47.49
CA PRO D 173 -36.99 -25.99 48.08
C PRO D 173 -36.44 -26.55 49.39
N ALA D 174 -35.19 -27.00 49.38
CA ALA D 174 -34.55 -27.52 50.57
C ALA D 174 -34.61 -26.41 51.61
N PRO D 175 -35.06 -26.74 52.81
CA PRO D 175 -35.21 -25.79 53.93
C PRO D 175 -34.00 -24.88 54.26
N GLN D 176 -32.79 -25.34 53.98
CA GLN D 176 -31.60 -24.54 54.26
C GLN D 176 -30.56 -24.75 53.20
N VAL D 177 -30.69 -25.87 52.50
CA VAL D 177 -29.76 -26.24 51.46
C VAL D 177 -30.34 -26.00 50.08
N SER D 178 -30.74 -24.76 49.79
CA SER D 178 -31.30 -24.47 48.48
C SER D 178 -30.12 -24.34 47.55
N THR D 179 -30.40 -24.16 46.26
CA THR D 179 -29.34 -24.03 45.30
C THR D 179 -29.40 -22.64 44.68
N ALA D 180 -30.33 -22.44 43.75
CA ALA D 180 -30.50 -21.16 43.10
C ALA D 180 -30.52 -20.07 44.16
N VAL D 181 -30.05 -18.90 43.78
CA VAL D 181 -30.00 -17.78 44.70
C VAL D 181 -31.38 -17.21 44.89
N VAL D 182 -32.18 -17.31 43.84
CA VAL D 182 -33.53 -16.79 43.84
C VAL D 182 -34.62 -17.76 44.28
N GLU D 183 -34.38 -19.07 44.12
CA GLU D 183 -35.30 -20.15 44.48
C GLU D 183 -36.69 -19.71 44.95
N PRO D 184 -36.79 -18.98 46.08
CA PRO D 184 -38.12 -18.55 46.54
C PRO D 184 -38.92 -17.76 45.50
N TYR D 185 -38.28 -16.83 44.82
CA TYR D 185 -38.98 -16.09 43.79
C TYR D 185 -39.65 -17.11 42.90
N ASN D 186 -38.89 -18.10 42.46
CA ASN D 186 -39.42 -19.13 41.58
C ASN D 186 -40.42 -20.09 42.19
N SER D 187 -40.45 -20.19 43.51
CA SER D 187 -41.36 -21.12 44.18
C SER D 187 -42.57 -20.50 44.80
N ILE D 188 -42.54 -19.19 44.99
CA ILE D 188 -43.71 -18.55 45.54
C ILE D 188 -44.57 -18.29 44.33
N LEU D 189 -43.92 -18.33 43.17
CA LEU D 189 -44.57 -18.07 41.89
C LEU D 189 -45.14 -19.30 41.22
N THR D 190 -44.58 -20.46 41.50
CA THR D 190 -45.10 -21.68 40.89
C THR D 190 -46.25 -22.17 41.75
N THR D 191 -46.27 -21.75 43.00
CA THR D 191 -47.31 -22.17 43.92
C THR D 191 -48.60 -21.42 43.66
N HIS D 192 -48.50 -20.10 43.52
CA HIS D 192 -49.68 -19.25 43.32
C HIS D 192 -50.36 -19.42 41.98
N THR D 193 -49.58 -19.75 40.97
CA THR D 193 -50.09 -19.93 39.63
C THR D 193 -50.65 -21.34 39.42
N THR D 194 -50.10 -22.31 40.14
CA THR D 194 -50.56 -23.69 40.00
C THR D 194 -51.67 -24.01 41.00
N LEU D 195 -51.66 -23.31 42.13
CA LEU D 195 -52.62 -23.51 43.21
C LEU D 195 -54.06 -23.66 42.77
N GLU D 196 -54.46 -22.76 41.88
CA GLU D 196 -55.81 -22.73 41.37
C GLU D 196 -55.96 -23.63 40.14
N HIS D 197 -55.10 -24.63 40.03
CA HIS D 197 -55.12 -25.53 38.89
C HIS D 197 -54.85 -27.02 39.18
N SER D 198 -54.15 -27.31 40.28
CA SER D 198 -53.85 -28.69 40.62
C SER D 198 -54.96 -29.34 41.42
N ASP D 199 -54.90 -30.66 41.47
CA ASP D 199 -55.87 -31.46 42.20
C ASP D 199 -55.28 -31.83 43.55
N CYS D 200 -54.07 -32.39 43.49
CA CYS D 200 -53.33 -32.81 44.67
C CYS D 200 -51.87 -32.65 44.30
N ALA D 201 -51.14 -31.90 45.11
CA ALA D 201 -49.73 -31.72 44.84
C ALA D 201 -48.88 -32.49 45.84
N PHE D 202 -48.21 -33.53 45.36
CA PHE D 202 -47.34 -34.31 46.23
C PHE D 202 -46.04 -33.56 46.41
N MET D 203 -45.46 -33.69 47.59
CA MET D 203 -44.22 -32.98 47.87
C MET D 203 -43.16 -33.86 48.46
N VAL D 204 -41.96 -33.74 47.92
CA VAL D 204 -40.80 -34.50 48.35
C VAL D 204 -39.64 -33.51 48.47
N ASP D 205 -39.20 -33.30 49.71
CA ASP D 205 -38.14 -32.35 50.03
C ASP D 205 -36.78 -32.91 49.74
N ASN D 206 -36.04 -32.27 48.83
CA ASN D 206 -34.70 -32.73 48.47
C ASN D 206 -33.77 -32.94 49.66
N GLU D 207 -33.66 -31.97 50.56
CA GLU D 207 -32.78 -32.11 51.73
C GLU D 207 -33.25 -33.20 52.69
N ALA D 208 -34.48 -33.08 53.17
CA ALA D 208 -35.05 -34.05 54.09
C ALA D 208 -34.98 -35.49 53.57
N ILE D 209 -34.54 -35.67 52.33
CA ILE D 209 -34.38 -36.99 51.74
C ILE D 209 -32.93 -37.40 52.00
N TYR D 210 -32.05 -36.41 52.04
CA TYR D 210 -30.65 -36.69 52.29
C TYR D 210 -30.52 -37.29 53.67
N ASP D 211 -31.24 -36.72 54.62
CA ASP D 211 -31.18 -37.22 55.97
C ASP D 211 -31.43 -38.69 55.90
N ILE D 212 -32.48 -39.07 55.19
CA ILE D 212 -32.80 -40.48 55.04
C ILE D 212 -31.63 -41.26 54.49
N CYS D 213 -30.83 -40.63 53.63
CA CYS D 213 -29.67 -41.28 53.02
C CYS D 213 -28.48 -41.33 53.96
N ARG D 214 -28.52 -40.47 54.98
CA ARG D 214 -27.46 -40.42 55.96
C ARG D 214 -27.86 -41.28 57.16
N ARG D 215 -29.06 -41.03 57.69
CA ARG D 215 -29.58 -41.71 58.85
C ARG D 215 -30.26 -43.05 58.65
N ASN D 216 -30.92 -43.24 57.51
CA ASN D 216 -31.61 -44.50 57.27
C ASN D 216 -31.12 -45.29 56.08
N LEU D 217 -29.80 -45.36 55.92
CA LEU D 217 -29.26 -46.07 54.78
C LEU D 217 -27.75 -45.92 54.82
N ASP D 218 -27.32 -44.86 55.49
CA ASP D 218 -25.91 -44.56 55.67
C ASP D 218 -25.13 -44.45 54.37
N ILE D 219 -24.82 -43.22 53.99
CA ILE D 219 -24.05 -42.89 52.79
C ILE D 219 -23.91 -41.38 52.67
N GLU D 220 -22.68 -40.88 52.70
CA GLU D 220 -22.46 -39.45 52.59
C GLU D 220 -22.15 -39.18 51.12
N ARG D 221 -22.35 -40.21 50.31
CA ARG D 221 -22.13 -40.17 48.87
C ARG D 221 -23.47 -40.32 48.13
N PRO D 222 -24.45 -39.44 48.43
CA PRO D 222 -25.72 -39.59 47.72
C PRO D 222 -25.74 -38.75 46.45
N THR D 223 -25.69 -39.42 45.31
CA THR D 223 -25.75 -38.71 44.04
C THR D 223 -27.20 -38.38 43.79
N TYR D 224 -27.45 -37.33 43.00
CA TYR D 224 -28.80 -36.95 42.68
C TYR D 224 -29.48 -38.20 42.20
N THR D 225 -28.72 -39.00 41.46
CA THR D 225 -29.23 -40.25 40.92
C THR D 225 -29.82 -41.17 42.00
N ASN D 226 -29.64 -40.82 43.26
CA ASN D 226 -30.19 -41.64 44.32
C ASN D 226 -31.52 -41.10 44.77
N LEU D 227 -31.53 -39.82 45.16
CA LEU D 227 -32.77 -39.21 45.61
C LEU D 227 -33.80 -39.56 44.59
N ASN D 228 -33.38 -39.60 43.32
CA ASN D 228 -34.30 -39.93 42.25
C ASN D 228 -34.80 -41.36 42.37
N ARG D 229 -33.92 -42.27 42.77
CA ARG D 229 -34.28 -43.68 42.92
C ARG D 229 -35.30 -43.80 44.02
N LEU D 230 -35.18 -42.90 44.98
CA LEU D 230 -36.08 -42.89 46.10
C LEU D 230 -37.44 -42.41 45.68
N ILE D 231 -37.56 -41.15 45.29
CA ILE D 231 -38.87 -40.68 44.85
C ILE D 231 -39.30 -41.70 43.81
N GLY D 232 -38.31 -42.12 43.02
CA GLY D 232 -38.54 -43.10 41.97
C GLY D 232 -39.21 -44.32 42.56
N GLN D 233 -39.19 -44.42 43.89
CA GLN D 233 -39.80 -45.53 44.61
C GLN D 233 -41.17 -45.10 45.09
N ILE D 234 -41.19 -44.10 45.97
CA ILE D 234 -42.43 -43.58 46.53
C ILE D 234 -43.45 -43.33 45.43
N VAL D 235 -42.97 -42.89 44.27
CA VAL D 235 -43.86 -42.63 43.14
C VAL D 235 -44.40 -43.92 42.58
N SER D 236 -43.55 -44.95 42.54
CA SER D 236 -43.98 -46.23 42.00
C SER D 236 -45.14 -46.77 42.78
N SER D 237 -45.21 -46.37 44.05
CA SER D 237 -46.25 -46.80 44.95
C SER D 237 -47.56 -46.06 44.68
N ILE D 238 -47.43 -44.87 44.12
CA ILE D 238 -48.57 -44.06 43.80
C ILE D 238 -49.24 -44.68 42.58
N THR D 239 -48.79 -44.29 41.39
CA THR D 239 -49.36 -44.78 40.14
C THR D 239 -49.10 -46.26 39.90
N ALA D 240 -47.96 -46.57 39.32
CA ALA D 240 -47.58 -47.93 38.98
C ALA D 240 -48.49 -49.00 39.61
N SER D 241 -48.10 -49.43 40.81
CA SER D 241 -48.78 -50.47 41.56
C SER D 241 -50.24 -50.23 41.89
N LEU D 242 -50.60 -48.99 42.18
CA LEU D 242 -51.98 -48.71 42.53
C LEU D 242 -52.92 -48.91 41.35
N ARG D 243 -52.55 -48.35 40.20
CA ARG D 243 -53.34 -48.49 38.99
C ARG D 243 -53.29 -49.97 38.63
N PHE D 244 -52.56 -50.73 39.44
CA PHE D 244 -52.38 -52.17 39.30
C PHE D 244 -53.30 -52.85 40.32
N ASP D 245 -54.03 -53.88 39.86
CA ASP D 245 -54.97 -54.65 40.68
C ASP D 245 -54.44 -54.94 42.08
N GLY D 246 -55.34 -55.21 43.00
CA GLY D 246 -54.93 -55.50 44.37
C GLY D 246 -56.10 -55.81 45.26
N ALA D 247 -55.85 -56.01 46.55
CA ALA D 247 -56.90 -56.34 47.50
C ALA D 247 -57.66 -55.14 48.03
N LEU D 248 -57.20 -53.93 47.68
CA LEU D 248 -57.86 -52.70 48.11
C LEU D 248 -57.59 -51.49 47.21
N ASN D 249 -57.63 -51.71 45.90
CA ASN D 249 -57.37 -50.68 44.90
C ASN D 249 -57.73 -49.25 45.31
N VAL D 250 -56.95 -48.32 44.77
CA VAL D 250 -57.13 -46.89 45.02
C VAL D 250 -56.85 -46.10 43.73
N ASP D 251 -57.90 -45.60 43.12
CA ASP D 251 -57.83 -44.84 41.88
C ASP D 251 -57.15 -43.47 42.13
N LEU D 252 -56.74 -42.77 41.08
CA LEU D 252 -56.12 -41.46 41.26
C LEU D 252 -57.13 -40.54 41.86
N THR D 253 -58.32 -40.50 41.28
CA THR D 253 -59.35 -39.64 41.82
C THR D 253 -59.35 -39.90 43.33
N GLU D 254 -59.51 -41.17 43.70
CA GLU D 254 -59.52 -41.59 45.11
C GLU D 254 -58.69 -40.65 45.95
N PHE D 255 -57.44 -40.45 45.55
CA PHE D 255 -56.55 -39.57 46.28
C PHE D 255 -57.21 -38.27 46.58
N GLN D 256 -57.09 -37.34 45.65
CA GLN D 256 -57.67 -36.02 45.83
C GLN D 256 -58.94 -36.06 46.67
N THR D 257 -59.80 -37.06 46.45
CA THR D 257 -61.04 -37.15 47.24
C THR D 257 -60.71 -37.42 48.69
N ASN D 258 -60.08 -38.56 48.94
CA ASN D 258 -59.74 -38.96 50.31
C ASN D 258 -58.56 -38.16 50.87
N LEU D 259 -57.91 -37.36 50.02
CA LEU D 259 -56.74 -36.57 50.44
C LEU D 259 -56.81 -35.05 50.55
N VAL D 260 -57.72 -34.41 49.84
CA VAL D 260 -57.79 -32.95 49.97
C VAL D 260 -59.09 -32.54 50.63
N PRO D 261 -58.99 -31.81 51.75
CA PRO D 261 -60.20 -31.40 52.41
C PRO D 261 -60.68 -30.14 51.77
N TYR D 262 -59.77 -29.39 51.14
CA TYR D 262 -60.17 -28.13 50.52
C TYR D 262 -59.49 -27.78 49.20
N PRO D 263 -60.26 -27.20 48.28
CA PRO D 263 -59.85 -26.78 46.94
C PRO D 263 -58.43 -26.33 46.74
N ARG D 264 -57.80 -25.74 47.74
CA ARG D 264 -56.42 -25.34 47.55
C ARG D 264 -55.78 -26.65 47.10
N GLY D 265 -55.07 -26.61 45.95
CA GLY D 265 -54.43 -27.81 45.39
C GLY D 265 -53.59 -28.57 46.39
N HIS D 266 -54.04 -28.50 47.64
CA HIS D 266 -53.40 -29.11 48.79
C HIS D 266 -52.29 -30.06 48.50
N PHE D 267 -51.25 -29.88 49.28
CA PHE D 267 -50.03 -30.61 49.12
C PHE D 267 -49.71 -31.62 50.21
N PRO D 268 -49.98 -32.90 49.96
CA PRO D 268 -49.62 -33.86 50.99
C PRO D 268 -48.10 -34.13 50.91
N LEU D 269 -47.57 -34.98 51.80
CA LEU D 269 -46.15 -35.31 51.82
C LEU D 269 -45.95 -36.78 51.53
N ALA D 270 -44.88 -37.15 50.83
CA ALA D 270 -44.64 -38.57 50.54
C ALA D 270 -43.72 -39.17 51.56
N THR D 271 -43.99 -40.41 51.93
CA THR D 271 -43.19 -41.12 52.94
C THR D 271 -43.10 -42.58 52.56
N TYR D 272 -41.98 -43.21 52.84
CA TYR D 272 -41.87 -44.61 52.49
C TYR D 272 -41.44 -45.36 53.75
N ALA D 273 -41.81 -46.63 53.88
CA ALA D 273 -41.42 -47.31 55.12
C ALA D 273 -40.12 -48.11 55.11
N PRO D 274 -40.09 -49.25 54.42
CA PRO D 274 -38.82 -50.01 54.46
C PRO D 274 -37.70 -49.32 53.71
N VAL D 275 -36.67 -47.76 54.63
CA VAL D 275 -35.59 -47.35 53.75
C VAL D 275 -34.40 -47.92 54.42
N ILE D 276 -33.96 -49.06 53.92
CA ILE D 276 -32.78 -49.70 54.49
C ILE D 276 -31.80 -50.21 53.44
N SER D 277 -30.52 -49.95 53.70
CA SER D 277 -29.44 -50.10 52.72
C SER D 277 -29.08 -51.55 52.41
N ALA D 278 -28.80 -51.84 51.14
CA ALA D 278 -28.34 -53.18 50.74
C ALA D 278 -27.01 -53.38 51.44
N GLU D 279 -26.66 -54.62 51.74
CA GLU D 279 -25.61 -54.85 52.71
C GLU D 279 -26.26 -55.07 54.06
N LYS D 280 -27.38 -54.39 54.28
CA LYS D 280 -28.25 -54.77 55.39
C LYS D 280 -29.13 -55.89 54.87
N ALA D 281 -29.14 -56.02 53.55
CA ALA D 281 -30.09 -56.85 52.80
C ALA D 281 -30.47 -58.19 53.40
N TYR D 282 -29.62 -58.74 54.25
CA TYR D 282 -29.88 -60.07 54.83
C TYR D 282 -30.63 -60.02 56.18
N HIS D 283 -30.43 -58.96 56.94
CA HIS D 283 -31.02 -58.85 58.29
C HIS D 283 -32.50 -59.28 58.29
N GLU D 284 -32.96 -59.91 59.38
CA GLU D 284 -34.37 -60.36 59.52
C GLU D 284 -35.29 -59.17 59.19
N GLN D 285 -36.31 -59.39 58.36
CA GLN D 285 -37.16 -58.28 57.86
C GLN D 285 -37.96 -57.57 58.98
N LEU D 286 -38.52 -56.40 58.70
CA LEU D 286 -39.30 -55.70 59.71
C LEU D 286 -40.78 -56.07 59.70
N SER D 287 -41.37 -56.00 60.88
CA SER D 287 -42.76 -56.38 61.12
C SER D 287 -43.73 -55.34 60.57
N VAL D 288 -44.93 -55.81 60.27
CA VAL D 288 -46.00 -54.98 59.76
C VAL D 288 -46.24 -53.82 60.72
N ALA D 289 -45.98 -54.06 62.00
CA ALA D 289 -46.17 -53.04 63.03
C ALA D 289 -45.09 -51.97 63.02
N GLU D 290 -43.85 -52.40 62.78
CA GLU D 290 -42.69 -51.50 62.78
C GLU D 290 -42.75 -50.48 61.66
N ILE D 291 -43.03 -50.98 60.44
CA ILE D 291 -43.08 -50.13 59.28
C ILE D 291 -44.23 -49.16 59.44
N THR D 292 -45.37 -49.68 59.84
CA THR D 292 -46.49 -48.84 60.17
C THR D 292 -46.05 -47.72 61.11
N ASN D 293 -45.28 -48.07 62.13
CA ASN D 293 -44.85 -47.11 63.11
C ASN D 293 -43.81 -46.11 62.60
N ALA D 294 -42.90 -46.63 61.81
CA ALA D 294 -41.93 -45.82 61.10
C ALA D 294 -42.59 -44.68 60.36
N CYS D 295 -43.89 -44.79 60.09
CA CYS D 295 -44.61 -43.83 59.28
C CYS D 295 -44.95 -42.61 60.10
N PHE D 296 -44.89 -42.78 61.41
CA PHE D 296 -45.22 -41.66 62.25
C PHE D 296 -44.00 -41.03 62.85
N GLU D 297 -42.85 -41.32 62.26
CA GLU D 297 -41.62 -40.71 62.66
C GLU D 297 -41.23 -39.55 61.72
N PRO D 298 -41.17 -38.34 62.25
CA PRO D 298 -40.78 -37.19 61.47
C PRO D 298 -39.39 -37.35 60.84
N ALA D 299 -38.35 -38.72 61.03
CA ALA D 299 -37.08 -38.92 60.35
C ALA D 299 -37.21 -39.92 59.23
N ASN D 300 -38.26 -39.81 58.43
CA ASN D 300 -38.40 -40.76 57.34
C ASN D 300 -39.47 -40.33 56.38
N GLN D 301 -39.57 -39.03 56.15
CA GLN D 301 -40.65 -38.57 55.32
C GLN D 301 -40.40 -37.74 54.08
N MET D 302 -39.19 -37.79 53.56
CA MET D 302 -38.92 -37.03 52.35
C MET D 302 -39.49 -35.62 52.39
N VAL D 303 -39.34 -34.94 53.54
CA VAL D 303 -39.81 -33.58 53.70
C VAL D 303 -39.44 -33.01 55.06
N LYS D 304 -38.74 -31.88 55.04
CA LYS D 304 -38.28 -31.21 56.25
C LYS D 304 -39.44 -30.48 56.90
N CYS D 305 -40.55 -31.18 57.07
CA CYS D 305 -41.73 -30.60 57.67
C CYS D 305 -42.08 -31.38 58.92
N ASP D 306 -41.06 -31.86 59.62
CA ASP D 306 -41.22 -32.62 60.85
C ASP D 306 -42.54 -32.24 61.50
N PRO D 307 -43.41 -33.22 61.84
CA PRO D 307 -44.69 -32.90 62.47
C PRO D 307 -44.53 -32.12 63.77
N ARG D 308 -43.91 -30.95 63.61
CA ARG D 308 -43.60 -30.01 64.68
C ARG D 308 -44.85 -29.54 65.39
N HIS D 309 -46.01 -29.87 64.82
CA HIS D 309 -47.31 -29.50 65.38
C HIS D 309 -48.40 -29.83 64.39
N GLY D 310 -48.03 -29.81 63.12
CA GLY D 310 -48.97 -30.10 62.06
C GLY D 310 -49.79 -31.36 62.27
N LYS D 311 -51.07 -31.16 62.51
CA LYS D 311 -51.99 -32.27 62.72
C LYS D 311 -52.31 -32.88 61.38
N TYR D 312 -52.18 -34.18 61.28
CA TYR D 312 -52.52 -34.83 60.02
C TYR D 312 -54.01 -34.56 59.85
N MET D 313 -54.50 -34.64 58.62
CA MET D 313 -55.92 -34.43 58.37
C MET D 313 -56.41 -35.44 57.35
N ALA D 314 -55.53 -36.33 56.97
CA ALA D 314 -55.87 -37.39 56.00
C ALA D 314 -54.59 -38.04 55.49
N CYS D 315 -54.53 -39.36 55.63
CA CYS D 315 -53.37 -40.10 55.18
C CYS D 315 -53.85 -41.23 54.30
N CYS D 316 -53.09 -41.51 53.24
CA CYS D 316 -53.44 -42.58 52.31
C CYS D 316 -52.38 -43.63 52.41
N LEU D 317 -52.53 -44.55 53.34
CA LEU D 317 -51.55 -45.58 53.51
C LEU D 317 -51.55 -46.61 52.41
N LEU D 318 -50.69 -46.42 51.42
CA LEU D 318 -50.59 -47.37 50.33
C LEU D 318 -49.59 -48.46 50.70
N TYR D 319 -50.08 -49.67 50.85
CA TYR D 319 -49.24 -50.80 51.18
C TYR D 319 -49.08 -51.63 49.92
N ARG D 320 -48.05 -52.44 49.89
CA ARG D 320 -47.79 -53.28 48.73
C ARG D 320 -47.02 -54.49 49.24
N GLY D 321 -47.28 -55.65 48.67
CA GLY D 321 -46.59 -56.85 49.11
C GLY D 321 -47.50 -57.72 49.95
N ASP D 322 -46.93 -58.61 50.74
CA ASP D 322 -47.72 -59.50 51.59
C ASP D 322 -48.23 -58.82 52.86
N VAL D 323 -49.49 -58.39 52.81
CA VAL D 323 -50.13 -57.69 53.92
C VAL D 323 -51.58 -58.17 54.19
N VAL D 324 -51.83 -58.60 55.42
CA VAL D 324 -53.15 -59.05 55.85
C VAL D 324 -53.96 -57.87 56.30
N PRO D 325 -55.09 -57.61 55.64
CA PRO D 325 -55.97 -56.50 55.96
C PRO D 325 -56.23 -56.27 57.44
N LYS D 326 -56.19 -57.34 58.24
CA LYS D 326 -56.41 -57.21 59.67
C LYS D 326 -55.15 -56.60 60.26
N ASP D 327 -54.00 -57.07 59.77
CA ASP D 327 -52.73 -56.55 60.23
C ASP D 327 -52.77 -55.05 60.13
N VAL D 328 -53.34 -54.55 59.04
CA VAL D 328 -53.47 -53.13 58.81
C VAL D 328 -54.57 -52.57 59.69
N ASN D 329 -55.77 -53.13 59.51
CA ASN D 329 -56.93 -52.71 60.29
C ASN D 329 -56.69 -53.16 61.74
N ALA D 330 -55.52 -52.76 62.24
CA ALA D 330 -55.08 -53.05 63.60
C ALA D 330 -53.84 -52.21 63.86
N ALA D 331 -52.89 -52.32 62.94
CA ALA D 331 -51.66 -51.56 63.03
C ALA D 331 -52.04 -50.08 62.98
N ILE D 332 -53.10 -49.79 62.24
CA ILE D 332 -53.60 -48.44 62.11
C ILE D 332 -54.42 -48.08 63.35
N ALA D 333 -55.15 -49.06 63.86
CA ALA D 333 -55.98 -48.88 65.05
C ALA D 333 -55.06 -48.47 66.19
N THR D 334 -53.98 -49.20 66.36
CA THR D 334 -53.01 -48.91 67.41
C THR D 334 -52.56 -47.45 67.28
N ILE D 335 -52.34 -47.01 66.04
CA ILE D 335 -51.91 -45.65 65.78
C ILE D 335 -53.02 -44.67 66.16
N LYS D 336 -54.21 -44.87 65.61
CA LYS D 336 -55.33 -43.98 65.89
C LYS D 336 -55.45 -43.66 67.37
N THR D 337 -54.81 -44.47 68.21
CA THR D 337 -54.89 -44.25 69.65
C THR D 337 -53.57 -43.96 70.32
N LYS D 338 -52.63 -43.35 69.58
CA LYS D 338 -51.33 -42.99 70.12
C LYS D 338 -51.39 -41.54 70.58
N ARG D 339 -52.45 -40.86 70.14
CA ARG D 339 -52.73 -39.46 70.46
C ARG D 339 -51.61 -38.47 70.21
N THR D 340 -50.38 -38.84 70.55
CA THR D 340 -49.25 -37.96 70.32
C THR D 340 -49.11 -37.77 68.81
N ILE D 341 -50.01 -38.42 68.06
CA ILE D 341 -50.04 -38.35 66.61
C ILE D 341 -51.25 -37.50 66.18
N GLN D 342 -51.83 -36.83 67.16
CA GLN D 342 -53.00 -35.95 67.01
C GLN D 342 -53.46 -35.62 65.57
N PHE D 343 -54.64 -36.13 65.21
CA PHE D 343 -55.26 -35.88 63.91
C PHE D 343 -56.19 -34.70 64.06
N VAL D 344 -56.56 -34.07 62.95
CA VAL D 344 -57.44 -32.93 63.07
C VAL D 344 -58.72 -33.27 63.81
N ASP D 345 -59.42 -32.23 64.24
CA ASP D 345 -60.67 -32.38 64.98
C ASP D 345 -61.78 -32.84 64.04
N TRP D 346 -62.15 -31.92 63.15
CA TRP D 346 -63.21 -32.16 62.18
C TRP D 346 -63.01 -33.41 61.37
N CYS D 347 -62.08 -34.24 61.79
CA CYS D 347 -61.83 -35.45 61.06
C CYS D 347 -61.82 -36.65 61.98
N PRO D 348 -62.90 -37.44 61.94
CA PRO D 348 -63.02 -38.64 62.76
C PRO D 348 -61.94 -39.60 62.40
N THR D 349 -62.10 -40.14 61.21
CA THR D 349 -61.17 -41.11 60.61
C THR D 349 -60.67 -40.57 59.27
N GLY D 350 -59.35 -40.50 59.19
CA GLY D 350 -58.66 -40.02 57.98
C GLY D 350 -57.51 -40.97 57.66
N PHE D 351 -57.90 -42.17 57.29
CA PHE D 351 -56.95 -43.24 56.95
C PHE D 351 -57.45 -44.09 55.79
N LYS D 352 -56.97 -43.74 54.61
CA LYS D 352 -57.30 -44.45 53.37
C LYS D 352 -56.28 -45.58 53.20
N VAL D 353 -56.73 -46.79 53.51
CA VAL D 353 -55.89 -47.99 53.42
C VAL D 353 -55.93 -48.56 52.01
N GLY D 354 -54.79 -48.41 51.35
CA GLY D 354 -54.59 -48.89 49.97
C GLY D 354 -53.64 -50.10 50.01
N ILE D 355 -54.20 -51.23 49.62
CA ILE D 355 -53.46 -52.50 49.60
C ILE D 355 -53.28 -53.01 48.17
N ASN D 356 -52.04 -53.24 47.86
CA ASN D 356 -51.62 -53.80 46.57
C ASN D 356 -51.04 -55.18 46.84
N TYR D 357 -50.78 -55.93 45.80
CA TYR D 357 -50.27 -57.29 45.95
C TYR D 357 -48.74 -57.34 45.79
N GLU D 358 -48.32 -57.24 44.55
CA GLU D 358 -46.89 -57.30 44.17
C GLU D 358 -46.03 -56.47 45.14
N PRO D 359 -45.06 -57.09 45.83
CA PRO D 359 -44.17 -56.37 46.72
C PRO D 359 -43.39 -55.31 45.96
N PRO D 360 -42.62 -54.43 46.63
CA PRO D 360 -41.84 -53.41 45.93
C PRO D 360 -40.82 -54.05 44.98
N THR D 361 -40.06 -53.22 44.28
CA THR D 361 -39.04 -53.73 43.36
C THR D 361 -37.86 -52.79 43.36
N VAL D 362 -36.84 -53.20 44.11
CA VAL D 362 -35.62 -52.43 44.26
C VAL D 362 -34.63 -52.60 43.13
N VAL D 363 -33.91 -51.52 42.84
CA VAL D 363 -32.90 -51.51 41.81
C VAL D 363 -31.99 -52.70 42.10
N PRO D 364 -31.61 -53.46 41.05
CA PRO D 364 -30.76 -54.64 41.15
C PRO D 364 -29.60 -54.49 42.14
N GLY D 365 -28.95 -53.34 42.10
CA GLY D 365 -27.81 -53.13 42.97
C GLY D 365 -27.53 -51.70 43.37
N GLY D 366 -28.57 -50.96 43.70
CA GLY D 366 -28.38 -49.57 44.12
C GLY D 366 -27.94 -49.58 45.57
N ASP D 367 -28.88 -49.30 46.47
CA ASP D 367 -28.61 -49.28 47.90
C ASP D 367 -29.89 -49.48 48.70
N LEU D 368 -30.98 -49.78 48.01
CA LEU D 368 -32.27 -50.00 48.65
C LEU D 368 -32.36 -51.45 49.11
N ALA D 369 -32.66 -51.64 50.39
CA ALA D 369 -32.77 -52.96 50.99
C ALA D 369 -33.34 -54.04 50.08
N LYS D 370 -34.66 -54.01 49.92
CA LYS D 370 -35.46 -54.95 49.12
C LYS D 370 -36.22 -55.88 50.08
N VAL D 371 -37.32 -55.34 50.59
CA VAL D 371 -38.18 -56.03 51.52
C VAL D 371 -39.32 -56.68 50.74
N GLN D 372 -40.22 -57.35 51.45
CA GLN D 372 -41.38 -57.98 50.82
C GLN D 372 -42.65 -57.33 51.31
N ARG D 373 -42.60 -56.00 51.43
CA ARG D 373 -43.73 -55.21 51.86
C ARG D 373 -43.23 -53.82 52.23
N ALA D 374 -44.02 -52.80 51.88
CA ALA D 374 -43.66 -51.42 52.15
C ALA D 374 -44.91 -50.57 52.34
N VAL D 375 -44.69 -49.38 52.89
CA VAL D 375 -45.77 -48.42 53.16
C VAL D 375 -45.45 -47.03 52.67
N CYS D 376 -46.02 -46.67 51.52
CA CYS D 376 -45.82 -45.34 50.94
C CYS D 376 -47.02 -44.53 51.37
N MET D 377 -46.91 -43.94 52.55
CA MET D 377 -47.99 -43.15 53.10
C MET D 377 -47.74 -41.71 52.79
N LEU D 378 -48.77 -41.06 52.28
CA LEU D 378 -48.70 -39.66 51.94
C LEU D 378 -49.83 -39.02 52.72
N SER D 379 -49.74 -37.72 52.95
CA SER D 379 -50.76 -37.04 53.74
C SER D 379 -50.70 -35.54 53.74
N ASN D 380 -51.81 -34.95 54.15
CA ASN D 380 -51.92 -33.50 54.28
C ASN D 380 -51.73 -33.29 55.77
N THR D 381 -50.75 -32.47 56.13
CA THR D 381 -50.45 -32.20 57.53
C THR D 381 -50.39 -30.71 57.74
N THR D 382 -51.06 -30.25 58.78
CA THR D 382 -51.06 -28.84 59.13
C THR D 382 -49.61 -28.41 59.33
N ALA D 383 -48.71 -29.36 59.13
CA ALA D 383 -47.31 -29.14 59.30
C ALA D 383 -46.75 -28.18 58.30
N ILE D 384 -47.09 -28.36 57.03
CA ILE D 384 -46.56 -27.48 56.01
C ILE D 384 -46.80 -26.00 56.33
N ALA D 385 -47.66 -25.74 57.32
CA ALA D 385 -47.92 -24.38 57.75
C ALA D 385 -46.54 -23.79 57.91
N GLU D 386 -45.62 -24.65 58.37
CA GLU D 386 -44.23 -24.29 58.53
C GLU D 386 -43.65 -24.10 57.15
N ALA D 387 -43.11 -25.18 56.60
CA ALA D 387 -42.48 -25.20 55.27
C ALA D 387 -42.86 -24.06 54.33
N TRP D 388 -44.14 -23.70 54.28
CA TRP D 388 -44.59 -22.61 53.41
C TRP D 388 -44.10 -21.32 54.06
N ALA D 389 -44.38 -21.19 55.35
CA ALA D 389 -43.97 -20.03 56.11
C ALA D 389 -42.50 -19.74 55.81
N ARG D 390 -41.63 -20.61 56.29
CA ARG D 390 -40.19 -20.50 56.09
C ARG D 390 -39.74 -20.21 54.67
N LEU D 391 -40.59 -20.50 53.69
CA LEU D 391 -40.23 -20.30 52.30
C LEU D 391 -40.76 -18.99 51.81
N ASP D 392 -41.79 -18.52 52.48
CA ASP D 392 -42.43 -17.26 52.15
C ASP D 392 -41.54 -16.16 52.66
N HIS D 393 -41.19 -16.26 53.94
CA HIS D 393 -40.32 -15.32 54.61
C HIS D 393 -39.13 -15.06 53.72
N LYS D 394 -38.44 -16.12 53.30
CA LYS D 394 -37.30 -16.03 52.38
C LYS D 394 -37.58 -14.93 51.37
N PHE D 395 -38.58 -15.21 50.55
CA PHE D 395 -39.05 -14.33 49.48
C PHE D 395 -39.01 -12.86 49.87
N ASP D 396 -39.77 -12.51 50.89
CA ASP D 396 -39.84 -11.14 51.38
C ASP D 396 -38.46 -10.52 51.50
N LEU D 397 -37.63 -11.12 52.31
CA LEU D 397 -36.30 -10.60 52.51
C LEU D 397 -35.72 -10.03 51.23
N MET D 398 -35.76 -10.81 50.16
CA MET D 398 -35.22 -10.36 48.88
C MET D 398 -36.09 -9.35 48.18
N TYR D 399 -37.38 -9.65 48.10
CA TYR D 399 -38.30 -8.74 47.46
C TYR D 399 -38.18 -7.40 48.17
N ALA D 400 -38.06 -7.47 49.48
CA ALA D 400 -37.94 -6.29 50.30
C ALA D 400 -36.86 -5.36 49.75
N LYS D 401 -35.99 -5.89 48.91
CA LYS D 401 -34.90 -5.11 48.31
C LYS D 401 -34.88 -5.26 46.79
N ARG D 402 -35.91 -5.93 46.29
CA ARG D 402 -36.06 -6.14 44.87
C ARG D 402 -35.02 -7.11 44.33
N ALA D 403 -33.99 -7.37 45.12
CA ALA D 403 -32.92 -8.26 44.70
C ALA D 403 -32.99 -8.51 43.20
N PHE D 404 -33.04 -9.77 42.79
CA PHE D 404 -33.05 -10.10 41.37
C PHE D 404 -34.38 -9.84 40.69
N VAL D 405 -34.99 -8.71 40.99
CA VAL D 405 -36.27 -8.42 40.38
C VAL D 405 -36.09 -8.01 38.93
N HIS D 406 -35.11 -7.15 38.67
CA HIS D 406 -34.94 -6.71 37.30
C HIS D 406 -34.80 -7.85 36.31
N TRP D 407 -34.60 -9.05 36.81
CA TRP D 407 -34.43 -10.19 35.94
C TRP D 407 -35.74 -10.71 35.45
N TYR D 408 -36.80 -10.42 36.18
CA TYR D 408 -38.12 -10.91 35.76
C TYR D 408 -38.84 -9.83 35.00
N VAL D 409 -38.85 -8.64 35.59
CA VAL D 409 -39.53 -7.51 34.97
C VAL D 409 -39.14 -7.49 33.51
N GLY D 410 -37.84 -7.46 33.27
CA GLY D 410 -37.32 -7.44 31.93
C GLY D 410 -37.69 -8.69 31.17
N GLU D 411 -38.59 -9.48 31.75
CA GLU D 411 -39.02 -10.71 31.14
C GLU D 411 -40.52 -10.84 31.12
N GLY D 412 -41.22 -9.70 31.03
CA GLY D 412 -42.66 -9.74 30.96
C GLY D 412 -43.38 -10.17 32.22
N MET D 413 -43.14 -9.41 33.29
CA MET D 413 -43.74 -9.63 34.60
C MET D 413 -43.87 -8.23 35.15
N GLU D 414 -44.33 -8.09 36.38
CA GLU D 414 -44.49 -6.76 36.92
C GLU D 414 -44.46 -6.79 38.42
N GLU D 415 -44.48 -5.61 39.04
CA GLU D 415 -44.49 -5.52 40.50
C GLU D 415 -45.77 -6.23 40.93
N GLY D 416 -46.69 -6.37 39.98
CA GLY D 416 -47.93 -7.03 40.26
C GLY D 416 -47.71 -8.48 40.60
N GLU D 417 -47.44 -9.28 39.58
CA GLU D 417 -47.24 -10.70 39.77
C GLU D 417 -46.48 -11.10 41.03
N PHE D 418 -45.48 -10.32 41.43
CA PHE D 418 -44.77 -10.69 42.66
C PHE D 418 -45.65 -10.36 43.85
N SER D 419 -45.81 -9.07 44.12
CA SER D 419 -46.62 -8.63 45.23
C SER D 419 -47.97 -9.31 45.30
N GLU D 420 -48.56 -9.58 44.14
CA GLU D 420 -49.87 -10.19 44.11
C GLU D 420 -49.85 -11.71 44.23
N ALA D 421 -48.67 -12.30 44.25
CA ALA D 421 -48.52 -13.76 44.39
C ALA D 421 -48.01 -14.02 45.79
N ARG D 422 -47.59 -12.94 46.42
CA ARG D 422 -47.11 -12.99 47.78
C ARG D 422 -48.39 -13.00 48.60
N GLU D 423 -49.25 -12.01 48.35
CA GLU D 423 -50.54 -11.93 49.02
C GLU D 423 -51.21 -13.29 48.88
N ASP D 424 -51.02 -13.89 47.71
CA ASP D 424 -51.60 -15.20 47.40
C ASP D 424 -51.25 -16.18 48.50
N MET D 425 -49.98 -16.55 48.57
CA MET D 425 -49.54 -17.50 49.57
C MET D 425 -49.90 -17.05 50.98
N ALA D 426 -49.92 -15.75 51.22
CA ALA D 426 -50.27 -15.25 52.54
C ALA D 426 -51.50 -16.01 53.04
N ALA D 427 -52.54 -16.08 52.20
CA ALA D 427 -53.78 -16.77 52.52
C ALA D 427 -53.64 -18.28 52.38
N LEU D 428 -52.39 -18.74 52.36
CA LEU D 428 -52.10 -20.16 52.28
C LEU D 428 -51.45 -20.49 53.62
N GLU D 429 -51.01 -19.43 54.29
CA GLU D 429 -50.39 -19.51 55.60
C GLU D 429 -51.54 -19.41 56.61
N LYS D 430 -52.62 -18.76 56.19
CA LYS D 430 -53.80 -18.59 57.04
C LYS D 430 -54.68 -19.81 56.83
N ASP D 431 -54.73 -20.27 55.59
CA ASP D 431 -55.53 -21.43 55.24
C ASP D 431 -55.05 -22.65 56.02
N TYR D 432 -53.79 -23.02 55.82
CA TYR D 432 -53.20 -24.17 56.49
C TYR D 432 -53.17 -23.99 57.99
N GLU D 433 -53.57 -22.82 58.45
CA GLU D 433 -53.62 -22.49 59.88
C GLU D 433 -55.04 -22.68 60.38
N GLU D 434 -56.00 -22.15 59.64
CA GLU D 434 -57.40 -22.25 60.01
C GLU D 434 -57.95 -23.68 59.95
N VAL D 435 -57.65 -24.40 58.87
CA VAL D 435 -58.14 -25.76 58.72
C VAL D 435 -57.61 -26.65 59.83
N GLY D 436 -56.85 -26.06 60.73
CA GLY D 436 -56.30 -26.82 61.85
C GLY D 436 -56.05 -25.90 63.02
N VAL D 437 -55.34 -26.40 64.03
CA VAL D 437 -54.99 -25.63 65.22
C VAL D 437 -56.25 -25.13 65.95
N ASP D 438 -57.41 -25.24 65.29
CA ASP D 438 -58.67 -24.79 65.87
C ASP D 438 -59.77 -25.86 65.83
N SER D 439 -60.69 -25.79 66.79
CA SER D 439 -61.77 -26.77 66.87
C SER D 439 -63.15 -26.12 66.90
N ARG E 2 36.17 17.69 -51.93
CA ARG E 2 36.32 19.17 -52.09
C ARG E 2 37.77 19.51 -52.37
N GLU E 3 38.05 20.79 -52.66
CA GLU E 3 39.41 21.24 -52.96
C GLU E 3 39.65 22.75 -52.75
N ILE E 4 40.91 23.15 -52.92
CA ILE E 4 41.34 24.55 -52.79
C ILE E 4 42.67 24.69 -53.57
N VAL E 5 43.03 25.92 -53.93
CA VAL E 5 44.30 26.15 -54.62
C VAL E 5 45.03 27.38 -54.06
N HIS E 6 46.02 27.10 -53.23
CA HIS E 6 46.82 28.11 -52.56
C HIS E 6 47.39 29.10 -53.55
N ILE E 7 47.68 30.31 -53.07
CA ILE E 7 48.26 31.36 -53.92
C ILE E 7 49.33 32.17 -53.15
N GLN E 8 50.59 31.99 -53.53
CA GLN E 8 51.75 32.68 -52.91
C GLN E 8 52.11 34.01 -53.56
N ALA E 9 51.29 35.03 -53.37
CA ALA E 9 51.54 36.34 -53.97
C ALA E 9 52.67 37.14 -53.30
N GLY E 10 53.58 37.65 -54.11
CA GLY E 10 54.67 38.43 -53.57
C GLY E 10 55.76 37.59 -52.94
N GLN E 11 56.71 38.23 -52.25
CA GLN E 11 57.79 37.50 -51.59
C GLN E 11 57.26 36.95 -50.30
N CYS E 12 56.79 37.84 -49.43
CA CYS E 12 56.26 37.41 -48.15
C CYS E 12 55.32 36.25 -48.37
N GLY E 13 54.18 36.56 -48.98
CA GLY E 13 53.20 35.53 -49.26
C GLY E 13 53.89 34.29 -49.76
N ASN E 14 55.02 34.49 -50.40
CA ASN E 14 55.79 33.39 -50.94
C ASN E 14 56.60 32.73 -49.83
N GLN E 15 57.45 33.52 -49.17
CA GLN E 15 58.28 33.02 -48.07
C GLN E 15 57.43 32.13 -47.19
N ILE E 16 56.24 32.62 -46.86
CA ILE E 16 55.27 31.90 -46.04
C ILE E 16 54.80 30.62 -46.74
N GLY E 17 54.67 30.68 -48.05
CA GLY E 17 54.26 29.51 -48.79
C GLY E 17 55.16 28.38 -48.35
N ALA E 18 56.46 28.65 -48.38
CA ALA E 18 57.43 27.63 -48.00
C ALA E 18 57.15 27.10 -46.61
N LYS E 19 56.65 27.95 -45.72
CA LYS E 19 56.39 27.48 -44.36
C LYS E 19 55.02 26.82 -44.28
N PHE E 20 54.05 27.34 -45.02
CA PHE E 20 52.73 26.74 -45.00
C PHE E 20 52.78 25.36 -45.60
N TRP E 21 53.66 25.18 -46.58
CA TRP E 21 53.77 23.89 -47.22
C TRP E 21 54.76 23.02 -46.49
N GLU E 22 55.70 23.65 -45.80
CA GLU E 22 56.68 22.93 -45.01
C GLU E 22 55.83 22.11 -44.06
N VAL E 23 54.98 22.82 -43.32
CA VAL E 23 54.07 22.21 -42.35
C VAL E 23 53.13 21.21 -43.00
N ILE E 24 52.02 21.75 -43.48
CA ILE E 24 50.98 20.99 -44.14
C ILE E 24 51.42 19.64 -44.69
N SER E 25 52.56 19.61 -45.38
CA SER E 25 53.05 18.37 -45.95
C SER E 25 53.23 17.32 -44.86
N ASP E 26 54.03 17.67 -43.85
CA ASP E 26 54.29 16.79 -42.70
C ASP E 26 52.97 16.39 -42.04
N GLU E 27 52.00 17.30 -42.13
CA GLU E 27 50.66 17.07 -41.59
C GLU E 27 49.89 16.30 -42.66
N HIS E 28 50.64 15.68 -43.55
CA HIS E 28 50.08 14.90 -44.63
C HIS E 28 51.13 13.94 -45.20
N GLY E 29 52.19 13.73 -44.44
CA GLY E 29 53.27 12.82 -44.83
C GLY E 29 53.81 12.87 -46.25
N ILE E 30 53.97 14.07 -46.79
CA ILE E 30 54.49 14.24 -48.12
C ILE E 30 55.91 14.81 -48.09
N ASP E 31 56.88 13.95 -48.37
CA ASP E 31 58.29 14.33 -48.38
C ASP E 31 58.57 15.13 -49.64
N PRO E 32 59.63 15.96 -49.62
CA PRO E 32 60.00 16.79 -50.78
C PRO E 32 59.27 16.40 -52.05
N THR E 33 59.80 15.40 -52.77
CA THR E 33 59.15 14.94 -53.99
C THR E 33 58.50 13.59 -53.68
N GLY E 34 58.87 13.03 -52.54
CA GLY E 34 58.33 11.76 -52.11
C GLY E 34 56.81 11.74 -52.12
N SER E 35 56.23 10.68 -51.58
CA SER E 35 54.79 10.55 -51.55
C SER E 35 54.22 10.64 -50.15
N TYR E 36 53.28 9.76 -49.87
CA TYR E 36 52.62 9.71 -48.59
C TYR E 36 53.26 8.68 -47.65
N HIS E 37 54.14 9.15 -46.77
CA HIS E 37 54.80 8.30 -45.78
C HIS E 37 53.90 8.24 -44.55
N GLY E 38 52.86 9.06 -44.59
CA GLY E 38 51.88 9.18 -43.51
C GLY E 38 51.92 8.14 -42.43
N ASP E 39 52.23 8.58 -41.21
CA ASP E 39 52.29 7.69 -40.07
C ASP E 39 50.96 6.94 -39.99
N SER E 40 49.91 7.58 -40.48
CA SER E 40 48.58 6.98 -40.45
C SER E 40 48.06 6.70 -41.86
N ASP E 41 46.75 6.55 -41.98
CA ASP E 41 46.09 6.26 -43.25
C ASP E 41 45.02 7.29 -43.52
N LEU E 42 44.75 8.11 -42.50
CA LEU E 42 43.72 9.15 -42.58
C LEU E 42 44.23 10.45 -43.21
N GLN E 43 45.53 10.66 -43.15
CA GLN E 43 46.14 11.87 -43.71
C GLN E 43 46.23 11.77 -45.23
N LEU E 44 45.36 10.96 -45.81
CA LEU E 44 45.40 10.73 -47.26
C LEU E 44 44.04 10.74 -47.97
N GLU E 45 43.01 10.27 -47.28
CA GLU E 45 41.68 10.22 -47.86
C GLU E 45 41.12 11.58 -48.26
N ARG E 46 41.76 12.64 -47.79
CA ARG E 46 41.28 13.98 -48.08
C ARG E 46 42.35 14.92 -48.63
N ILE E 47 43.57 14.43 -48.82
CA ILE E 47 44.65 15.28 -49.32
C ILE E 47 44.24 16.13 -50.52
N ASN E 48 43.67 15.48 -51.53
CA ASN E 48 43.24 16.14 -52.75
C ASN E 48 43.09 17.64 -52.57
N VAL E 49 42.43 18.04 -51.49
CA VAL E 49 42.23 19.45 -51.19
C VAL E 49 43.44 20.34 -51.54
N TYR E 50 44.65 19.78 -51.48
CA TYR E 50 45.87 20.54 -51.77
C TYR E 50 46.86 19.94 -52.76
N TYR E 51 46.56 18.78 -53.34
CA TYR E 51 47.50 18.17 -54.27
C TYR E 51 46.88 17.64 -55.55
N ASN E 52 47.69 16.93 -56.34
CA ASN E 52 47.23 16.34 -57.60
C ASN E 52 47.94 15.02 -57.89
N GLU E 53 47.20 14.09 -58.48
CA GLU E 53 47.74 12.77 -58.81
C GLU E 53 48.31 12.71 -60.23
N ALA E 54 49.61 12.41 -60.33
CA ALA E 54 50.28 12.30 -61.63
C ALA E 54 51.06 10.99 -61.67
N ALA E 55 52.18 10.95 -60.95
CA ALA E 55 53.01 9.76 -60.90
C ALA E 55 52.34 8.67 -60.07
N GLY E 56 52.52 8.74 -58.76
CA GLY E 56 51.94 7.75 -57.86
C GLY E 56 52.64 7.84 -56.52
N ASN E 57 53.59 8.76 -56.46
CA ASN E 57 54.40 9.03 -55.29
C ASN E 57 54.62 10.54 -55.28
N LYS E 58 54.14 11.19 -56.33
CA LYS E 58 54.31 12.62 -56.47
C LYS E 58 52.97 13.37 -56.45
N TYR E 59 52.55 13.72 -55.24
CA TYR E 59 51.34 14.49 -55.04
C TYR E 59 51.89 15.91 -54.95
N VAL E 60 51.71 16.69 -56.02
CA VAL E 60 52.24 18.05 -56.03
C VAL E 60 51.31 19.13 -55.52
N PRO E 61 51.82 19.97 -54.62
CA PRO E 61 51.01 21.06 -54.06
C PRO E 61 50.40 21.86 -55.19
N ARG E 62 49.10 22.12 -55.05
CA ARG E 62 48.36 22.86 -56.04
C ARG E 62 48.21 24.31 -55.62
N ALA E 63 49.32 25.04 -55.69
CA ALA E 63 49.36 26.44 -55.32
C ALA E 63 49.93 27.25 -56.48
N ILE E 64 49.98 28.57 -56.32
CA ILE E 64 50.55 29.41 -57.36
C ILE E 64 51.61 30.27 -56.72
N LEU E 65 52.72 30.47 -57.43
CA LEU E 65 53.82 31.30 -56.91
C LEU E 65 53.99 32.50 -57.83
N VAL E 66 53.40 33.61 -57.40
CA VAL E 66 53.41 34.85 -58.15
C VAL E 66 54.37 35.86 -57.54
N ASP E 67 55.30 36.35 -58.36
CA ASP E 67 56.30 37.31 -57.89
C ASP E 67 57.13 37.92 -59.03
N LEU E 68 57.40 39.22 -58.93
CA LEU E 68 58.15 39.96 -59.93
C LEU E 68 59.64 40.08 -59.60
N GLU E 69 60.07 39.33 -58.60
CA GLU E 69 61.46 39.34 -58.16
C GLU E 69 61.96 37.91 -58.26
N PRO E 70 62.81 37.62 -59.24
CA PRO E 70 63.29 36.24 -59.35
C PRO E 70 63.91 35.71 -58.05
N GLY E 71 65.06 36.26 -57.65
CA GLY E 71 65.75 35.84 -56.44
C GLY E 71 64.89 35.17 -55.38
N THR E 72 63.71 35.72 -55.12
CA THR E 72 62.81 35.15 -54.12
C THR E 72 62.43 33.72 -54.43
N MET E 73 61.53 33.54 -55.40
CA MET E 73 61.08 32.21 -55.78
C MET E 73 62.28 31.31 -56.08
N ASP E 74 63.42 31.93 -56.39
CA ASP E 74 64.65 31.20 -56.68
C ASP E 74 65.42 30.90 -55.40
N SER E 75 64.78 31.14 -54.27
CA SER E 75 65.36 30.87 -52.94
C SER E 75 64.45 29.81 -52.35
N VAL E 76 63.18 29.93 -52.70
CA VAL E 76 62.16 29.00 -52.25
C VAL E 76 62.24 27.75 -53.09
N ARG E 77 62.69 27.90 -54.33
CA ARG E 77 62.80 26.76 -55.22
C ARG E 77 64.19 26.13 -55.16
N SER E 78 65.13 26.80 -54.48
CA SER E 78 66.49 26.28 -54.37
C SER E 78 66.85 25.80 -52.96
N GLY E 79 65.84 25.70 -52.10
CA GLY E 79 66.09 25.25 -50.73
C GLY E 79 65.49 23.90 -50.40
N PRO E 80 64.83 23.76 -49.23
CA PRO E 80 64.22 22.49 -48.81
C PRO E 80 63.11 22.00 -49.76
N PHE E 81 61.89 21.97 -49.27
CA PHE E 81 60.74 21.51 -50.06
C PHE E 81 60.58 22.23 -51.40
N GLY E 82 61.47 23.17 -51.67
CA GLY E 82 61.38 23.93 -52.90
C GLY E 82 61.24 23.14 -54.19
N GLN E 83 61.65 21.88 -54.19
CA GLN E 83 61.57 21.08 -55.42
C GLN E 83 60.37 20.14 -55.51
N ILE E 84 59.21 20.60 -55.01
CA ILE E 84 58.00 19.80 -55.07
C ILE E 84 56.96 20.45 -55.96
N PHE E 85 57.09 21.77 -56.12
CA PHE E 85 56.18 22.53 -56.97
C PHE E 85 56.52 22.23 -58.43
N ARG E 86 55.51 21.95 -59.25
CA ARG E 86 55.77 21.71 -60.66
C ARG E 86 56.17 23.11 -61.16
N PRO E 87 57.24 23.20 -61.96
CA PRO E 87 57.72 24.49 -62.49
C PRO E 87 56.61 25.36 -63.09
N ASP E 88 55.59 24.69 -63.61
CA ASP E 88 54.46 25.37 -64.22
C ASP E 88 53.86 26.36 -63.20
N ASN E 89 53.99 26.02 -61.91
CA ASN E 89 53.46 26.84 -60.81
C ASN E 89 54.12 28.19 -60.67
N PHE E 90 55.41 28.25 -60.98
CA PHE E 90 56.17 29.49 -60.86
C PHE E 90 55.81 30.56 -61.90
N VAL E 91 54.96 31.51 -61.53
CA VAL E 91 54.63 32.58 -62.46
C VAL E 91 55.44 33.79 -62.02
N PHE E 92 56.66 33.85 -62.52
CA PHE E 92 57.59 34.93 -62.21
C PHE E 92 57.44 36.15 -63.11
N GLY E 93 58.05 37.25 -62.70
CA GLY E 93 58.03 38.46 -63.49
C GLY E 93 59.40 39.08 -63.31
N GLN E 94 60.37 38.61 -64.09
CA GLN E 94 61.74 39.09 -63.96
C GLN E 94 61.90 40.61 -64.04
N SER E 95 60.79 41.29 -64.29
CA SER E 95 60.78 42.76 -64.37
C SER E 95 61.37 43.35 -63.08
N GLY E 96 61.20 44.65 -62.90
CA GLY E 96 61.69 45.27 -61.68
C GLY E 96 60.55 45.19 -60.68
N ALA E 97 60.62 44.25 -59.74
CA ALA E 97 59.53 44.09 -58.76
C ALA E 97 59.38 45.28 -57.81
N GLY E 98 59.55 46.49 -58.34
CA GLY E 98 59.44 47.70 -57.54
C GLY E 98 58.45 47.60 -56.40
N ASN E 99 58.77 48.25 -55.29
CA ASN E 99 57.93 48.23 -54.10
C ASN E 99 56.67 49.07 -54.20
N ASN E 100 56.19 49.24 -55.42
CA ASN E 100 55.02 50.05 -55.66
C ASN E 100 53.76 49.26 -55.97
N TRP E 101 52.71 49.52 -55.19
CA TRP E 101 51.42 48.85 -55.35
C TRP E 101 50.99 49.05 -56.79
N ALA E 102 51.25 50.23 -57.29
CA ALA E 102 50.90 50.59 -58.64
C ALA E 102 51.77 49.87 -59.63
N LYS E 103 53.00 49.55 -59.25
CA LYS E 103 53.90 48.88 -60.18
C LYS E 103 53.59 47.39 -60.33
N GLY E 104 52.86 46.83 -59.38
CA GLY E 104 52.52 45.43 -59.47
C GLY E 104 51.04 45.18 -59.67
N HIS E 105 50.27 46.26 -59.87
CA HIS E 105 48.85 46.12 -60.06
C HIS E 105 48.39 46.72 -61.37
N TYR E 106 49.08 47.75 -61.86
CA TYR E 106 48.68 48.38 -63.13
C TYR E 106 49.70 48.30 -64.25
N THR E 107 50.96 48.42 -63.92
CA THR E 107 51.95 48.44 -64.95
C THR E 107 52.76 47.20 -65.15
N GLU E 108 53.39 46.72 -64.10
CA GLU E 108 54.21 45.54 -64.26
C GLU E 108 53.42 44.27 -64.05
N GLY E 109 52.67 44.20 -62.95
CA GLY E 109 51.90 43.00 -62.68
C GLY E 109 50.80 42.71 -63.69
N ALA E 110 50.14 43.75 -64.16
CA ALA E 110 49.05 43.59 -65.10
C ALA E 110 49.42 42.74 -66.30
N GLU E 111 50.71 42.68 -66.62
CA GLU E 111 51.13 41.90 -67.76
C GLU E 111 51.21 40.43 -67.37
N LEU E 112 51.93 40.18 -66.29
CA LEU E 112 52.13 38.83 -65.79
C LEU E 112 50.84 38.14 -65.34
N VAL E 113 49.77 38.92 -65.21
CA VAL E 113 48.49 38.39 -64.76
C VAL E 113 47.90 37.29 -65.63
N ASP E 114 47.73 37.58 -66.92
CA ASP E 114 47.15 36.61 -67.85
C ASP E 114 47.91 35.29 -67.80
N SER E 115 49.24 35.35 -67.67
CA SER E 115 50.05 34.13 -67.60
C SER E 115 49.89 33.46 -66.24
N VAL E 116 49.10 34.08 -65.37
CA VAL E 116 48.84 33.51 -64.05
C VAL E 116 47.47 32.90 -64.16
N LEU E 117 46.47 33.74 -64.40
CA LEU E 117 45.09 33.27 -64.53
C LEU E 117 45.04 31.97 -65.31
N ASP E 118 45.92 31.89 -66.31
CA ASP E 118 46.06 30.76 -67.18
C ASP E 118 46.19 29.52 -66.30
N VAL E 119 47.16 29.55 -65.41
CA VAL E 119 47.42 28.43 -64.52
C VAL E 119 46.33 28.30 -63.46
N VAL E 120 45.93 29.41 -62.84
CA VAL E 120 44.90 29.34 -61.81
C VAL E 120 43.65 28.62 -62.35
N ARG E 121 43.58 28.49 -63.68
CA ARG E 121 42.47 27.80 -64.35
C ARG E 121 42.89 26.36 -64.59
N LYS E 122 44.16 26.16 -64.90
CA LYS E 122 44.65 24.81 -65.13
C LYS E 122 44.50 24.02 -63.83
N GLU E 123 44.67 24.71 -62.70
CA GLU E 123 44.58 24.08 -61.39
C GLU E 123 43.14 23.96 -60.91
N SER E 124 42.32 24.94 -61.24
CA SER E 124 40.92 24.92 -60.83
C SER E 124 40.18 23.81 -61.55
N GLU E 125 40.43 23.71 -62.86
CA GLU E 125 39.81 22.70 -63.70
C GLU E 125 40.54 21.37 -63.54
N SER E 126 41.28 21.24 -62.45
CA SER E 126 42.01 20.03 -62.14
C SER E 126 40.98 18.93 -62.17
N CYS E 127 40.33 18.70 -61.04
CA CYS E 127 39.31 17.68 -60.95
C CYS E 127 38.32 17.93 -59.81
N ASP E 128 37.46 16.94 -59.60
CA ASP E 128 36.40 16.97 -58.59
C ASP E 128 35.73 18.33 -58.51
N CYS E 129 35.47 18.80 -57.29
CA CYS E 129 34.82 20.08 -57.08
C CYS E 129 35.67 21.06 -56.29
N LEU E 130 35.81 22.26 -56.81
CA LEU E 130 36.60 23.30 -56.18
C LEU E 130 35.78 24.00 -55.09
N GLN E 131 36.47 24.30 -54.00
CA GLN E 131 35.87 24.97 -52.84
C GLN E 131 36.22 26.47 -52.85
N GLY E 132 37.52 26.73 -52.87
CA GLY E 132 38.04 28.12 -52.88
C GLY E 132 39.57 28.11 -53.01
N PHE E 133 40.13 29.31 -52.90
CA PHE E 133 41.58 29.53 -52.99
C PHE E 133 42.13 30.25 -51.76
N GLN E 134 43.30 29.77 -51.35
CA GLN E 134 44.05 30.35 -50.22
C GLN E 134 45.02 31.39 -50.81
N LEU E 135 45.08 32.54 -50.15
CA LEU E 135 45.92 33.64 -50.63
C LEU E 135 46.77 34.21 -49.50
N THR E 136 48.08 34.12 -49.74
CA THR E 136 49.09 34.64 -48.81
C THR E 136 49.82 35.81 -49.48
N HIS E 137 50.13 36.79 -48.67
CA HIS E 137 50.82 38.00 -49.12
C HIS E 137 50.87 39.03 -48.00
N SER E 138 51.57 40.10 -48.31
CA SER E 138 51.75 41.24 -47.41
C SER E 138 51.20 42.48 -48.08
N LEU E 139 50.48 43.27 -47.32
CA LEU E 139 49.89 44.48 -47.82
C LEU E 139 50.85 45.66 -47.72
N GLY E 140 52.14 45.36 -47.76
CA GLY E 140 53.14 46.40 -47.67
C GLY E 140 54.23 46.31 -48.71
N GLY E 141 53.83 46.11 -49.97
CA GLY E 141 54.78 46.00 -51.07
C GLY E 141 54.10 45.87 -52.43
N GLY E 142 54.90 45.70 -53.48
CA GLY E 142 54.35 45.60 -54.82
C GLY E 142 53.73 44.25 -55.09
N THR E 143 54.56 43.26 -55.40
CA THR E 143 54.09 41.92 -55.70
C THR E 143 53.09 41.35 -54.70
N GLY E 144 52.98 42.00 -53.55
CA GLY E 144 52.08 41.51 -52.55
C GLY E 144 50.70 42.13 -52.62
N SER E 145 50.62 43.38 -52.22
CA SER E 145 49.36 44.10 -52.20
C SER E 145 48.80 44.40 -53.57
N GLY E 146 49.64 44.88 -54.47
CA GLY E 146 49.16 45.21 -55.80
C GLY E 146 48.85 44.01 -56.66
N MET E 147 49.88 43.30 -57.10
CA MET E 147 49.69 42.16 -57.97
C MET E 147 48.87 41.00 -57.39
N GLY E 148 48.93 40.80 -56.09
CA GLY E 148 48.17 39.73 -55.48
C GLY E 148 46.73 40.16 -55.30
N THR E 149 46.55 41.46 -55.10
CA THR E 149 45.22 42.00 -54.91
C THR E 149 44.53 42.04 -56.25
N LEU E 150 45.30 41.88 -57.31
CA LEU E 150 44.73 41.86 -58.66
C LEU E 150 44.32 40.42 -58.93
N LEU E 151 45.26 39.51 -58.63
CA LEU E 151 45.02 38.11 -58.84
C LEU E 151 43.68 37.71 -58.33
N ILE E 152 43.26 38.29 -57.22
CA ILE E 152 41.95 37.94 -56.68
C ILE E 152 40.82 38.62 -57.42
N SER E 153 40.96 39.91 -57.67
CA SER E 153 39.91 40.65 -58.37
C SER E 153 39.52 39.94 -59.66
N LYS E 154 40.47 39.15 -60.19
CA LYS E 154 40.26 38.38 -61.40
C LYS E 154 39.67 37.03 -61.04
N ILE E 155 40.22 36.41 -60.00
CA ILE E 155 39.71 35.13 -59.52
C ILE E 155 38.20 35.27 -59.23
N ARG E 156 37.83 36.30 -58.45
CA ARG E 156 36.44 36.57 -58.06
C ARG E 156 35.51 37.00 -59.18
N GLU E 157 35.98 36.90 -60.41
CA GLU E 157 35.17 37.29 -61.56
C GLU E 157 35.01 36.01 -62.34
N GLU E 158 35.95 35.11 -62.09
CA GLU E 158 35.99 33.81 -62.76
C GLU E 158 35.21 32.73 -62.01
N TYR E 159 35.07 32.87 -60.71
CA TYR E 159 34.31 31.89 -59.96
C TYR E 159 33.70 32.53 -58.72
N PRO E 160 32.77 33.48 -58.92
CA PRO E 160 32.12 34.16 -57.78
C PRO E 160 31.34 33.16 -56.89
N ASP E 161 31.61 31.88 -57.12
CA ASP E 161 31.00 30.81 -56.36
C ASP E 161 31.97 30.26 -55.33
N ARG E 162 33.14 29.81 -55.80
CA ARG E 162 34.13 29.29 -54.89
C ARG E 162 34.58 30.40 -53.95
N ILE E 163 34.93 30.03 -52.72
CA ILE E 163 35.37 31.00 -51.71
C ILE E 163 36.77 31.56 -51.90
N MET E 164 37.11 32.53 -51.06
CA MET E 164 38.41 33.21 -51.11
C MET E 164 38.93 33.64 -49.74
N ASN E 165 39.75 32.79 -49.15
CA ASN E 165 40.33 33.09 -47.86
C ASN E 165 41.57 33.90 -48.18
N THR E 166 41.80 34.94 -47.40
CA THR E 166 42.96 35.76 -47.62
C THR E 166 43.74 35.88 -46.33
N PHE E 167 45.03 35.56 -46.42
CA PHE E 167 45.95 35.67 -45.30
C PHE E 167 46.85 36.87 -45.58
N SER E 168 46.51 37.99 -44.95
CA SER E 168 47.25 39.23 -45.11
C SER E 168 48.13 39.59 -43.91
N VAL E 169 49.31 40.09 -44.22
CA VAL E 169 50.24 40.49 -43.20
C VAL E 169 50.16 42.00 -43.09
N VAL E 170 49.01 42.46 -42.59
CA VAL E 170 48.76 43.88 -42.39
C VAL E 170 49.99 44.52 -41.72
N PRO E 171 50.36 45.73 -42.18
CA PRO E 171 51.49 46.52 -41.69
C PRO E 171 51.51 46.67 -40.19
N SER E 172 52.50 46.03 -39.56
CA SER E 172 52.67 46.07 -38.12
C SER E 172 52.80 47.52 -37.67
N PRO E 173 52.30 47.83 -36.47
CA PRO E 173 52.39 49.19 -35.95
C PRO E 173 53.80 49.68 -35.59
N LYS E 174 54.15 49.63 -34.31
CA LYS E 174 55.45 50.06 -33.80
C LYS E 174 56.46 50.46 -34.88
N VAL E 175 56.87 49.50 -35.71
CA VAL E 175 57.84 49.78 -36.78
C VAL E 175 57.41 49.19 -38.11
N SER E 176 57.50 50.00 -39.17
CA SER E 176 57.11 49.54 -40.49
C SER E 176 58.31 49.08 -41.30
N ASP E 177 58.27 47.83 -41.75
CA ASP E 177 59.36 47.23 -42.49
C ASP E 177 59.48 47.75 -43.90
N THR E 178 58.80 48.87 -44.15
CA THR E 178 58.82 49.57 -45.44
C THR E 178 58.42 51.01 -45.17
N VAL E 179 58.45 51.87 -46.19
CA VAL E 179 58.12 53.27 -45.97
C VAL E 179 56.79 53.75 -46.49
N VAL E 180 56.41 53.28 -47.67
CA VAL E 180 55.14 53.70 -48.24
C VAL E 180 54.04 52.82 -47.67
N GLU E 181 54.45 51.74 -47.04
CA GLU E 181 53.56 50.78 -46.41
C GLU E 181 52.08 51.11 -46.46
N PRO E 182 51.61 52.20 -45.81
CA PRO E 182 50.19 52.56 -45.84
C PRO E 182 49.64 52.77 -47.24
N TYR E 183 50.53 53.07 -48.19
CA TYR E 183 50.16 53.25 -49.57
C TYR E 183 49.86 51.88 -50.15
N ASN E 184 50.86 51.01 -50.14
CA ASN E 184 50.67 49.66 -50.64
C ASN E 184 49.54 48.95 -49.87
N ALA E 185 49.35 49.32 -48.61
CA ALA E 185 48.32 48.69 -47.78
C ALA E 185 46.92 49.19 -48.08
N THR E 186 46.64 50.43 -47.71
CA THR E 186 45.33 50.98 -47.93
C THR E 186 44.80 50.57 -49.29
N LEU E 187 45.69 50.53 -50.27
CA LEU E 187 45.30 50.15 -51.63
C LEU E 187 44.92 48.68 -51.79
N SER E 188 45.52 47.80 -51.01
CA SER E 188 45.21 46.40 -51.13
C SER E 188 44.00 46.01 -50.28
N VAL E 189 43.86 46.59 -49.09
CA VAL E 189 42.72 46.28 -48.22
C VAL E 189 41.43 46.60 -48.98
N HIS E 190 41.49 47.71 -49.71
CA HIS E 190 40.43 48.20 -50.56
C HIS E 190 39.93 47.02 -51.41
N GLN E 191 40.87 46.44 -52.19
CA GLN E 191 40.61 45.30 -53.09
C GLN E 191 40.07 44.07 -52.34
N LEU E 192 40.53 43.92 -51.10
CA LEU E 192 40.14 42.80 -50.25
C LEU E 192 38.67 42.89 -49.82
N VAL E 193 38.32 44.03 -49.20
CA VAL E 193 36.95 44.31 -48.71
C VAL E 193 35.94 44.13 -49.81
N GLU E 194 36.42 43.81 -51.01
CA GLU E 194 35.52 43.70 -52.13
C GLU E 194 35.71 42.56 -53.09
N ASN E 195 36.37 41.50 -52.63
CA ASN E 195 36.59 40.32 -53.45
C ASN E 195 36.67 39.10 -52.55
N THR E 196 37.79 38.88 -51.85
CA THR E 196 37.88 37.71 -50.94
C THR E 196 36.76 37.81 -49.88
N ASP E 197 36.32 36.68 -49.33
CA ASP E 197 35.25 36.73 -48.32
C ASP E 197 35.61 36.17 -46.95
N GLU E 198 36.91 36.04 -46.70
CA GLU E 198 37.47 35.56 -45.43
C GLU E 198 38.94 35.97 -45.44
N THR E 199 39.30 36.88 -44.53
CA THR E 199 40.68 37.35 -44.45
C THR E 199 41.24 37.15 -43.06
N TYR E 200 42.43 36.56 -42.99
CA TYR E 200 43.09 36.35 -41.72
C TYR E 200 44.37 37.21 -41.62
N CYS E 201 44.23 38.37 -40.96
CA CYS E 201 45.29 39.36 -40.79
C CYS E 201 46.28 39.05 -39.68
N ILE E 202 47.53 38.91 -40.08
CA ILE E 202 48.61 38.60 -39.16
C ILE E 202 49.58 39.77 -39.08
N ASP E 203 50.17 39.99 -37.90
CA ASP E 203 51.10 41.10 -37.67
C ASP E 203 52.48 40.66 -37.18
N ASN E 204 53.48 40.85 -38.03
CA ASN E 204 54.83 40.47 -37.69
C ASN E 204 55.24 40.78 -36.25
N GLU E 205 54.66 41.82 -35.65
CA GLU E 205 55.01 42.18 -34.27
C GLU E 205 54.03 41.62 -33.22
N ALA E 206 52.86 41.20 -33.68
CA ALA E 206 51.91 40.61 -32.76
C ALA E 206 52.46 39.21 -32.56
N LEU E 207 53.18 38.73 -33.58
CA LEU E 207 53.81 37.43 -33.57
C LEU E 207 55.03 37.45 -32.68
N TYR E 208 55.95 38.36 -32.96
CA TYR E 208 57.14 38.46 -32.14
C TYR E 208 56.67 38.32 -30.72
N ASP E 209 55.91 39.30 -30.24
CA ASP E 209 55.38 39.26 -28.89
C ASP E 209 54.96 37.84 -28.55
N ILE E 210 53.88 37.40 -29.16
CA ILE E 210 53.34 36.08 -28.94
C ILE E 210 54.38 34.97 -29.13
N CYS E 211 55.52 35.32 -29.72
CA CYS E 211 56.57 34.35 -30.00
C CYS E 211 57.78 34.50 -29.11
N PHE E 212 57.89 35.65 -28.43
CA PHE E 212 59.02 35.90 -27.55
C PHE E 212 58.60 35.88 -26.07
N ARG E 213 57.31 35.87 -25.80
CA ARG E 213 56.84 35.82 -24.43
C ARG E 213 55.94 34.60 -24.19
N THR E 214 55.34 34.07 -25.26
CA THR E 214 54.47 32.90 -25.14
C THR E 214 55.25 31.67 -25.59
N LEU E 215 56.48 31.94 -26.00
CA LEU E 215 57.48 30.95 -26.42
C LEU E 215 58.68 31.74 -25.99
N LYS E 216 59.28 31.37 -24.86
CA LYS E 216 60.43 32.09 -24.36
C LYS E 216 61.48 32.30 -25.46
N LEU E 217 61.13 31.93 -26.69
CA LEU E 217 62.00 32.07 -27.85
C LEU E 217 62.69 33.44 -27.90
N THR E 218 64.01 33.44 -27.76
CA THR E 218 64.80 34.68 -27.76
C THR E 218 65.21 35.20 -29.14
N THR E 219 65.39 34.31 -30.11
CA THR E 219 65.77 34.72 -31.46
C THR E 219 64.71 34.27 -32.48
N PRO E 220 63.56 34.92 -32.47
CA PRO E 220 62.47 34.58 -33.39
C PRO E 220 62.76 34.99 -34.82
N THR E 221 63.41 34.12 -35.56
CA THR E 221 63.70 34.41 -36.95
C THR E 221 62.39 34.50 -37.72
N TYR E 222 62.43 34.99 -38.96
CA TYR E 222 61.21 35.06 -39.75
C TYR E 222 60.65 33.66 -39.88
N GLY E 223 61.50 32.73 -40.31
CA GLY E 223 61.08 31.36 -40.49
C GLY E 223 60.09 30.97 -39.42
N ASP E 224 60.37 31.40 -38.19
CA ASP E 224 59.51 31.10 -37.06
C ASP E 224 58.16 31.73 -37.28
N LEU E 225 58.10 33.06 -37.17
CA LEU E 225 56.85 33.78 -37.36
C LEU E 225 56.03 33.03 -38.40
N ASN E 226 56.61 32.92 -39.59
CA ASN E 226 55.97 32.24 -40.70
C ASN E 226 55.42 30.90 -40.21
N HIS E 227 56.31 30.13 -39.60
CA HIS E 227 55.97 28.83 -39.09
C HIS E 227 54.73 28.86 -38.17
N LEU E 228 54.69 29.83 -37.26
CA LEU E 228 53.57 29.96 -36.35
C LEU E 228 52.27 30.22 -37.13
N VAL E 229 52.36 31.16 -38.05
CA VAL E 229 51.21 31.53 -38.90
C VAL E 229 50.68 30.29 -39.62
N SER E 230 51.58 29.68 -40.38
CA SER E 230 51.29 28.48 -41.17
C SER E 230 50.62 27.40 -40.31
N ALA E 231 50.86 27.50 -39.03
CA ALA E 231 50.30 26.56 -38.04
C ALA E 231 48.79 26.76 -37.91
N THR E 232 48.39 28.01 -38.03
CA THR E 232 46.99 28.42 -37.89
C THR E 232 46.19 28.11 -39.16
N MET E 233 46.77 28.42 -40.30
CA MET E 233 46.11 28.22 -41.60
C MET E 233 45.94 26.72 -41.89
N SER E 234 46.64 25.91 -41.11
CA SER E 234 46.55 24.43 -41.25
C SER E 234 45.37 23.92 -40.42
N GLY E 235 45.19 24.58 -39.30
CA GLY E 235 44.10 24.26 -38.37
C GLY E 235 42.75 24.61 -39.01
N VAL E 236 42.78 25.72 -39.73
CA VAL E 236 41.62 26.24 -40.45
C VAL E 236 41.15 25.25 -41.50
N THR E 237 41.73 25.40 -42.67
CA THR E 237 41.43 24.57 -43.85
C THR E 237 41.70 23.09 -43.55
N THR E 238 42.73 22.61 -44.22
CA THR E 238 43.19 21.21 -44.17
C THR E 238 42.54 20.44 -43.03
N CYS E 239 42.65 20.99 -41.83
CA CYS E 239 42.09 20.39 -40.64
C CYS E 239 40.65 19.95 -40.87
N LEU E 240 39.77 20.93 -41.03
CA LEU E 240 38.35 20.63 -41.23
C LEU E 240 38.07 19.66 -42.35
N ARG E 241 39.07 19.40 -43.18
CA ARG E 241 38.90 18.47 -44.26
C ARG E 241 39.29 17.11 -43.72
N PHE E 242 39.08 16.98 -42.41
CA PHE E 242 39.32 15.76 -41.67
C PHE E 242 37.99 15.44 -41.02
N PRO E 243 37.85 14.24 -40.46
CA PRO E 243 36.60 13.87 -39.82
C PRO E 243 36.43 14.66 -38.53
N GLY E 244 35.32 14.46 -37.85
CA GLY E 244 35.08 15.18 -36.60
C GLY E 244 33.66 14.94 -36.10
N GLN E 245 33.47 15.02 -34.80
CA GLN E 245 32.14 14.81 -34.25
C GLN E 245 31.28 15.87 -34.90
N LEU E 246 31.83 17.08 -34.95
CA LEU E 246 31.16 18.22 -35.54
C LEU E 246 32.13 18.96 -36.44
N ASN E 247 32.19 18.59 -37.71
CA ASN E 247 33.11 19.26 -38.60
C ASN E 247 32.46 20.32 -39.43
N ALA E 248 33.28 21.27 -39.85
CA ALA E 248 32.83 22.37 -40.67
C ALA E 248 33.81 22.41 -41.84
N ASP E 249 33.69 23.45 -42.68
CA ASP E 249 34.56 23.62 -43.84
C ASP E 249 34.38 25.03 -44.35
N LEU E 250 35.48 25.63 -44.82
CA LEU E 250 35.48 27.00 -45.31
C LEU E 250 34.13 27.68 -45.28
N ARG E 251 33.15 27.12 -45.96
CA ARG E 251 31.85 27.76 -45.95
C ARG E 251 31.29 27.86 -44.53
N LYS E 252 31.06 26.74 -43.85
CA LYS E 252 30.53 26.81 -42.49
C LYS E 252 31.23 27.99 -41.85
N LEU E 253 32.56 27.93 -41.86
CA LEU E 253 33.40 28.99 -41.30
C LEU E 253 32.97 30.34 -41.85
N ALA E 254 32.71 30.38 -43.14
CA ALA E 254 32.30 31.62 -43.75
C ALA E 254 30.85 31.93 -43.38
N VAL E 255 29.97 30.96 -43.60
CA VAL E 255 28.55 31.17 -43.32
C VAL E 255 28.17 31.27 -41.85
N ASN E 256 29.16 31.30 -40.97
CA ASN E 256 28.88 31.41 -39.53
C ASN E 256 29.64 32.59 -39.00
N MET E 257 30.54 33.09 -39.81
CA MET E 257 31.40 34.17 -39.36
C MET E 257 31.21 35.52 -39.98
N VAL E 258 30.50 35.57 -41.10
CA VAL E 258 30.33 36.86 -41.73
C VAL E 258 28.88 37.32 -41.67
N PRO E 259 28.56 38.19 -40.70
CA PRO E 259 27.19 38.66 -40.60
C PRO E 259 26.91 39.62 -41.74
N PHE E 260 27.89 40.44 -42.10
CA PHE E 260 27.63 41.41 -43.17
C PHE E 260 28.70 41.47 -44.24
N PRO E 261 28.32 41.13 -45.48
CA PRO E 261 29.02 41.06 -46.76
C PRO E 261 30.36 41.77 -46.96
N ARG E 262 30.72 42.72 -46.11
CA ARG E 262 32.01 43.40 -46.31
C ARG E 262 33.05 42.36 -46.68
N LEU E 263 33.05 41.27 -45.92
CA LEU E 263 33.95 40.14 -46.06
C LEU E 263 34.51 39.98 -44.67
N HIS E 264 34.74 41.10 -44.04
CA HIS E 264 35.27 41.09 -42.70
C HIS E 264 36.53 40.28 -42.55
N PHE E 265 37.38 40.77 -41.67
CA PHE E 265 38.66 40.16 -41.43
C PHE E 265 38.66 39.62 -40.04
N PHE E 266 39.36 38.51 -39.88
CA PHE E 266 39.44 37.81 -38.62
C PHE E 266 40.81 37.97 -38.01
N MET E 267 41.08 37.20 -36.96
CA MET E 267 42.34 37.25 -36.29
C MET E 267 42.52 35.86 -35.76
N PRO E 268 43.41 35.08 -36.39
CA PRO E 268 43.67 33.69 -35.96
C PRO E 268 44.51 33.54 -34.68
N GLY E 269 44.23 32.46 -33.95
CA GLY E 269 44.93 32.17 -32.71
C GLY E 269 45.05 30.68 -32.56
N PHE E 270 46.26 30.21 -32.25
CA PHE E 270 46.49 28.77 -32.08
C PHE E 270 46.27 28.41 -30.61
N ALA E 271 46.11 27.11 -30.34
CA ALA E 271 45.88 26.66 -28.97
C ALA E 271 47.12 26.37 -28.15
N PRO E 272 47.62 25.11 -28.20
CA PRO E 272 48.79 24.88 -27.37
C PRO E 272 49.96 25.72 -27.82
N LEU E 273 50.23 26.81 -27.12
CA LEU E 273 51.35 27.63 -27.50
C LEU E 273 52.26 27.74 -26.30
N THR E 274 52.88 26.63 -25.95
CA THR E 274 53.78 26.57 -24.79
C THR E 274 55.23 26.39 -25.21
N SER E 275 56.16 26.99 -24.46
CA SER E 275 57.59 26.89 -24.75
C SER E 275 58.00 25.42 -24.73
N ARG E 276 59.04 25.06 -25.47
CA ARG E 276 59.45 23.66 -25.55
C ARG E 276 59.54 22.84 -24.25
N GLY E 277 60.76 22.54 -23.80
CA GLY E 277 60.94 21.74 -22.59
C GLY E 277 59.97 21.98 -21.46
N SER E 278 60.39 22.76 -20.47
CA SER E 278 59.61 23.12 -19.29
C SER E 278 58.12 23.20 -19.47
N GLN E 279 57.65 24.38 -19.86
CA GLN E 279 56.24 24.65 -20.08
C GLN E 279 55.35 23.46 -20.42
N GLN E 280 55.90 22.48 -21.16
CA GLN E 280 55.24 21.23 -21.59
C GLN E 280 54.48 20.71 -20.38
N TYR E 281 53.53 21.55 -19.99
CA TYR E 281 52.68 21.37 -18.85
C TYR E 281 51.54 20.45 -19.14
N ARG E 282 51.19 20.32 -20.41
CA ARG E 282 50.10 19.44 -20.80
C ARG E 282 48.79 19.96 -20.27
N ALA E 283 48.79 21.11 -19.58
CA ALA E 283 47.52 21.65 -19.10
C ALA E 283 46.83 21.95 -20.41
N LEU E 284 46.20 20.92 -20.98
CA LEU E 284 45.51 21.04 -22.23
C LEU E 284 44.21 20.28 -22.11
N THR E 285 43.70 20.07 -20.88
CA THR E 285 42.46 19.32 -20.73
C THR E 285 41.42 19.92 -21.69
N VAL E 286 41.35 21.25 -21.76
CA VAL E 286 40.46 22.01 -22.64
C VAL E 286 40.27 23.42 -22.08
N PRO E 287 39.91 23.51 -20.79
CA PRO E 287 39.74 24.87 -20.27
C PRO E 287 41.03 25.61 -20.51
N GLU E 288 42.10 24.85 -20.72
CA GLU E 288 43.38 25.46 -20.90
C GLU E 288 43.52 26.01 -22.30
N LEU E 289 42.86 25.37 -23.27
CA LEU E 289 42.90 25.85 -24.65
C LEU E 289 42.04 27.10 -24.81
N THR E 290 40.85 27.10 -24.22
CA THR E 290 40.01 28.27 -24.31
C THR E 290 40.66 29.36 -23.48
N GLN E 291 41.35 28.97 -22.42
CA GLN E 291 42.02 29.97 -21.62
C GLN E 291 42.92 30.67 -22.63
N GLN E 292 43.76 29.88 -23.28
CA GLN E 292 44.69 30.39 -24.29
C GLN E 292 43.90 31.25 -25.29
N MET E 293 43.51 30.62 -26.39
CA MET E 293 42.78 31.25 -27.49
C MET E 293 42.07 32.56 -27.19
N PHE E 294 41.29 32.61 -26.12
CA PHE E 294 40.55 33.81 -25.80
C PHE E 294 41.21 34.93 -25.02
N ASP E 295 42.51 34.83 -24.78
CA ASP E 295 43.18 35.92 -24.05
C ASP E 295 43.56 36.99 -25.08
N ALA E 296 43.99 38.15 -24.59
CA ALA E 296 44.42 39.21 -25.49
C ALA E 296 45.61 38.65 -26.21
N LYS E 297 46.79 38.78 -25.61
CA LYS E 297 47.98 38.24 -26.23
C LYS E 297 47.58 36.87 -26.70
N ASN E 298 48.15 36.45 -27.83
CA ASN E 298 47.89 35.16 -28.44
C ASN E 298 46.99 35.34 -29.66
N MET E 299 46.64 36.59 -29.94
CA MET E 299 45.84 36.90 -31.11
C MET E 299 46.82 37.44 -32.17
N MET E 300 47.13 36.62 -33.17
CA MET E 300 48.08 37.02 -34.20
C MET E 300 47.88 38.42 -34.71
N ALA E 301 46.71 38.99 -34.45
CA ALA E 301 46.40 40.36 -34.87
C ALA E 301 47.19 41.30 -33.97
N ALA E 302 47.17 42.58 -34.29
CA ALA E 302 47.89 43.55 -33.49
C ALA E 302 46.97 44.01 -32.40
N CYS E 303 45.75 44.35 -32.80
CA CYS E 303 44.79 44.84 -31.85
C CYS E 303 44.44 43.79 -30.82
N ASP E 304 43.87 44.25 -29.71
CA ASP E 304 43.48 43.39 -28.62
C ASP E 304 41.96 43.29 -28.51
N PRO E 305 41.43 42.08 -28.62
CA PRO E 305 40.00 41.79 -28.54
C PRO E 305 39.34 42.58 -27.42
N ARG E 306 39.99 42.59 -26.28
CA ARG E 306 39.49 43.27 -25.09
C ARG E 306 39.12 44.71 -25.42
N HIS E 307 39.48 45.16 -26.63
CA HIS E 307 39.20 46.53 -27.06
C HIS E 307 38.02 46.64 -28.02
N GLY E 308 37.18 45.62 -28.05
CA GLY E 308 36.03 45.65 -28.94
C GLY E 308 35.33 44.31 -29.06
N ARG E 309 33.99 44.34 -28.98
CA ARG E 309 33.16 43.14 -29.07
C ARG E 309 33.56 42.21 -30.20
N TYR E 310 32.92 41.05 -30.22
CA TYR E 310 33.13 40.07 -31.26
C TYR E 310 31.80 39.92 -31.97
N LEU E 311 31.83 39.44 -33.21
CA LEU E 311 30.60 39.22 -33.93
C LEU E 311 30.49 37.73 -34.01
N THR E 312 31.60 37.10 -34.30
CA THR E 312 31.62 35.67 -34.42
C THR E 312 32.96 35.13 -33.98
N VAL E 313 32.97 33.86 -33.62
CA VAL E 313 34.16 33.21 -33.17
C VAL E 313 34.03 31.77 -33.63
N ALA E 314 35.16 31.17 -33.97
CA ALA E 314 35.15 29.80 -34.45
C ALA E 314 36.28 29.04 -33.87
N ALA E 315 36.03 28.31 -32.79
CA ALA E 315 37.08 27.54 -32.18
C ALA E 315 37.10 26.25 -32.97
N VAL E 316 38.02 26.17 -33.91
CA VAL E 316 38.12 24.96 -34.71
C VAL E 316 39.12 24.02 -33.99
N PHE E 317 38.63 23.24 -33.03
CA PHE E 317 39.47 22.30 -32.29
C PHE E 317 39.75 21.09 -33.15
N ARG E 318 40.85 20.40 -32.86
CA ARG E 318 41.22 19.19 -33.61
C ARG E 318 42.03 18.24 -32.74
N GLY E 319 41.32 17.46 -31.93
CA GLY E 319 41.93 16.50 -31.02
C GLY E 319 40.81 15.95 -30.16
N ARG E 320 40.73 14.63 -30.01
CA ARG E 320 39.66 14.00 -29.23
C ARG E 320 39.30 14.65 -27.88
N MET E 321 38.06 15.15 -27.81
CA MET E 321 37.51 15.82 -26.62
C MET E 321 36.00 15.64 -26.54
N SER E 322 35.47 15.96 -25.36
CA SER E 322 34.05 15.85 -25.07
C SER E 322 33.21 16.98 -25.61
N MET E 323 32.30 16.65 -26.52
CA MET E 323 31.41 17.62 -27.11
C MET E 323 30.66 18.32 -26.00
N LYS E 324 30.93 17.87 -24.78
CA LYS E 324 30.31 18.46 -23.60
C LYS E 324 31.29 19.45 -23.00
N GLU E 325 32.52 19.04 -22.73
CA GLU E 325 33.49 19.96 -22.14
C GLU E 325 33.92 21.03 -23.13
N VAL E 326 33.48 20.87 -24.38
CA VAL E 326 33.78 21.83 -25.43
C VAL E 326 32.60 22.75 -25.49
N ASP E 327 31.45 22.19 -25.85
CA ASP E 327 30.24 22.96 -25.94
C ASP E 327 29.99 23.73 -24.66
N GLU E 328 30.39 23.16 -23.53
CA GLU E 328 30.19 23.81 -22.24
C GLU E 328 31.08 25.03 -22.02
N GLN E 329 32.38 24.78 -21.97
CA GLN E 329 33.37 25.84 -21.78
C GLN E 329 32.96 27.08 -22.54
N MET E 330 32.83 26.92 -23.87
CA MET E 330 32.43 28.01 -24.77
C MET E 330 31.39 28.91 -24.15
N LEU E 331 30.47 28.32 -23.40
CA LEU E 331 29.41 29.07 -22.76
C LEU E 331 29.90 30.02 -21.67
N ASN E 332 30.46 29.46 -20.60
CA ASN E 332 30.96 30.29 -19.51
C ASN E 332 31.73 31.42 -20.15
N VAL E 333 32.59 31.06 -21.11
CA VAL E 333 33.37 32.05 -21.80
C VAL E 333 32.47 33.14 -22.34
N GLN E 334 31.33 32.74 -22.90
CA GLN E 334 30.36 33.68 -23.46
C GLN E 334 29.63 34.48 -22.40
N ASN E 335 29.71 34.03 -21.16
CA ASN E 335 29.03 34.73 -20.07
C ASN E 335 29.98 35.54 -19.17
N LYS E 336 31.21 35.06 -19.00
CA LYS E 336 32.18 35.78 -18.20
C LYS E 336 32.53 37.07 -18.92
N ASN E 337 32.37 37.06 -20.24
CA ASN E 337 32.71 38.22 -21.05
C ASN E 337 31.54 38.74 -21.86
N SER E 338 30.34 38.58 -21.35
CA SER E 338 29.14 39.07 -22.04
C SER E 338 29.40 40.50 -22.51
N SER E 339 30.17 41.22 -21.71
CA SER E 339 30.53 42.59 -22.00
C SER E 339 30.94 42.68 -23.47
N TYR E 340 32.07 42.07 -23.80
CA TYR E 340 32.52 42.09 -25.18
C TYR E 340 32.32 40.77 -25.88
N PHE E 341 31.25 40.71 -26.67
CA PHE E 341 30.87 39.53 -27.40
C PHE E 341 29.63 39.82 -28.21
N VAL E 342 29.24 41.10 -28.26
CA VAL E 342 28.05 41.56 -29.00
C VAL E 342 26.82 40.73 -28.56
N GLU E 343 25.66 41.36 -28.55
CA GLU E 343 24.48 40.66 -28.08
C GLU E 343 23.50 40.14 -29.12
N TRP E 344 23.26 40.93 -30.18
CA TRP E 344 22.31 40.51 -31.19
C TRP E 344 22.61 39.18 -31.88
N ILE E 345 23.49 38.41 -31.27
CA ILE E 345 23.83 37.08 -31.75
C ILE E 345 23.82 36.24 -30.49
N PRO E 346 22.75 35.52 -30.26
CA PRO E 346 22.66 34.68 -29.06
C PRO E 346 23.88 33.76 -28.84
N ASN E 347 24.39 33.16 -29.91
CA ASN E 347 25.54 32.28 -29.79
C ASN E 347 26.62 32.65 -30.79
N ASN E 348 27.41 33.67 -30.46
CA ASN E 348 28.47 34.15 -31.34
C ASN E 348 29.37 33.02 -31.74
N VAL E 349 29.81 32.25 -30.76
CA VAL E 349 30.72 31.17 -30.99
C VAL E 349 30.23 30.05 -31.90
N LYS E 350 31.15 29.59 -32.74
CA LYS E 350 30.89 28.51 -33.68
C LYS E 350 31.88 27.42 -33.29
N THR E 351 31.41 26.48 -32.48
CA THR E 351 32.25 25.39 -32.05
C THR E 351 32.40 24.41 -33.21
N ALA E 352 33.63 24.04 -33.47
CA ALA E 352 33.95 23.11 -34.53
C ALA E 352 34.82 22.07 -33.88
N VAL E 353 34.72 20.82 -34.33
CA VAL E 353 35.52 19.77 -33.70
C VAL E 353 35.98 18.63 -34.60
N CYS E 354 37.25 18.69 -34.95
CA CYS E 354 37.89 17.67 -35.77
C CYS E 354 38.17 16.51 -34.81
N ASP E 355 38.98 15.55 -35.27
CA ASP E 355 39.35 14.43 -34.43
C ASP E 355 40.86 14.38 -34.34
N ILE E 356 41.52 13.95 -35.42
CA ILE E 356 42.97 13.88 -35.41
C ILE E 356 43.55 15.27 -35.15
N PRO E 357 44.52 15.36 -34.24
CA PRO E 357 45.17 16.62 -33.87
C PRO E 357 46.46 16.90 -34.66
N PRO E 358 47.13 18.01 -34.35
CA PRO E 358 48.37 18.32 -35.05
C PRO E 358 49.38 17.22 -34.80
N ARG E 359 49.70 16.49 -35.86
CA ARG E 359 50.62 15.36 -35.81
C ARG E 359 51.19 15.01 -34.43
N GLY E 360 52.16 15.79 -33.96
CA GLY E 360 52.77 15.48 -32.67
C GLY E 360 52.11 15.91 -31.37
N LEU E 361 50.97 16.60 -31.47
CA LEU E 361 50.30 17.08 -30.28
C LEU E 361 49.06 16.27 -29.90
N LYS E 362 48.62 16.41 -28.65
CA LYS E 362 47.45 15.69 -28.16
C LYS E 362 46.14 16.43 -28.39
N MET E 363 46.17 17.75 -28.24
CA MET E 363 44.97 18.54 -28.42
C MET E 363 45.28 20.01 -28.72
N SER E 364 44.67 20.50 -29.80
CA SER E 364 44.84 21.88 -30.26
C SER E 364 43.47 22.44 -30.67
N ALA E 365 43.45 23.73 -31.03
CA ALA E 365 42.21 24.40 -31.44
C ALA E 365 42.48 25.76 -32.05
N THR E 366 42.27 25.85 -33.36
CA THR E 366 42.47 27.10 -34.06
C THR E 366 41.33 28.04 -33.72
N PHE E 367 41.66 29.32 -33.60
CA PHE E 367 40.69 30.34 -33.27
C PHE E 367 40.62 31.33 -34.40
N ILE E 368 39.40 31.60 -34.85
CA ILE E 368 39.21 32.53 -35.94
C ILE E 368 38.21 33.54 -35.45
N GLY E 369 38.70 34.66 -34.94
CA GLY E 369 37.81 35.67 -34.41
C GLY E 369 37.44 36.82 -35.31
N ASN E 370 36.17 37.16 -35.34
CA ASN E 370 35.67 38.26 -36.14
C ASN E 370 35.34 39.41 -35.23
N SER E 371 36.31 39.90 -34.47
CA SER E 371 36.00 40.99 -33.57
C SER E 371 36.07 42.37 -34.17
N THR E 372 35.26 43.25 -33.58
CA THR E 372 35.11 44.64 -33.98
C THR E 372 36.36 45.39 -33.59
N ALA E 373 37.24 44.70 -32.88
CA ALA E 373 38.48 45.31 -32.45
C ALA E 373 39.37 45.67 -33.61
N ILE E 374 39.31 44.89 -34.68
CA ILE E 374 40.16 45.15 -35.81
C ILE E 374 39.84 46.48 -36.44
N GLN E 375 38.95 47.22 -35.82
CA GLN E 375 38.61 48.54 -36.28
C GLN E 375 39.89 49.35 -36.03
N GLU E 376 40.39 49.24 -34.81
CA GLU E 376 41.60 49.91 -34.40
C GLU E 376 42.87 49.46 -35.09
N LEU E 377 42.77 49.11 -36.36
CA LEU E 377 43.97 48.73 -37.10
C LEU E 377 43.88 49.39 -38.46
N PHE E 378 42.70 49.30 -39.05
CA PHE E 378 42.47 49.91 -40.33
C PHE E 378 42.51 51.39 -40.04
N LYS E 379 42.22 51.74 -38.79
CA LYS E 379 42.28 53.13 -38.36
C LYS E 379 43.73 53.50 -38.56
N ARG E 380 44.57 52.79 -37.84
CA ARG E 380 46.01 52.98 -37.89
C ARG E 380 46.41 53.20 -39.33
N ILE E 381 46.36 52.15 -40.12
CA ILE E 381 46.71 52.21 -41.51
C ILE E 381 46.16 53.48 -42.12
N SER E 382 44.84 53.62 -42.11
CA SER E 382 44.20 54.79 -42.69
C SER E 382 44.81 56.10 -42.22
N GLU E 383 45.21 56.16 -40.95
CA GLU E 383 45.84 57.37 -40.45
C GLU E 383 47.14 57.61 -41.23
N GLN E 384 48.09 56.70 -41.08
CA GLN E 384 49.38 56.79 -41.76
C GLN E 384 49.24 57.32 -43.17
N PHE E 385 48.21 56.88 -43.86
CA PHE E 385 47.97 57.31 -45.24
C PHE E 385 47.84 58.82 -45.23
N THR E 386 46.68 59.29 -44.82
CA THR E 386 46.40 60.72 -44.75
C THR E 386 47.58 61.60 -44.31
N ALA E 387 48.23 61.25 -43.20
CA ALA E 387 49.37 62.02 -42.70
C ALA E 387 50.43 62.20 -43.77
N MET E 388 50.50 61.24 -44.69
CA MET E 388 51.48 61.30 -45.77
C MET E 388 50.86 61.60 -47.11
N PHE E 389 49.62 61.20 -47.26
CA PHE E 389 48.96 61.47 -48.51
C PHE E 389 48.91 62.98 -48.56
N ARG E 390 48.38 63.59 -47.51
CA ARG E 390 48.27 65.04 -47.47
C ARG E 390 49.43 65.72 -48.21
N ARG E 391 50.64 65.21 -48.05
CA ARG E 391 51.79 65.82 -48.71
C ARG E 391 52.24 65.06 -49.96
N LYS E 392 51.44 64.08 -50.37
CA LYS E 392 51.71 63.28 -51.57
C LYS E 392 53.09 62.65 -51.54
N ALA E 393 53.60 62.46 -50.32
CA ALA E 393 54.92 61.89 -50.05
C ALA E 393 55.53 61.16 -51.21
N PHE E 394 55.59 59.84 -51.16
CA PHE E 394 56.20 59.12 -52.28
C PHE E 394 55.12 58.76 -53.28
N LEU E 395 54.38 59.77 -53.71
CA LEU E 395 53.32 59.52 -54.64
C LEU E 395 53.81 59.45 -56.09
N HIS E 396 54.86 60.19 -56.41
CA HIS E 396 55.35 60.18 -57.79
C HIS E 396 55.73 58.78 -58.29
N TRP E 397 56.05 57.88 -57.38
CA TRP E 397 56.41 56.51 -57.73
C TRP E 397 55.18 55.73 -58.12
N TYR E 398 54.01 56.27 -57.80
CA TYR E 398 52.77 55.59 -58.14
C TYR E 398 52.28 56.20 -59.44
N THR E 399 51.93 57.48 -59.39
CA THR E 399 51.43 58.18 -60.57
C THR E 399 52.36 57.95 -61.76
N GLY E 400 53.66 58.21 -61.56
CA GLY E 400 54.64 58.02 -62.61
C GLY E 400 54.58 56.62 -63.20
N GLU E 401 53.79 55.76 -62.56
CA GLU E 401 53.62 54.39 -63.03
C GLU E 401 52.23 54.24 -63.61
N GLY E 402 51.61 55.36 -63.94
CA GLY E 402 50.28 55.29 -64.49
C GLY E 402 49.32 54.91 -63.38
N MET E 403 48.99 55.91 -62.56
CA MET E 403 48.07 55.73 -61.46
C MET E 403 47.15 56.94 -61.51
N ASP E 404 46.39 57.15 -60.45
CA ASP E 404 45.45 58.27 -60.41
C ASP E 404 45.44 58.91 -59.02
N GLU E 405 45.23 60.22 -58.97
CA GLU E 405 45.18 60.95 -57.70
C GLU E 405 43.84 60.66 -57.04
N MET E 406 42.93 60.09 -57.82
CA MET E 406 41.60 59.74 -57.34
C MET E 406 41.58 58.27 -56.89
N GLU E 407 42.59 57.51 -57.31
CA GLU E 407 42.71 56.11 -56.94
C GLU E 407 43.01 55.98 -55.45
N PHE E 408 43.99 56.74 -54.99
CA PHE E 408 44.36 56.74 -53.59
C PHE E 408 43.20 57.24 -52.78
N THR E 409 42.53 58.27 -53.28
CA THR E 409 41.39 58.84 -52.58
C THR E 409 40.40 57.71 -52.34
N GLU E 410 40.05 57.07 -53.42
CA GLU E 410 39.13 55.96 -53.42
C GLU E 410 39.39 54.97 -52.29
N ALA E 411 40.50 54.26 -52.40
CA ALA E 411 40.89 53.28 -51.41
C ALA E 411 40.76 53.76 -49.99
N GLU E 412 41.50 54.80 -49.63
CA GLU E 412 41.42 55.29 -48.28
C GLU E 412 39.98 55.38 -47.82
N SER E 413 39.20 56.19 -48.52
CA SER E 413 37.80 56.36 -48.19
C SER E 413 37.20 54.98 -47.95
N ASN E 414 37.09 54.20 -49.02
CA ASN E 414 36.55 52.84 -48.93
C ASN E 414 37.00 52.18 -47.64
N MET E 415 38.27 51.81 -47.59
CA MET E 415 38.81 51.17 -46.40
C MET E 415 38.56 52.00 -45.16
N ASN E 416 38.48 53.31 -45.31
CA ASN E 416 38.23 54.21 -44.19
C ASN E 416 36.79 54.06 -43.70
N ASP E 417 35.87 53.91 -44.64
CA ASP E 417 34.46 53.71 -44.32
C ASP E 417 34.35 52.37 -43.61
N LEU E 418 35.12 51.41 -44.13
CA LEU E 418 35.16 50.06 -43.60
C LEU E 418 35.38 50.06 -42.09
N VAL E 419 36.09 51.08 -41.62
CA VAL E 419 36.36 51.26 -40.18
C VAL E 419 35.06 51.65 -39.54
N SER E 420 34.42 52.65 -40.15
CA SER E 420 33.16 53.16 -39.69
C SER E 420 32.20 52.01 -39.35
N GLU E 421 31.76 51.36 -40.41
CA GLU E 421 30.81 50.24 -40.34
C GLU E 421 31.07 49.33 -39.14
N TYR E 422 32.27 48.81 -39.09
CA TYR E 422 32.70 47.86 -38.06
C TYR E 422 32.34 48.35 -36.65
N GLN E 423 32.21 49.65 -36.51
CA GLN E 423 31.87 50.26 -35.21
C GLN E 423 30.36 50.17 -34.96
N GLN E 424 29.64 50.10 -36.06
CA GLN E 424 28.17 50.02 -36.07
C GLN E 424 27.66 48.82 -35.26
N TYR E 425 28.59 47.96 -34.89
CA TYR E 425 28.24 46.74 -34.16
C TYR E 425 28.87 46.74 -32.76
N GLN E 426 30.01 47.39 -32.66
CA GLN E 426 30.68 47.56 -31.36
C GLN E 426 29.70 48.32 -30.46
N ASP E 427 28.67 48.89 -31.10
CA ASP E 427 27.63 49.66 -30.44
C ASP E 427 26.23 49.10 -30.76
N ARG F 2 2.60 -2.75 -41.74
CA ARG F 2 3.33 -3.48 -40.68
C ARG F 2 4.70 -2.88 -40.35
N GLU F 3 5.47 -2.58 -41.39
CA GLU F 3 6.80 -2.00 -41.17
C GLU F 3 6.79 -0.49 -41.06
N CYS F 4 7.98 0.07 -40.93
CA CYS F 4 8.17 1.51 -40.81
C CYS F 4 9.57 1.87 -41.28
N ILE F 5 9.68 2.37 -42.50
CA ILE F 5 11.00 2.75 -43.01
C ILE F 5 11.55 3.89 -42.14
N SER F 6 12.82 4.21 -42.33
CA SER F 6 13.45 5.28 -41.59
C SER F 6 14.47 5.99 -42.44
N ILE F 7 14.44 7.32 -42.41
CA ILE F 7 15.35 8.14 -43.17
C ILE F 7 16.15 9.02 -42.23
N HIS F 8 17.39 8.63 -42.00
CA HIS F 8 18.28 9.37 -41.13
C HIS F 8 18.95 10.49 -41.92
N VAL F 9 18.49 11.72 -41.70
CA VAL F 9 19.04 12.86 -42.42
C VAL F 9 19.90 13.81 -41.59
N GLY F 10 21.02 14.22 -42.18
CA GLY F 10 21.95 15.12 -41.52
C GLY F 10 23.01 14.33 -40.78
N GLN F 11 24.25 14.81 -40.74
CA GLN F 11 25.29 14.08 -40.04
C GLN F 11 24.73 13.54 -38.74
N ALA F 12 24.21 14.42 -37.91
CA ALA F 12 23.66 14.02 -36.62
C ALA F 12 22.66 12.88 -36.77
N GLY F 13 21.58 13.13 -37.51
CA GLY F 13 20.55 12.12 -37.71
C GLY F 13 21.14 10.81 -38.17
N VAL F 14 22.38 10.89 -38.65
CA VAL F 14 23.10 9.73 -39.15
C VAL F 14 23.94 9.10 -38.01
N GLN F 15 24.48 9.94 -37.13
CA GLN F 15 25.27 9.47 -36.00
C GLN F 15 24.31 8.76 -35.06
N ILE F 16 23.20 9.45 -34.79
CA ILE F 16 22.15 8.92 -33.94
C ILE F 16 21.64 7.66 -34.65
N GLY F 17 21.60 7.73 -35.98
CA GLY F 17 21.15 6.61 -36.77
C GLY F 17 22.03 5.40 -36.55
N ASN F 18 23.33 5.59 -36.72
CA ASN F 18 24.27 4.49 -36.55
C ASN F 18 24.05 3.88 -35.17
N ALA F 19 23.72 4.74 -34.20
CA ALA F 19 23.50 4.32 -32.81
C ALA F 19 22.23 3.51 -32.62
N CYS F 20 21.10 4.12 -32.98
CA CYS F 20 19.81 3.44 -32.88
C CYS F 20 19.90 2.18 -33.71
N TRP F 21 20.63 2.27 -34.81
CA TRP F 21 20.77 1.11 -35.65
C TRP F 21 21.63 0.05 -35.01
N GLU F 22 22.51 0.47 -34.13
CA GLU F 22 23.37 -0.46 -33.42
C GLU F 22 22.52 -1.22 -32.41
N LEU F 23 21.99 -0.49 -31.44
CA LEU F 23 21.17 -1.10 -30.42
C LEU F 23 20.30 -2.18 -31.03
N TYR F 24 19.80 -1.94 -32.22
CA TYR F 24 18.93 -2.90 -32.89
C TYR F 24 19.48 -4.33 -32.97
N CYS F 25 20.35 -4.58 -33.93
CA CYS F 25 20.91 -5.90 -34.10
C CYS F 25 21.31 -6.48 -32.76
N LEU F 26 21.85 -5.61 -31.91
CA LEU F 26 22.32 -5.98 -30.58
C LEU F 26 21.28 -6.75 -29.76
N GLU F 27 20.01 -6.43 -29.96
CA GLU F 27 18.93 -7.08 -29.22
C GLU F 27 18.10 -7.95 -30.15
N HIS F 28 18.67 -8.31 -31.29
CA HIS F 28 18.00 -9.17 -32.26
C HIS F 28 18.94 -10.28 -32.75
N GLY F 29 20.09 -10.39 -32.10
CA GLY F 29 21.07 -11.42 -32.44
C GLY F 29 21.56 -11.45 -33.87
N ILE F 30 21.66 -10.29 -34.50
CA ILE F 30 22.12 -10.20 -35.88
C ILE F 30 23.45 -9.47 -35.97
N GLN F 31 24.54 -10.22 -35.81
CA GLN F 31 25.88 -9.63 -35.88
C GLN F 31 25.97 -8.58 -36.97
N PRO F 32 27.02 -7.76 -36.90
CA PRO F 32 27.22 -6.69 -37.90
C PRO F 32 27.28 -7.25 -39.32
N ASP F 33 27.49 -8.55 -39.44
CA ASP F 33 27.56 -9.19 -40.76
C ASP F 33 26.19 -9.40 -41.40
N GLY F 34 25.15 -8.87 -40.75
CA GLY F 34 23.79 -9.01 -41.22
C GLY F 34 23.11 -10.29 -40.76
N GLN F 35 23.87 -11.37 -40.58
CA GLN F 35 23.33 -12.70 -40.28
C GLN F 35 23.03 -12.81 -38.79
N MET F 36 21.87 -13.40 -38.46
CA MET F 36 21.53 -13.83 -37.10
C MET F 36 21.42 -15.36 -37.14
N PRO F 37 21.69 -16.04 -36.03
CA PRO F 37 21.36 -17.46 -35.87
C PRO F 37 20.17 -17.77 -34.96
N ASP F 47 7.45 -13.41 -39.06
CA ASP F 47 7.93 -12.02 -39.16
C ASP F 47 8.58 -11.42 -37.87
N SER F 48 7.78 -11.16 -36.82
CA SER F 48 8.18 -10.47 -35.57
C SER F 48 8.70 -9.03 -35.77
N PHE F 49 9.95 -8.95 -36.23
CA PHE F 49 10.76 -7.71 -36.35
C PHE F 49 11.00 -7.29 -37.77
N ASN F 50 10.38 -8.02 -38.68
CA ASN F 50 10.39 -7.74 -40.11
C ASN F 50 9.93 -6.34 -40.47
N THR F 51 9.32 -5.64 -39.52
CA THR F 51 8.83 -4.29 -39.76
C THR F 51 9.96 -3.27 -39.67
N PHE F 52 11.20 -3.75 -39.80
CA PHE F 52 12.36 -2.89 -39.73
C PHE F 52 13.57 -3.54 -40.40
N PHE F 53 13.40 -4.78 -40.84
CA PHE F 53 14.48 -5.52 -41.49
C PHE F 53 13.94 -6.44 -42.57
N SER F 54 14.52 -6.36 -43.76
CA SER F 54 14.10 -7.21 -44.90
C SER F 54 15.03 -8.40 -45.08
N GLU F 55 14.46 -9.60 -45.18
CA GLU F 55 15.25 -10.83 -45.19
C GLU F 55 15.91 -11.13 -46.56
N THR F 56 16.58 -10.10 -47.11
CA THR F 56 17.27 -10.17 -48.42
C THR F 56 18.35 -11.27 -48.51
N GLY F 57 18.44 -11.86 -49.69
CA GLY F 57 19.27 -13.04 -49.90
C GLY F 57 18.78 -14.15 -49.01
N ALA F 58 19.59 -15.18 -48.86
CA ALA F 58 19.27 -16.25 -47.94
C ALA F 58 20.37 -16.44 -46.88
N GLY F 59 20.68 -15.34 -46.19
CA GLY F 59 21.59 -15.36 -45.07
C GLY F 59 21.60 -14.10 -44.23
N LYS F 60 21.21 -12.98 -44.85
CA LYS F 60 21.44 -11.60 -44.36
C LYS F 60 20.18 -10.89 -43.82
N HIS F 61 20.34 -9.62 -43.42
CA HIS F 61 19.22 -8.85 -42.90
C HIS F 61 19.37 -7.37 -43.24
N VAL F 62 19.60 -7.07 -44.51
CA VAL F 62 19.76 -5.71 -44.98
C VAL F 62 18.83 -4.76 -44.23
N PRO F 63 19.37 -3.64 -43.77
CA PRO F 63 18.58 -2.64 -43.04
C PRO F 63 17.26 -2.35 -43.73
N ARG F 64 16.48 -1.42 -43.18
CA ARG F 64 15.20 -1.05 -43.76
C ARG F 64 15.10 0.46 -43.67
N ALA F 65 16.19 1.13 -44.02
CA ALA F 65 16.24 2.58 -43.96
C ALA F 65 17.24 3.17 -44.95
N VAL F 66 17.43 4.48 -44.84
CA VAL F 66 18.38 5.14 -45.72
C VAL F 66 19.16 6.21 -44.98
N PHE F 67 20.24 6.69 -45.60
CA PHE F 67 21.09 7.71 -45.01
C PHE F 67 21.41 8.86 -45.96
N VAL F 68 20.99 10.07 -45.58
CA VAL F 68 21.19 11.25 -46.42
C VAL F 68 22.07 12.33 -45.78
N ASP F 69 23.63 12.60 -46.31
CA ASP F 69 24.40 13.74 -45.80
C ASP F 69 25.10 14.36 -47.00
N LEU F 70 25.24 15.67 -46.97
CA LEU F 70 25.86 16.34 -48.12
C LEU F 70 27.42 16.37 -48.09
N GLU F 71 28.03 16.21 -46.91
CA GLU F 71 29.46 15.89 -46.77
C GLU F 71 29.63 14.38 -46.55
N PRO F 72 30.61 13.78 -47.21
CA PRO F 72 30.84 12.34 -47.12
C PRO F 72 31.32 11.89 -45.74
N THR F 73 32.23 12.65 -45.12
CA THR F 73 32.82 12.37 -43.80
C THR F 73 32.10 11.38 -42.90
N VAL F 74 30.81 11.64 -42.66
CA VAL F 74 30.03 10.97 -41.62
C VAL F 74 29.41 9.65 -42.03
N ILE F 75 28.88 9.61 -43.25
CA ILE F 75 28.40 8.38 -43.84
C ILE F 75 29.57 7.48 -44.21
N ASP F 76 30.68 8.10 -44.54
CA ASP F 76 31.90 7.38 -44.80
C ASP F 76 32.31 6.49 -43.63
N GLU F 77 32.36 7.09 -42.44
CA GLU F 77 32.73 6.36 -41.22
C GLU F 77 31.88 5.10 -41.00
N VAL F 78 30.58 5.13 -41.36
CA VAL F 78 29.69 3.95 -41.30
C VAL F 78 30.22 2.83 -42.16
N ARG F 79 30.64 3.14 -43.38
CA ARG F 79 31.24 2.15 -44.27
C ARG F 79 32.72 1.91 -44.01
N THR F 80 33.16 2.13 -42.78
CA THR F 80 34.48 1.70 -42.30
C THR F 80 34.35 0.70 -41.11
N GLY F 81 33.56 1.10 -40.12
CA GLY F 81 33.43 0.37 -38.86
C GLY F 81 32.32 -0.65 -38.87
N THR F 82 32.68 -1.88 -38.48
CA THR F 82 31.77 -3.03 -38.48
C THR F 82 30.36 -2.57 -38.28
N TYR F 83 29.48 -3.08 -39.15
CA TYR F 83 28.19 -2.49 -39.51
C TYR F 83 28.38 -2.09 -40.96
N ARG F 84 29.64 -1.87 -41.32
CA ARG F 84 30.02 -1.70 -42.70
C ARG F 84 29.32 -2.76 -43.53
N GLN F 85 29.21 -3.95 -42.95
CA GLN F 85 28.60 -5.08 -43.62
C GLN F 85 27.08 -5.06 -43.59
N LEU F 86 26.50 -4.17 -42.76
CA LEU F 86 25.08 -4.25 -42.42
C LEU F 86 24.14 -3.68 -43.45
N PHE F 87 24.42 -2.46 -43.88
CA PHE F 87 23.59 -1.83 -44.87
C PHE F 87 23.99 -2.25 -46.27
N HIS F 88 23.17 -1.90 -47.25
CA HIS F 88 23.54 -2.09 -48.66
C HIS F 88 24.38 -0.91 -49.17
N PRO F 89 25.43 -1.20 -49.91
CA PRO F 89 26.33 -0.15 -50.35
C PRO F 89 25.46 0.95 -50.90
N GLU F 90 24.31 0.60 -51.46
CA GLU F 90 23.47 1.61 -52.04
C GLU F 90 22.84 2.55 -51.04
N GLN F 91 22.21 2.03 -50.00
CA GLN F 91 21.32 2.86 -49.19
C GLN F 91 21.91 4.07 -48.45
N LEU F 92 23.23 4.24 -48.51
CA LEU F 92 23.91 5.38 -47.88
C LEU F 92 24.38 6.42 -48.89
N ILE F 93 22.88 7.64 -49.27
CA ILE F 93 22.92 8.76 -50.21
C ILE F 93 23.86 9.86 -49.71
N THR F 94 24.66 10.39 -50.62
CA THR F 94 25.61 11.46 -50.33
C THR F 94 25.71 12.45 -51.48
N GLY F 95 26.02 13.69 -51.14
CA GLY F 95 26.18 14.72 -52.15
C GLY F 95 27.54 15.35 -51.91
N LYS F 96 28.58 14.70 -52.41
CA LYS F 96 29.97 15.14 -52.27
C LYS F 96 30.12 16.64 -52.12
N GLU F 97 29.16 17.37 -52.66
CA GLU F 97 29.14 18.80 -52.63
C GLU F 97 29.33 19.41 -51.26
N ASP F 98 28.48 20.36 -50.91
CA ASP F 98 28.63 21.04 -49.65
C ASP F 98 27.41 20.99 -48.73
N ALA F 99 27.67 20.80 -47.45
CA ALA F 99 26.62 20.74 -46.45
C ALA F 99 25.95 22.10 -46.23
N ALA F 100 26.72 23.03 -45.65
CA ALA F 100 26.28 24.39 -45.36
C ALA F 100 25.32 24.45 -44.22
N ASN F 101 25.74 25.05 -43.12
CA ASN F 101 24.86 25.10 -41.98
C ASN F 101 23.72 26.07 -42.16
N ASN F 102 23.14 26.04 -43.34
CA ASN F 102 22.03 26.90 -43.62
C ASN F 102 20.91 26.23 -44.37
N TYR F 103 19.73 26.33 -43.77
CA TYR F 103 18.49 25.78 -44.28
C TYR F 103 18.43 25.96 -45.80
N ALA F 104 18.09 27.17 -46.23
CA ALA F 104 18.00 27.52 -47.64
C ALA F 104 18.79 26.62 -48.58
N ARG F 105 20.10 26.73 -48.51
CA ARG F 105 21.00 25.95 -49.33
C ARG F 105 20.65 24.47 -49.28
N GLY F 106 20.48 23.95 -48.08
CA GLY F 106 20.16 22.54 -47.97
C GLY F 106 18.78 22.16 -48.49
N HIS F 107 17.81 23.04 -48.30
CA HIS F 107 16.46 22.76 -48.76
C HIS F 107 16.39 23.05 -50.24
N TYR F 108 16.47 24.33 -50.60
CA TYR F 108 16.42 24.78 -51.98
C TYR F 108 17.68 24.41 -52.75
N THR F 109 18.42 25.42 -53.20
CA THR F 109 19.66 25.26 -53.94
C THR F 109 20.28 23.87 -53.99
N ILE F 110 21.20 23.55 -53.10
CA ILE F 110 21.84 22.26 -53.16
C ILE F 110 20.93 21.08 -52.84
N GLY F 111 20.55 20.94 -51.58
CA GLY F 111 19.70 19.83 -51.18
C GLY F 111 18.74 19.31 -52.24
N LYS F 112 18.27 20.21 -53.10
CA LYS F 112 17.32 19.84 -54.16
C LYS F 112 17.86 18.73 -55.05
N GLU F 113 19.00 18.98 -55.66
CA GLU F 113 19.63 18.02 -56.56
C GLU F 113 19.57 16.55 -56.13
N ILE F 114 19.72 16.30 -54.83
CA ILE F 114 19.73 14.95 -54.30
C ILE F 114 18.36 14.33 -54.05
N ILE F 115 17.44 15.14 -53.54
CA ILE F 115 16.10 14.70 -53.18
C ILE F 115 15.52 13.62 -54.08
N ASP F 116 15.40 13.87 -55.39
CA ASP F 116 14.87 12.87 -56.30
C ASP F 116 15.45 11.53 -55.87
N LEU F 117 16.74 11.38 -56.14
CA LEU F 117 17.49 10.20 -55.80
C LEU F 117 17.11 9.71 -54.41
N VAL F 118 17.10 10.60 -53.44
CA VAL F 118 16.74 10.23 -52.08
C VAL F 118 15.41 9.51 -52.12
N LEU F 119 14.37 10.25 -52.55
CA LEU F 119 13.03 9.70 -52.66
C LEU F 119 13.08 8.32 -53.28
N ASP F 120 13.66 8.23 -54.46
CA ASP F 120 13.76 6.96 -55.17
C ASP F 120 13.97 5.79 -54.24
N ARG F 121 14.84 5.92 -53.26
CA ARG F 121 15.07 4.81 -52.33
C ARG F 121 13.87 4.59 -51.41
N ILE F 122 13.29 5.67 -50.91
CA ILE F 122 12.15 5.56 -50.02
C ILE F 122 10.89 5.24 -50.81
N ARG F 123 11.08 4.91 -52.08
CA ARG F 123 9.99 4.50 -52.98
C ARG F 123 10.37 3.13 -53.53
N LYS F 124 11.67 2.84 -53.48
CA LYS F 124 12.23 1.58 -53.93
C LYS F 124 12.25 0.64 -52.74
N LEU F 125 12.47 1.21 -51.55
CA LEU F 125 12.50 0.46 -50.29
C LEU F 125 11.08 0.35 -49.75
N ALA F 126 10.23 1.28 -50.18
CA ALA F 126 8.83 1.31 -49.73
C ALA F 126 7.97 0.33 -50.51
N ASP F 127 8.48 -0.08 -51.66
CA ASP F 127 7.77 -1.01 -52.53
C ASP F 127 8.06 -2.44 -52.13
N GLN F 128 9.34 -2.77 -52.08
CA GLN F 128 9.82 -4.10 -51.71
C GLN F 128 9.08 -4.75 -50.54
N CYS F 129 8.69 -3.96 -49.54
CA CYS F 129 8.01 -4.45 -48.35
C CYS F 129 6.58 -5.02 -48.55
N THR F 130 5.87 -5.16 -47.44
CA THR F 130 4.49 -5.69 -47.44
C THR F 130 3.63 -4.80 -46.53
N GLY F 131 2.72 -4.04 -47.13
CA GLY F 131 1.86 -3.17 -46.35
C GLY F 131 2.60 -2.53 -45.20
N LEU F 132 3.27 -1.40 -45.46
CA LEU F 132 4.03 -0.69 -44.44
C LEU F 132 3.12 0.24 -43.62
N GLN F 133 3.71 0.96 -42.67
CA GLN F 133 2.94 1.87 -41.82
C GLN F 133 3.48 3.30 -41.88
N GLY F 134 4.74 3.46 -42.24
CA GLY F 134 5.30 4.79 -42.30
C GLY F 134 6.82 4.84 -42.28
N PHE F 135 7.35 6.07 -42.19
CA PHE F 135 8.80 6.31 -42.17
C PHE F 135 9.28 7.04 -40.93
N SER F 136 10.06 6.37 -40.10
CA SER F 136 10.60 7.01 -38.92
C SER F 136 11.77 7.83 -39.45
N VAL F 137 11.59 9.15 -39.49
CA VAL F 137 12.60 10.10 -39.97
C VAL F 137 13.55 10.56 -38.85
N PHE F 138 14.85 10.61 -39.10
CA PHE F 138 15.78 11.06 -38.06
C PHE F 138 16.58 12.28 -38.50
N HIS F 139 16.25 13.45 -37.96
CA HIS F 139 16.96 14.67 -38.33
C HIS F 139 17.31 15.54 -37.13
N SER F 140 18.22 16.48 -37.35
CA SER F 140 18.68 17.39 -36.30
C SER F 140 18.30 18.85 -36.47
N PHE F 141 17.00 19.11 -36.39
CA PHE F 141 16.45 20.45 -36.49
C PHE F 141 17.36 21.58 -36.93
N GLY F 142 18.35 21.94 -36.12
CA GLY F 142 19.23 23.05 -36.45
C GLY F 142 20.49 22.77 -37.23
N GLY F 143 20.34 22.21 -38.43
CA GLY F 143 21.51 21.93 -39.24
C GLY F 143 21.24 22.40 -40.65
N GLY F 144 22.07 22.01 -41.59
CA GLY F 144 21.87 22.40 -42.96
C GLY F 144 21.18 21.27 -43.69
N THR F 145 21.81 20.11 -43.70
CA THR F 145 21.27 18.93 -44.34
C THR F 145 20.13 18.37 -43.51
N GLY F 146 20.14 18.66 -42.22
CA GLY F 146 19.09 18.14 -41.37
C GLY F 146 17.80 18.93 -41.31
N SER F 147 17.91 20.24 -41.33
CA SER F 147 16.75 21.11 -41.28
C SER F 147 16.17 21.22 -42.68
N GLY F 148 16.92 21.92 -43.54
CA GLY F 148 16.51 22.13 -44.91
C GLY F 148 16.07 20.89 -45.62
N PHE F 149 17.02 20.14 -46.17
CA PHE F 149 16.72 18.92 -46.89
C PHE F 149 15.43 18.23 -46.45
N THR F 150 15.47 17.59 -45.29
CA THR F 150 14.30 16.88 -44.78
C THR F 150 13.07 17.69 -45.06
N SER F 151 13.12 18.96 -44.67
CA SER F 151 11.99 19.83 -44.89
C SER F 151 11.29 19.44 -46.17
N LEU F 152 12.03 19.31 -47.26
CA LEU F 152 11.40 18.93 -48.50
C LEU F 152 11.26 17.42 -48.69
N LEU F 153 12.02 16.64 -47.92
CA LEU F 153 11.92 15.20 -48.01
C LEU F 153 10.58 14.81 -47.43
N MET F 154 10.35 15.22 -46.19
CA MET F 154 9.07 14.95 -45.53
C MET F 154 8.02 15.60 -46.38
N GLU F 155 8.40 16.72 -46.98
CA GLU F 155 7.50 17.49 -47.83
C GLU F 155 7.04 16.59 -48.95
N ARG F 156 7.98 16.09 -49.74
CA ARG F 156 7.64 15.21 -50.86
C ARG F 156 6.98 13.87 -50.46
N LEU F 157 7.04 13.52 -49.17
CA LEU F 157 6.43 12.29 -48.65
C LEU F 157 4.94 12.49 -48.39
N SER F 158 4.63 13.53 -47.63
CA SER F 158 3.25 13.85 -47.31
C SER F 158 2.35 13.85 -48.52
N VAL F 159 2.95 13.96 -49.71
CA VAL F 159 2.16 13.96 -50.93
C VAL F 159 2.19 12.62 -51.63
N ASP F 160 3.34 11.95 -51.56
CA ASP F 160 3.49 10.66 -52.21
C ASP F 160 2.90 9.52 -51.40
N TYR F 161 2.70 9.73 -50.11
CA TYR F 161 2.13 8.70 -49.26
C TYR F 161 1.29 9.33 -48.16
N GLY F 162 0.48 10.33 -48.49
CA GLY F 162 -0.32 10.97 -47.45
C GLY F 162 -1.01 9.94 -46.59
N LYS F 163 -1.23 8.77 -47.16
CA LYS F 163 -1.91 7.66 -46.52
C LYS F 163 -1.04 6.79 -45.61
N LYS F 164 -0.22 7.44 -44.79
CA LYS F 164 0.65 6.69 -43.87
C LYS F 164 1.04 7.53 -42.66
N SER F 165 1.99 7.01 -41.88
CA SER F 165 2.48 7.71 -40.72
C SER F 165 3.80 8.38 -40.99
N LYS F 166 3.92 9.60 -40.49
CA LYS F 166 5.12 10.39 -40.66
C LYS F 166 5.58 10.87 -39.28
N LEU F 167 6.23 9.97 -38.55
CA LEU F 167 6.72 10.30 -37.24
C LEU F 167 8.19 10.67 -37.41
N GLU F 168 8.49 11.94 -37.20
CA GLU F 168 9.86 12.39 -37.33
C GLU F 168 10.48 12.55 -35.97
N PHE F 169 11.58 11.86 -35.76
CA PHE F 169 12.31 11.91 -34.51
C PHE F 169 13.40 12.97 -34.57
N SER F 170 13.13 14.12 -33.96
CA SER F 170 14.08 15.24 -33.98
C SER F 170 14.93 15.45 -32.72
N ILE F 171 16.00 16.20 -32.88
CA ILE F 171 16.95 16.55 -31.83
C ILE F 171 17.00 18.06 -31.91
N TYR F 172 15.98 18.69 -31.36
CA TYR F 172 15.85 20.12 -31.42
C TYR F 172 16.82 20.87 -30.49
N PRO F 173 17.33 22.04 -30.94
CA PRO F 173 18.26 23.02 -30.38
C PRO F 173 18.42 23.10 -28.87
N ALA F 174 19.64 22.86 -28.39
CA ALA F 174 19.94 22.93 -26.96
C ALA F 174 19.53 24.31 -26.51
N PRO F 175 18.74 24.39 -25.43
CA PRO F 175 18.24 25.64 -24.85
C PRO F 175 19.25 26.79 -24.61
N GLN F 176 20.51 26.46 -24.38
CA GLN F 176 21.53 27.48 -24.14
C GLN F 176 22.84 27.06 -24.75
N VAL F 177 22.98 25.76 -24.95
CA VAL F 177 24.18 25.18 -25.49
C VAL F 177 24.02 24.80 -26.95
N SER F 178 23.67 25.77 -27.78
CA SER F 178 23.50 25.47 -29.20
C SER F 178 24.90 25.43 -29.79
N THR F 179 25.00 25.07 -31.06
CA THR F 179 26.29 25.02 -31.70
C THR F 179 26.35 26.05 -32.81
N ALA F 180 25.72 25.74 -33.94
CA ALA F 180 25.69 26.65 -35.08
C ALA F 180 25.31 28.03 -34.57
N VAL F 181 25.81 29.04 -35.26
CA VAL F 181 25.53 30.41 -34.87
C VAL F 181 24.14 30.78 -35.28
N VAL F 182 23.68 30.19 -36.37
CA VAL F 182 22.37 30.45 -36.92
C VAL F 182 21.24 29.55 -36.41
N GLU F 183 21.59 28.33 -35.98
CA GLU F 183 20.64 27.33 -35.45
C GLU F 183 19.16 27.68 -35.57
N PRO F 184 18.69 28.75 -34.88
CA PRO F 184 17.28 29.11 -34.98
C PRO F 184 16.78 29.32 -36.42
N TYR F 185 17.55 30.02 -37.22
CA TYR F 185 17.14 30.22 -38.59
C TYR F 185 16.81 28.85 -39.15
N ASN F 186 17.71 27.89 -38.96
CA ASN F 186 17.52 26.55 -39.45
C ASN F 186 16.43 25.73 -38.79
N SER F 187 16.02 26.13 -37.58
CA SER F 187 14.99 25.36 -36.86
C SER F 187 13.63 25.98 -36.86
N ILE F 188 13.54 27.25 -37.20
CA ILE F 188 12.22 27.85 -37.26
C ILE F 188 11.76 27.51 -38.65
N LEU F 189 12.72 27.15 -39.50
CA LEU F 189 12.45 26.80 -40.90
C LEU F 189 12.16 25.35 -41.14
N THR F 190 12.68 24.47 -40.29
CA THR F 190 12.41 23.06 -40.47
C THR F 190 11.08 22.73 -39.81
N THR F 191 10.68 23.59 -38.87
CA THR F 191 9.44 23.37 -38.16
C THR F 191 8.24 23.76 -39.02
N HIS F 192 8.31 24.94 -39.65
CA HIS F 192 7.21 25.45 -40.45
C HIS F 192 6.95 24.70 -41.73
N THR F 193 8.02 24.14 -42.29
CA THR F 193 7.92 23.40 -43.54
C THR F 193 7.52 21.95 -43.30
N THR F 194 7.88 21.41 -42.14
CA THR F 194 7.55 20.03 -41.83
C THR F 194 6.22 19.93 -41.10
N LEU F 195 5.87 20.99 -40.37
CA LEU F 195 4.64 21.04 -39.59
C LEU F 195 3.40 20.52 -40.28
N GLU F 196 3.24 20.96 -41.52
CA GLU F 196 2.09 20.58 -42.32
C GLU F 196 2.34 19.27 -43.08
N HIS F 197 3.26 18.46 -42.57
CA HIS F 197 3.61 17.21 -43.22
C HIS F 197 3.85 16.00 -42.30
N SER F 198 4.22 16.24 -41.05
CA SER F 198 4.47 15.15 -40.13
C SER F 198 3.21 14.68 -39.43
N ASP F 199 3.31 13.49 -38.85
CA ASP F 199 2.20 12.87 -38.14
C ASP F 199 2.39 13.11 -36.65
N CYS F 200 3.58 12.79 -36.17
CA CYS F 200 3.96 12.95 -34.78
C CYS F 200 5.46 13.19 -34.80
N ALA F 201 5.90 14.28 -34.20
CA ALA F 201 7.31 14.58 -34.17
C ALA F 201 7.86 14.36 -32.76
N PHE F 202 8.70 13.35 -32.60
CA PHE F 202 9.30 13.08 -31.30
C PHE F 202 10.46 14.05 -31.12
N MET F 203 10.67 14.46 -29.88
CA MET F 203 11.74 15.40 -29.61
C MET F 203 12.63 14.97 -28.46
N VAL F 204 13.93 15.08 -28.69
CA VAL F 204 14.95 14.73 -27.72
C VAL F 204 15.97 15.87 -27.71
N ASP F 205 16.02 16.58 -26.59
CA ASP F 205 16.89 17.73 -26.42
C ASP F 205 18.31 17.33 -26.12
N ASN F 206 19.25 17.70 -26.98
CA ASN F 206 20.64 17.36 -26.79
C ASN F 206 21.21 17.75 -25.42
N GLU F 207 21.00 18.99 -24.98
CA GLU F 207 21.49 19.43 -23.67
C GLU F 207 20.81 18.71 -22.51
N ALA F 208 19.50 18.81 -22.44
CA ALA F 208 18.73 18.15 -21.38
C ALA F 208 19.02 16.65 -21.26
N ILE F 209 19.82 16.11 -22.18
CA ILE F 209 20.19 14.70 -22.13
C ILE F 209 21.52 14.65 -21.39
N TYR F 210 22.31 15.72 -21.51
CA TYR F 210 23.59 15.77 -20.83
C TYR F 210 23.34 15.75 -19.34
N ASP F 211 22.35 16.52 -18.91
CA ASP F 211 22.03 16.56 -17.50
C ASP F 211 21.88 15.14 -17.04
N ILE F 212 21.11 14.36 -17.78
CA ILE F 212 20.90 12.97 -17.43
C ILE F 212 22.23 12.24 -17.31
N CYS F 213 23.21 12.64 -18.13
CA CYS F 213 24.52 11.99 -18.11
C CYS F 213 25.39 12.48 -16.96
N ARG F 214 25.02 13.63 -16.42
CA ARG F 214 25.73 14.21 -15.31
C ARG F 214 25.04 13.80 -14.00
N ARG F 215 23.73 14.04 -13.95
CA ARG F 215 22.92 13.76 -12.77
C ARG F 215 22.40 12.34 -12.58
N ASN F 216 22.12 11.64 -13.67
CA ASN F 216 21.58 10.30 -13.56
C ASN F 216 22.44 9.22 -14.18
N LEU F 217 23.75 9.29 -13.96
CA LEU F 217 24.63 8.30 -14.55
C LEU F 217 26.05 8.70 -14.20
N ASP F 218 26.21 9.99 -13.91
CA ASP F 218 27.50 10.55 -13.52
C ASP F 218 28.62 10.29 -14.52
N ILE F 219 28.96 11.34 -15.27
CA ILE F 219 30.04 11.32 -16.26
C ILE F 219 30.13 12.68 -16.93
N GLU F 220 31.28 13.34 -16.79
CA GLU F 220 31.45 14.65 -17.42
C GLU F 220 32.16 14.41 -18.74
N ARG F 221 32.26 13.13 -19.09
CA ARG F 221 32.89 12.66 -20.33
C ARG F 221 31.83 12.05 -21.25
N PRO F 222 30.77 12.81 -21.59
CA PRO F 222 29.77 12.22 -22.47
C PRO F 222 30.08 12.52 -23.94
N THR F 223 30.49 11.49 -24.67
CA THR F 223 30.78 11.66 -26.08
C THR F 223 29.45 11.65 -26.80
N TYR F 224 29.39 12.28 -27.96
CA TYR F 224 28.17 12.30 -28.74
C TYR F 224 27.73 10.85 -28.83
N THR F 225 28.70 9.97 -28.99
CA THR F 225 28.44 8.55 -29.09
C THR F 225 27.60 8.01 -27.93
N ASN F 226 27.39 8.83 -26.90
CA ASN F 226 26.59 8.39 -25.78
C ASN F 226 25.16 8.84 -25.94
N LEU F 227 24.97 10.14 -26.09
CA LEU F 227 23.64 10.68 -26.25
C LEU F 227 22.96 9.81 -27.28
N ASN F 228 23.74 9.39 -28.27
CA ASN F 228 23.20 8.54 -29.32
C ASN F 228 22.75 7.19 -28.78
N ARG F 229 23.51 6.64 -27.83
CA ARG F 229 23.19 5.35 -27.23
C ARG F 229 21.90 5.49 -26.47
N LEU F 230 21.69 6.69 -25.95
CA LEU F 230 20.50 6.96 -25.18
C LEU F 230 19.31 7.03 -26.09
N ILE F 231 19.25 8.02 -26.97
CA ILE F 231 18.10 8.09 -27.86
C ILE F 231 18.05 6.71 -28.49
N GLY F 232 19.23 6.18 -28.77
CA GLY F 232 19.36 4.86 -29.37
C GLY F 232 18.61 3.85 -28.53
N GLN F 233 18.26 4.25 -27.32
CA GLN F 233 17.50 3.40 -26.40
C GLN F 233 16.03 3.75 -26.48
N ILE F 234 15.72 5.00 -26.10
CA ILE F 234 14.35 5.48 -26.13
C ILE F 234 13.69 5.13 -27.45
N VAL F 235 14.45 5.20 -28.53
CA VAL F 235 13.93 4.88 -29.85
C VAL F 235 13.64 3.40 -29.96
N SER F 236 14.51 2.59 -29.39
CA SER F 236 14.31 1.14 -29.46
C SER F 236 13.00 0.75 -28.84
N SER F 237 12.56 1.57 -27.91
CA SER F 237 11.31 1.35 -27.20
C SER F 237 10.10 1.72 -28.06
N ILE F 238 10.33 2.63 -28.99
CA ILE F 238 9.30 3.06 -29.89
C ILE F 238 9.05 1.94 -30.88
N THR F 239 9.81 1.94 -31.98
CA THR F 239 9.66 0.94 -33.03
C THR F 239 10.04 -0.46 -32.58
N ALA F 240 11.32 -0.78 -32.70
CA ALA F 240 11.83 -2.09 -32.35
C ALA F 240 10.84 -2.99 -31.60
N SER F 241 10.88 -2.88 -30.28
CA SER F 241 10.06 -3.67 -29.36
C SER F 241 8.56 -3.56 -29.53
N LEU F 242 8.07 -2.37 -29.86
CA LEU F 242 6.63 -2.20 -30.01
C LEU F 242 6.09 -2.96 -31.21
N ARG F 243 6.76 -2.81 -32.35
CA ARG F 243 6.38 -3.51 -33.56
C ARG F 243 6.58 -5.00 -33.29
N PHE F 244 7.08 -5.27 -32.09
CA PHE F 244 7.36 -6.62 -31.59
C PHE F 244 6.22 -7.03 -30.65
N ASP F 245 5.70 -8.24 -30.83
CA ASP F 245 4.60 -8.80 -30.03
C ASP F 245 4.71 -8.46 -28.55
N GLY F 246 3.59 -8.52 -27.85
CA GLY F 246 3.61 -8.21 -26.43
C GLY F 246 2.23 -8.35 -25.81
N ALA F 247 2.12 -8.02 -24.53
CA ALA F 247 0.85 -8.15 -23.82
C ALA F 247 -0.10 -6.96 -24.03
N LEU F 248 0.39 -5.92 -24.70
CA LEU F 248 -0.43 -4.74 -24.98
C LEU F 248 0.04 -3.91 -26.19
N ASN F 249 0.40 -4.60 -27.26
CA ASN F 249 0.88 -3.98 -28.49
C ASN F 249 0.36 -2.59 -28.79
N VAL F 250 1.22 -1.81 -29.44
CA VAL F 250 0.90 -0.43 -29.83
C VAL F 250 1.52 -0.14 -31.20
N ASP F 251 0.66 -0.07 -32.21
CA ASP F 251 1.06 0.20 -33.59
C ASP F 251 1.57 1.65 -33.74
N LEU F 252 2.24 1.95 -34.85
CA LEU F 252 2.72 3.32 -35.05
C LEU F 252 1.53 4.23 -35.14
N THR F 253 0.57 3.86 -35.96
CA THR F 253 -0.62 4.68 -36.10
C THR F 253 -1.04 5.00 -34.66
N GLU F 254 -1.25 3.96 -33.86
CA GLU F 254 -1.65 4.09 -32.46
C GLU F 254 -1.15 5.39 -31.88
N PHE F 255 0.15 5.61 -32.00
CA PHE F 255 0.75 6.82 -31.48
C PHE F 255 -0.04 8.03 -31.89
N GLN F 256 0.30 8.56 -33.06
CA GLN F 256 -0.36 9.74 -33.57
C GLN F 256 -1.82 9.82 -33.13
N THR F 257 -2.53 8.69 -33.14
CA THR F 257 -3.93 8.69 -32.72
C THR F 257 -4.03 9.03 -31.24
N ASN F 258 -3.46 8.18 -30.41
CA ASN F 258 -3.51 8.37 -28.96
C ASN F 258 -2.59 9.49 -28.49
N LEU F 259 -1.76 10.03 -29.40
CA LEU F 259 -0.79 11.08 -29.04
C LEU F 259 -0.96 12.51 -29.56
N VAL F 260 -1.65 12.69 -30.68
CA VAL F 260 -1.83 14.06 -31.16
C VAL F 260 -3.29 14.47 -31.06
N PRO F 261 -3.55 15.56 -30.35
CA PRO F 261 -4.93 16.00 -30.23
C PRO F 261 -5.26 16.85 -31.42
N TYR F 262 -4.24 17.43 -32.04
CA TYR F 262 -4.49 18.30 -33.19
C TYR F 262 -3.48 18.25 -34.33
N PRO F 263 -3.97 18.31 -35.56
CA PRO F 263 -3.21 18.27 -36.81
C PRO F 263 -1.81 18.83 -36.81
N ARG F 264 -1.53 19.85 -36.00
CA ARG F 264 -0.17 20.36 -35.99
C ARG F 264 0.63 19.10 -35.70
N GLY F 265 1.64 18.81 -36.54
CA GLY F 265 2.47 17.63 -36.41
C GLY F 265 3.02 17.42 -35.02
N HIS F 266 2.21 17.87 -34.04
CA HIS F 266 2.53 17.85 -32.63
C HIS F 266 3.72 17.04 -32.24
N PHE F 267 4.48 17.65 -31.35
CA PHE F 267 5.72 17.13 -30.89
C PHE F 267 5.76 16.64 -29.45
N PRO F 268 5.63 15.34 -29.25
CA PRO F 268 5.72 14.89 -27.85
C PRO F 268 7.21 14.86 -27.44
N LEU F 269 7.48 14.48 -26.18
CA LEU F 269 8.86 14.42 -25.66
C LEU F 269 9.20 12.99 -25.29
N ALA F 270 10.44 12.57 -25.50
CA ALA F 270 10.82 11.20 -25.14
C ALA F 270 11.44 11.16 -23.76
N THR F 271 11.13 10.12 -23.00
CA THR F 271 11.63 9.97 -21.64
C THR F 271 11.89 8.50 -21.37
N TYR F 272 12.92 8.21 -20.59
CA TYR F 272 13.19 6.81 -20.31
C TYR F 272 13.26 6.67 -18.81
N ALA F 273 12.93 5.49 -18.27
CA ALA F 273 12.97 5.38 -16.81
C ALA F 273 14.25 4.86 -16.17
N PRO F 274 14.54 3.55 -16.31
CA PRO F 274 15.79 3.08 -15.67
C PRO F 274 17.04 3.60 -16.32
N VAL F 275 17.68 5.54 -15.87
CA VAL F 275 18.94 5.76 -16.55
C VAL F 275 19.91 5.67 -15.42
N ILE F 276 20.54 4.52 -15.29
CA ILE F 276 21.52 4.32 -14.24
C ILE F 276 22.79 3.62 -14.72
N SER F 277 23.93 4.16 -14.29
CA SER F 277 25.24 3.83 -14.81
C SER F 277 25.75 2.44 -14.42
N ALA F 278 26.41 1.75 -15.36
CA ALA F 278 27.03 0.45 -15.06
C ALA F 278 28.09 0.73 -14.04
N GLU F 279 28.40 -0.23 -13.19
CA GLU F 279 29.14 0.07 -11.98
C GLU F 279 28.12 0.26 -10.86
N LYS F 280 26.96 0.80 -11.21
CA LYS F 280 25.83 0.72 -10.30
C LYS F 280 25.19 -0.63 -10.54
N ALA F 281 25.58 -1.24 -11.65
CA ALA F 281 24.93 -2.42 -12.22
C ALA F 281 24.45 -3.50 -11.26
N TYR F 282 25.03 -3.56 -10.06
CA TYR F 282 24.68 -4.59 -9.09
C TYR F 282 23.57 -4.18 -8.12
N HIS F 283 23.49 -2.89 -7.82
CA HIS F 283 22.52 -2.39 -6.83
C HIS F 283 21.14 -3.02 -7.01
N GLU F 284 20.40 -3.27 -5.92
CA GLU F 284 19.03 -3.85 -5.98
C GLU F 284 18.20 -3.03 -6.97
N GLN F 285 17.48 -3.70 -7.88
CA GLN F 285 16.76 -3.01 -8.96
C GLN F 285 15.63 -2.06 -8.46
N LEU F 286 15.13 -1.18 -9.31
CA LEU F 286 14.05 -0.28 -8.89
C LEU F 286 12.66 -0.87 -9.12
N SER F 287 11.74 -0.46 -8.26
CA SER F 287 10.36 -0.93 -8.25
C SER F 287 9.55 -0.35 -9.38
N VAL F 288 8.52 -1.08 -9.77
CA VAL F 288 7.60 -0.66 -10.81
C VAL F 288 7.04 0.71 -10.49
N ALA F 289 6.93 1.01 -9.21
CA ALA F 289 6.39 2.28 -8.74
C ALA F 289 7.37 3.43 -8.90
N GLU F 290 8.65 3.14 -8.63
CA GLU F 290 9.72 4.15 -8.70
C GLU F 290 9.94 4.66 -10.11
N ILE F 291 10.05 3.72 -11.05
CA ILE F 291 10.31 4.05 -12.44
C ILE F 291 9.12 4.82 -12.96
N THR F 292 7.93 4.32 -12.70
CA THR F 292 6.73 5.04 -13.01
C THR F 292 6.82 6.48 -12.52
N ASN F 293 7.27 6.64 -11.28
CA ASN F 293 7.36 7.97 -10.70
C ASN F 293 8.44 8.84 -11.28
N ALA F 294 9.57 8.22 -11.54
CA ALA F 294 10.66 8.87 -12.24
C ALA F 294 10.20 9.53 -13.53
N CYS F 295 9.03 9.13 -14.03
CA CYS F 295 8.55 9.60 -15.33
C CYS F 295 7.92 10.96 -15.17
N PHE F 296 7.61 11.30 -13.93
CA PHE F 296 6.99 12.58 -13.71
C PHE F 296 7.96 13.58 -13.13
N GLU F 297 9.24 13.27 -13.25
CA GLU F 297 10.27 14.18 -12.83
C GLU F 297 10.86 14.94 -14.01
N PRO F 298 10.70 16.26 -14.01
CA PRO F 298 11.25 17.10 -15.06
C PRO F 298 12.78 16.94 -15.21
N ALA F 299 13.77 15.91 -14.23
CA ALA F 299 15.19 15.67 -14.44
C ALA F 299 15.45 14.32 -15.06
N ASN F 300 14.67 13.97 -16.08
CA ASN F 300 14.90 12.67 -16.69
C ASN F 300 14.13 12.55 -17.98
N GLN F 301 14.05 13.63 -18.73
CA GLN F 301 13.23 13.58 -19.91
C GLN F 301 13.80 13.94 -21.27
N MET F 302 15.11 13.89 -21.41
CA MET F 302 15.69 14.18 -22.71
C MET F 302 15.07 15.40 -23.37
N VAL F 303 14.83 16.46 -22.59
CA VAL F 303 14.28 17.69 -23.12
C VAL F 303 14.21 18.78 -22.05
N LYS F 304 14.83 19.92 -22.34
CA LYS F 304 14.88 21.05 -21.42
C LYS F 304 13.55 21.78 -21.42
N CYS F 305 12.48 21.02 -21.28
CA CYS F 305 11.14 21.58 -21.27
C CYS F 305 10.47 21.26 -19.95
N ASP F 306 11.28 21.25 -18.89
CA ASP F 306 10.80 20.98 -17.53
C ASP F 306 9.32 21.37 -17.44
N PRO F 307 8.45 20.45 -16.97
CA PRO F 307 7.02 20.76 -16.87
C PRO F 307 6.76 21.99 -15.99
N ARG F 308 7.34 23.10 -16.44
CA ARG F 308 7.28 24.39 -15.78
C ARG F 308 5.85 24.90 -15.66
N HIS F 309 4.93 24.20 -16.32
CA HIS F 309 3.50 24.55 -16.30
C HIS F 309 2.77 23.71 -17.32
N GLY F 310 3.49 23.31 -18.35
CA GLY F 310 2.92 22.51 -19.42
C GLY F 310 2.14 21.31 -18.93
N LYS F 311 0.82 21.37 -19.11
CA LYS F 311 -0.05 20.29 -18.72
C LYS F 311 0.06 19.19 -19.75
N TYR F 312 0.27 17.96 -19.30
CA TYR F 312 0.34 16.86 -20.22
C TYR F 312 -1.04 16.82 -20.86
N MET F 313 -1.15 16.20 -22.03
CA MET F 313 -2.43 16.09 -22.70
C MET F 313 -2.56 14.72 -23.31
N ALA F 314 -1.56 13.88 -23.08
CA ALA F 314 -1.56 12.51 -23.59
C ALA F 314 -0.15 11.93 -23.47
N CYS F 315 -0.07 10.78 -22.81
CA CYS F 315 1.20 10.12 -22.62
C CYS F 315 1.06 8.67 -23.07
N CYS F 316 2.10 8.15 -23.69
CA CYS F 316 2.10 6.79 -24.18
C CYS F 316 3.13 6.02 -23.42
N LEU F 317 2.75 5.50 -22.26
CA LEU F 317 3.70 4.77 -21.45
C LEU F 317 4.06 3.42 -22.02
N LEU F 318 5.16 3.38 -22.75
CA LEU F 318 5.63 2.11 -23.30
C LEU F 318 6.53 1.41 -22.31
N TYR F 319 6.06 0.27 -21.81
CA TYR F 319 6.83 -0.51 -20.85
C TYR F 319 7.38 -1.70 -21.61
N ARG F 320 8.42 -2.29 -21.05
CA ARG F 320 9.04 -3.45 -21.66
C ARG F 320 9.69 -4.24 -20.54
N GLY F 321 9.66 -5.56 -20.66
CA GLY F 321 10.24 -6.39 -19.63
C GLY F 321 9.17 -7.01 -18.77
N ASP F 322 9.53 -7.45 -17.56
CA ASP F 322 8.56 -8.08 -16.66
C ASP F 322 7.68 -7.08 -15.94
N VAL F 323 6.46 -6.90 -16.48
CA VAL F 323 5.50 -5.96 -15.92
C VAL F 323 4.06 -6.52 -15.87
N VAL F 324 3.47 -6.49 -14.67
CA VAL F 324 2.11 -6.97 -14.44
C VAL F 324 1.15 -5.84 -14.71
N PRO F 325 0.26 -6.03 -15.68
CA PRO F 325 -0.73 -5.03 -16.06
C PRO F 325 -1.42 -4.32 -14.90
N LYS F 326 -1.57 -5.00 -13.78
CA LYS F 326 -2.21 -4.39 -12.61
C LYS F 326 -1.19 -3.41 -12.03
N ASP F 327 0.06 -3.85 -11.97
CA ASP F 327 1.12 -3.00 -11.47
C ASP F 327 1.04 -1.67 -12.15
N VAL F 328 0.79 -1.70 -13.45
CA VAL F 328 0.66 -0.49 -14.26
C VAL F 328 -0.67 0.16 -13.99
N ASN F 329 -1.74 -0.60 -14.21
CA ASN F 329 -3.10 -0.12 -13.98
C ASN F 329 -3.26 0.04 -12.48
N ALA F 330 -2.32 0.78 -11.89
CA ALA F 330 -2.28 1.08 -10.47
C ALA F 330 -1.21 2.14 -10.26
N ALA F 331 -0.04 1.86 -10.79
CA ALA F 331 1.08 2.78 -10.71
C ALA F 331 0.66 4.05 -11.43
N ILE F 332 -0.14 3.87 -12.46
CA ILE F 332 -0.65 5.00 -13.24
C ILE F 332 -1.81 5.64 -12.49
N ALA F 333 -2.62 4.81 -11.84
CA ALA F 333 -3.76 5.29 -11.07
C ALA F 333 -3.25 6.23 -10.01
N THR F 334 -2.21 5.79 -9.28
CA THR F 334 -1.61 6.60 -8.23
C THR F 334 -1.22 7.97 -8.80
N ILE F 335 -0.66 7.95 -10.02
CA ILE F 335 -0.24 9.16 -10.69
C ILE F 335 -1.46 10.02 -11.02
N LYS F 336 -2.42 9.45 -11.73
CA LYS F 336 -3.62 10.20 -12.11
C LYS F 336 -4.18 11.01 -10.96
N THR F 337 -3.78 10.69 -9.74
CA THR F 337 -4.29 11.39 -8.58
C THR F 337 -3.23 12.12 -7.76
N LYS F 338 -2.15 12.56 -8.42
CA LYS F 338 -1.08 13.29 -7.76
C LYS F 338 -1.34 14.77 -7.95
N ARG F 339 -2.26 15.07 -8.87
CA ARG F 339 -2.70 16.42 -9.22
C ARG F 339 -1.60 17.42 -9.56
N THR F 340 -0.50 17.39 -8.80
CA THR F 340 0.61 18.30 -9.06
C THR F 340 1.17 17.94 -10.45
N ILE F 341 0.57 16.93 -11.07
CA ILE F 341 0.95 16.46 -12.40
C ILE F 341 -0.12 16.88 -13.40
N GLN F 342 -1.00 17.77 -12.95
CA GLN F 342 -2.09 18.33 -13.73
C GLN F 342 -2.14 18.03 -15.24
N PHE F 343 -3.14 17.25 -15.65
CA PHE F 343 -3.36 16.90 -17.06
C PHE F 343 -4.35 17.89 -17.63
N VAL F 344 -4.40 18.01 -18.95
CA VAL F 344 -5.33 18.95 -19.52
C VAL F 344 -6.76 18.71 -19.05
N ASP F 345 -7.60 19.70 -19.25
CA ASP F 345 -9.01 19.64 -18.87
C ASP F 345 -9.77 18.71 -19.78
N TRP F 346 -9.90 19.16 -21.03
CA TRP F 346 -10.62 18.42 -22.05
C TRP F 346 -10.14 17.01 -22.22
N CYS F 347 -9.32 16.55 -21.29
CA CYS F 347 -8.82 15.21 -21.40
C CYS F 347 -9.02 14.45 -20.11
N PRO F 348 -10.00 13.54 -20.10
CA PRO F 348 -10.30 12.72 -18.92
C PRO F 348 -9.12 11.88 -18.59
N THR F 349 -8.90 10.92 -19.47
CA THR F 349 -7.79 9.97 -19.38
C THR F 349 -6.94 10.04 -20.64
N GLY F 350 -5.67 10.28 -20.42
CA GLY F 350 -4.68 10.38 -21.50
C GLY F 350 -3.44 9.58 -21.12
N PHE F 351 -3.64 8.28 -21.07
CA PHE F 351 -2.58 7.33 -20.70
C PHE F 351 -2.68 6.04 -21.51
N LYS F 352 -1.91 6.01 -22.58
CA LYS F 352 -1.81 4.85 -23.46
C LYS F 352 -0.74 3.91 -22.91
N VAL F 353 -1.19 2.85 -22.28
CA VAL F 353 -0.31 1.86 -21.67
C VAL F 353 0.09 0.79 -22.70
N GLY F 354 1.35 0.88 -23.06
CA GLY F 354 1.97 -0.05 -24.02
C GLY F 354 2.92 -0.99 -23.28
N ILE F 355 2.56 -2.25 -23.31
CA ILE F 355 3.33 -3.31 -22.64
C ILE F 355 3.94 -4.27 -23.66
N ASN F 356 5.25 -4.41 -23.52
CA ASN F 356 6.04 -5.32 -24.33
C ASN F 356 6.57 -6.40 -23.39
N TYR F 357 7.16 -7.42 -23.97
CA TYR F 357 7.68 -8.54 -23.16
C TYR F 357 9.18 -8.39 -22.90
N GLU F 358 9.94 -8.70 -23.93
CA GLU F 358 11.41 -8.66 -23.87
C GLU F 358 11.93 -7.41 -23.15
N PRO F 359 12.69 -7.57 -22.05
CA PRO F 359 13.23 -6.44 -21.31
C PRO F 359 14.15 -5.63 -22.21
N PRO F 360 14.64 -4.46 -21.78
CA PRO F 360 15.55 -3.66 -22.61
C PRO F 360 16.82 -4.43 -22.93
N THR F 361 17.73 -3.80 -23.68
CA THR F 361 18.98 -4.45 -24.04
C THR F 361 20.07 -3.40 -24.12
N VAL F 362 20.85 -3.34 -23.05
CA VAL F 362 21.93 -2.39 -22.91
C VAL F 362 23.21 -2.81 -23.60
N VAL F 363 23.93 -1.80 -24.09
CA VAL F 363 25.20 -2.01 -24.75
C VAL F 363 26.04 -2.86 -23.80
N PRO F 364 26.74 -3.88 -24.32
CA PRO F 364 27.60 -4.79 -23.55
C PRO F 364 28.39 -4.11 -22.46
N GLY F 365 28.98 -2.97 -22.77
CA GLY F 365 29.79 -2.27 -21.80
C GLY F 365 29.89 -0.77 -21.96
N GLY F 366 28.76 -0.13 -22.22
CA GLY F 366 28.76 1.32 -22.35
C GLY F 366 28.75 1.92 -20.96
N ASP F 367 27.58 2.36 -20.51
CA ASP F 367 27.42 2.94 -19.19
C ASP F 367 25.97 2.87 -18.72
N LEU F 368 25.14 2.14 -19.49
CA LEU F 368 23.73 1.99 -19.15
C LEU F 368 23.58 0.81 -18.20
N ALA F 369 22.93 1.05 -17.07
CA ALA F 369 22.70 0.05 -16.04
C ALA F 369 22.49 -1.37 -16.56
N LYS F 370 21.27 -1.61 -17.04
CA LYS F 370 20.79 -2.88 -17.57
C LYS F 370 19.83 -3.50 -16.55
N VAL F 371 18.60 -3.00 -16.58
CA VAL F 371 17.53 -3.42 -15.71
C VAL F 371 16.71 -4.49 -16.43
N GLN F 372 15.66 -4.97 -15.77
CA GLN F 372 14.78 -5.97 -16.35
C GLN F 372 13.38 -5.40 -16.50
N ARG F 373 13.34 -4.14 -16.91
CA ARG F 373 12.10 -3.43 -17.13
C ARG F 373 12.39 -1.93 -17.23
N ALA F 374 11.69 -1.26 -18.14
CA ALA F 374 11.89 0.17 -18.36
C ALA F 374 10.61 0.82 -18.84
N VAL F 375 10.59 2.15 -18.78
CA VAL F 375 9.44 2.95 -19.19
C VAL F 375 9.84 4.09 -20.10
N CYS F 376 9.60 3.92 -21.39
CA CYS F 376 9.90 4.95 -22.39
C CYS F 376 8.59 5.67 -22.63
N MET F 377 8.32 6.66 -21.79
CA MET F 377 7.10 7.41 -21.89
C MET F 377 7.35 8.67 -22.68
N LEU F 378 6.50 8.91 -23.65
CA LEU F 378 6.58 10.07 -24.48
C LEU F 378 5.25 10.77 -24.33
N SER F 379 5.22 12.07 -24.62
CA SER F 379 3.98 12.80 -24.46
C SER F 379 3.96 14.19 -25.03
N ASN F 380 2.75 14.71 -25.18
CA ASN F 380 2.54 16.07 -25.67
C ASN F 380 2.28 16.84 -24.38
N THR F 381 3.07 17.88 -24.15
CA THR F 381 2.94 18.68 -22.95
C THR F 381 2.86 20.13 -23.34
N THR F 382 1.89 20.84 -22.76
CA THR F 382 1.72 22.26 -23.02
C THR F 382 3.03 22.96 -22.65
N ALA F 383 3.99 22.15 -22.24
CA ALA F 383 5.26 22.65 -21.81
C ALA F 383 6.05 23.24 -22.94
N ILE F 384 6.10 22.56 -24.08
CA ILE F 384 6.87 23.06 -25.19
C ILE F 384 6.46 24.50 -25.55
N ALA F 385 5.35 24.97 -25.00
CA ALA F 385 4.91 26.35 -25.23
C ALA F 385 6.17 27.15 -24.98
N GLU F 386 6.93 26.68 -24.00
CA GLU F 386 8.21 27.29 -23.65
C GLU F 386 9.16 27.04 -24.80
N ALA F 387 9.88 25.94 -24.72
CA ALA F 387 10.87 25.53 -25.72
C ALA F 387 10.73 26.17 -27.11
N TRP F 388 9.51 26.27 -27.61
CA TRP F 388 9.29 26.89 -28.92
C TRP F 388 9.50 28.38 -28.74
N ALA F 389 8.85 28.94 -27.73
CA ALA F 389 8.97 30.34 -27.41
C ALA F 389 10.44 30.74 -27.43
N ARG F 390 11.17 30.24 -26.44
CA ARG F 390 12.60 30.50 -26.29
C ARG F 390 13.43 30.31 -27.56
N LEU F 391 12.92 29.55 -28.51
CA LEU F 391 13.67 29.29 -29.73
C LEU F 391 13.24 30.23 -30.82
N ASP F 392 12.03 30.74 -30.67
CA ASP F 392 11.46 31.66 -31.63
C ASP F 392 12.10 33.01 -31.38
N HIS F 393 12.07 33.43 -30.13
CA HIS F 393 12.66 34.69 -29.69
C HIS F 393 14.06 34.78 -30.29
N LYS F 394 14.87 33.76 -30.06
CA LYS F 394 16.23 33.69 -30.62
C LYS F 394 16.21 34.28 -32.02
N PHE F 395 15.51 33.56 -32.89
CA PHE F 395 15.33 33.90 -34.29
C PHE F 395 15.19 35.40 -34.52
N ASP F 396 14.14 35.99 -33.95
CA ASP F 396 13.87 37.40 -34.08
C ASP F 396 15.12 38.23 -33.89
N LEU F 397 15.71 38.11 -32.71
CA LEU F 397 16.89 38.87 -32.41
C LEU F 397 17.79 39.02 -33.62
N MET F 398 18.11 37.91 -34.27
CA MET F 398 18.97 37.92 -35.44
C MET F 398 18.30 38.46 -36.68
N TYR F 399 17.11 37.95 -36.96
CA TYR F 399 16.37 38.41 -38.12
C TYR F 399 16.21 39.91 -37.99
N ALA F 400 15.96 40.35 -36.77
CA ALA F 400 15.78 41.75 -36.49
C ALA F 400 16.92 42.57 -37.07
N LYS F 401 18.03 41.91 -37.38
CA LYS F 401 19.21 42.58 -37.95
C LYS F 401 19.67 41.90 -39.23
N ARG F 402 18.87 40.93 -39.66
CA ARG F 402 19.15 40.18 -40.86
C ARG F 402 20.34 39.26 -40.71
N ALA F 403 21.11 39.47 -39.64
CA ALA F 403 22.30 38.68 -39.39
C ALA F 403 22.68 37.88 -40.63
N PHE F 404 22.80 36.58 -40.50
CA PHE F 404 23.23 35.74 -41.63
C PHE F 404 22.16 35.52 -42.67
N VAL F 405 21.41 36.58 -43.00
CA VAL F 405 20.36 36.41 -43.99
C VAL F 405 20.94 36.29 -45.38
N HIS F 406 21.91 37.13 -45.71
CA HIS F 406 22.47 37.06 -47.05
C HIS F 406 22.94 35.68 -47.43
N TRP F 407 23.04 34.79 -46.45
CA TRP F 407 23.50 33.45 -46.74
C TRP F 407 22.43 32.59 -47.29
N TYR F 408 21.18 32.94 -47.03
CA TYR F 408 20.08 32.14 -47.53
C TYR F 408 19.55 32.74 -48.80
N VAL F 409 19.31 34.05 -48.78
CA VAL F 409 18.79 34.74 -49.93
C VAL F 409 19.59 34.30 -51.14
N GLY F 410 20.91 34.44 -51.02
CA GLY F 410 21.79 34.04 -52.11
C GLY F 410 21.72 32.55 -52.35
N GLU F 411 20.72 31.91 -51.75
CA GLU F 411 20.56 30.48 -51.92
C GLU F 411 19.13 30.13 -52.27
N GLY F 412 18.45 31.02 -52.96
CA GLY F 412 17.08 30.74 -53.37
C GLY F 412 16.04 30.69 -52.27
N MET F 413 15.93 31.81 -51.58
CA MET F 413 14.98 32.00 -50.47
C MET F 413 14.63 33.47 -50.58
N GLU F 414 13.82 33.98 -49.66
CA GLU F 414 13.44 35.37 -49.75
C GLU F 414 13.03 35.90 -48.40
N GLU F 415 12.78 37.21 -48.34
CA GLU F 415 12.34 37.81 -47.09
C GLU F 415 11.03 37.12 -46.74
N GLY F 416 10.44 36.50 -47.76
CA GLY F 416 9.20 35.80 -47.57
C GLY F 416 9.39 34.64 -46.62
N GLU F 417 9.98 33.57 -47.14
CA GLU F 417 10.18 32.37 -46.35
C GLU F 417 10.56 32.58 -44.91
N PHE F 418 11.36 33.61 -44.60
CA PHE F 418 11.70 33.83 -43.20
C PHE F 418 10.49 34.42 -42.50
N SER F 419 10.20 35.68 -42.80
CA SER F 419 9.06 36.37 -42.20
C SER F 419 7.79 35.56 -42.22
N GLU F 420 7.59 34.80 -43.28
CA GLU F 420 6.37 34.02 -43.39
C GLU F 420 6.42 32.67 -42.68
N ALA F 421 7.58 32.32 -42.14
CA ALA F 421 7.75 31.06 -41.39
C ALA F 421 7.84 31.43 -39.92
N ARG F 422 7.99 32.71 -39.69
CA ARG F 422 8.06 33.24 -38.35
C ARG F 422 6.60 33.32 -37.94
N GLU F 423 5.81 34.00 -38.77
CA GLU F 423 4.38 34.12 -38.52
C GLU F 423 3.85 32.72 -38.28
N ASP F 424 4.40 31.76 -39.04
CA ASP F 424 3.99 30.36 -38.94
C ASP F 424 4.05 29.92 -37.48
N MET F 425 5.26 29.80 -36.96
CA MET F 425 5.43 29.38 -35.59
C MET F 425 4.66 30.24 -34.62
N ALA F 426 4.52 31.53 -34.92
CA ALA F 426 3.76 32.42 -34.04
C ALA F 426 2.47 31.70 -33.60
N ALA F 427 1.74 31.17 -34.59
CA ALA F 427 0.49 30.46 -34.33
C ALA F 427 0.73 29.05 -33.81
N LEU F 428 1.94 28.81 -33.35
CA LEU F 428 2.32 27.52 -32.78
C LEU F 428 2.56 27.82 -31.31
N GLU F 429 2.75 29.11 -31.03
CA GLU F 429 2.95 29.62 -29.68
C GLU F 429 1.56 29.90 -29.12
N LYS F 430 0.62 30.18 -30.02
CA LYS F 430 -0.76 30.44 -29.63
C LYS F 430 -1.48 29.12 -29.54
N ASP F 431 -1.15 28.23 -30.47
CA ASP F 431 -1.76 26.91 -30.53
C ASP F 431 -1.48 26.16 -29.24
N TYR F 432 -0.19 25.94 -28.95
CA TYR F 432 0.22 25.24 -27.75
C TYR F 432 -0.20 25.95 -26.48
N GLU F 433 -0.77 27.13 -26.64
CA GLU F 433 -1.24 27.95 -25.53
C GLU F 433 -2.74 27.73 -25.36
N GLU F 434 -3.46 27.80 -26.47
CA GLU F 434 -4.90 27.62 -26.45
C GLU F 434 -5.34 26.20 -26.08
N VAL F 435 -4.71 25.19 -26.68
CA VAL F 435 -5.07 23.81 -26.39
C VAL F 435 -4.85 23.49 -24.92
N GLY F 436 -4.41 24.48 -24.16
CA GLY F 436 -4.17 24.28 -22.74
C GLY F 436 -4.33 25.60 -22.00
N VAL F 437 -3.91 25.62 -20.74
CA VAL F 437 -3.97 26.82 -19.90
C VAL F 437 -5.41 27.34 -19.78
N ASP F 438 -6.32 26.81 -20.61
CA ASP F 438 -7.71 27.24 -20.60
C ASP F 438 -8.69 26.08 -20.47
N SER F 439 -9.86 26.35 -19.89
CA SER F 439 -10.87 25.31 -19.70
C SER F 439 -12.22 25.69 -20.28
N ARG G 2 -29.71 -25.94 -30.12
CA ARG G 2 -29.55 -24.47 -30.28
C ARG G 2 -28.10 -24.14 -30.59
N GLU G 3 -27.80 -22.87 -30.88
CA GLU G 3 -26.44 -22.43 -31.22
C GLU G 3 -26.18 -20.94 -31.01
N ILE G 4 -24.93 -20.55 -31.20
CA ILE G 4 -24.46 -19.15 -31.08
C ILE G 4 -23.15 -19.03 -31.88
N VAL G 5 -22.78 -17.81 -32.25
CA VAL G 5 -21.51 -17.60 -32.96
C VAL G 5 -20.77 -16.37 -32.41
N HIS G 6 -19.76 -16.67 -31.60
CA HIS G 6 -18.94 -15.67 -30.96
C HIS G 6 -18.37 -14.69 -31.95
N ILE G 7 -18.06 -13.48 -31.48
CA ILE G 7 -17.48 -12.44 -32.33
C ILE G 7 -16.39 -11.63 -31.59
N GLN G 8 -15.14 -11.83 -31.98
CA GLN G 8 -13.97 -11.15 -31.39
C GLN G 8 -13.59 -9.83 -32.05
N ALA G 9 -14.40 -8.80 -31.86
CA ALA G 9 -14.15 -7.50 -32.46
C ALA G 9 -13.00 -6.71 -31.81
N GLY G 10 -12.09 -6.22 -32.64
CA GLY G 10 -10.98 -5.44 -32.12
C GLY G 10 -9.90 -6.29 -31.49
N GLN G 11 -8.93 -5.67 -30.83
CA GLN G 11 -7.84 -6.39 -30.18
C GLN G 11 -8.37 -6.94 -28.88
N CYS G 12 -8.81 -6.04 -28.00
CA CYS G 12 -9.33 -6.46 -26.72
C CYS G 12 -10.28 -7.60 -26.92
N GLY G 13 -11.43 -7.29 -27.52
CA GLY G 13 -12.43 -8.30 -27.77
C GLY G 13 -11.76 -9.56 -28.27
N ASN G 14 -10.63 -9.37 -28.94
CA ASN G 14 -9.89 -10.48 -29.48
C ASN G 14 -9.06 -11.15 -28.38
N GLN G 15 -8.20 -10.37 -27.72
CA GLN G 15 -7.37 -10.87 -26.64
C GLN G 15 -8.22 -11.75 -25.75
N ILE G 16 -9.39 -11.24 -25.40
CA ILE G 16 -10.36 -11.95 -24.56
C ILE G 16 -10.86 -13.23 -25.24
N GLY G 17 -11.00 -13.17 -26.56
CA GLY G 17 -11.44 -14.34 -27.29
C GLY G 17 -10.54 -15.47 -26.87
N ALA G 18 -9.23 -15.23 -26.91
CA ALA G 18 -8.28 -16.24 -26.54
C ALA G 18 -8.53 -16.77 -25.15
N LYS G 19 -9.02 -15.92 -24.25
CA LYS G 19 -9.27 -16.37 -22.88
C LYS G 19 -10.64 -17.01 -22.77
N PHE G 20 -11.61 -16.48 -23.51
CA PHE G 20 -12.94 -17.07 -23.46
C PHE G 20 -12.91 -18.46 -24.07
N TRP G 21 -12.06 -18.64 -25.05
CA TRP G 21 -11.97 -19.94 -25.69
C TRP G 21 -10.97 -20.82 -24.96
N GLU G 22 -10.01 -20.19 -24.30
CA GLU G 22 -9.04 -20.93 -23.52
C GLU G 22 -9.89 -21.73 -22.56
N VAL G 23 -10.71 -21.01 -21.80
CA VAL G 23 -11.61 -21.60 -20.81
C VAL G 23 -12.57 -22.59 -21.45
N ILE G 24 -13.68 -22.05 -21.92
CA ILE G 24 -14.75 -22.79 -22.56
C ILE G 24 -14.33 -24.15 -23.11
N SER G 25 -13.21 -24.20 -23.81
CA SER G 25 -12.73 -25.45 -24.38
C SER G 25 -12.54 -26.49 -23.30
N ASP G 26 -11.73 -26.15 -22.29
CA ASP G 26 -11.46 -27.03 -21.15
C ASP G 26 -12.78 -27.41 -20.47
N GLU G 27 -13.75 -26.49 -20.55
CA GLU G 27 -15.08 -26.70 -19.98
C GLU G 27 -15.87 -27.46 -21.04
N HIS G 28 -15.14 -28.10 -21.94
CA HIS G 28 -15.73 -28.88 -23.01
C HIS G 28 -14.71 -29.85 -23.58
N GLY G 29 -13.63 -30.08 -22.83
CA GLY G 29 -12.57 -30.99 -23.24
C GLY G 29 -12.06 -30.96 -24.67
N ILE G 30 -11.88 -29.76 -25.21
CA ILE G 30 -11.38 -29.60 -26.56
C ILE G 30 -9.96 -29.05 -26.55
N ASP G 31 -9.00 -29.92 -26.84
CA ASP G 31 -7.58 -29.56 -26.87
C ASP G 31 -7.31 -28.76 -28.13
N PRO G 32 -6.23 -27.95 -28.13
CA PRO G 32 -5.89 -27.13 -29.30
C PRO G 32 -6.64 -27.53 -30.57
N THR G 33 -6.12 -28.52 -31.28
CA THR G 33 -6.80 -28.99 -32.50
C THR G 33 -7.46 -30.32 -32.17
N GLY G 34 -7.07 -30.88 -31.02
CA GLY G 34 -7.63 -32.15 -30.59
C GLY G 34 -9.15 -32.16 -30.59
N SER G 35 -9.73 -33.20 -30.02
CA SER G 35 -11.18 -33.32 -29.97
C SER G 35 -11.72 -33.20 -28.57
N TYR G 36 -12.67 -34.08 -28.27
CA TYR G 36 -13.31 -34.12 -26.98
C TYR G 36 -12.67 -35.15 -26.04
N HIS G 37 -11.77 -34.68 -25.17
CA HIS G 37 -11.10 -35.54 -24.19
C HIS G 37 -11.99 -35.58 -22.95
N GLY G 38 -13.02 -34.74 -22.98
CA GLY G 38 -13.97 -34.62 -21.89
C GLY G 38 -13.93 -35.66 -20.79
N ASP G 39 -13.61 -35.21 -19.59
CA ASP G 39 -13.54 -36.09 -18.44
C ASP G 39 -14.88 -36.82 -18.34
N SER G 40 -15.93 -36.18 -18.80
CA SER G 40 -17.26 -36.75 -18.77
C SER G 40 -17.81 -37.03 -20.17
N ASP G 41 -19.13 -37.18 -20.27
CA ASP G 41 -19.80 -37.46 -21.53
C ASP G 41 -20.87 -36.41 -21.78
N LEU G 42 -21.12 -35.59 -20.77
CA LEU G 42 -22.12 -34.53 -20.84
C LEU G 42 -21.61 -33.25 -21.48
N GLN G 43 -20.30 -33.05 -21.44
CA GLN G 43 -19.68 -31.86 -22.02
C GLN G 43 -19.62 -31.96 -23.53
N LEU G 44 -20.51 -32.77 -24.10
CA LEU G 44 -20.51 -33.00 -25.55
C LEU G 44 -21.87 -32.97 -26.24
N GLU G 45 -22.89 -33.42 -25.53
CA GLU G 45 -24.23 -33.48 -26.09
C GLU G 45 -24.78 -32.11 -26.49
N ARG G 46 -24.13 -31.05 -26.03
CA ARG G 46 -24.61 -29.70 -26.33
C ARG G 46 -23.52 -28.78 -26.89
N ILE G 47 -22.30 -29.28 -27.10
CA ILE G 47 -21.23 -28.44 -27.62
C ILE G 47 -21.64 -27.60 -28.82
N ASN G 48 -22.23 -28.25 -29.82
CA ASN G 48 -22.67 -27.59 -31.04
C ASN G 48 -22.80 -26.09 -30.85
N VAL G 49 -23.44 -25.66 -29.77
CA VAL G 49 -23.61 -24.26 -29.48
C VAL G 49 -22.40 -23.38 -29.84
N TYR G 50 -21.19 -23.96 -29.80
CA TYR G 50 -19.98 -23.22 -30.10
C TYR G 50 -19.01 -23.83 -31.11
N TYR G 51 -19.33 -24.99 -31.67
CA TYR G 51 -18.40 -25.62 -32.62
C TYR G 51 -19.05 -26.14 -33.89
N ASN G 52 -18.26 -26.86 -34.69
CA ASN G 52 -18.75 -27.46 -35.93
C ASN G 52 -18.07 -28.79 -36.23
N GLU G 53 -18.82 -29.72 -36.81
CA GLU G 53 -18.30 -31.04 -37.14
C GLU G 53 -17.75 -31.11 -38.57
N ALA G 54 -16.46 -31.43 -38.68
CA ALA G 54 -15.80 -31.55 -39.98
C ALA G 54 -15.04 -32.87 -40.04
N ALA G 55 -13.92 -32.92 -39.33
CA ALA G 55 -13.10 -34.13 -39.29
C ALA G 55 -13.77 -35.21 -38.45
N GLY G 56 -13.57 -35.13 -37.13
CA GLY G 56 -14.15 -36.11 -36.23
C GLY G 56 -13.43 -36.02 -34.89
N ASN G 57 -12.47 -35.11 -34.86
CA ASN G 57 -11.64 -34.83 -33.70
C ASN G 57 -11.40 -33.34 -33.70
N LYS G 58 -11.89 -32.69 -34.75
CA LYS G 58 -11.70 -31.26 -34.90
C LYS G 58 -13.02 -30.49 -34.86
N TYR G 59 -13.43 -30.13 -33.64
CA TYR G 59 -14.62 -29.34 -33.43
C TYR G 59 -14.06 -27.93 -33.36
N VAL G 60 -14.24 -27.15 -34.42
CA VAL G 60 -13.70 -25.80 -34.45
C VAL G 60 -14.61 -24.71 -33.93
N PRO G 61 -14.08 -23.87 -33.04
CA PRO G 61 -14.85 -22.77 -32.48
C PRO G 61 -15.49 -21.96 -33.60
N ARG G 62 -16.77 -21.69 -33.45
CA ARG G 62 -17.53 -20.93 -34.43
C ARG G 62 -17.64 -19.49 -34.01
N ALA G 63 -16.52 -18.78 -34.10
CA ALA G 63 -16.46 -17.37 -33.74
C ALA G 63 -15.90 -16.58 -34.91
N ILE G 64 -15.83 -15.27 -34.76
CA ILE G 64 -15.26 -14.43 -35.82
C ILE G 64 -14.18 -13.58 -35.18
N LEU G 65 -13.08 -13.40 -35.91
CA LEU G 65 -11.97 -12.58 -35.42
C LEU G 65 -11.80 -11.38 -36.34
N VAL G 66 -12.38 -10.27 -35.91
CA VAL G 66 -12.36 -9.02 -36.66
C VAL G 66 -11.36 -8.02 -36.07
N ASP G 67 -10.44 -7.55 -36.91
CA ASP G 67 -9.42 -6.60 -36.46
C ASP G 67 -8.61 -6.00 -37.61
N LEU G 68 -8.33 -4.71 -37.51
CA LEU G 68 -7.58 -3.98 -38.54
C LEU G 68 -6.09 -3.88 -38.23
N GLU G 69 -5.64 -4.63 -37.23
CA GLU G 69 -4.24 -4.63 -36.81
C GLU G 69 -3.78 -6.08 -36.91
N PRO G 70 -2.94 -6.39 -37.91
CA PRO G 70 -2.48 -7.77 -38.02
C PRO G 70 -1.84 -8.29 -36.72
N GLY G 71 -0.69 -7.75 -36.34
CA GLY G 71 0.02 -8.18 -35.14
C GLY G 71 -0.83 -8.84 -34.06
N THR G 72 -2.00 -8.27 -33.79
CA THR G 72 -2.90 -8.81 -32.77
C THR G 72 -3.30 -10.25 -33.08
N MET G 73 -4.21 -10.42 -34.02
CA MET G 73 -4.68 -11.75 -34.39
C MET G 73 -3.50 -12.68 -34.70
N ASP G 74 -2.35 -12.07 -35.04
CA ASP G 74 -1.13 -12.81 -35.34
C ASP G 74 -0.34 -13.12 -34.07
N SER G 75 -0.97 -12.86 -32.92
CA SER G 75 -0.38 -13.13 -31.61
C SER G 75 -1.29 -14.17 -31.00
N VAL G 76 -2.57 -14.04 -31.34
CA VAL G 76 -3.59 -14.95 -30.86
C VAL G 76 -3.54 -16.21 -31.70
N ARG G 77 -3.11 -16.07 -32.94
CA ARG G 77 -3.02 -17.21 -33.84
C ARG G 77 -1.64 -17.86 -33.78
N SER G 78 -0.67 -17.20 -33.12
CA SER G 78 0.68 -17.74 -33.02
C SER G 78 1.05 -18.21 -31.63
N GLY G 79 0.06 -18.31 -30.75
CA GLY G 79 0.31 -18.75 -29.38
C GLY G 79 -0.30 -20.10 -29.03
N PRO G 80 -0.94 -20.21 -27.86
CA PRO G 80 -1.57 -21.47 -27.42
C PRO G 80 -2.68 -21.96 -28.36
N PHE G 81 -3.90 -21.97 -27.84
CA PHE G 81 -5.07 -22.42 -28.62
C PHE G 81 -5.24 -21.70 -29.95
N GLY G 82 -4.34 -20.77 -30.25
CA GLY G 82 -4.43 -20.02 -31.48
C GLY G 82 -4.61 -20.81 -32.76
N GLN G 83 -4.22 -22.08 -32.76
CA GLN G 83 -4.32 -22.88 -33.99
C GLN G 83 -5.53 -23.80 -34.06
N ILE G 84 -6.67 -23.34 -33.54
CA ILE G 84 -7.91 -24.13 -33.58
C ILE G 84 -8.94 -23.45 -34.46
N PHE G 85 -8.81 -22.14 -34.63
CA PHE G 85 -9.71 -21.38 -35.46
C PHE G 85 -9.39 -21.70 -36.92
N ARG G 86 -10.42 -21.95 -37.73
CA ARG G 86 -10.19 -22.20 -39.14
C ARG G 86 -9.77 -20.82 -39.65
N PRO G 87 -8.72 -20.74 -40.48
CA PRO G 87 -8.24 -19.46 -41.01
C PRO G 87 -9.34 -18.58 -41.59
N ASP G 88 -10.37 -19.23 -42.11
CA ASP G 88 -11.50 -18.54 -42.70
C ASP G 88 -12.08 -17.55 -41.68
N ASN G 89 -11.93 -17.88 -40.40
CA ASN G 89 -12.45 -17.06 -39.29
C ASN G 89 -11.76 -15.71 -39.17
N PHE G 90 -10.48 -15.66 -39.50
CA PHE G 90 -9.69 -14.43 -39.40
C PHE G 90 -10.06 -13.37 -40.43
N VAL G 91 -10.89 -12.40 -40.05
CA VAL G 91 -11.22 -11.33 -40.98
C VAL G 91 -10.40 -10.13 -40.55
N PHE G 92 -9.18 -10.08 -41.07
CA PHE G 92 -8.23 -9.02 -40.78
C PHE G 92 -8.38 -7.81 -41.69
N GLY G 93 -7.75 -6.70 -41.30
CA GLY G 93 -7.78 -5.50 -42.08
C GLY G 93 -6.39 -4.90 -41.93
N GLN G 94 -5.43 -5.39 -42.72
CA GLN G 94 -4.05 -4.92 -42.62
C GLN G 94 -3.88 -3.40 -42.70
N SER G 95 -4.99 -2.70 -42.94
CA SER G 95 -4.98 -1.24 -43.02
C SER G 95 -4.35 -0.65 -41.75
N GLY G 96 -4.52 0.65 -41.57
CA GLY G 96 -4.00 1.27 -40.35
C GLY G 96 -5.13 1.21 -39.35
N ALA G 97 -5.06 0.28 -38.40
CA ALA G 97 -6.12 0.14 -37.41
C ALA G 97 -6.25 1.33 -36.46
N GLY G 98 -6.08 2.54 -36.99
CA GLY G 98 -6.16 3.75 -36.19
C GLY G 98 -7.13 3.68 -35.05
N ASN G 99 -6.78 4.32 -33.94
CA ASN G 99 -7.61 4.31 -32.74
C ASN G 99 -8.86 5.17 -32.83
N ASN G 100 -9.36 5.34 -34.04
CA ASN G 100 -10.53 6.17 -34.26
C ASN G 100 -11.80 5.39 -34.55
N TRP G 101 -12.83 5.66 -33.75
CA TRP G 101 -14.13 5.01 -33.91
C TRP G 101 -14.57 5.20 -35.33
N ALA G 102 -14.31 6.39 -35.84
CA ALA G 102 -14.67 6.74 -37.18
C ALA G 102 -13.83 6.01 -38.18
N LYS G 103 -12.59 5.67 -37.82
CA LYS G 103 -11.73 4.99 -38.77
C LYS G 103 -12.05 3.51 -38.90
N GLY G 104 -12.78 2.96 -37.93
CA GLY G 104 -13.13 1.55 -38.01
C GLY G 104 -14.63 1.33 -38.19
N HIS G 105 -15.37 2.41 -38.39
CA HIS G 105 -16.81 2.29 -38.56
C HIS G 105 -17.28 2.88 -39.86
N TYR G 106 -16.58 3.91 -40.37
CA TYR G 106 -16.99 4.54 -41.63
C TYR G 106 -16.00 4.44 -42.77
N THR G 107 -14.72 4.54 -42.46
CA THR G 107 -13.74 4.55 -43.51
C THR G 107 -12.95 3.30 -43.71
N GLU G 108 -12.31 2.82 -42.68
CA GLU G 108 -11.51 1.64 -42.84
C GLU G 108 -12.32 0.36 -42.61
N GLY G 109 -13.05 0.31 -41.51
CA GLY G 109 -13.83 -0.88 -41.22
C GLY G 109 -14.95 -1.16 -42.20
N ALA G 110 -15.60 -0.11 -42.65
CA ALA G 110 -16.72 -0.26 -43.59
C ALA G 110 -16.36 -1.12 -44.79
N GLU G 111 -15.09 -1.19 -45.13
CA GLU G 111 -14.68 -1.99 -46.28
C GLU G 111 -14.62 -3.46 -45.88
N LEU G 112 -13.88 -3.72 -44.81
CA LEU G 112 -13.69 -5.06 -44.30
C LEU G 112 -14.99 -5.74 -43.83
N VAL G 113 -16.04 -4.95 -43.69
CA VAL G 113 -17.33 -5.45 -43.21
C VAL G 113 -17.94 -6.55 -44.08
N ASP G 114 -18.13 -6.26 -45.37
CA ASP G 114 -18.72 -7.23 -46.28
C ASP G 114 -17.99 -8.56 -46.23
N SER G 115 -16.66 -8.52 -46.12
CA SER G 115 -15.86 -9.75 -46.06
C SER G 115 -16.01 -10.41 -44.70
N VAL G 116 -16.78 -9.78 -43.82
CA VAL G 116 -17.02 -10.33 -42.49
C VAL G 116 -18.40 -10.93 -42.58
N LEU G 117 -19.40 -10.08 -42.81
CA LEU G 117 -20.79 -10.54 -42.90
C LEU G 117 -20.85 -11.84 -43.70
N ASP G 118 -19.99 -11.92 -44.69
CA ASP G 118 -19.88 -13.08 -45.57
C ASP G 118 -19.75 -14.31 -44.69
N VAL G 119 -18.77 -14.28 -43.81
CA VAL G 119 -18.52 -15.39 -42.92
C VAL G 119 -19.59 -15.51 -41.84
N VAL G 120 -19.97 -14.40 -41.22
CA VAL G 120 -20.99 -14.45 -40.17
C VAL G 120 -22.24 -15.15 -40.70
N ARG G 121 -22.34 -15.29 -42.02
CA ARG G 121 -23.46 -15.97 -42.67
C ARG G 121 -23.07 -17.42 -42.91
N LYS G 122 -21.80 -17.64 -43.24
CA LYS G 122 -21.33 -18.99 -43.46
C LYS G 122 -21.47 -19.77 -42.16
N GLU G 123 -21.28 -19.07 -41.04
CA GLU G 123 -21.36 -19.70 -39.72
C GLU G 123 -22.80 -19.81 -39.22
N SER G 124 -23.61 -18.81 -39.54
CA SER G 124 -25.00 -18.82 -39.12
C SER G 124 -25.76 -19.92 -39.82
N GLU G 125 -25.53 -20.03 -41.13
CA GLU G 125 -26.18 -21.03 -41.96
C GLU G 125 -25.47 -22.38 -41.80
N SER G 126 -24.71 -22.49 -40.72
CA SER G 126 -23.98 -23.72 -40.42
C SER G 126 -25.03 -24.81 -40.44
N CYS G 127 -25.66 -25.03 -39.29
CA CYS G 127 -26.71 -26.03 -39.17
C CYS G 127 -27.67 -25.76 -38.03
N ASP G 128 -28.55 -26.74 -37.80
CA ASP G 128 -29.58 -26.70 -36.78
C ASP G 128 -30.24 -25.33 -36.69
N CYS G 129 -30.47 -24.85 -35.47
CA CYS G 129 -31.11 -23.57 -35.27
C CYS G 129 -30.23 -22.60 -34.48
N LEU G 130 -30.08 -21.39 -35.02
CA LEU G 130 -29.28 -20.36 -34.40
C LEU G 130 -30.08 -19.65 -33.30
N GLN G 131 -29.36 -19.34 -32.22
CA GLN G 131 -29.93 -18.67 -31.05
C GLN G 131 -29.56 -17.17 -31.08
N GLY G 132 -28.27 -16.93 -31.12
CA GLY G 132 -27.72 -15.55 -31.14
C GLY G 132 -26.20 -15.58 -31.30
N PHE G 133 -25.62 -14.38 -31.19
CA PHE G 133 -24.17 -14.18 -31.32
C PHE G 133 -23.59 -13.47 -30.09
N GLN G 134 -22.43 -13.95 -29.69
CA GLN G 134 -21.64 -13.38 -28.59
C GLN G 134 -20.69 -12.35 -29.18
N LEU G 135 -20.59 -11.21 -28.53
CA LEU G 135 -19.75 -10.11 -29.03
C LEU G 135 -18.87 -9.55 -27.91
N THR G 136 -17.57 -9.65 -28.16
CA THR G 136 -16.54 -9.14 -27.26
C THR G 136 -15.81 -7.99 -27.94
N HIS G 137 -15.48 -7.00 -27.14
CA HIS G 137 -14.78 -5.80 -27.61
C HIS G 137 -14.69 -4.77 -26.50
N SER G 138 -13.99 -3.72 -26.82
CA SER G 138 -13.78 -2.58 -25.93
C SER G 138 -14.32 -1.33 -26.60
N LEU G 139 -15.02 -0.52 -25.83
CA LEU G 139 -15.61 0.70 -26.32
C LEU G 139 -14.62 1.85 -26.25
N GLY G 140 -13.34 1.54 -26.29
CA GLY G 140 -12.33 2.58 -26.23
C GLY G 140 -11.26 2.46 -27.29
N GLY G 141 -11.68 2.26 -28.54
CA GLY G 141 -10.75 2.13 -29.65
C GLY G 141 -11.45 2.01 -31.01
N GLY G 142 -10.66 1.82 -32.06
CA GLY G 142 -11.23 1.72 -33.39
C GLY G 142 -11.88 0.38 -33.65
N THR G 143 -11.06 -0.61 -33.97
CA THR G 143 -11.56 -1.95 -34.25
C THR G 143 -12.54 -2.50 -33.24
N GLY G 144 -12.64 -1.85 -32.09
CA GLY G 144 -13.52 -2.33 -31.07
C GLY G 144 -14.89 -1.69 -31.12
N SER G 145 -14.94 -0.43 -30.73
CA SER G 145 -16.20 0.30 -30.69
C SER G 145 -16.78 0.60 -32.06
N GLY G 146 -15.96 1.06 -32.98
CA GLY G 146 -16.44 1.39 -34.30
C GLY G 146 -16.78 0.20 -35.15
N MET G 147 -15.76 -0.52 -35.60
CA MET G 147 -15.98 -1.68 -36.46
C MET G 147 -16.81 -2.82 -35.87
N GLY G 148 -16.73 -3.01 -34.57
CA GLY G 148 -17.50 -4.07 -33.94
C GLY G 148 -18.93 -3.62 -33.74
N THR G 149 -19.09 -2.33 -33.55
CA THR G 149 -20.40 -1.76 -33.35
C THR G 149 -21.12 -1.72 -34.67
N LEU G 150 -20.36 -1.90 -35.75
CA LEU G 150 -20.96 -1.91 -37.07
C LEU G 150 -21.37 -3.35 -37.33
N LEU G 151 -20.46 -4.27 -37.05
CA LEU G 151 -20.71 -5.67 -37.25
C LEU G 151 -22.05 -6.05 -36.71
N ILE G 152 -22.45 -5.45 -35.60
CA ILE G 152 -23.75 -5.80 -35.04
C ILE G 152 -24.89 -5.11 -35.77
N SER G 153 -24.74 -3.82 -36.03
CA SER G 153 -25.79 -3.06 -36.71
C SER G 153 -26.20 -3.77 -37.99
N LYS G 154 -25.27 -4.57 -38.52
CA LYS G 154 -25.50 -5.36 -39.74
C LYS G 154 -26.11 -6.70 -39.35
N ILE G 155 -25.55 -7.31 -38.33
CA ILE G 155 -26.07 -8.59 -37.84
C ILE G 155 -27.57 -8.43 -37.52
N ARG G 156 -27.91 -7.39 -36.75
CA ARG G 156 -29.30 -7.10 -36.34
C ARG G 156 -30.23 -6.67 -37.45
N GLU G 157 -29.79 -6.77 -38.68
CA GLU G 157 -30.61 -6.39 -39.83
C GLU G 157 -30.80 -7.66 -40.59
N GLU G 158 -29.86 -8.58 -40.36
CA GLU G 158 -29.85 -9.88 -41.01
C GLU G 158 -30.63 -10.94 -40.26
N TYR G 159 -30.75 -10.80 -38.94
CA TYR G 159 -31.51 -11.76 -38.18
C TYR G 159 -32.09 -11.12 -36.93
N PRO G 160 -33.02 -10.15 -37.12
CA PRO G 160 -33.64 -9.47 -35.99
C PRO G 160 -34.41 -10.43 -35.08
N ASP G 161 -34.18 -11.72 -35.30
CA ASP G 161 -34.79 -12.79 -34.54
C ASP G 161 -33.80 -13.34 -33.51
N ARG G 162 -32.65 -13.80 -33.99
CA ARG G 162 -31.65 -14.34 -33.10
C ARG G 162 -31.18 -13.23 -32.16
N ILE G 163 -30.80 -13.60 -30.94
CA ILE G 163 -30.35 -12.62 -29.95
C ILE G 163 -28.94 -12.09 -30.16
N MET G 164 -28.57 -11.11 -29.32
CA MET G 164 -27.27 -10.46 -29.39
C MET G 164 -26.71 -10.02 -28.04
N ASN G 165 -25.91 -10.88 -27.45
CA ASN G 165 -25.30 -10.58 -26.18
C ASN G 165 -24.06 -9.79 -26.51
N THR G 166 -23.81 -8.74 -25.74
CA THR G 166 -22.64 -7.94 -25.99
C THR G 166 -21.84 -7.83 -24.71
N PHE G 167 -20.55 -8.17 -24.82
CA PHE G 167 -19.61 -8.06 -23.72
C PHE G 167 -18.70 -6.87 -24.01
N SER G 168 -19.02 -5.74 -23.38
CA SER G 168 -18.27 -4.51 -23.56
C SER G 168 -17.37 -4.16 -22.37
N VAL G 169 -16.19 -3.68 -22.70
CA VAL G 169 -15.23 -3.28 -21.70
C VAL G 169 -15.30 -1.77 -21.58
N VAL G 170 -16.44 -1.29 -21.08
CA VAL G 170 -16.66 0.13 -20.87
C VAL G 170 -15.42 0.76 -20.23
N PRO G 171 -15.04 1.95 -20.70
CA PRO G 171 -13.89 2.73 -20.23
C PRO G 171 -13.85 2.89 -18.72
N SER G 172 -12.86 2.25 -18.12
CA SER G 172 -12.67 2.29 -16.68
C SER G 172 -12.51 3.74 -16.23
N PRO G 173 -12.99 4.05 -15.02
CA PRO G 173 -12.88 5.42 -14.51
C PRO G 173 -11.45 5.90 -14.18
N LYS G 174 -11.09 5.84 -12.90
CA LYS G 174 -9.77 6.26 -12.42
C LYS G 174 -8.77 6.64 -13.51
N VAL G 175 -8.39 5.67 -14.34
CA VAL G 175 -7.44 5.91 -15.41
C VAL G 175 -7.86 5.18 -16.69
N SER G 176 -7.99 5.93 -17.78
CA SER G 176 -8.37 5.35 -19.05
C SER G 176 -7.16 4.85 -19.83
N ASP G 177 -7.32 3.72 -20.51
CA ASP G 177 -6.24 3.12 -21.29
C ASP G 177 -6.18 3.72 -22.68
N THR G 178 -6.59 4.99 -22.80
CA THR G 178 -6.58 5.68 -24.10
C THR G 178 -6.96 7.14 -23.83
N VAL G 179 -6.94 7.98 -24.85
CA VAL G 179 -7.24 9.38 -24.64
C VAL G 179 -8.58 9.87 -25.14
N VAL G 180 -8.98 9.41 -26.30
CA VAL G 180 -10.24 9.84 -26.86
C VAL G 180 -11.35 8.99 -26.28
N GLU G 181 -10.95 7.89 -25.65
CA GLU G 181 -11.84 6.95 -24.99
C GLU G 181 -13.32 7.29 -25.04
N PRO G 182 -13.76 8.40 -24.37
CA PRO G 182 -15.18 8.78 -24.38
C PRO G 182 -15.75 8.99 -25.78
N TYR G 183 -14.87 9.27 -26.74
CA TYR G 183 -15.25 9.45 -28.12
C TYR G 183 -15.58 8.08 -28.69
N ASN G 184 -14.59 7.20 -28.69
CA ASN G 184 -14.81 5.85 -29.18
C ASN G 184 -15.94 5.16 -28.39
N ALA G 185 -16.10 5.54 -27.14
CA ALA G 185 -17.13 4.92 -26.29
C ALA G 185 -18.52 5.43 -26.57
N THR G 186 -18.77 6.68 -26.20
CA THR G 186 -20.08 7.25 -26.40
C THR G 186 -20.64 6.83 -27.75
N LEU G 187 -19.77 6.78 -28.75
CA LEU G 187 -20.18 6.40 -30.10
C LEU G 187 -20.58 4.94 -30.25
N SER G 188 -19.98 4.06 -29.46
CA SER G 188 -20.31 2.65 -29.57
C SER G 188 -21.51 2.29 -28.71
N VAL G 189 -21.62 2.87 -27.52
CA VAL G 189 -22.77 2.58 -26.62
C VAL G 189 -24.06 2.91 -27.38
N HIS G 190 -24.00 4.01 -28.12
CA HIS G 190 -25.05 4.52 -28.95
C HIS G 190 -25.58 3.34 -29.79
N GLN G 191 -24.67 2.74 -30.58
CA GLN G 191 -24.95 1.60 -31.47
C GLN G 191 -25.49 0.38 -30.70
N LEU G 192 -25.02 0.23 -29.47
CA LEU G 192 -25.41 -0.88 -28.61
C LEU G 192 -26.87 -0.77 -28.16
N VAL G 193 -27.21 0.37 -27.55
CA VAL G 193 -28.55 0.68 -27.02
C VAL G 193 -29.59 0.50 -28.11
N GLU G 194 -29.13 0.17 -29.31
CA GLU G 194 -30.05 0.07 -30.42
C GLU G 194 -29.88 -1.08 -31.38
N ASN G 195 -29.23 -2.13 -30.92
CA ASN G 195 -29.04 -3.32 -31.74
C ASN G 195 -28.96 -4.55 -30.83
N THR G 196 -27.83 -4.79 -30.15
CA THR G 196 -27.74 -5.94 -29.24
C THR G 196 -28.84 -5.83 -28.16
N ASP G 197 -29.29 -6.95 -27.61
CA ASP G 197 -30.34 -6.89 -26.58
C ASP G 197 -29.98 -7.44 -25.22
N GLU G 198 -28.68 -7.58 -24.98
CA GLU G 198 -28.09 -8.07 -23.72
C GLU G 198 -26.62 -7.68 -23.75
N THR G 199 -26.24 -6.77 -22.85
CA THR G 199 -24.86 -6.31 -22.79
C THR G 199 -24.28 -6.51 -21.41
N TYR G 200 -23.09 -7.11 -21.36
CA TYR G 200 -22.42 -7.33 -20.09
C TYR G 200 -21.13 -6.48 -20.02
N CYS G 201 -21.25 -5.32 -19.36
CA CYS G 201 -20.17 -4.35 -19.20
C CYS G 201 -19.16 -4.66 -18.11
N ILE G 202 -17.92 -4.82 -18.53
CA ILE G 202 -16.83 -5.14 -17.63
C ILE G 202 -15.84 -3.98 -17.56
N ASP G 203 -15.23 -3.76 -16.39
CA ASP G 203 -14.29 -2.65 -16.18
C ASP G 203 -12.91 -3.10 -15.71
N ASN G 204 -11.93 -2.93 -16.57
CA ASN G 204 -10.57 -3.34 -16.25
C ASN G 204 -10.14 -3.03 -14.81
N GLU G 205 -10.69 -1.97 -14.21
CA GLU G 205 -10.33 -1.61 -12.83
C GLU G 205 -11.30 -2.16 -11.78
N ALA G 206 -12.48 -2.56 -12.21
CA ALA G 206 -13.42 -3.14 -11.29
C ALA G 206 -12.87 -4.54 -11.08
N LEU G 207 -12.18 -5.03 -12.10
CA LEU G 207 -11.57 -6.35 -12.10
C LEU G 207 -10.33 -6.33 -11.23
N TYR G 208 -9.41 -5.43 -11.52
CA TYR G 208 -8.21 -5.34 -10.73
C TYR G 208 -8.66 -5.49 -9.30
N ASP G 209 -9.40 -4.49 -8.81
CA ASP G 209 -9.91 -4.51 -7.46
C ASP G 209 -10.33 -5.92 -7.11
N ILE G 210 -11.43 -6.35 -7.70
CA ILE G 210 -11.98 -7.68 -7.47
C ILE G 210 -10.96 -8.79 -7.66
N CYS G 211 -9.83 -8.45 -8.27
CA CYS G 211 -8.80 -9.43 -8.56
C CYS G 211 -7.56 -9.29 -7.69
N PHE G 212 -7.44 -8.16 -7.01
CA PHE G 212 -6.30 -7.90 -6.15
C PHE G 212 -6.69 -7.92 -4.67
N ARG G 213 -7.98 -7.91 -4.38
CA ARG G 213 -8.42 -7.96 -3.00
C ARG G 213 -9.34 -9.15 -2.74
N THR G 214 -9.95 -9.69 -3.79
CA THR G 214 -10.84 -10.84 -3.66
C THR G 214 -10.08 -12.08 -4.11
N LEU G 215 -8.86 -11.83 -4.55
CA LEU G 215 -7.88 -12.83 -4.98
C LEU G 215 -6.65 -12.06 -4.57
N LYS G 216 -6.05 -12.43 -3.45
CA LYS G 216 -4.87 -11.72 -2.97
C LYS G 216 -3.84 -11.53 -4.08
N LEU G 217 -4.22 -11.91 -5.30
CA LEU G 217 -3.36 -11.79 -6.48
C LEU G 217 -2.66 -10.42 -6.53
N THR G 218 -1.33 -10.43 -6.43
CA THR G 218 -0.53 -9.20 -6.44
C THR G 218 -0.13 -8.69 -7.83
N THR G 219 0.03 -9.59 -8.80
CA THR G 219 0.38 -9.19 -10.16
C THR G 219 -0.68 -9.63 -11.15
N PRO G 220 -1.84 -8.97 -11.13
CA PRO G 220 -2.93 -9.30 -12.03
C PRO G 220 -2.67 -8.89 -13.47
N THR G 221 -2.04 -9.78 -14.21
CA THR G 221 -1.76 -9.49 -15.61
C THR G 221 -3.08 -9.40 -16.36
N TYR G 222 -3.05 -8.92 -17.60
CA TYR G 222 -4.28 -8.83 -18.38
C TYR G 222 -4.86 -10.22 -18.49
N GLY G 223 -4.03 -11.16 -18.94
CA GLY G 223 -4.47 -12.53 -19.10
C GLY G 223 -5.46 -12.91 -18.01
N ASP G 224 -5.15 -12.48 -16.80
CA ASP G 224 -5.99 -12.76 -15.65
C ASP G 224 -7.35 -12.11 -15.84
N LEU G 225 -7.37 -10.78 -15.75
CA LEU G 225 -8.62 -10.05 -15.93
C LEU G 225 -9.46 -10.78 -16.94
N ASN G 226 -8.91 -10.91 -18.14
CA ASN G 226 -9.58 -11.59 -19.24
C ASN G 226 -10.13 -12.92 -18.73
N HIS G 227 -9.24 -13.69 -18.14
CA HIS G 227 -9.59 -14.99 -17.61
C HIS G 227 -10.81 -14.94 -16.68
N LEU G 228 -10.83 -13.97 -15.77
CA LEU G 228 -11.94 -13.82 -14.85
C LEU G 228 -13.24 -13.56 -15.61
N VAL G 229 -13.16 -12.61 -16.53
CA VAL G 229 -14.30 -12.24 -17.37
C VAL G 229 -14.87 -13.48 -18.07
N SER G 230 -13.99 -14.10 -18.84
CA SER G 230 -14.31 -15.30 -19.62
C SER G 230 -14.98 -16.36 -18.75
N ALA G 231 -14.72 -16.26 -17.46
CA ALA G 231 -15.26 -17.19 -16.47
C ALA G 231 -16.78 -16.98 -16.32
N THR G 232 -17.16 -15.71 -16.43
CA THR G 232 -18.55 -15.29 -16.29
C THR G 232 -19.38 -15.60 -17.54
N MET G 233 -18.80 -15.30 -18.68
CA MET G 233 -19.49 -15.50 -19.97
C MET G 233 -19.68 -16.99 -20.26
N SER G 234 -18.99 -17.81 -19.50
CA SER G 234 -19.09 -19.28 -19.62
C SER G 234 -20.26 -19.77 -18.78
N GLY G 235 -20.43 -19.11 -17.65
CA GLY G 235 -21.51 -19.41 -16.70
C GLY G 235 -22.85 -19.05 -17.33
N VAL G 236 -22.82 -17.95 -18.04
CA VAL G 236 -23.99 -17.40 -18.75
C VAL G 236 -24.49 -18.40 -19.79
N THR G 237 -23.92 -18.26 -20.97
CA THR G 237 -24.25 -19.10 -22.14
C THR G 237 -23.99 -20.58 -21.85
N THR G 238 -22.98 -21.08 -22.53
CA THR G 238 -22.54 -22.48 -22.47
C THR G 238 -23.18 -23.25 -21.32
N CYS G 239 -23.04 -22.68 -20.12
CA CYS G 239 -23.59 -23.27 -18.92
C CYS G 239 -25.04 -23.69 -19.12
N LEU G 240 -25.91 -22.71 -19.29
CA LEU G 240 -27.34 -22.99 -19.46
C LEU G 240 -27.65 -23.96 -20.57
N ARG G 241 -26.66 -24.23 -21.41
CA ARG G 241 -26.86 -25.17 -22.49
C ARG G 241 -26.48 -26.53 -21.94
N PHE G 242 -26.67 -26.65 -20.64
CA PHE G 242 -26.43 -27.87 -19.89
C PHE G 242 -27.76 -28.17 -19.23
N PRO G 243 -27.90 -29.37 -18.65
CA PRO G 243 -29.16 -29.72 -17.99
C PRO G 243 -29.29 -28.91 -16.72
N GLY G 244 -30.40 -29.10 -16.00
CA GLY G 244 -30.61 -28.38 -14.76
C GLY G 244 -32.02 -28.60 -14.24
N GLN G 245 -32.19 -28.51 -12.93
CA GLN G 245 -33.51 -28.71 -12.38
C GLN G 245 -34.38 -27.63 -13.01
N LEU G 246 -33.81 -26.42 -13.07
CA LEU G 246 -34.48 -25.28 -13.66
C LEU G 246 -33.51 -24.56 -14.57
N ASN G 247 -33.48 -24.93 -15.84
CA ASN G 247 -32.56 -24.29 -16.75
C ASN G 247 -33.21 -23.22 -17.57
N ALA G 248 -32.39 -22.28 -18.01
CA ALA G 248 -32.83 -21.17 -18.82
C ALA G 248 -31.87 -21.15 -20.02
N ASP G 249 -31.98 -20.12 -20.85
CA ASP G 249 -31.13 -19.97 -22.04
C ASP G 249 -31.30 -18.55 -22.54
N LEU G 250 -30.21 -17.97 -23.02
CA LEU G 250 -30.18 -16.60 -23.53
C LEU G 250 -31.52 -15.90 -23.49
N ARG G 251 -32.53 -16.45 -24.15
CA ARG G 251 -33.81 -15.80 -24.12
C ARG G 251 -34.35 -15.68 -22.70
N LYS G 252 -34.59 -16.80 -22.00
CA LYS G 252 -35.10 -16.71 -20.63
C LYS G 252 -34.36 -15.54 -20.01
N LEU G 253 -33.04 -15.62 -20.04
CA LEU G 253 -32.19 -14.57 -19.50
C LEU G 253 -32.60 -13.22 -20.05
N ALA G 254 -32.89 -13.18 -21.34
CA ALA G 254 -33.29 -11.94 -21.94
C ALA G 254 -34.73 -11.61 -21.56
N VAL G 255 -35.63 -12.56 -21.76
CA VAL G 255 -37.03 -12.34 -21.45
C VAL G 255 -37.39 -12.22 -19.99
N ASN G 256 -36.40 -12.20 -19.11
CA ASN G 256 -36.66 -12.08 -17.67
C ASN G 256 -35.87 -10.92 -17.16
N MET G 257 -34.96 -10.42 -17.99
CA MET G 257 -34.10 -9.35 -17.55
C MET G 257 -34.29 -8.00 -18.18
N VAL G 258 -35.00 -7.94 -19.29
CA VAL G 258 -35.18 -6.66 -19.92
C VAL G 258 -36.61 -6.18 -19.85
N PRO G 259 -36.90 -5.31 -18.87
CA PRO G 259 -38.27 -4.82 -18.76
C PRO G 259 -38.55 -3.85 -19.89
N PHE G 260 -37.57 -3.05 -20.27
CA PHE G 260 -37.84 -2.09 -21.34
C PHE G 260 -36.77 -2.04 -22.43
N PRO G 261 -37.19 -2.38 -23.66
CA PRO G 261 -36.49 -2.46 -24.95
C PRO G 261 -35.16 -1.77 -25.18
N ARG G 262 -34.77 -0.83 -24.33
CA ARG G 262 -33.47 -0.16 -24.56
C ARG G 262 -32.45 -1.22 -24.94
N LEU G 263 -32.46 -2.30 -24.16
CA LEU G 263 -31.57 -3.44 -24.31
C LEU G 263 -31.00 -3.61 -22.93
N HIS G 264 -30.73 -2.48 -22.31
CA HIS G 264 -30.20 -2.50 -20.97
C HIS G 264 -28.94 -3.32 -20.84
N PHE G 265 -28.07 -2.84 -19.97
CA PHE G 265 -26.80 -3.45 -19.76
C PHE G 265 -26.78 -4.00 -18.36
N PHE G 266 -26.08 -5.11 -18.21
CA PHE G 266 -25.99 -5.80 -16.94
C PHE G 266 -24.62 -5.67 -16.36
N MET G 267 -24.36 -6.43 -15.32
CA MET G 267 -23.07 -6.40 -14.66
C MET G 267 -22.90 -7.79 -14.13
N PRO G 268 -22.04 -8.58 -14.75
CA PRO G 268 -21.78 -9.96 -14.33
C PRO G 268 -20.93 -10.13 -13.06
N GLY G 269 -21.21 -11.19 -12.32
CA GLY G 269 -20.49 -11.48 -11.09
C GLY G 269 -20.38 -12.98 -10.93
N PHE G 270 -19.18 -13.47 -10.64
CA PHE G 270 -18.97 -14.89 -10.46
C PHE G 270 -19.17 -15.26 -8.99
N ALA G 271 -19.35 -16.55 -8.72
CA ALA G 271 -19.56 -16.99 -7.34
C ALA G 271 -18.31 -17.30 -6.53
N PRO G 272 -17.82 -18.56 -6.58
CA PRO G 272 -16.64 -18.80 -5.77
C PRO G 272 -15.47 -17.98 -6.24
N LEU G 273 -15.19 -16.90 -5.56
CA LEU G 273 -14.06 -16.09 -5.95
C LEU G 273 -13.13 -15.97 -4.76
N THR G 274 -12.52 -17.10 -4.42
CA THR G 274 -11.61 -17.17 -3.28
C THR G 274 -10.15 -17.36 -3.72
N SER G 275 -9.22 -16.77 -2.98
CA SER G 275 -7.78 -16.89 -3.29
C SER G 275 -7.39 -18.36 -3.26
N ARG G 276 -6.37 -18.74 -4.02
CA ARG G 276 -5.98 -20.14 -4.10
C ARG G 276 -5.88 -20.96 -2.81
N GLY G 277 -4.66 -21.28 -2.37
CA GLY G 277 -4.47 -22.07 -1.16
C GLY G 277 -5.42 -21.81 0.00
N SER G 278 -4.97 -21.03 0.97
CA SER G 278 -5.74 -20.66 2.16
C SER G 278 -7.23 -20.56 1.99
N GLN G 279 -7.69 -19.38 1.61
CA GLN G 279 -9.10 -19.09 1.41
C GLN G 279 -10.00 -20.28 1.09
N GLN G 280 -9.48 -21.26 0.34
CA GLN G 280 -10.17 -22.51 -0.07
C GLN G 280 -10.91 -23.01 1.15
N TYR G 281 -11.85 -22.16 1.55
CA TYR G 281 -12.68 -22.33 2.70
C TYR G 281 -13.83 -23.23 2.44
N ARG G 282 -14.21 -23.36 1.18
CA ARG G 282 -15.31 -24.23 0.81
C ARG G 282 -16.61 -23.69 1.36
N ALA G 283 -16.59 -22.54 2.03
CA ALA G 283 -17.83 -21.98 2.53
C ALA G 283 -18.55 -21.68 1.23
N LEU G 284 -19.19 -22.71 0.68
CA LEU G 284 -19.90 -22.58 -0.57
C LEU G 284 -21.21 -23.32 -0.42
N THR G 285 -21.70 -23.52 0.80
CA THR G 285 -22.96 -24.26 0.98
C THR G 285 -23.99 -23.65 0.04
N VAL G 286 -24.05 -22.32 -0.04
CA VAL G 286 -24.94 -21.55 -0.91
C VAL G 286 -25.11 -20.14 -0.36
N PRO G 287 -25.45 -20.03 0.93
CA PRO G 287 -25.60 -18.67 1.45
C PRO G 287 -24.30 -17.95 1.20
N GLU G 288 -23.25 -18.72 0.98
CA GLU G 288 -21.95 -18.13 0.76
C GLU G 288 -21.83 -17.60 -0.64
N LEU G 289 -22.51 -18.22 -1.59
CA LEU G 289 -22.48 -17.75 -2.98
C LEU G 289 -23.33 -16.49 -3.13
N THR G 290 -24.52 -16.47 -2.51
CA THR G 290 -25.34 -15.29 -2.61
C THR G 290 -24.66 -14.21 -1.79
N GLN G 291 -23.96 -14.60 -0.74
CA GLN G 291 -23.26 -13.61 0.05
C GLN G 291 -22.39 -12.92 -0.98
N GLN G 292 -21.56 -13.73 -1.64
CA GLN G 292 -20.65 -13.23 -2.65
C GLN G 292 -21.42 -12.37 -3.64
N MET G 293 -21.83 -12.99 -4.75
CA MET G 293 -22.58 -12.37 -5.83
C MET G 293 -23.27 -11.04 -5.53
N PHE G 294 -24.03 -10.98 -4.44
CA PHE G 294 -24.76 -9.77 -4.12
C PHE G 294 -24.07 -8.65 -3.36
N ASP G 295 -22.77 -8.75 -3.14
CA ASP G 295 -22.08 -7.68 -2.43
C ASP G 295 -21.70 -6.63 -3.46
N ALA G 296 -21.24 -5.47 -2.99
CA ALA G 296 -20.83 -4.41 -3.89
C ALA G 296 -19.63 -5.00 -4.63
N LYS G 297 -18.45 -4.87 -4.05
CA LYS G 297 -17.28 -5.42 -4.69
C LYS G 297 -17.70 -6.81 -5.15
N ASN G 298 -17.15 -7.23 -6.28
CA ASN G 298 -17.45 -8.52 -6.88
C ASN G 298 -18.35 -8.33 -8.08
N MET G 299 -18.69 -7.08 -8.36
CA MET G 299 -19.51 -6.76 -9.53
C MET G 299 -18.54 -6.25 -10.59
N MET G 300 -18.25 -7.06 -11.61
CA MET G 300 -17.31 -6.69 -12.65
C MET G 300 -17.50 -5.28 -13.16
N ALA G 301 -18.66 -4.70 -12.88
CA ALA G 301 -18.96 -3.33 -13.30
C ALA G 301 -18.15 -2.40 -12.42
N ALA G 302 -18.16 -1.11 -12.76
CA ALA G 302 -17.41 -0.14 -11.96
C ALA G 302 -18.31 0.33 -10.86
N CYS G 303 -19.53 0.69 -11.24
CA CYS G 303 -20.48 1.18 -10.28
C CYS G 303 -20.82 0.13 -9.25
N ASP G 304 -21.36 0.62 -8.14
CA ASP G 304 -21.75 -0.23 -7.04
C ASP G 304 -23.27 -0.31 -6.90
N PRO G 305 -23.82 -1.52 -6.99
CA PRO G 305 -25.24 -1.79 -6.89
C PRO G 305 -25.88 -0.99 -5.78
N ARG G 306 -25.21 -0.99 -4.63
CA ARG G 306 -25.69 -0.29 -3.45
C ARG G 306 -26.04 1.16 -3.78
N HIS G 307 -25.70 1.59 -4.99
CA HIS G 307 -25.97 2.97 -5.43
C HIS G 307 -27.16 3.09 -6.37
N GLY G 308 -28.02 2.07 -6.39
CA GLY G 308 -29.18 2.11 -7.25
C GLY G 308 -29.90 0.78 -7.36
N ARG G 309 -31.23 0.82 -7.26
CA ARG G 309 -32.07 -0.36 -7.33
C ARG G 309 -31.71 -1.29 -8.46
N TYR G 310 -32.36 -2.46 -8.47
CA TYR G 310 -32.17 -3.45 -9.51
C TYR G 310 -33.52 -3.58 -10.19
N LEU G 311 -33.51 -4.06 -11.42
CA LEU G 311 -34.75 -4.28 -12.14
C LEU G 311 -34.88 -5.77 -12.21
N THR G 312 -33.78 -6.41 -12.52
CA THR G 312 -33.78 -7.85 -12.63
C THR G 312 -32.44 -8.39 -12.20
N VAL G 313 -32.45 -9.66 -11.84
CA VAL G 313 -31.26 -10.33 -11.41
C VAL G 313 -31.40 -11.76 -11.86
N ALA G 314 -30.29 -12.38 -12.20
CA ALA G 314 -30.34 -13.75 -12.68
C ALA G 314 -29.20 -14.52 -12.11
N ALA G 315 -29.44 -15.24 -11.02
CA ALA G 315 -28.40 -16.03 -10.43
C ALA G 315 -28.40 -17.31 -11.21
N VAL G 316 -27.50 -17.42 -12.16
CA VAL G 316 -27.42 -18.63 -12.96
C VAL G 316 -26.42 -19.58 -12.25
N PHE G 317 -26.91 -20.34 -11.27
CA PHE G 317 -26.07 -21.29 -10.54
C PHE G 317 -25.81 -22.50 -11.41
N ARG G 318 -24.73 -23.21 -11.13
CA ARG G 318 -24.38 -24.42 -11.88
C ARG G 318 -23.57 -25.39 -11.02
N GLY G 319 -24.27 -26.14 -10.19
CA GLY G 319 -23.66 -27.11 -9.29
C GLY G 319 -24.78 -27.65 -8.41
N ARG G 320 -24.87 -28.96 -8.25
CA ARG G 320 -25.94 -29.59 -7.45
C ARG G 320 -26.27 -28.92 -6.10
N MET G 321 -27.51 -28.41 -6.01
CA MET G 321 -28.02 -27.72 -4.83
C MET G 321 -29.53 -27.88 -4.71
N SER G 322 -30.04 -27.55 -3.53
CA SER G 322 -31.46 -27.64 -3.22
C SER G 322 -32.30 -26.50 -3.75
N MET G 323 -33.22 -26.84 -4.64
CA MET G 323 -34.11 -25.85 -5.22
C MET G 323 -34.82 -25.14 -4.11
N LYS G 324 -34.55 -25.57 -2.89
CA LYS G 324 -35.15 -24.99 -1.71
C LYS G 324 -34.15 -23.99 -1.12
N GLU G 325 -32.92 -24.42 -0.87
CA GLU G 325 -31.93 -23.51 -0.31
C GLU G 325 -31.50 -22.45 -1.31
N VAL G 326 -31.97 -22.61 -2.54
CA VAL G 326 -31.66 -21.66 -3.60
C VAL G 326 -32.84 -20.73 -3.65
N ASP G 327 -33.99 -21.28 -3.99
CA ASP G 327 -35.20 -20.49 -4.07
C ASP G 327 -35.42 -19.71 -2.79
N GLU G 328 -35.02 -20.28 -1.66
CA GLU G 328 -35.19 -19.62 -0.37
C GLU G 328 -34.28 -18.41 -0.18
N GLN G 329 -32.97 -18.68 -0.15
CA GLN G 329 -31.97 -17.64 0.03
C GLN G 329 -32.37 -16.39 -0.74
N MET G 330 -32.54 -16.54 -2.05
CA MET G 330 -32.93 -15.47 -2.95
C MET G 330 -33.95 -14.54 -2.32
N LEU G 331 -34.86 -15.12 -1.55
CA LEU G 331 -35.90 -14.36 -0.90
C LEU G 331 -35.39 -13.41 0.18
N ASN G 332 -34.82 -13.97 1.25
CA ASN G 332 -34.29 -13.14 2.32
C ASN G 332 -33.51 -12.02 1.66
N VAL G 333 -32.68 -12.40 0.70
CA VAL G 333 -31.89 -11.42 -0.02
C VAL G 333 -32.80 -10.32 -0.55
N GLN G 334 -33.95 -10.71 -1.08
CA GLN G 334 -34.90 -9.76 -1.64
C GLN G 334 -35.61 -8.95 -0.57
N ASN G 335 -35.51 -9.40 0.68
CA ASN G 335 -36.17 -8.68 1.77
C ASN G 335 -35.21 -7.89 2.64
N LYS G 336 -33.98 -8.38 2.79
CA LYS G 336 -32.99 -7.67 3.58
C LYS G 336 -32.64 -6.38 2.85
N ASN G 337 -32.82 -6.39 1.53
CA ASN G 337 -32.47 -5.25 0.71
C ASN G 337 -33.64 -4.71 -0.09
N SER G 338 -34.84 -4.85 0.45
CA SER G 338 -36.05 -4.35 -0.22
C SER G 338 -35.77 -2.93 -0.71
N SER G 339 -34.99 -2.21 0.08
CA SER G 339 -34.60 -0.84 -0.23
C SER G 339 -34.23 -0.77 -1.70
N TYR G 340 -33.10 -1.40 -2.04
CA TYR G 340 -32.67 -1.39 -3.43
C TYR G 340 -32.89 -2.71 -4.13
N PHE G 341 -33.98 -2.75 -4.89
CA PHE G 341 -34.38 -3.93 -5.62
C PHE G 341 -35.64 -3.64 -6.40
N VAL G 342 -36.01 -2.35 -6.46
CA VAL G 342 -37.20 -1.88 -7.17
C VAL G 342 -38.43 -2.68 -6.72
N GLU G 343 -39.59 -2.04 -6.70
CA GLU G 343 -40.78 -2.74 -6.21
C GLU G 343 -41.77 -3.24 -7.23
N TRP G 344 -42.02 -2.46 -8.28
CA TRP G 344 -42.99 -2.87 -9.28
C TRP G 344 -42.71 -4.20 -9.98
N ILE G 345 -41.84 -4.99 -9.37
CA ILE G 345 -41.52 -6.32 -9.85
C ILE G 345 -41.51 -7.16 -8.59
N PRO G 346 -42.60 -7.86 -8.34
CA PRO G 346 -42.67 -8.69 -7.13
C PRO G 346 -41.48 -9.62 -6.93
N ASN G 347 -40.98 -10.24 -7.99
CA ASN G 347 -39.84 -11.13 -7.89
C ASN G 347 -38.76 -10.78 -8.91
N ASN G 348 -37.96 -9.77 -8.59
CA ASN G 348 -36.91 -9.31 -9.49
C ASN G 348 -36.02 -10.45 -9.90
N VAL G 349 -35.59 -11.21 -8.92
CA VAL G 349 -34.70 -12.31 -9.15
C VAL G 349 -35.22 -13.42 -10.06
N LYS G 350 -34.31 -13.90 -10.91
CA LYS G 350 -34.59 -14.98 -11.84
C LYS G 350 -33.62 -16.09 -11.46
N THR G 351 -34.08 -17.02 -10.65
CA THR G 351 -33.25 -18.12 -10.22
C THR G 351 -33.13 -19.09 -11.37
N ALA G 352 -31.90 -19.49 -11.65
CA ALA G 352 -31.61 -20.42 -12.71
C ALA G 352 -30.75 -21.47 -12.07
N VAL G 353 -30.87 -22.72 -12.50
CA VAL G 353 -30.07 -23.78 -11.90
C VAL G 353 -29.64 -24.93 -12.79
N CYS G 354 -28.36 -24.88 -13.16
CA CYS G 354 -27.76 -25.92 -13.98
C CYS G 354 -27.48 -27.08 -13.03
N ASP G 355 -26.69 -28.04 -13.48
CA ASP G 355 -26.32 -29.17 -12.66
C ASP G 355 -24.81 -29.24 -12.58
N ILE G 356 -24.17 -29.68 -13.66
CA ILE G 356 -22.72 -29.76 -13.68
C ILE G 356 -22.12 -28.39 -13.44
N PRO G 357 -21.13 -28.30 -12.54
CA PRO G 357 -20.46 -27.04 -12.20
C PRO G 357 -19.19 -26.79 -12.99
N PRO G 358 -18.49 -25.69 -12.69
CA PRO G 358 -17.26 -25.39 -13.41
C PRO G 358 -16.26 -26.51 -13.17
N ARG G 359 -15.97 -27.24 -14.23
CA ARG G 359 -15.05 -28.38 -14.20
C ARG G 359 -14.48 -28.73 -12.82
N GLY G 360 -13.49 -27.96 -12.37
CA GLY G 360 -12.86 -28.28 -11.09
C GLY G 360 -13.50 -27.84 -9.79
N LEU G 361 -14.62 -27.13 -9.86
CA LEU G 361 -15.28 -26.63 -8.66
C LEU G 361 -16.52 -27.43 -8.27
N LYS G 362 -16.94 -27.27 -7.01
CA LYS G 362 -18.11 -27.98 -6.50
C LYS G 362 -19.41 -27.22 -6.72
N MET G 363 -19.37 -25.91 -6.57
CA MET G 363 -20.56 -25.10 -6.73
C MET G 363 -20.24 -23.64 -7.05
N SER G 364 -20.85 -23.14 -8.13
CA SER G 364 -20.68 -21.77 -8.59
C SER G 364 -22.04 -21.19 -8.98
N ALA G 365 -22.06 -19.91 -9.35
CA ALA G 365 -23.29 -19.22 -9.75
C ALA G 365 -23.03 -17.86 -10.37
N THR G 366 -23.24 -17.78 -11.66
CA THR G 366 -23.03 -16.53 -12.39
C THR G 366 -24.16 -15.58 -12.03
N PHE G 367 -23.81 -14.31 -11.92
CA PHE G 367 -24.77 -13.27 -11.58
C PHE G 367 -24.84 -12.28 -12.72
N ILE G 368 -26.06 -12.00 -13.16
CA ILE G 368 -26.26 -11.08 -14.23
C ILE G 368 -27.25 -10.06 -13.74
N GLY G 369 -26.72 -8.94 -13.24
CA GLY G 369 -27.59 -7.91 -12.71
C GLY G 369 -27.96 -6.76 -13.61
N ASN G 370 -29.24 -6.41 -13.61
CA ASN G 370 -29.72 -5.30 -14.42
C ASN G 370 -30.04 -4.13 -13.51
N SER G 371 -29.04 -3.66 -12.77
CA SER G 371 -29.33 -2.56 -11.86
C SER G 371 -29.25 -1.18 -12.47
N THR G 372 -30.04 -0.31 -11.88
CA THR G 372 -30.17 1.09 -12.27
C THR G 372 -28.92 1.82 -11.91
N ALA G 373 -28.04 1.13 -11.20
CA ALA G 373 -26.78 1.74 -10.80
C ALA G 373 -25.91 2.07 -11.98
N ILE G 374 -26.00 1.29 -13.03
CA ILE G 374 -25.16 1.53 -14.19
C ILE G 374 -25.47 2.86 -14.82
N GLN G 375 -26.34 3.61 -14.17
CA GLN G 375 -26.66 4.94 -14.65
C GLN G 375 -25.37 5.74 -14.42
N GLU G 376 -24.85 5.62 -13.21
CA GLU G 376 -23.63 6.29 -12.81
C GLU G 376 -22.38 5.82 -13.52
N LEU G 377 -22.50 5.46 -14.80
CA LEU G 377 -21.32 5.07 -15.55
C LEU G 377 -21.41 5.71 -16.90
N PHE G 378 -22.61 5.63 -17.47
CA PHE G 378 -22.84 6.25 -18.76
C PHE G 378 -22.79 7.72 -18.47
N LYS G 379 -23.06 8.09 -17.22
CA LYS G 379 -22.98 9.47 -16.80
C LYS G 379 -21.53 9.83 -17.02
N ARG G 380 -20.67 9.10 -16.31
CA ARG G 380 -19.24 9.27 -16.38
C ARG G 380 -18.85 9.49 -17.82
N ILE G 381 -18.93 8.43 -18.60
CA ILE G 381 -18.60 8.49 -20.01
C ILE G 381 -19.14 9.76 -20.62
N SER G 382 -20.46 9.92 -20.59
CA SER G 382 -21.10 11.09 -21.16
C SER G 382 -20.47 12.39 -20.70
N GLU G 383 -20.05 12.46 -19.44
CA GLU G 383 -19.39 13.67 -18.95
C GLU G 383 -18.11 13.89 -19.76
N GLN G 384 -17.15 12.96 -19.62
CA GLN G 384 -15.88 13.03 -20.32
C GLN G 384 -16.03 13.56 -21.73
N PHE G 385 -17.08 13.12 -22.40
CA PHE G 385 -17.34 13.55 -23.77
C PHE G 385 -17.44 15.06 -23.78
N THR G 386 -18.60 15.56 -23.34
CA THR G 386 -18.86 16.99 -23.27
C THR G 386 -17.66 17.85 -22.87
N ALA G 387 -16.99 17.50 -21.77
CA ALA G 387 -15.84 18.26 -21.28
C ALA G 387 -14.79 18.42 -22.37
N MET G 388 -14.75 17.46 -23.28
CA MET G 388 -13.78 17.50 -24.37
C MET G 388 -14.41 17.80 -25.71
N PHE G 389 -15.67 17.42 -25.84
CA PHE G 389 -16.34 17.69 -27.07
C PHE G 389 -16.37 19.20 -27.14
N ARG G 390 -16.88 19.82 -26.07
CA ARG G 390 -16.96 21.27 -26.04
C ARG G 390 -15.82 21.93 -26.81
N ARG G 391 -14.60 21.40 -26.66
CA ARG G 391 -13.46 22.00 -27.34
C ARG G 391 -13.03 21.24 -28.59
N LYS G 392 -13.86 20.27 -28.99
CA LYS G 392 -13.61 19.44 -30.19
C LYS G 392 -12.24 18.80 -30.17
N ALA G 393 -11.72 18.60 -28.96
CA ALA G 393 -10.40 18.03 -28.71
C ALA G 393 -9.81 17.28 -29.88
N PHE G 394 -9.76 15.96 -29.82
CA PHE G 394 -9.19 15.22 -30.95
C PHE G 394 -10.29 14.87 -31.93
N LEU G 395 -11.01 15.89 -32.36
CA LEU G 395 -12.09 15.65 -33.28
C LEU G 395 -11.62 15.57 -34.72
N HIS G 396 -10.56 16.31 -35.06
CA HIS G 396 -10.10 16.28 -36.45
C HIS G 396 -9.74 14.88 -36.95
N TRP G 397 -9.43 13.97 -36.04
CA TRP G 397 -9.08 12.60 -36.39
C TRP G 397 -10.33 11.82 -36.76
N TYR G 398 -11.49 12.38 -36.43
CA TYR G 398 -12.74 11.73 -36.74
C TYR G 398 -13.25 12.33 -38.04
N THR G 399 -13.58 13.61 -37.98
CA THR G 399 -14.08 14.31 -39.16
C THR G 399 -13.17 14.07 -40.37
N GLY G 400 -11.87 14.31 -40.17
CA GLY G 400 -10.91 14.11 -41.25
C GLY G 400 -10.99 12.70 -41.83
N GLU G 401 -11.78 11.85 -41.18
CA GLU G 401 -11.97 10.49 -41.63
C GLU G 401 -13.37 10.35 -42.19
N GLY G 402 -13.98 11.48 -42.53
CA GLY G 402 -15.33 11.42 -43.05
C GLY G 402 -16.27 11.07 -41.92
N MET G 403 -16.57 12.06 -41.11
CA MET G 403 -17.48 11.90 -39.98
C MET G 403 -18.40 13.12 -40.03
N ASP G 404 -19.14 13.35 -38.96
CA ASP G 404 -20.06 14.47 -38.91
C ASP G 404 -20.04 15.12 -37.53
N GLU G 405 -20.24 16.43 -37.48
CA GLU G 405 -20.26 17.17 -36.21
C GLU G 405 -21.59 16.91 -35.53
N MET G 406 -22.52 16.35 -36.30
CA MET G 406 -23.84 16.01 -35.80
C MET G 406 -23.88 14.54 -35.35
N GLU G 407 -22.88 13.77 -35.77
CA GLU G 407 -22.78 12.36 -35.40
C GLU G 407 -22.47 12.24 -33.91
N PHE G 408 -21.46 12.98 -33.47
CA PHE G 408 -21.07 12.99 -32.08
C PHE G 408 -22.21 13.51 -31.25
N THR G 409 -22.88 14.55 -31.75
CA THR G 409 -23.99 15.13 -31.02
C THR G 409 -24.99 14.02 -30.76
N GLU G 410 -25.38 13.38 -31.85
CA GLU G 410 -26.31 12.27 -31.82
C GLU G 410 -26.04 11.28 -30.69
N ALA G 411 -24.94 10.56 -30.82
CA ALA G 411 -24.55 9.58 -29.83
C ALA G 411 -24.66 10.07 -28.40
N GLU G 412 -23.89 11.11 -28.06
CA GLU G 412 -23.95 11.61 -26.71
C GLU G 412 -25.38 11.71 -26.24
N SER G 413 -26.16 12.52 -26.92
CA SER G 413 -27.56 12.71 -26.58
C SER G 413 -28.17 11.35 -26.32
N ASN G 414 -28.31 10.56 -27.38
CA ASN G 414 -28.86 9.21 -27.28
C ASN G 414 -28.40 8.55 -26.00
N MET G 415 -27.13 8.16 -25.96
CA MET G 415 -26.58 7.52 -24.79
C MET G 415 -26.81 8.35 -23.53
N ASN G 416 -26.87 9.67 -23.70
CA ASN G 416 -27.09 10.58 -22.57
C ASN G 416 -28.53 10.45 -22.06
N ASP G 417 -29.47 10.31 -22.98
CA ASP G 417 -30.88 10.13 -22.64
C ASP G 417 -30.98 8.79 -21.94
N LEU G 418 -30.23 7.82 -22.46
CA LEU G 418 -30.21 6.47 -21.93
C LEU G 418 -29.97 6.48 -20.41
N VAL G 419 -29.23 7.48 -19.95
CA VAL G 419 -28.94 7.67 -18.52
C VAL G 419 -30.23 8.08 -17.86
N SER G 420 -30.86 9.09 -18.47
CA SER G 420 -32.11 9.61 -18.00
C SER G 420 -33.09 8.48 -17.64
N GLU G 421 -33.54 7.83 -18.68
CA GLU G 421 -34.51 6.72 -18.60
C GLU G 421 -34.25 5.81 -17.39
N TYR G 422 -33.04 5.27 -17.36
CA TYR G 422 -32.61 4.32 -16.33
C TYR G 422 -32.94 4.82 -14.91
N GLN G 423 -33.05 6.12 -14.78
CA GLN G 423 -33.38 6.75 -13.48
C GLN G 423 -34.88 6.68 -13.21
N GLN G 424 -35.62 6.61 -14.30
CA GLN G 424 -37.08 6.55 -14.29
C GLN G 424 -37.59 5.37 -13.47
N TYR G 425 -36.68 4.50 -13.10
CA TYR G 425 -37.02 3.27 -12.36
C TYR G 425 -36.38 3.28 -10.98
N GLN G 426 -35.23 3.91 -10.90
CA GLN G 426 -34.54 4.08 -9.61
C GLN G 426 -35.50 4.86 -8.70
N ASP G 427 -36.52 5.43 -9.33
CA ASP G 427 -37.55 6.22 -8.65
C ASP G 427 -38.95 5.68 -8.95
N ARG H 2 -62.30 -48.16 -19.85
CA ARG H 2 -61.57 -48.89 -18.78
C ARG H 2 -60.20 -48.30 -18.45
N GLU H 3 -59.42 -47.98 -19.48
CA GLU H 3 -58.09 -47.42 -19.26
C GLU H 3 -58.11 -45.92 -19.13
N CYS H 4 -56.91 -45.35 -18.99
CA CYS H 4 -56.73 -43.91 -18.85
C CYS H 4 -55.33 -43.55 -19.31
N ILE H 5 -55.21 -43.03 -20.54
CA ILE H 5 -53.89 -42.64 -21.04
C ILE H 5 -53.35 -41.51 -20.16
N SER H 6 -52.07 -41.19 -20.34
CA SER H 6 -51.44 -40.13 -19.58
C SER H 6 -50.42 -39.41 -20.43
N ILE H 7 -50.46 -38.08 -20.37
CA ILE H 7 -49.53 -37.26 -21.13
C ILE H 7 -48.74 -36.38 -20.18
N HIS H 8 -47.50 -36.78 -19.95
CA HIS H 8 -46.61 -36.04 -19.06
C HIS H 8 -45.95 -34.92 -19.84
N VAL H 9 -46.39 -33.69 -19.60
CA VAL H 9 -45.86 -32.53 -20.32
C VAL H 9 -44.99 -31.60 -19.47
N GLY H 10 -43.87 -31.19 -20.05
CA GLY H 10 -42.93 -30.30 -19.38
C GLY H 10 -41.88 -31.09 -18.66
N GLN H 11 -40.64 -30.61 -18.60
CA GLN H 11 -39.60 -31.35 -17.91
C GLN H 11 -40.17 -31.91 -16.62
N ALA H 12 -40.69 -31.03 -15.78
CA ALA H 12 -41.25 -31.46 -14.50
C ALA H 12 -42.24 -32.60 -14.65
N GLY H 13 -43.32 -32.33 -15.40
CA GLY H 13 -44.35 -33.34 -15.61
C GLY H 13 -43.75 -34.64 -16.08
N VAL H 14 -42.52 -34.56 -16.56
CA VAL H 14 -41.79 -35.71 -17.07
C VAL H 14 -40.96 -36.36 -15.94
N GLN H 15 -40.42 -35.52 -15.05
CA GLN H 15 -39.63 -36.02 -13.91
C GLN H 15 -40.60 -36.73 -12.98
N ILE H 16 -41.70 -36.05 -12.71
CA ILE H 16 -42.76 -36.58 -11.88
C ILE H 16 -43.26 -37.83 -12.60
N GLY H 17 -43.30 -37.75 -13.93
CA GLY H 17 -43.75 -38.86 -14.72
C GLY H 17 -42.88 -40.07 -14.53
N ASN H 18 -41.57 -39.88 -14.69
CA ASN H 18 -40.64 -40.98 -14.53
C ASN H 18 -40.85 -41.61 -13.16
N ALA H 19 -41.19 -40.77 -12.18
CA ALA H 19 -41.41 -41.19 -10.80
C ALA H 19 -42.68 -42.00 -10.62
N CYS H 20 -43.81 -41.40 -10.97
CA CYS H 20 -45.10 -42.07 -10.88
C CYS H 20 -45.00 -43.32 -11.72
N TRP H 21 -44.27 -43.22 -12.82
CA TRP H 21 -44.14 -44.38 -13.68
C TRP H 21 -43.28 -45.45 -13.05
N GLU H 22 -42.40 -45.03 -12.15
CA GLU H 22 -41.54 -45.97 -11.45
C GLU H 22 -42.39 -46.73 -10.46
N LEU H 23 -42.93 -46.02 -9.49
CA LEU H 23 -43.75 -46.63 -8.47
C LEU H 23 -44.61 -47.71 -9.09
N TYR H 24 -45.12 -47.46 -10.29
CA TYR H 24 -45.98 -48.42 -10.95
C TYR H 24 -45.44 -49.84 -11.06
N CYS H 25 -44.56 -50.08 -12.02
CA CYS H 25 -44.00 -51.40 -12.21
C CYS H 25 -43.60 -51.99 -10.87
N LEU H 26 -43.07 -51.13 -10.01
CA LEU H 26 -42.61 -51.52 -8.69
C LEU H 26 -43.64 -52.29 -7.87
N GLU H 27 -44.91 -51.97 -8.06
CA GLU H 27 -45.99 -52.62 -7.35
C GLU H 27 -46.83 -53.49 -8.28
N HIS H 28 -46.24 -53.84 -9.43
CA HIS H 28 -46.91 -54.69 -10.41
C HIS H 28 -45.98 -55.79 -10.91
N GLY H 29 -44.83 -55.91 -10.26
CA GLY H 29 -43.85 -56.93 -10.60
C GLY H 29 -43.35 -56.95 -12.03
N ILE H 30 -43.26 -55.78 -12.65
CA ILE H 30 -42.79 -55.68 -14.03
C ILE H 30 -41.45 -54.94 -14.11
N GLN H 31 -40.37 -55.69 -13.96
CA GLN H 31 -39.03 -55.11 -14.01
C GLN H 31 -38.93 -54.05 -15.09
N PRO H 32 -37.89 -53.23 -15.02
CA PRO H 32 -37.68 -52.15 -15.99
C PRO H 32 -37.62 -52.68 -17.42
N ASP H 33 -37.40 -53.99 -17.56
CA ASP H 33 -37.33 -54.62 -18.88
C ASP H 33 -38.72 -54.82 -19.53
N GLY H 34 -39.75 -54.29 -18.88
CA GLY H 34 -41.11 -54.42 -19.35
C GLY H 34 -41.80 -55.72 -18.91
N GLN H 35 -41.03 -56.80 -18.74
CA GLN H 35 -41.58 -58.12 -18.45
C GLN H 35 -41.88 -58.26 -16.96
N MET H 36 -43.04 -58.84 -16.65
CA MET H 36 -43.37 -59.30 -15.29
C MET H 36 -43.49 -60.82 -15.35
N PRO H 37 -43.21 -61.52 -14.25
CA PRO H 37 -43.55 -62.94 -14.11
C PRO H 37 -44.75 -63.27 -13.21
N ASP H 47 -57.44 -58.85 -17.27
CA ASP H 47 -56.97 -57.46 -17.36
C ASP H 47 -56.32 -56.88 -16.06
N SER H 48 -57.13 -56.62 -15.02
CA SER H 48 -56.73 -55.95 -13.75
C SER H 48 -56.20 -54.50 -13.93
N PHE H 49 -54.96 -54.41 -14.40
CA PHE H 49 -54.15 -53.18 -14.49
C PHE H 49 -53.91 -52.74 -15.91
N ASN H 50 -54.52 -53.46 -16.82
CA ASN H 50 -54.50 -53.16 -18.25
C ASN H 50 -54.97 -51.76 -18.61
N THR H 51 -55.58 -51.07 -17.64
CA THR H 51 -56.07 -49.72 -17.87
C THR H 51 -54.94 -48.70 -17.77
N PHE H 52 -53.70 -49.18 -17.90
CA PHE H 52 -52.53 -48.32 -17.82
C PHE H 52 -51.33 -48.96 -18.49
N PHE H 53 -51.49 -50.20 -18.94
CA PHE H 53 -50.42 -50.93 -19.60
C PHE H 53 -50.96 -51.84 -20.70
N SER H 54 -50.37 -51.75 -21.88
CA SER H 54 -50.80 -52.58 -23.02
C SER H 54 -49.86 -53.77 -23.21
N GLU H 55 -50.43 -54.97 -23.33
CA GLU H 55 -49.64 -56.20 -23.35
C GLU H 55 -48.97 -56.49 -24.73
N THR H 56 -48.30 -55.45 -25.27
CA THR H 56 -47.62 -55.51 -26.58
C THR H 56 -46.53 -56.61 -26.68
N GLY H 57 -46.44 -57.19 -27.86
CA GLY H 57 -45.61 -58.35 -28.08
C GLY H 57 -46.11 -59.48 -27.21
N ALA H 58 -45.29 -60.51 -27.08
CA ALA H 58 -45.62 -61.59 -26.16
C ALA H 58 -44.52 -61.79 -25.10
N GLY H 59 -44.20 -60.70 -24.40
CA GLY H 59 -43.30 -60.74 -23.27
C GLY H 59 -43.30 -59.48 -22.43
N LYS H 60 -43.62 -58.34 -23.02
CA LYS H 60 -43.48 -57.05 -22.32
C LYS H 60 -44.80 -56.34 -21.99
N HIS H 61 -44.68 -55.09 -21.54
CA HIS H 61 -45.84 -54.29 -21.14
C HIS H 61 -45.66 -52.79 -21.40
N VAL H 62 -45.29 -52.47 -22.63
CA VAL H 62 -45.12 -51.08 -23.07
C VAL H 62 -46.06 -50.14 -22.32
N PRO H 63 -45.52 -49.02 -21.85
CA PRO H 63 -46.32 -48.04 -21.11
C PRO H 63 -47.64 -47.73 -21.80
N ARG H 64 -48.40 -46.81 -21.24
CA ARG H 64 -49.69 -46.44 -21.82
C ARG H 64 -49.79 -44.93 -21.72
N ALA H 65 -48.70 -44.25 -22.06
CA ALA H 65 -48.64 -42.80 -21.98
C ALA H 65 -47.65 -42.20 -22.95
N VAL H 66 -47.45 -40.89 -22.85
CA VAL H 66 -46.49 -40.23 -23.70
C VAL H 66 -45.72 -39.16 -22.95
N PHE H 67 -44.64 -38.68 -23.56
CA PHE H 67 -43.79 -37.67 -22.96
C PHE H 67 -43.48 -36.50 -23.90
N VAL H 68 -43.90 -35.31 -23.51
CA VAL H 68 -43.69 -34.11 -24.32
C VAL H 68 -42.80 -33.03 -23.68
N ASP H 69 -41.24 -32.77 -24.20
CA ASP H 69 -40.48 -31.63 -23.68
C ASP H 69 -39.77 -31.00 -24.86
N LEU H 70 -39.64 -29.69 -24.83
CA LEU H 70 -39.02 -29.01 -25.96
C LEU H 70 -37.45 -28.97 -25.93
N GLU H 71 -36.85 -29.14 -24.74
CA GLU H 71 -35.41 -29.46 -24.61
C GLU H 71 -35.24 -30.98 -24.41
N PRO H 72 -34.26 -31.57 -25.06
CA PRO H 72 -34.04 -33.02 -24.99
C PRO H 72 -33.56 -33.48 -23.63
N THR H 73 -32.66 -32.73 -23.00
CA THR H 73 -32.06 -33.02 -21.67
C THR H 73 -32.79 -34.02 -20.78
N VAL H 74 -34.08 -33.75 -20.54
CA VAL H 74 -34.86 -34.44 -19.51
C VAL H 74 -35.48 -35.76 -19.95
N ILE H 75 -36.01 -35.79 -21.17
CA ILE H 75 -36.49 -37.02 -21.76
C ILE H 75 -35.32 -37.91 -22.13
N ASP H 76 -34.20 -37.28 -22.47
CA ASP H 76 -32.98 -38.00 -22.73
C ASP H 76 -32.57 -38.90 -21.57
N GLU H 77 -32.53 -38.33 -20.37
CA GLU H 77 -32.16 -39.05 -19.17
C GLU H 77 -33.01 -40.33 -18.95
N VAL H 78 -34.31 -40.30 -19.32
CA VAL H 78 -35.20 -41.47 -19.28
C VAL H 78 -34.67 -42.58 -20.13
N ARG H 79 -34.25 -42.26 -21.36
CA ARG H 79 -33.65 -43.24 -22.26
C ARG H 79 -32.17 -43.48 -22.00
N THR H 80 -31.73 -43.27 -20.76
CA THR H 80 -30.41 -43.72 -20.28
C THR H 80 -30.55 -44.72 -19.11
N GLY H 81 -31.35 -44.33 -18.12
CA GLY H 81 -31.47 -45.07 -16.87
C GLY H 81 -32.58 -46.10 -16.89
N THR H 82 -32.23 -47.33 -16.51
CA THR H 82 -33.13 -48.48 -16.52
C THR H 82 -34.55 -48.02 -16.32
N TYR H 83 -35.42 -48.52 -17.20
CA TYR H 83 -36.70 -47.93 -17.56
C TYR H 83 -36.51 -47.51 -19.01
N ARG H 84 -35.25 -47.29 -19.35
CA ARG H 84 -34.87 -47.09 -20.73
C ARG H 84 -35.57 -48.15 -21.58
N GLN H 85 -35.68 -49.34 -21.01
CA GLN H 85 -36.28 -50.47 -21.69
C GLN H 85 -37.81 -50.44 -21.66
N LEU H 86 -38.39 -49.58 -20.83
CA LEU H 86 -39.81 -49.66 -20.49
C LEU H 86 -40.74 -49.07 -21.51
N PHE H 87 -40.47 -47.86 -21.94
CA PHE H 87 -41.31 -47.21 -22.92
C PHE H 87 -40.90 -47.60 -24.32
N HIS H 88 -41.71 -47.24 -25.31
CA HIS H 88 -41.34 -47.42 -26.72
C HIS H 88 -40.51 -46.23 -27.20
N PRO H 89 -39.44 -46.53 -27.95
CA PRO H 89 -38.54 -45.47 -28.38
C PRO H 89 -39.41 -44.37 -28.91
N GLU H 90 -40.56 -44.71 -29.48
CA GLU H 90 -41.40 -43.68 -30.06
C GLU H 90 -42.03 -42.76 -29.05
N GLN H 91 -42.66 -43.28 -28.00
CA GLN H 91 -43.56 -42.46 -27.20
C GLN H 91 -42.96 -41.26 -26.45
N LEU H 92 -41.64 -41.10 -26.50
CA LEU H 92 -40.96 -39.96 -25.85
C LEU H 92 -40.49 -38.90 -26.84
N ILE H 93 -42.00 -37.69 -27.21
CA ILE H 93 -41.96 -36.56 -28.14
C ILE H 93 -41.02 -35.46 -27.62
N THR H 94 -40.21 -34.92 -28.54
CA THR H 94 -39.26 -33.86 -28.22
C THR H 94 -39.17 -32.86 -29.37
N GLY H 95 -38.85 -31.62 -29.01
CA GLY H 95 -38.68 -30.57 -30.00
C GLY H 95 -37.33 -29.95 -29.76
N LYS H 96 -36.28 -30.61 -30.27
CA LYS H 96 -34.89 -30.16 -30.11
C LYS H 96 -34.74 -28.66 -29.94
N GLU H 97 -35.71 -27.93 -30.48
CA GLU H 97 -35.72 -26.49 -30.44
C GLU H 97 -35.52 -25.89 -29.06
N ASP H 98 -36.38 -24.95 -28.70
CA ASP H 98 -36.23 -24.28 -27.43
C ASP H 98 -37.46 -24.35 -26.52
N ALA H 99 -37.20 -24.55 -25.24
CA ALA H 99 -38.26 -24.63 -24.24
C ALA H 99 -38.92 -23.27 -24.00
N ALA H 100 -38.15 -22.34 -23.41
CA ALA H 100 -38.60 -20.99 -23.11
C ALA H 100 -39.55 -20.94 -21.97
N ASN H 101 -39.14 -20.35 -20.86
CA ASN H 101 -40.02 -20.31 -19.72
C ASN H 101 -41.16 -19.34 -19.90
N ASN H 102 -41.75 -19.36 -21.08
CA ASN H 102 -42.85 -18.49 -21.36
C ASN H 102 -43.98 -19.16 -22.12
N TYR H 103 -45.15 -19.07 -21.51
CA TYR H 103 -46.39 -19.61 -22.03
C TYR H 103 -46.44 -19.41 -23.55
N ALA H 104 -46.78 -18.19 -23.96
CA ALA H 104 -46.87 -17.83 -25.38
C ALA H 104 -46.09 -18.71 -26.32
N ARG H 105 -44.77 -18.61 -26.24
CA ARG H 105 -43.87 -19.38 -27.08
C ARG H 105 -44.22 -20.86 -27.04
N GLY H 106 -44.39 -21.39 -25.85
CA GLY H 106 -44.72 -22.80 -25.75
C GLY H 106 -46.09 -23.18 -26.28
N HIS H 107 -47.07 -22.30 -26.08
CA HIS H 107 -48.42 -22.57 -26.55
C HIS H 107 -48.48 -22.27 -28.03
N TYR H 108 -48.40 -20.99 -28.36
CA TYR H 108 -48.45 -20.51 -29.75
C TYR H 108 -47.18 -20.88 -30.51
N THR H 109 -46.45 -19.86 -30.95
CA THR H 109 -45.20 -20.02 -31.71
C THR H 109 -44.59 -21.41 -31.76
N ILE H 110 -43.65 -21.73 -30.87
CA ILE H 110 -43.01 -23.03 -30.95
C ILE H 110 -43.92 -24.21 -30.64
N GLY H 111 -44.31 -24.37 -29.38
CA GLY H 111 -45.17 -25.48 -28.99
C GLY H 111 -46.12 -25.98 -30.06
N LYS H 112 -46.59 -25.08 -30.92
CA LYS H 112 -47.53 -25.43 -31.97
C LYS H 112 -47.00 -26.54 -32.88
N GLU H 113 -45.86 -26.29 -33.49
CA GLU H 113 -45.23 -27.23 -34.38
C GLU H 113 -45.29 -28.70 -33.98
N ILE H 114 -45.13 -28.96 -32.68
CA ILE H 114 -45.13 -30.32 -32.17
C ILE H 114 -46.50 -30.94 -31.93
N ILE H 115 -47.42 -30.14 -31.41
CA ILE H 115 -48.77 -30.58 -31.07
C ILE H 115 -49.35 -31.66 -31.98
N ASP H 116 -49.46 -31.38 -33.28
CA ASP H 116 -49.99 -32.38 -34.21
C ASP H 116 -49.41 -33.72 -33.78
N LEU H 117 -48.13 -33.87 -34.06
CA LEU H 117 -47.37 -35.05 -33.73
C LEU H 117 -47.75 -35.57 -32.35
N VAL H 118 -47.76 -34.67 -31.36
CA VAL H 118 -48.13 -35.07 -30.01
C VAL H 118 -49.46 -35.78 -30.07
N LEU H 119 -50.49 -35.04 -30.49
CA LEU H 119 -51.83 -35.59 -30.61
C LEU H 119 -51.78 -36.96 -31.24
N ASP H 120 -51.20 -37.04 -32.42
CA ASP H 120 -51.10 -38.30 -33.14
C ASP H 120 -50.90 -39.49 -32.23
N ARG H 121 -50.02 -39.36 -31.24
CA ARG H 121 -49.80 -40.48 -30.33
C ARG H 121 -50.99 -40.72 -29.41
N ILE H 122 -51.58 -39.64 -28.90
CA ILE H 122 -52.73 -39.76 -28.02
C ILE H 122 -53.99 -40.07 -28.80
N ARG H 123 -53.79 -40.39 -30.08
CA ARG H 123 -54.88 -40.78 -30.99
C ARG H 123 -54.49 -42.15 -31.55
N LYS H 124 -53.19 -42.44 -31.50
CA LYS H 124 -52.64 -43.69 -31.96
C LYS H 124 -52.62 -44.65 -30.78
N LEU H 125 -52.40 -44.08 -29.59
CA LEU H 125 -52.37 -44.85 -28.34
C LEU H 125 -53.80 -44.96 -27.81
N ALA H 126 -54.66 -44.03 -28.22
CA ALA H 126 -56.04 -44.00 -27.78
C ALA H 126 -56.89 -44.98 -28.57
N ASP H 127 -56.39 -45.38 -29.73
CA ASP H 127 -57.10 -46.29 -30.60
C ASP H 127 -56.81 -47.74 -30.22
N GLN H 128 -55.52 -48.06 -30.17
CA GLN H 128 -55.06 -49.39 -29.83
C GLN H 128 -55.79 -50.06 -28.65
N CYS H 129 -56.18 -49.28 -27.65
CA CYS H 129 -56.87 -49.78 -26.47
C CYS H 129 -58.29 -50.35 -26.67
N THR H 130 -59.02 -50.51 -25.56
CA THR H 130 -60.39 -51.03 -25.57
C THR H 130 -61.25 -50.16 -24.66
N GLY H 131 -62.17 -49.38 -25.25
CA GLY H 131 -63.03 -48.51 -24.47
C GLY H 131 -62.28 -47.89 -23.30
N LEU H 132 -61.62 -46.77 -23.55
CA LEU H 132 -60.86 -46.05 -22.52
C LEU H 132 -61.77 -45.14 -21.70
N GLN H 133 -61.19 -44.44 -20.74
CA GLN H 133 -61.95 -43.54 -19.87
C GLN H 133 -61.42 -42.10 -19.91
N GLY H 134 -60.15 -41.94 -20.27
CA GLY H 134 -59.59 -40.61 -20.30
C GLY H 134 -58.07 -40.56 -20.29
N PHE H 135 -57.55 -39.34 -20.19
CA PHE H 135 -56.10 -39.10 -20.17
C PHE H 135 -55.62 -38.37 -18.92
N SER H 136 -54.85 -39.06 -18.09
CA SER H 136 -54.30 -38.43 -16.90
C SER H 136 -53.12 -37.60 -17.42
N VAL H 137 -53.30 -36.29 -17.44
CA VAL H 137 -52.29 -35.34 -17.92
C VAL H 137 -51.35 -34.88 -16.79
N PHE H 138 -50.05 -34.83 -17.03
CA PHE H 138 -49.12 -34.40 -15.99
C PHE H 138 -48.31 -33.17 -16.41
N HIS H 139 -48.64 -32.01 -15.86
CA HIS H 139 -47.93 -30.78 -16.21
C HIS H 139 -47.59 -29.92 -15.00
N SER H 140 -46.68 -28.98 -15.21
CA SER H 140 -46.22 -28.09 -14.15
C SER H 140 -46.60 -26.63 -14.29
N PHE H 141 -47.89 -26.36 -14.22
CA PHE H 141 -48.44 -25.02 -14.30
C PHE H 141 -47.54 -23.88 -14.74
N GLY H 142 -46.55 -23.54 -13.91
CA GLY H 142 -45.67 -22.43 -14.23
C GLY H 142 -44.40 -22.70 -15.02
N GLY H 143 -44.54 -23.24 -16.21
CA GLY H 143 -43.39 -23.52 -17.04
C GLY H 143 -43.65 -23.02 -18.44
N GLY H 144 -42.81 -23.40 -19.38
CA GLY H 144 -43.01 -22.99 -20.76
C GLY H 144 -43.71 -24.13 -21.49
N THR H 145 -43.07 -25.28 -21.50
CA THR H 145 -43.62 -26.45 -22.16
C THR H 145 -44.76 -27.02 -21.34
N GLY H 146 -44.75 -26.74 -20.05
CA GLY H 146 -45.79 -27.27 -19.20
C GLY H 146 -47.10 -26.49 -19.15
N SER H 147 -46.98 -25.17 -19.15
CA SER H 147 -48.14 -24.31 -19.09
C SER H 147 -48.71 -24.18 -20.49
N GLY H 148 -47.96 -23.47 -21.34
CA GLY H 148 -48.37 -23.23 -22.70
C GLY H 148 -48.81 -24.48 -23.43
N PHE H 149 -47.85 -25.22 -23.98
CA PHE H 149 -48.15 -26.44 -24.72
C PHE H 149 -49.45 -27.13 -24.29
N THR H 150 -49.41 -27.79 -23.14
CA THR H 150 -50.59 -28.49 -22.65
C THR H 150 -51.81 -27.68 -22.92
N SER H 151 -51.76 -26.43 -22.51
CA SER H 151 -52.89 -25.54 -22.72
C SER H 151 -53.59 -25.91 -24.01
N LEU H 152 -52.84 -26.03 -25.10
CA LEU H 152 -53.47 -26.40 -26.35
C LEU H 152 -53.62 -27.91 -26.55
N LEU H 153 -52.85 -28.70 -25.79
CA LEU H 153 -52.96 -30.14 -25.90
C LEU H 153 -54.30 -30.53 -25.32
N MET H 154 -54.54 -30.15 -24.07
CA MET H 154 -55.80 -30.41 -23.42
C MET H 154 -56.86 -29.75 -24.27
N GLU H 155 -56.48 -28.63 -24.86
CA GLU H 155 -57.37 -27.85 -25.70
C GLU H 155 -57.84 -28.73 -26.83
N ARG H 156 -56.90 -29.23 -27.62
CA ARG H 156 -57.24 -30.10 -28.75
C ARG H 156 -57.89 -31.44 -28.36
N LEU H 157 -57.83 -31.80 -27.08
CA LEU H 157 -58.44 -33.04 -26.59
C LEU H 157 -59.93 -32.84 -26.32
N SER H 158 -60.25 -31.81 -25.55
CA SER H 158 -61.62 -31.49 -25.22
C SER H 158 -62.52 -31.48 -26.44
N VAL H 159 -61.92 -31.36 -27.62
CA VAL H 159 -62.71 -31.34 -28.86
C VAL H 159 -62.69 -32.68 -29.56
N ASP H 160 -61.54 -33.35 -29.51
CA ASP H 160 -61.39 -34.63 -30.17
C ASP H 160 -61.97 -35.78 -29.37
N TYR H 161 -62.17 -35.58 -28.07
CA TYR H 161 -62.75 -36.63 -27.23
C TYR H 161 -63.58 -36.00 -26.13
N GLY H 162 -64.39 -35.00 -26.45
CA GLY H 162 -65.19 -34.37 -25.42
C GLY H 162 -65.89 -35.41 -24.56
N LYS H 163 -66.11 -36.58 -25.15
CA LYS H 163 -66.79 -37.69 -24.52
C LYS H 163 -65.93 -38.56 -23.61
N LYS H 164 -65.11 -37.93 -22.77
CA LYS H 164 -64.24 -38.69 -21.87
C LYS H 164 -63.85 -37.87 -20.66
N SER H 165 -62.89 -38.39 -19.89
CA SER H 165 -62.41 -37.71 -18.70
C SER H 165 -61.09 -37.04 -18.98
N LYS H 166 -60.97 -35.83 -18.46
CA LYS H 166 -59.76 -35.02 -18.61
C LYS H 166 -59.31 -34.57 -17.22
N LEU H 167 -58.66 -35.47 -16.52
CA LEU H 167 -58.17 -35.16 -15.21
C LEU H 167 -56.71 -34.78 -15.35
N GLU H 168 -56.41 -33.51 -15.13
CA GLU H 168 -55.04 -33.07 -15.25
C GLU H 168 -54.42 -32.92 -13.89
N PHE H 169 -53.33 -33.62 -13.69
CA PHE H 169 -52.60 -33.58 -12.43
C PHE H 169 -51.51 -32.52 -12.47
N SER H 170 -51.77 -31.38 -11.86
CA SER H 170 -50.83 -30.26 -11.85
C SER H 170 -49.98 -30.07 -10.59
N ILE H 171 -48.90 -29.31 -10.76
CA ILE H 171 -47.95 -28.97 -9.69
C ILE H 171 -47.91 -27.46 -9.75
N TYR H 172 -48.94 -26.84 -9.20
CA TYR H 172 -49.05 -25.40 -9.24
C TYR H 172 -48.09 -24.67 -8.30
N PRO H 173 -47.58 -23.49 -8.74
CA PRO H 173 -46.65 -22.52 -8.16
C PRO H 173 -46.50 -22.46 -6.65
N ALA H 174 -45.27 -22.70 -6.17
CA ALA H 174 -44.99 -22.65 -4.74
C ALA H 174 -45.39 -21.27 -4.28
N PRO H 175 -46.18 -21.21 -3.19
CA PRO H 175 -46.68 -19.96 -2.60
C PRO H 175 -45.67 -18.81 -2.35
N GLN H 176 -44.42 -19.15 -2.12
CA GLN H 176 -43.40 -18.13 -1.88
C GLN H 176 -42.08 -18.55 -2.47
N VAL H 177 -41.94 -19.84 -2.70
CA VAL H 177 -40.74 -20.41 -3.24
C VAL H 177 -40.90 -20.78 -4.70
N SER H 178 -41.25 -19.80 -5.53
CA SER H 178 -41.41 -20.09 -6.94
C SER H 178 -40.01 -20.12 -7.53
N THR H 179 -39.92 -20.45 -8.81
CA THR H 179 -38.62 -20.52 -9.45
C THR H 179 -38.56 -19.47 -10.54
N ALA H 180 -39.19 -19.76 -11.68
CA ALA H 180 -39.21 -18.84 -12.80
C ALA H 180 -39.59 -17.47 -12.29
N VAL H 181 -39.09 -16.44 -12.95
CA VAL H 181 -39.36 -15.09 -12.56
C VAL H 181 -40.76 -14.70 -12.97
N VAL H 182 -41.21 -15.29 -14.06
CA VAL H 182 -42.53 -15.02 -14.60
C VAL H 182 -43.65 -15.93 -14.12
N GLU H 183 -43.31 -17.15 -13.70
CA GLU H 183 -44.25 -18.15 -13.18
C GLU H 183 -45.74 -17.80 -13.30
N PRO H 184 -46.20 -16.74 -12.59
CA PRO H 184 -47.62 -16.38 -12.70
C PRO H 184 -48.12 -16.16 -14.13
N TYR H 185 -47.35 -15.44 -14.93
CA TYR H 185 -47.75 -15.23 -16.30
C TYR H 185 -48.08 -16.59 -16.88
N ASN H 186 -47.18 -17.55 -16.68
CA ASN H 186 -47.37 -18.89 -17.19
C ASN H 186 -48.47 -19.71 -16.55
N SER H 187 -48.88 -19.34 -15.34
CA SER H 187 -49.90 -20.10 -14.62
C SER H 187 -51.27 -19.48 -14.62
N ILE H 188 -51.36 -18.21 -14.95
CA ILE H 188 -52.67 -17.61 -15.01
C ILE H 188 -53.14 -17.94 -16.40
N LEU H 189 -52.18 -18.28 -17.25
CA LEU H 189 -52.44 -18.61 -18.65
C LEU H 189 -52.72 -20.06 -18.91
N THR H 190 -52.21 -20.95 -18.08
CA THR H 190 -52.48 -22.36 -18.27
C THR H 190 -53.81 -22.70 -17.61
N THR H 191 -54.21 -21.86 -16.67
CA THR H 191 -55.46 -22.08 -15.96
C THR H 191 -56.66 -21.68 -16.82
N HIS H 192 -56.58 -20.50 -17.42
CA HIS H 192 -57.67 -19.97 -18.23
C HIS H 192 -57.93 -20.71 -19.52
N THR H 193 -56.86 -21.26 -20.08
CA THR H 193 -56.96 -21.99 -21.34
C THR H 193 -57.35 -23.44 -21.13
N THR H 194 -57.01 -23.99 -19.97
CA THR H 194 -57.32 -25.38 -19.67
C THR H 194 -58.67 -25.50 -18.95
N LEU H 195 -59.02 -24.44 -18.21
CA LEU H 195 -60.26 -24.39 -17.43
C LEU H 195 -61.49 -24.90 -18.13
N GLU H 196 -61.64 -24.46 -19.36
CA GLU H 196 -62.80 -24.82 -20.17
C GLU H 196 -62.54 -26.12 -20.95
N HIS H 197 -61.63 -26.94 -20.43
CA HIS H 197 -61.27 -28.19 -21.10
C HIS H 197 -61.03 -29.39 -20.20
N SER H 198 -60.68 -29.17 -18.94
CA SER H 198 -60.42 -30.27 -18.03
C SER H 198 -61.68 -30.76 -17.34
N ASP H 199 -61.59 -31.95 -16.78
CA ASP H 199 -62.69 -32.57 -16.07
C ASP H 199 -62.51 -32.34 -14.58
N CYS H 200 -61.32 -32.68 -14.10
CA CYS H 200 -60.94 -32.54 -12.71
C CYS H 200 -59.44 -32.30 -12.72
N ALA H 201 -59.01 -31.21 -12.11
CA ALA H 201 -57.59 -30.92 -12.06
C ALA H 201 -57.05 -31.14 -10.67
N PHE H 202 -56.21 -32.16 -10.51
CA PHE H 202 -55.60 -32.44 -9.22
C PHE H 202 -54.45 -31.48 -9.02
N MET H 203 -54.23 -31.08 -7.77
CA MET H 203 -53.18 -30.14 -7.49
C MET H 203 -52.29 -30.58 -6.35
N VAL H 204 -50.99 -30.48 -6.58
CA VAL H 204 -49.97 -30.84 -5.60
C VAL H 204 -48.95 -29.70 -5.58
N ASP H 205 -48.91 -29.00 -4.45
CA ASP H 205 -48.04 -27.85 -4.27
C ASP H 205 -46.61 -28.26 -3.96
N ASN H 206 -45.68 -27.88 -4.83
CA ASN H 206 -44.27 -28.22 -4.63
C ASN H 206 -43.72 -27.85 -3.25
N GLU H 207 -43.93 -26.61 -2.80
CA GLU H 207 -43.44 -26.19 -1.49
C GLU H 207 -44.11 -26.92 -0.34
N ALA H 208 -45.43 -26.83 -0.27
CA ALA H 208 -46.20 -27.48 0.78
C ALA H 208 -45.91 -28.99 0.89
N ILE H 209 -45.11 -29.52 -0.04
CA ILE H 209 -44.74 -30.93 0.00
C ILE H 209 -43.41 -30.99 0.75
N TYR H 210 -42.62 -29.93 0.63
CA TYR H 210 -41.35 -29.87 1.31
C TYR H 210 -41.60 -29.93 2.80
N ASP H 211 -42.58 -29.15 3.25
CA ASP H 211 -42.91 -29.13 4.64
C ASP H 211 -43.06 -30.55 5.09
N ILE H 212 -43.83 -31.32 4.34
CA ILE H 212 -44.04 -32.71 4.67
C ILE H 212 -42.71 -33.45 4.78
N CYS H 213 -41.73 -33.05 3.99
CA CYS H 213 -40.42 -33.68 4.00
C CYS H 213 -39.56 -33.21 5.16
N ARG H 214 -39.93 -32.07 5.70
CA ARG H 214 -39.21 -31.50 6.82
C ARG H 214 -39.91 -31.92 8.12
N ARG H 215 -41.21 -31.69 8.18
CA ARG H 215 -42.03 -31.98 9.35
C ARG H 215 -42.56 -33.40 9.52
N ASN H 216 -42.84 -34.08 8.42
CA ASN H 216 -43.36 -35.43 8.52
C ASN H 216 -42.51 -36.50 7.89
N LEU H 217 -41.20 -36.43 8.11
CA LEU H 217 -40.32 -37.41 7.52
C LEU H 217 -38.90 -37.03 7.87
N ASP H 218 -38.74 -35.74 8.17
CA ASP H 218 -37.46 -35.19 8.57
C ASP H 218 -36.33 -35.43 7.57
N ILE H 219 -35.98 -34.37 6.83
CA ILE H 219 -34.91 -34.39 5.85
C ILE H 219 -34.81 -33.02 5.19
N GLU H 220 -33.67 -32.35 5.34
CA GLU H 220 -33.49 -31.05 4.74
C GLU H 220 -32.77 -31.27 3.40
N ARG H 221 -32.68 -32.54 3.04
CA ARG H 221 -32.04 -32.99 1.81
C ARG H 221 -33.10 -33.60 0.87
N PRO H 222 -34.16 -32.83 0.53
CA PRO H 222 -35.16 -33.42 -0.36
C PRO H 222 -34.85 -33.10 -1.80
N THR H 223 -34.43 -34.13 -2.55
CA THR H 223 -34.14 -33.93 -3.96
C THR H 223 -35.47 -33.94 -4.68
N TYR H 224 -35.53 -33.29 -5.85
CA TYR H 224 -36.74 -33.26 -6.62
C TYR H 224 -37.19 -34.71 -6.74
N THR H 225 -36.21 -35.58 -6.90
CA THR H 225 -36.48 -37.01 -7.02
C THR H 225 -37.32 -37.56 -5.86
N ASN H 226 -37.53 -36.76 -4.83
CA ASN H 226 -38.33 -37.22 -3.71
C ASN H 226 -39.77 -36.75 -3.86
N LEU H 227 -39.95 -35.45 -4.01
CA LEU H 227 -41.29 -34.91 -4.17
C LEU H 227 -41.95 -35.77 -5.20
N ASN H 228 -41.18 -36.18 -6.20
CA ASN H 228 -41.72 -37.01 -7.26
C ASN H 228 -42.17 -38.37 -6.73
N ARG H 229 -41.40 -38.94 -5.79
CA ARG H 229 -41.73 -40.23 -5.19
C ARG H 229 -43.02 -40.10 -4.44
N LEU H 230 -43.24 -38.90 -3.91
CA LEU H 230 -44.42 -38.64 -3.15
C LEU H 230 -45.62 -38.56 -4.06
N ILE H 231 -45.67 -37.56 -4.92
CA ILE H 231 -46.82 -37.48 -5.82
C ILE H 231 -46.87 -38.86 -6.46
N GLY H 232 -45.68 -39.38 -6.74
CA GLY H 232 -45.55 -40.69 -7.35
C GLY H 232 -46.31 -41.71 -6.53
N GLN H 233 -46.66 -41.32 -5.31
CA GLN H 233 -47.41 -42.18 -4.40
C GLN H 233 -48.90 -41.82 -4.47
N ILE H 234 -49.21 -40.59 -4.10
CA ILE H 234 -50.57 -40.10 -4.12
C ILE H 234 -51.23 -40.43 -5.45
N VAL H 235 -50.46 -40.36 -6.52
CA VAL H 235 -50.99 -40.66 -7.85
C VAL H 235 -51.28 -42.14 -7.97
N SER H 236 -50.41 -42.97 -7.41
CA SER H 236 -50.60 -44.40 -7.50
C SER H 236 -51.92 -44.81 -6.89
N SER H 237 -52.37 -43.99 -5.94
CA SER H 237 -53.62 -44.22 -5.24
C SER H 237 -54.81 -43.84 -6.10
N ILE H 238 -54.58 -42.92 -7.02
CA ILE H 238 -55.62 -42.48 -7.92
C ILE H 238 -55.87 -43.60 -8.92
N THR H 239 -55.10 -43.58 -10.01
CA THR H 239 -55.26 -44.57 -11.08
C THR H 239 -54.88 -45.97 -10.65
N ALA H 240 -53.60 -46.29 -10.77
CA ALA H 240 -53.07 -47.61 -10.43
C ALA H 240 -54.07 -48.51 -9.70
N SER H 241 -54.03 -48.43 -8.36
CA SER H 241 -54.86 -49.22 -7.47
C SER H 241 -56.37 -49.10 -7.64
N LEU H 242 -56.85 -47.92 -7.96
CA LEU H 242 -58.29 -47.74 -8.11
C LEU H 242 -58.82 -48.49 -9.32
N ARG H 243 -58.15 -48.33 -10.45
CA ARG H 243 -58.54 -49.01 -11.67
C ARG H 243 -58.33 -50.50 -11.42
N PHE H 244 -57.83 -50.79 -10.22
CA PHE H 244 -57.55 -52.14 -9.73
C PHE H 244 -58.70 -52.55 -8.79
N ASP H 245 -59.22 -53.76 -8.99
CA ASP H 245 -60.32 -54.34 -8.21
C ASP H 245 -60.21 -54.02 -6.72
N GLY H 246 -61.33 -54.08 -6.02
CA GLY H 246 -61.32 -53.79 -4.60
C GLY H 246 -62.70 -53.93 -3.99
N ALA H 247 -62.82 -53.62 -2.70
CA ALA H 247 -64.08 -53.75 -1.99
C ALA H 247 -65.02 -52.56 -2.20
N LEU H 248 -64.54 -51.51 -2.85
CA LEU H 248 -65.36 -50.33 -3.12
C LEU H 248 -64.88 -49.49 -4.31
N ASN H 249 -64.53 -50.17 -5.40
CA ASN H 249 -64.04 -49.53 -6.61
C ASN H 249 -64.56 -48.14 -6.89
N VAL H 250 -63.71 -47.34 -7.53
CA VAL H 250 -64.02 -45.97 -7.92
C VAL H 250 -63.40 -45.65 -9.28
N ASP H 251 -64.25 -45.58 -10.29
CA ASP H 251 -63.85 -45.30 -11.67
C ASP H 251 -63.34 -43.85 -11.81
N LEU H 252 -62.67 -43.53 -12.90
CA LEU H 252 -62.19 -42.17 -13.08
C LEU H 252 -63.38 -41.25 -13.17
N THR H 253 -64.34 -41.61 -14.00
CA THR H 253 -65.52 -40.78 -14.13
C THR H 253 -65.95 -40.49 -12.69
N GLU H 254 -66.16 -41.54 -11.90
CA GLU H 254 -66.57 -41.42 -10.51
C GLU H 254 -66.06 -40.13 -9.90
N PHE H 255 -64.77 -39.90 -10.02
CA PHE H 255 -64.17 -38.70 -9.48
C PHE H 255 -64.96 -37.48 -9.89
N GLN H 256 -64.61 -36.94 -11.04
CA GLN H 256 -65.26 -35.76 -11.55
C GLN H 256 -66.73 -35.69 -11.11
N THR H 257 -67.44 -36.82 -11.13
CA THR H 257 -68.85 -36.81 -10.72
C THR H 257 -68.95 -36.49 -9.24
N ASN H 258 -68.37 -37.35 -8.41
CA ASN H 258 -68.42 -37.17 -6.97
C ASN H 258 -67.50 -36.05 -6.47
N LEU H 259 -66.67 -35.52 -7.37
CA LEU H 259 -65.71 -34.47 -7.00
C LEU H 259 -65.87 -33.04 -7.51
N VAL H 260 -66.57 -32.84 -8.62
CA VAL H 260 -66.74 -31.47 -9.09
C VAL H 260 -68.20 -31.05 -9.00
N PRO H 261 -68.46 -29.96 -8.26
CA PRO H 261 -69.84 -29.53 -8.14
C PRO H 261 -70.17 -28.67 -9.32
N TYR H 262 -69.14 -28.08 -9.93
CA TYR H 262 -69.39 -27.20 -11.07
C TYR H 262 -68.38 -27.23 -12.21
N PRO H 263 -68.87 -27.16 -13.45
CA PRO H 263 -68.11 -27.20 -14.70
C PRO H 263 -66.70 -26.63 -14.68
N ARG H 264 -66.43 -25.63 -13.86
CA ARG H 264 -65.07 -25.11 -13.84
C ARG H 264 -64.27 -26.38 -13.57
N GLY H 265 -63.26 -26.65 -14.42
CA GLY H 265 -62.43 -27.85 -14.29
C GLY H 265 -61.89 -28.06 -12.89
N HIS H 266 -62.69 -27.62 -11.93
CA HIS H 266 -62.38 -27.66 -10.51
C HIS H 266 -61.19 -28.47 -10.12
N PHE H 267 -60.44 -27.87 -9.22
CA PHE H 267 -59.19 -28.41 -8.77
C PHE H 267 -59.16 -28.90 -7.34
N PRO H 268 -59.27 -30.22 -7.14
CA PRO H 268 -59.20 -30.67 -5.76
C PRO H 268 -57.72 -30.72 -5.33
N LEU H 269 -57.44 -31.10 -4.09
CA LEU H 269 -56.06 -31.17 -3.57
C LEU H 269 -55.72 -32.60 -3.20
N ALA H 270 -54.48 -33.02 -3.42
CA ALA H 270 -54.10 -34.40 -3.08
C ALA H 270 -53.49 -34.44 -1.69
N THR H 271 -53.80 -35.49 -0.95
CA THR H 271 -53.30 -35.66 0.42
C THR H 271 -53.04 -37.14 0.66
N TYR H 272 -52.01 -37.44 1.44
CA TYR H 272 -51.75 -38.83 1.71
C TYR H 272 -51.68 -39.00 3.22
N ALA H 273 -52.01 -40.19 3.74
CA ALA H 273 -51.97 -40.31 5.19
C ALA H 273 -50.69 -40.84 5.83
N PRO H 274 -50.41 -42.15 5.67
CA PRO H 274 -49.17 -42.62 6.31
C PRO H 274 -47.91 -42.09 5.68
N VAL H 275 -47.27 -40.16 6.14
CA VAL H 275 -46.01 -39.94 5.48
C VAL H 275 -45.04 -40.04 6.60
N ILE H 276 -44.42 -41.20 6.72
CA ILE H 276 -43.43 -41.40 7.77
C ILE H 276 -42.16 -42.10 7.28
N SER H 277 -41.02 -41.56 7.73
CA SER H 277 -39.70 -41.89 7.20
C SER H 277 -39.20 -43.28 7.58
N ALA H 278 -38.54 -43.96 6.63
CA ALA H 278 -37.92 -45.26 6.92
C ALA H 278 -36.86 -45.00 7.95
N GLU H 279 -36.56 -45.96 8.78
CA GLU H 279 -35.82 -45.67 10.00
C GLU H 279 -36.84 -45.50 11.12
N LYS H 280 -38.00 -44.96 10.78
CA LYS H 280 -39.13 -45.04 11.67
C LYS H 280 -39.77 -46.40 11.42
N ALA H 281 -39.38 -47.00 10.30
CA ALA H 281 -40.04 -48.16 9.71
C ALA H 281 -40.52 -49.26 10.67
N TYR H 282 -39.93 -49.33 11.86
CA TYR H 282 -40.29 -50.37 12.82
C TYR H 282 -41.40 -49.97 13.80
N HIS H 283 -41.47 -48.69 14.11
CA HIS H 283 -42.45 -48.19 15.11
C HIS H 283 -43.83 -48.82 14.91
N GLU H 284 -44.57 -49.09 16.01
CA GLU H 284 -45.94 -49.67 15.94
C GLU H 284 -46.77 -48.82 14.96
N GLN H 285 -47.49 -49.49 14.04
CA GLN H 285 -48.20 -48.79 12.96
C GLN H 285 -49.34 -47.85 13.47
N LEU H 286 -49.84 -46.95 12.62
CA LEU H 286 -50.92 -46.06 13.05
C LEU H 286 -52.30 -46.65 12.80
N SER H 287 -53.22 -46.26 13.68
CA SER H 287 -54.60 -46.72 13.68
C SER H 287 -55.42 -46.12 12.55
N VAL H 288 -56.45 -46.84 12.16
CA VAL H 288 -57.36 -46.42 11.12
C VAL H 288 -57.92 -45.04 11.45
N ALA H 289 -58.04 -44.77 12.74
CA ALA H 289 -58.57 -43.50 13.21
C ALA H 289 -57.59 -42.34 13.07
N GLU H 290 -56.32 -42.63 13.34
CA GLU H 290 -55.25 -41.63 13.29
C GLU H 290 -55.03 -41.11 11.88
N ILE H 291 -54.91 -42.03 10.93
CA ILE H 291 -54.65 -41.68 9.55
C ILE H 291 -55.83 -40.91 9.03
N THR H 292 -57.02 -41.42 9.28
CA THR H 292 -58.23 -40.70 8.98
C THR H 292 -58.13 -39.26 9.49
N ASN H 293 -57.68 -39.11 10.73
CA ASN H 293 -57.60 -37.79 11.32
C ASN H 293 -56.51 -36.90 10.76
N ALA H 294 -55.38 -37.53 10.49
CA ALA H 294 -54.29 -36.87 9.80
C ALA H 294 -54.75 -36.19 8.51
N CYS H 295 -55.92 -36.60 8.01
CA CYS H 295 -56.40 -36.10 6.72
C CYS H 295 -57.02 -34.74 6.90
N PHE H 296 -57.35 -34.42 8.13
CA PHE H 296 -57.96 -33.14 8.35
C PHE H 296 -57.00 -32.16 8.95
N GLU H 297 -55.72 -32.46 8.83
CA GLU H 297 -54.68 -31.56 9.27
C GLU H 297 -54.10 -30.79 8.09
N PRO H 298 -54.25 -29.46 8.11
CA PRO H 298 -53.69 -28.61 7.07
C PRO H 298 -52.17 -28.78 6.93
N ALA H 299 -51.17 -29.82 7.90
CA ALA H 299 -49.76 -30.05 7.68
C ALA H 299 -49.50 -31.39 7.04
N ASN H 300 -50.27 -31.74 6.03
CA ASN H 300 -50.05 -33.02 5.40
C ASN H 300 -50.81 -33.13 4.11
N GLN H 301 -50.89 -32.03 3.38
CA GLN H 301 -51.70 -32.07 2.19
C GLN H 301 -51.13 -31.71 0.84
N MET H 302 -49.82 -31.75 0.69
CA MET H 302 -49.24 -31.44 -0.60
C MET H 302 -49.86 -30.21 -1.25
N VAL H 303 -50.09 -29.17 -0.46
CA VAL H 303 -50.65 -27.92 -0.97
C VAL H 303 -50.72 -26.85 0.11
N LYS H 304 -50.10 -25.72 -0.16
CA LYS H 304 -50.05 -24.59 0.77
C LYS H 304 -51.38 -23.86 0.77
N CYS H 305 -52.46 -24.62 0.91
CA CYS H 305 -53.79 -24.06 0.92
C CYS H 305 -54.46 -24.39 2.23
N ASP H 306 -53.67 -24.41 3.29
CA ASP H 306 -54.13 -24.71 4.64
C ASP H 306 -55.62 -24.32 4.74
N PRO H 307 -56.49 -25.24 5.20
CA PRO H 307 -57.92 -24.93 5.30
C PRO H 307 -58.19 -23.71 6.19
N ARG H 308 -57.60 -22.59 5.76
CA ARG H 308 -57.66 -21.30 6.42
C ARG H 308 -59.10 -20.81 6.55
N HIS H 309 -60.01 -21.49 5.88
CA HIS H 309 -61.44 -21.15 5.90
C HIS H 309 -62.17 -21.98 4.87
N GLY H 310 -61.44 -22.36 3.83
CA GLY H 310 -62.02 -23.15 2.76
C GLY H 310 -62.80 -24.36 3.22
N LYS H 311 -64.11 -24.29 3.04
CA LYS H 311 -64.99 -25.37 3.42
C LYS H 311 -64.87 -26.46 2.38
N TYR H 312 -64.67 -27.69 2.83
CA TYR H 312 -64.59 -28.79 1.89
C TYR H 312 -65.97 -28.83 1.24
N MET H 313 -66.07 -29.42 0.07
CA MET H 313 -67.36 -29.53 -0.60
C MET H 313 -67.49 -30.90 -1.23
N ALA H 314 -66.49 -31.73 -1.01
CA ALA H 314 -66.48 -33.09 -1.54
C ALA H 314 -65.09 -33.68 -1.42
N CYS H 315 -65.00 -34.83 -0.77
CA CYS H 315 -63.73 -35.50 -0.58
C CYS H 315 -63.87 -36.94 -1.05
N CYS H 316 -62.82 -37.46 -1.68
CA CYS H 316 -62.83 -38.82 -2.19
C CYS H 316 -61.80 -39.59 -1.42
N LEU H 317 -62.18 -40.13 -0.29
CA LEU H 317 -61.25 -40.87 0.52
C LEU H 317 -60.88 -42.20 -0.05
N LEU H 318 -59.77 -42.24 -0.78
CA LEU H 318 -59.32 -43.50 -1.36
C LEU H 318 -58.41 -44.21 -0.36
N TYR H 319 -58.87 -45.35 0.12
CA TYR H 319 -58.11 -46.15 1.07
C TYR H 319 -57.56 -47.33 0.31
N ARG H 320 -56.51 -47.93 0.86
CA ARG H 320 -55.89 -49.08 0.23
C ARG H 320 -55.25 -49.89 1.34
N GLY H 321 -55.27 -51.21 1.22
CA GLY H 321 -54.70 -52.05 2.25
C GLY H 321 -55.77 -52.69 3.10
N ASP H 322 -55.42 -53.13 4.29
CA ASP H 322 -56.38 -53.76 5.18
C ASP H 322 -57.28 -52.77 5.92
N VAL H 323 -58.49 -52.60 5.38
CA VAL H 323 -59.46 -51.66 5.94
C VAL H 323 -60.89 -52.22 5.99
N VAL H 324 -61.48 -52.20 7.18
CA VAL H 324 -62.84 -52.68 7.41
C VAL H 324 -63.80 -51.54 7.14
N PRO H 325 -64.70 -51.73 6.17
CA PRO H 325 -65.68 -50.72 5.80
C PRO H 325 -66.38 -50.02 6.96
N LYS H 326 -66.53 -50.72 8.08
CA LYS H 326 -67.16 -50.11 9.25
C LYS H 326 -66.15 -49.15 9.85
N ASP H 327 -64.90 -49.59 9.90
CA ASP H 327 -63.84 -48.75 10.42
C ASP H 327 -63.92 -47.40 9.74
N VAL H 328 -64.17 -47.42 8.45
CA VAL H 328 -64.29 -46.21 7.65
C VAL H 328 -65.63 -45.56 7.94
N ASN H 329 -66.70 -46.32 7.69
CA ASN H 329 -68.05 -45.83 7.93
C ASN H 329 -68.23 -45.69 9.44
N ALA H 330 -67.28 -44.97 10.02
CA ALA H 330 -67.25 -44.67 11.46
C ALA H 330 -66.18 -43.62 11.68
N ALA H 331 -64.99 -43.89 11.14
CA ALA H 331 -63.88 -42.97 11.24
C ALA H 331 -64.30 -41.69 10.54
N ILE H 332 -65.10 -41.86 9.49
CA ILE H 332 -65.60 -40.73 8.73
C ILE H 332 -66.76 -40.10 9.48
N ALA H 333 -67.58 -40.93 10.13
CA ALA H 333 -68.72 -40.46 10.90
C ALA H 333 -68.21 -39.53 11.97
N THR H 334 -67.18 -39.97 12.69
CA THR H 334 -66.58 -39.18 13.75
C THR H 334 -66.18 -37.81 13.20
N ILE H 335 -65.61 -37.81 11.99
CA ILE H 335 -65.20 -36.59 11.34
C ILE H 335 -66.42 -35.73 11.01
N LYS H 336 -67.38 -36.30 10.29
CA LYS H 336 -68.57 -35.54 9.91
C LYS H 336 -69.14 -34.74 11.07
N THR H 337 -68.74 -35.07 12.29
CA THR H 337 -69.24 -34.38 13.45
C THR H 337 -68.19 -33.66 14.28
N LYS H 338 -67.12 -33.23 13.62
CA LYS H 338 -66.05 -32.50 14.30
C LYS H 338 -66.31 -31.00 14.12
N ARG H 339 -67.23 -30.71 13.20
CA ARG H 339 -67.65 -29.35 12.87
C ARG H 339 -66.54 -28.35 12.55
N THR H 340 -65.46 -28.38 13.31
CA THR H 340 -64.35 -27.48 13.06
C THR H 340 -63.79 -27.82 11.68
N ILE H 341 -64.39 -28.82 11.04
CA ILE H 341 -63.99 -29.27 9.71
C ILE H 341 -65.06 -28.84 8.70
N GLN H 342 -65.95 -27.96 9.16
CA GLN H 342 -67.04 -27.39 8.38
C GLN H 342 -67.08 -27.68 6.88
N PHE H 343 -68.08 -28.44 6.44
CA PHE H 343 -68.30 -28.79 5.03
C PHE H 343 -69.29 -27.79 4.48
N VAL H 344 -69.34 -27.65 3.17
CA VAL H 344 -70.27 -26.70 2.59
C VAL H 344 -71.69 -26.95 3.06
N ASP H 345 -72.54 -25.95 2.86
CA ASP H 345 -73.94 -26.01 3.25
C ASP H 345 -74.70 -26.93 2.33
N TRP H 346 -74.84 -26.47 1.08
CA TRP H 346 -75.55 -27.20 0.04
C TRP H 346 -75.07 -28.62 -0.13
N CYS H 347 -74.25 -29.08 0.78
CA CYS H 347 -73.75 -30.42 0.67
C CYS H 347 -73.96 -31.19 1.95
N PRO H 348 -74.94 -32.11 1.95
CA PRO H 348 -75.25 -32.94 3.11
C PRO H 348 -74.05 -33.78 3.44
N THR H 349 -73.84 -34.73 2.56
CA THR H 349 -72.73 -35.69 2.64
C THR H 349 -71.88 -35.60 1.38
N GLY H 350 -70.61 -35.36 1.60
CA GLY H 350 -69.61 -35.25 0.53
C GLY H 350 -68.37 -36.06 0.90
N PHE H 351 -68.58 -37.36 0.93
CA PHE H 351 -67.52 -38.31 1.29
C PHE H 351 -67.61 -39.59 0.46
N LYS H 352 -66.84 -39.60 -0.60
CA LYS H 352 -66.74 -40.77 -1.50
C LYS H 352 -65.67 -41.70 -0.96
N VAL H 353 -66.13 -42.77 -0.33
CA VAL H 353 -65.25 -43.78 0.27
C VAL H 353 -64.84 -44.82 -0.76
N GLY H 354 -63.58 -44.73 -1.13
CA GLY H 354 -62.95 -45.65 -2.11
C GLY H 354 -62.01 -46.60 -1.37
N ILE H 355 -62.37 -47.87 -1.42
CA ILE H 355 -61.60 -48.93 -0.76
C ILE H 355 -60.99 -49.88 -1.78
N ASN H 356 -59.69 -50.01 -1.65
CA ASN H 356 -58.89 -50.93 -2.47
C ASN H 356 -58.36 -52.01 -1.54
N TYR H 357 -57.77 -53.03 -2.12
CA TYR H 357 -57.25 -54.15 -1.32
C TYR H 357 -55.76 -54.01 -1.06
N GLU H 358 -54.99 -54.31 -2.09
CA GLU H 358 -53.52 -54.27 -2.03
C GLU H 358 -53.01 -53.03 -1.29
N PRO H 359 -52.25 -53.21 -0.19
CA PRO H 359 -51.71 -52.08 0.56
C PRO H 359 -50.79 -51.27 -0.33
N PRO H 360 -50.29 -50.09 0.12
CA PRO H 360 -49.39 -49.27 -0.71
C PRO H 360 -48.11 -50.05 -1.03
N THR H 361 -47.21 -49.41 -1.77
CA THR H 361 -45.95 -50.06 -2.13
C THR H 361 -44.86 -49.02 -2.20
N VAL H 362 -44.08 -48.97 -1.13
CA VAL H 362 -43.01 -48.02 -0.97
C VAL H 362 -41.72 -48.42 -1.66
N VAL H 363 -41.00 -47.42 -2.14
CA VAL H 363 -39.73 -47.62 -2.81
C VAL H 363 -38.89 -48.47 -1.86
N PRO H 364 -38.20 -49.49 -2.39
CA PRO H 364 -37.34 -50.41 -1.63
C PRO H 364 -36.54 -49.75 -0.52
N GLY H 365 -35.95 -48.59 -0.83
CA GLY H 365 -35.14 -47.91 0.15
C GLY H 365 -35.04 -46.41 0.02
N GLY H 366 -36.18 -45.76 -0.24
CA GLY H 366 -36.18 -44.31 -0.35
C GLY H 366 -36.19 -43.73 1.04
N ASP H 367 -37.36 -43.29 1.49
CA ASP H 367 -37.52 -42.72 2.82
C ASP H 367 -38.97 -42.81 3.29
N LEU H 368 -39.79 -43.52 2.51
CA LEU H 368 -41.21 -43.68 2.84
C LEU H 368 -41.36 -44.87 3.77
N ALA H 369 -42.02 -44.63 4.91
CA ALA H 369 -42.25 -45.65 5.93
C ALA H 369 -42.46 -47.07 5.39
N LYS H 370 -43.68 -47.29 4.90
CA LYS H 370 -44.17 -48.57 4.36
C LYS H 370 -45.12 -49.20 5.37
N VAL H 371 -46.35 -48.69 5.34
CA VAL H 371 -47.42 -49.13 6.21
C VAL H 371 -48.25 -50.19 5.48
N GLN H 372 -49.29 -50.68 6.13
CA GLN H 372 -50.17 -51.66 5.53
C GLN H 372 -51.57 -51.09 5.38
N ARG H 373 -51.61 -49.82 4.99
CA ARG H 373 -52.86 -49.12 4.79
C ARG H 373 -52.56 -47.62 4.69
N ALA H 374 -53.25 -46.94 3.79
CA ALA H 374 -53.05 -45.50 3.58
C ALA H 374 -54.32 -44.85 3.11
N VAL H 375 -54.34 -43.52 3.19
CA VAL H 375 -55.50 -42.71 2.79
C VAL H 375 -55.10 -41.56 1.89
N CYS H 376 -55.33 -41.71 0.60
CA CYS H 376 -55.04 -40.67 -0.39
C CYS H 376 -56.35 -39.95 -0.62
N MET H 377 -56.61 -38.97 0.22
CA MET H 377 -57.84 -38.22 0.13
C MET H 377 -57.58 -36.96 -0.64
N LEU H 378 -58.44 -36.71 -1.62
CA LEU H 378 -58.34 -35.53 -2.43
C LEU H 378 -59.68 -34.84 -2.28
N SER H 379 -59.71 -33.54 -2.56
CA SER H 379 -60.96 -32.80 -2.38
C SER H 379 -60.97 -31.40 -2.95
N ASN H 380 -62.18 -30.87 -3.09
CA ASN H 380 -62.38 -29.52 -3.56
C ASN H 380 -62.65 -28.76 -2.27
N THR H 381 -61.86 -27.72 -2.03
CA THR H 381 -61.99 -26.94 -0.82
C THR H 381 -62.07 -25.48 -1.19
N THR H 382 -63.03 -24.78 -0.62
CA THR H 382 -63.20 -23.36 -0.86
C THR H 382 -61.90 -22.66 -0.47
N ALA H 383 -60.95 -23.48 -0.06
CA ALA H 383 -59.66 -22.99 0.37
C ALA H 383 -58.87 -22.38 -0.75
N ILE H 384 -58.82 -23.06 -1.89
CA ILE H 384 -58.05 -22.53 -2.99
C ILE H 384 -58.45 -21.10 -3.34
N ALA H 385 -59.57 -20.63 -2.79
CA ALA H 385 -60.01 -19.25 -3.01
C ALA H 385 -58.76 -18.44 -2.74
N GLU H 386 -57.98 -18.93 -1.77
CA GLU H 386 -56.72 -18.32 -1.41
C GLU H 386 -55.76 -18.55 -2.56
N ALA H 387 -55.04 -19.67 -2.49
CA ALA H 387 -54.05 -20.06 -3.50
C ALA H 387 -54.18 -19.40 -4.87
N TRP H 388 -55.41 -19.30 -5.39
CA TRP H 388 -55.63 -18.66 -6.68
C TRP H 388 -55.42 -17.18 -6.48
N ALA H 389 -56.07 -16.63 -5.47
CA ALA H 389 -55.95 -15.22 -5.14
C ALA H 389 -54.48 -14.84 -5.14
N ARG H 390 -53.75 -15.34 -4.15
CA ARG H 390 -52.31 -15.08 -4.00
C ARG H 390 -51.48 -15.26 -5.28
N LEU H 391 -51.99 -16.00 -6.24
CA LEU H 391 -51.25 -16.26 -7.45
C LEU H 391 -51.67 -15.30 -8.52
N ASP H 392 -52.88 -14.80 -8.38
CA ASP H 392 -53.45 -13.86 -9.33
C ASP H 392 -52.80 -12.52 -9.07
N HIS H 393 -52.84 -12.11 -7.81
CA HIS H 393 -52.25 -10.86 -7.36
C HIS H 393 -50.86 -10.76 -7.95
N LYS H 394 -50.03 -11.78 -7.73
CA LYS H 394 -48.67 -11.84 -8.28
C LYS H 394 -48.69 -11.24 -9.68
N PHE H 395 -49.39 -11.95 -10.56
CA PHE H 395 -49.57 -11.59 -11.96
C PHE H 395 -49.71 -10.09 -12.18
N ASP H 396 -50.76 -9.52 -11.60
CA ASP H 396 -51.03 -8.10 -11.72
C ASP H 396 -49.78 -7.26 -11.51
N LEU H 397 -49.20 -7.40 -10.33
CA LEU H 397 -48.00 -6.64 -10.03
C LEU H 397 -47.11 -6.48 -11.22
N MET H 398 -46.79 -7.60 -11.88
CA MET H 398 -45.92 -7.56 -13.05
C MET H 398 -46.60 -7.01 -14.29
N TYR H 399 -47.78 -7.53 -14.57
CA TYR H 399 -48.52 -7.05 -15.74
C TYR H 399 -48.68 -5.54 -15.59
N ALA H 400 -48.93 -5.11 -14.36
CA ALA H 400 -49.11 -3.71 -14.07
C ALA H 400 -47.97 -2.89 -14.64
N LYS H 401 -46.86 -3.55 -14.96
CA LYS H 401 -45.68 -2.87 -15.52
C LYS H 401 -45.22 -3.55 -16.79
N ARG H 402 -46.02 -4.51 -17.24
CA ARG H 402 -45.74 -5.24 -18.45
C ARG H 402 -44.54 -6.16 -18.30
N ALA H 403 -43.78 -5.97 -17.23
CA ALA H 403 -42.59 -6.77 -16.99
C ALA H 403 -42.20 -7.55 -18.24
N PHE H 404 -42.08 -8.85 -18.13
CA PHE H 404 -41.65 -9.67 -19.26
C PHE H 404 -42.73 -9.88 -20.30
N VAL H 405 -43.46 -8.82 -20.63
CA VAL H 405 -44.51 -8.97 -21.61
C VAL H 405 -43.93 -9.08 -23.01
N HIS H 406 -42.95 -8.24 -23.32
CA HIS H 406 -42.40 -8.29 -24.67
C HIS H 406 -41.94 -9.67 -25.06
N TRP H 407 -41.84 -10.57 -24.10
CA TRP H 407 -41.37 -11.91 -24.38
C TRP H 407 -42.44 -12.77 -24.95
N TYR H 408 -43.69 -12.41 -24.70
CA TYR H 408 -44.79 -13.21 -25.21
C TYR H 408 -45.31 -12.59 -26.48
N VAL H 409 -45.56 -11.28 -26.43
CA VAL H 409 -46.07 -10.58 -27.59
C VAL H 409 -45.27 -11.01 -28.80
N GLY H 410 -43.96 -10.88 -28.68
CA GLY H 410 -43.07 -11.26 -29.75
C GLY H 410 -43.14 -12.74 -30.02
N GLU H 411 -44.14 -13.39 -29.43
CA GLU H 411 -44.30 -14.81 -29.62
C GLU H 411 -45.73 -15.17 -29.96
N GLY H 412 -46.41 -14.27 -30.65
CA GLY H 412 -47.78 -14.54 -31.07
C GLY H 412 -48.82 -14.60 -29.97
N MET H 413 -48.93 -13.49 -29.26
CA MET H 413 -49.89 -13.31 -28.17
C MET H 413 -50.24 -11.85 -28.25
N GLU H 414 -51.04 -11.35 -27.34
CA GLU H 414 -51.42 -9.95 -27.41
C GLU H 414 -51.83 -9.44 -26.06
N GLU H 415 -52.07 -8.13 -25.98
CA GLU H 415 -52.53 -7.54 -24.72
C GLU H 415 -53.84 -8.23 -24.38
N GLY H 416 -54.43 -8.84 -25.41
CA GLY H 416 -55.67 -9.54 -25.22
C GLY H 416 -55.49 -10.72 -24.31
N GLU H 417 -54.90 -11.78 -24.83
CA GLU H 417 -54.68 -12.99 -24.05
C GLU H 417 -54.32 -12.80 -22.60
N PHE H 418 -53.52 -11.77 -22.28
CA PHE H 418 -53.18 -11.57 -20.88
C PHE H 418 -54.39 -10.97 -20.18
N SER H 419 -54.68 -9.71 -20.47
CA SER H 419 -55.82 -9.03 -19.86
C SER H 419 -57.09 -9.84 -19.88
N GLU H 420 -57.29 -10.60 -20.95
CA GLU H 420 -58.51 -11.38 -21.07
C GLU H 420 -58.46 -12.73 -20.38
N ALA H 421 -57.30 -13.08 -19.83
CA ALA H 421 -57.14 -14.35 -19.11
C ALA H 421 -57.05 -14.01 -17.64
N ARG H 422 -56.89 -12.72 -17.38
CA ARG H 422 -56.82 -12.21 -16.05
C ARG H 422 -58.29 -12.12 -15.64
N GLU H 423 -59.08 -11.44 -16.46
CA GLU H 423 -60.52 -11.32 -16.22
C GLU H 423 -61.04 -12.73 -16.00
N ASP H 424 -60.49 -13.67 -16.75
CA ASP H 424 -60.90 -15.09 -16.66
C ASP H 424 -60.85 -15.53 -15.22
N MET H 425 -59.64 -15.66 -14.69
CA MET H 425 -59.46 -16.10 -13.33
C MET H 425 -60.24 -15.25 -12.34
N ALA H 426 -60.38 -13.95 -12.64
CA ALA H 426 -61.14 -13.08 -11.75
C ALA H 426 -62.43 -13.80 -11.33
N ALA H 427 -63.16 -14.32 -12.32
CA ALA H 427 -64.42 -15.03 -12.07
C ALA H 427 -64.18 -16.44 -11.57
N LEU H 428 -62.95 -16.69 -11.10
CA LEU H 428 -62.59 -17.99 -10.55
C LEU H 428 -62.34 -17.70 -9.08
N GLU H 429 -62.17 -16.42 -8.78
CA GLU H 429 -61.96 -15.93 -7.42
C GLU H 429 -63.35 -15.65 -6.86
N LYS H 430 -64.30 -15.37 -7.76
CA LYS H 430 -65.68 -15.10 -7.37
C LYS H 430 -66.39 -16.43 -7.31
N ASP H 431 -66.06 -17.31 -8.24
CA ASP H 431 -66.67 -18.62 -8.30
C ASP H 431 -66.38 -19.39 -7.02
N TYR H 432 -65.11 -19.60 -6.74
CA TYR H 432 -64.69 -20.33 -5.55
C TYR H 432 -65.11 -19.64 -4.27
N GLU H 433 -65.69 -18.44 -4.43
CA GLU H 433 -66.16 -17.64 -3.30
C GLU H 433 -67.66 -17.86 -3.14
N GLU H 434 -68.38 -17.78 -4.26
CA GLU H 434 -69.82 -17.96 -4.23
C GLU H 434 -70.26 -19.37 -3.88
N VAL H 435 -69.63 -20.38 -4.48
CA VAL H 435 -69.99 -21.77 -4.22
C VAL H 435 -69.77 -22.10 -2.75
N GLY H 436 -69.33 -21.12 -1.98
CA GLY H 436 -69.11 -21.34 -0.56
C GLY H 436 -69.26 -20.04 0.19
N VAL H 437 -68.84 -20.02 1.46
CA VAL H 437 -68.90 -18.83 2.30
C VAL H 437 -70.34 -18.31 2.44
N ASP H 438 -71.24 -18.84 1.60
CA ASP H 438 -72.64 -18.40 1.61
C ASP H 438 -73.63 -19.56 1.72
N SER H 439 -74.80 -19.30 2.30
CA SER H 439 -75.80 -20.34 2.48
C SER H 439 -77.16 -19.95 1.90
N LYS I 64 -7.24 24.06 21.20
CA LYS I 64 -7.39 22.69 20.69
C LYS I 64 -7.50 22.62 19.15
N ALA I 65 -7.85 21.43 18.67
CA ALA I 65 -8.26 21.22 17.28
C ALA I 65 -9.74 21.61 17.06
N LYS I 66 -10.29 21.19 15.92
CA LYS I 66 -11.65 21.46 15.49
C LYS I 66 -12.29 20.15 15.06
N LYS I 67 -13.41 19.77 15.68
CA LYS I 67 -14.18 18.58 15.28
C LYS I 67 -15.11 18.91 14.13
N VAL I 68 -15.05 18.11 13.08
CA VAL I 68 -15.90 18.27 11.89
C VAL I 68 -16.37 16.93 11.37
N ARG I 69 -17.53 16.92 10.73
CA ARG I 69 -18.12 15.74 10.08
C ARG I 69 -18.02 15.89 8.57
N PHE I 70 -17.09 15.16 7.97
CA PHE I 70 -16.79 15.22 6.54
C PHE I 70 -17.62 14.20 5.77
N TYR I 71 -18.47 14.69 4.88
CA TYR I 71 -19.32 13.90 4.00
C TYR I 71 -18.71 13.92 2.60
N ARG I 72 -18.96 12.90 1.78
CA ARG I 72 -18.53 12.95 0.38
C ARG I 72 -19.67 13.42 -0.52
N ASN I 73 -19.41 14.40 -1.38
CA ASN I 73 -20.45 14.87 -2.29
C ASN I 73 -21.06 13.72 -3.10
N GLY I 74 -22.39 13.62 -3.12
CA GLY I 74 -23.08 12.64 -3.95
C GLY I 74 -23.00 11.22 -3.39
N ASP I 75 -23.56 11.02 -2.19
CA ASP I 75 -23.49 9.75 -1.46
C ASP I 75 -24.82 9.27 -0.89
N ARG I 76 -25.61 10.16 -0.28
CA ARG I 76 -26.95 9.92 0.31
C ARG I 76 -27.11 8.57 1.02
N TYR I 77 -26.03 8.07 1.60
CA TYR I 77 -25.91 6.73 2.18
C TYR I 77 -24.84 6.71 3.27
N PHE I 78 -23.60 7.05 2.92
CA PHE I 78 -22.50 7.12 3.88
C PHE I 78 -22.68 8.33 4.78
N LYS I 79 -22.63 8.15 6.09
CA LYS I 79 -22.89 9.25 7.05
C LYS I 79 -21.66 10.14 7.26
N GLY I 80 -20.75 10.22 6.30
CA GLY I 80 -19.45 10.85 6.45
C GLY I 80 -18.54 10.21 7.52
N ILE I 81 -17.33 10.75 7.62
CA ILE I 81 -16.32 10.40 8.62
C ILE I 81 -15.89 11.66 9.37
N VAL I 82 -15.77 11.52 10.69
CA VAL I 82 -15.44 12.66 11.57
C VAL I 82 -13.91 12.78 11.64
N TYR I 83 -13.39 13.97 11.38
CA TYR I 83 -11.96 14.27 11.44
C TYR I 83 -11.68 15.42 12.42
N ALA I 84 -10.46 15.46 12.96
CA ALA I 84 -10.01 16.56 13.80
C ALA I 84 -8.99 17.39 13.02
N VAL I 85 -9.00 18.71 13.20
CA VAL I 85 -8.14 19.60 12.42
C VAL I 85 -7.56 20.72 13.27
N SER I 86 -6.25 20.94 13.16
CA SER I 86 -5.49 21.95 13.91
C SER I 86 -4.22 22.31 13.15
N SER I 87 -3.46 23.28 13.68
CA SER I 87 -2.15 23.68 13.17
C SER I 87 -1.03 22.65 13.42
N ASP I 88 -1.11 21.89 14.51
CA ASP I 88 -0.14 20.84 14.87
C ASP I 88 -0.33 19.55 14.06
N ARG I 89 -1.55 19.28 13.60
CA ARG I 89 -1.85 18.08 12.80
C ARG I 89 -1.66 18.32 11.31
N PHE I 90 -2.13 19.46 10.81
CA PHE I 90 -2.12 19.78 9.39
C PHE I 90 -1.69 21.22 9.21
N ARG I 91 -0.52 21.40 8.58
CA ARG I 91 0.03 22.72 8.29
C ARG I 91 -0.84 23.59 7.39
N SER I 92 -1.69 22.97 6.56
CA SER I 92 -2.57 23.66 5.63
C SER I 92 -3.67 22.72 5.14
N PHE I 93 -4.64 23.28 4.41
CA PHE I 93 -5.73 22.54 3.79
C PHE I 93 -5.28 21.42 2.86
N ASP I 94 -4.16 21.60 2.16
CA ASP I 94 -3.61 20.56 1.27
C ASP I 94 -3.15 19.32 2.04
N ALA I 95 -2.56 19.52 3.23
CA ALA I 95 -2.19 18.43 4.14
C ALA I 95 -3.41 17.74 4.74
N LEU I 96 -4.45 18.49 5.12
CA LEU I 96 -5.71 17.89 5.57
C LEU I 96 -6.33 17.05 4.46
N LEU I 97 -6.49 17.66 3.29
CA LEU I 97 -6.98 17.02 2.09
C LEU I 97 -6.19 15.76 1.74
N ALA I 98 -4.87 15.76 1.95
CA ALA I 98 -4.03 14.59 1.75
C ALA I 98 -4.44 13.42 2.65
N ASP I 99 -4.64 13.64 3.95
CA ASP I 99 -5.16 12.62 4.87
C ASP I 99 -6.61 12.25 4.59
N LEU I 100 -7.43 13.22 4.19
CA LEU I 100 -8.81 12.97 3.78
C LEU I 100 -8.89 12.08 2.56
N THR I 101 -7.96 12.19 1.62
CA THR I 101 -7.88 11.25 0.50
C THR I 101 -7.70 9.83 0.99
N ARG I 102 -6.91 9.59 2.05
CA ARG I 102 -6.73 8.26 2.64
C ARG I 102 -7.94 7.80 3.42
N SER I 103 -8.57 8.66 4.24
CA SER I 103 -9.66 8.22 5.11
C SER I 103 -11.03 8.10 4.41
N LEU I 104 -11.25 8.92 3.39
CA LEU I 104 -12.43 8.91 2.52
C LEU I 104 -12.16 8.24 1.17
N SER I 105 -10.97 7.66 0.97
CA SER I 105 -10.56 6.93 -0.24
C SER I 105 -11.68 6.06 -0.80
N ASP I 106 -12.13 6.40 -2.00
CA ASP I 106 -13.23 5.75 -2.69
C ASP I 106 -13.07 5.96 -4.20
N ASN I 107 -14.06 5.48 -4.97
CA ASN I 107 -14.07 5.56 -6.43
C ASN I 107 -15.51 5.61 -7.00
N ILE I 108 -16.47 6.10 -6.20
CA ILE I 108 -17.90 6.20 -6.56
C ILE I 108 -18.42 7.61 -6.30
N ASN I 109 -18.25 8.12 -5.09
CA ASN I 109 -18.71 9.46 -4.71
C ASN I 109 -17.61 10.51 -4.91
N LEU I 110 -16.36 10.06 -4.81
CA LEU I 110 -15.17 10.89 -4.89
C LEU I 110 -14.21 10.32 -5.94
N PRO I 111 -13.97 11.05 -7.05
CA PRO I 111 -13.11 10.66 -8.16
C PRO I 111 -11.68 10.25 -7.76
N GLN I 112 -10.96 11.14 -7.09
CA GLN I 112 -9.57 10.95 -6.65
C GLN I 112 -9.47 10.86 -5.13
N GLY I 113 -10.59 10.56 -4.46
CA GLY I 113 -10.68 10.45 -3.01
C GLY I 113 -11.07 11.76 -2.32
N VAL I 114 -10.28 12.84 -2.30
CA VAL I 114 -10.72 14.13 -1.72
C VAL I 114 -9.76 15.22 -2.20
N ARG I 115 -10.23 16.16 -3.04
CA ARG I 115 -9.41 17.26 -3.56
C ARG I 115 -9.77 18.64 -3.01
N TYR I 116 -11.00 18.84 -2.58
CA TYR I 116 -11.45 20.09 -1.98
C TYR I 116 -12.50 19.80 -0.92
N ILE I 117 -12.77 20.81 -0.09
CA ILE I 117 -13.80 20.75 0.93
C ILE I 117 -14.73 21.93 0.70
N TYR I 118 -16.01 21.64 0.56
CA TYR I 118 -17.10 22.56 0.35
C TYR I 118 -17.96 22.66 1.61
N THR I 119 -18.60 23.82 1.82
CA THR I 119 -19.64 23.99 2.85
C THR I 119 -20.70 22.90 2.77
N ILE I 120 -21.50 22.75 3.84
CA ILE I 120 -22.63 21.82 3.88
C ILE I 120 -23.63 21.92 2.71
N ASP I 121 -23.77 23.11 2.14
CA ASP I 121 -24.64 23.41 0.98
C ASP I 121 -23.90 23.42 -0.37
N GLY I 122 -22.57 23.48 -0.31
CA GLY I 122 -21.70 23.51 -1.49
C GLY I 122 -21.60 24.85 -2.18
N SER I 123 -22.00 25.94 -1.50
CA SER I 123 -21.94 27.30 -2.03
C SER I 123 -20.53 27.85 -2.15
N ARG I 124 -19.61 27.51 -1.23
CA ARG I 124 -18.20 27.93 -1.26
C ARG I 124 -17.30 26.86 -0.67
N LYS I 125 -16.13 26.70 -1.30
CA LYS I 125 -15.09 25.77 -0.85
C LYS I 125 -14.14 26.51 0.07
N ILE I 126 -13.74 25.82 1.11
CA ILE I 126 -12.78 26.29 2.06
C ILE I 126 -11.37 26.15 1.47
N GLY I 127 -10.52 27.14 1.70
CA GLY I 127 -9.11 27.14 1.31
C GLY I 127 -8.15 27.29 2.49
N SER I 128 -8.64 27.70 3.66
CA SER I 128 -7.88 27.93 4.89
C SER I 128 -8.50 27.21 6.07
N MET I 129 -7.65 26.68 6.95
CA MET I 129 -8.09 25.99 8.17
C MET I 129 -8.85 26.87 9.16
N ASP I 130 -8.63 28.18 9.08
CA ASP I 130 -9.29 29.21 9.89
C ASP I 130 -10.80 29.30 9.66
N GLU I 131 -11.28 28.86 8.50
CA GLU I 131 -12.72 28.77 8.21
C GLU I 131 -13.37 27.52 8.83
N LEU I 132 -12.61 26.53 9.31
CA LEU I 132 -13.19 25.34 9.94
C LEU I 132 -13.57 25.64 11.39
N GLU I 133 -14.85 25.54 11.68
CA GLU I 133 -15.37 25.74 13.04
C GLU I 133 -15.55 24.39 13.76
N GLU I 134 -15.60 24.41 15.09
CA GLU I 134 -15.93 23.20 15.84
C GLU I 134 -17.36 22.73 15.56
N GLY I 135 -17.60 21.43 15.73
CA GLY I 135 -18.87 20.79 15.43
C GLY I 135 -19.46 21.18 14.07
N GLU I 136 -18.62 21.29 13.03
CA GLU I 136 -19.04 21.69 11.67
C GLU I 136 -19.36 20.50 10.75
N SER I 137 -19.99 20.81 9.62
CA SER I 137 -20.31 19.83 8.58
C SER I 137 -19.79 20.30 7.23
N TYR I 138 -18.94 19.47 6.64
CA TYR I 138 -18.32 19.75 5.36
C TYR I 138 -18.52 18.64 4.36
N VAL I 139 -18.30 18.98 3.11
CA VAL I 139 -18.45 18.08 1.96
C VAL I 139 -17.13 17.98 1.23
N CYS I 140 -16.78 16.80 0.76
CA CYS I 140 -15.60 16.56 -0.05
C CYS I 140 -16.01 16.61 -1.53
N SER I 141 -15.19 17.28 -2.33
CA SER I 141 -15.38 17.47 -3.78
C SER I 141 -14.04 17.28 -4.51
N SER I 142 -14.08 17.15 -5.84
CA SER I 142 -12.88 17.02 -6.69
C SER I 142 -13.10 17.60 -8.08
N ASP I 143 -14.20 17.25 -8.77
CA ASP I 143 -14.64 18.39 -9.52
C ASP I 143 -14.95 19.46 -8.51
N ASN I 144 -15.83 19.21 -7.51
CA ASN I 144 -16.98 18.40 -7.76
C ASN I 144 -17.98 19.27 -8.43
N PHE I 145 -18.77 18.61 -9.28
CA PHE I 145 -20.05 19.01 -9.76
C PHE I 145 -20.91 18.87 -8.55
N PHE I 146 -21.94 19.73 -8.36
CA PHE I 146 -22.72 19.44 -7.20
C PHE I 146 -24.02 18.90 -7.67
N LYS I 147 -24.54 17.92 -6.94
CA LYS I 147 -25.88 17.50 -7.20
C LYS I 147 -26.79 18.67 -6.90
N LYS I 148 -26.61 19.39 -5.77
CA LYS I 148 -25.74 19.05 -4.68
C LYS I 148 -26.42 17.97 -3.92
N VAL I 149 -25.61 17.06 -3.37
CA VAL I 149 -26.12 16.02 -2.51
C VAL I 149 -25.95 16.55 -1.13
N GLU I 150 -27.04 16.48 -0.33
CA GLU I 150 -26.99 17.08 0.96
C GLU I 150 -26.04 16.31 1.84
N TYR I 151 -26.20 14.97 1.88
CA TYR I 151 -27.49 14.44 2.10
C TYR I 151 -27.85 14.88 3.49
N THR I 152 -26.97 14.60 4.46
CA THR I 152 -26.42 13.30 4.72
C THR I 152 -27.55 12.52 5.31
N LYS I 153 -28.44 13.28 5.95
CA LYS I 153 -29.33 13.00 7.04
C LYS I 153 -30.05 11.70 6.89
N ASN I 154 -30.42 11.14 8.07
CA ASN I 154 -30.18 11.90 9.26
C ASN I 154 -29.31 11.16 10.22
N VAL I 155 -28.53 11.95 10.98
CA VAL I 155 -27.70 11.52 12.07
C VAL I 155 -27.96 12.51 13.15
N ASN I 156 -27.46 12.22 14.37
CA ASN I 156 -27.55 13.09 15.52
C ASN I 156 -26.38 14.01 15.44
N PRO I 157 -26.43 15.17 16.05
CA PRO I 157 -25.24 16.00 16.27
C PRO I 157 -24.34 15.49 17.41
N ASN I 158 -24.47 14.21 17.78
CA ASN I 158 -23.70 13.61 18.89
C ASN I 158 -22.22 13.30 18.55
N TRP I 159 -21.91 13.36 17.25
CA TRP I 159 -20.55 13.26 16.81
C TRP I 159 -19.81 14.44 17.37
N SER I 160 -20.35 15.66 17.23
CA SER I 160 -19.73 16.79 17.86
C SER I 160 -19.80 16.59 19.34
N VAL I 161 -21.03 16.71 19.90
CA VAL I 161 -21.27 16.41 21.27
C VAL I 161 -22.63 15.87 21.34
N ASN I 162 -22.92 15.10 22.40
CA ASN I 162 -24.28 14.72 22.49
C ASN I 162 -24.97 15.91 23.05
N VAL I 163 -25.82 16.53 22.20
CA VAL I 163 -26.70 17.55 22.68
C VAL I 163 -27.60 16.89 23.65
N LYS I 164 -28.11 15.70 23.28
CA LYS I 164 -29.17 15.12 24.05
C LYS I 164 -28.56 14.49 25.23
N THR I 165 -29.40 14.11 26.19
CA THR I 165 -28.79 13.31 27.20
C THR I 165 -29.69 12.18 27.46
N SER I 166 -29.36 11.44 28.52
CA SER I 166 -30.44 10.65 28.93
C SER I 166 -31.27 11.48 29.83
N ALA I 167 -32.47 10.96 30.03
CA ALA I 167 -33.53 11.55 30.76
C ALA I 167 -33.81 10.52 31.77
N ASN I 168 -34.56 10.90 32.82
CA ASN I 168 -35.12 9.84 33.57
C ASN I 168 -36.47 9.61 32.99
N MET I 169 -36.59 8.49 32.27
CA MET I 169 -37.82 8.12 31.64
C MET I 169 -38.66 7.50 32.75
N LYS I 170 -39.65 6.79 32.40
#